data_1NTC
#
_entry.id   1NTC
#
_cell.length_a   1.000
_cell.length_b   1.000
_cell.length_c   1.000
_cell.angle_alpha   90.00
_cell.angle_beta   90.00
_cell.angle_gamma   90.00
#
_symmetry.space_group_name_H-M   'P 1'
#
_entity_poly.entity_id   1
_entity_poly.type   'polypeptide(L)'
_entity_poly.pdbx_seq_one_letter_code
;MDLPGELFEASTPDSPSHLPPDSWATLLAQWADRALRSGHQNLLSEAQPELERTLLTTALRHTQGHKQEAARLLGWGAAT
LTAKLKELGME
;
_entity_poly.pdbx_strand_id   A,B
#
# COMPACT_ATOMS: atom_id res chain seq x y z
N MET A 1 5.34 -24.23 45.32
CA MET A 1 5.22 -25.32 44.30
C MET A 1 4.05 -25.01 43.36
N ASP A 2 4.15 -25.46 42.14
CA ASP A 2 3.05 -25.20 41.16
C ASP A 2 2.78 -26.45 40.32
N LEU A 3 1.55 -26.67 39.95
CA LEU A 3 1.22 -27.86 39.11
C LEU A 3 1.99 -27.82 37.79
N PRO A 4 1.83 -26.74 37.07
CA PRO A 4 2.52 -26.60 35.76
C PRO A 4 4.00 -26.30 35.97
N GLY A 5 4.85 -26.78 35.11
CA GLY A 5 6.31 -26.51 35.27
C GLY A 5 6.65 -25.17 34.63
N GLU A 6 7.81 -24.65 34.91
CA GLU A 6 8.21 -23.33 34.33
C GLU A 6 8.75 -23.52 32.91
N LEU A 7 7.93 -24.00 32.00
CA LEU A 7 8.41 -24.20 30.61
C LEU A 7 9.03 -22.91 30.06
N PHE A 8 10.29 -22.92 29.76
CA PHE A 8 10.95 -21.70 29.22
C PHE A 8 11.79 -22.04 27.99
N GLU A 9 11.15 -22.44 26.93
CA GLU A 9 11.91 -22.79 25.69
C GLU A 9 11.06 -22.53 24.45
N ALA A 10 11.63 -22.00 23.41
CA ALA A 10 10.85 -21.72 22.17
C ALA A 10 10.79 -22.97 21.29
N SER A 11 9.65 -23.58 21.20
CA SER A 11 9.53 -24.81 20.35
C SER A 11 8.69 -24.51 19.10
N THR A 12 8.55 -25.46 18.22
CA THR A 12 7.74 -25.23 16.99
C THR A 12 6.26 -25.07 17.36
N PRO A 13 5.71 -26.07 17.99
CA PRO A 13 4.28 -26.02 18.39
C PRO A 13 4.09 -25.07 19.57
N ASP A 14 2.90 -24.99 20.11
CA ASP A 14 2.67 -24.08 21.27
C ASP A 14 3.15 -22.67 20.94
N SER A 15 2.88 -22.19 19.75
CA SER A 15 3.32 -20.82 19.37
C SER A 15 2.33 -20.19 18.39
N PRO A 16 1.23 -19.69 18.92
CA PRO A 16 0.20 -19.06 18.06
C PRO A 16 0.69 -17.70 17.55
N SER A 17 0.23 -17.29 16.41
CA SER A 17 0.66 -15.97 15.86
C SER A 17 -0.48 -14.96 15.95
N HIS A 18 -0.19 -13.75 16.33
CA HIS A 18 -1.26 -12.71 16.44
C HIS A 18 -1.26 -11.82 15.19
N LEU A 19 -2.42 -11.39 14.76
CA LEU A 19 -2.50 -10.52 13.56
C LEU A 19 -3.25 -9.23 13.89
N PRO A 20 -2.55 -8.29 14.48
CA PRO A 20 -3.19 -6.99 14.84
C PRO A 20 -3.46 -6.15 13.59
N PRO A 21 -4.17 -5.06 13.79
CA PRO A 21 -4.49 -4.16 12.65
C PRO A 21 -3.25 -3.40 12.19
N ASP A 22 -2.61 -3.85 11.15
CA ASP A 22 -1.40 -3.14 10.66
C ASP A 22 -1.79 -1.82 9.99
N SER A 23 -1.32 -0.73 10.52
CA SER A 23 -1.66 0.60 9.91
C SER A 23 -0.62 0.98 8.86
N TRP A 24 -0.48 0.18 7.85
CA TRP A 24 0.52 0.47 6.77
C TRP A 24 0.50 1.95 6.36
N ALA A 25 -0.57 2.39 5.75
CA ALA A 25 -0.64 3.82 5.31
C ALA A 25 -0.21 4.76 6.45
N THR A 26 -0.67 4.50 7.64
CA THR A 26 -0.26 5.37 8.78
C THR A 26 1.26 5.31 8.95
N LEU A 27 1.83 4.15 8.72
CA LEU A 27 3.30 4.01 8.84
C LEU A 27 3.99 4.65 7.64
N LEU A 28 3.33 4.65 6.51
CA LEU A 28 3.93 5.27 5.30
C LEU A 28 3.83 6.79 5.37
N ALA A 29 2.76 7.30 5.93
CA ALA A 29 2.62 8.78 6.04
C ALA A 29 3.62 9.33 7.06
N GLN A 30 3.83 8.62 8.14
CA GLN A 30 4.81 9.08 9.16
C GLN A 30 6.23 8.74 8.73
N TRP A 31 6.41 7.61 8.09
CA TRP A 31 7.77 7.21 7.63
C TRP A 31 8.24 8.18 6.54
N ALA A 32 7.49 8.32 5.49
CA ALA A 32 7.90 9.25 4.40
C ALA A 32 8.19 10.64 4.97
N ASP A 33 7.50 11.02 6.01
CA ASP A 33 7.75 12.35 6.61
C ASP A 33 9.01 12.31 7.48
N ARG A 34 9.14 11.30 8.30
CA ARG A 34 10.35 11.20 9.17
C ARG A 34 11.61 11.11 8.30
N ALA A 35 11.53 10.41 7.20
CA ALA A 35 12.72 10.28 6.31
C ALA A 35 12.95 11.60 5.58
N LEU A 36 11.90 12.31 5.27
CA LEU A 36 12.06 13.62 4.56
C LEU A 36 12.81 14.61 5.45
N ARG A 37 12.58 14.56 6.72
CA ARG A 37 13.26 15.51 7.65
C ARG A 37 14.68 15.00 7.99
N SER A 38 15.10 13.91 7.40
CA SER A 38 16.46 13.38 7.70
C SER A 38 17.22 13.13 6.40
N GLY A 39 16.98 12.02 5.75
CA GLY A 39 17.68 11.72 4.48
C GLY A 39 16.83 10.78 3.63
N HIS A 40 15.77 11.29 3.07
CA HIS A 40 14.89 10.43 2.23
C HIS A 40 15.63 9.98 0.95
N GLN A 41 15.23 8.88 0.38
CA GLN A 41 15.90 8.39 -0.86
C GLN A 41 14.99 7.41 -1.59
N ASN A 42 14.91 6.19 -1.13
CA ASN A 42 14.03 5.19 -1.81
C ASN A 42 12.62 5.24 -1.20
N LEU A 43 12.00 6.39 -1.20
CA LEU A 43 10.64 6.50 -0.62
C LEU A 43 9.66 5.57 -1.34
N LEU A 44 9.16 5.97 -2.47
CA LEU A 44 8.20 5.11 -3.22
C LEU A 44 8.85 3.79 -3.64
N SER A 45 10.13 3.79 -3.85
CA SER A 45 10.82 2.53 -4.26
C SER A 45 10.73 1.46 -3.16
N GLU A 46 10.40 1.86 -1.97
CA GLU A 46 10.31 0.85 -0.85
C GLU A 46 8.89 0.27 -0.76
N ALA A 47 7.89 1.12 -0.76
CA ALA A 47 6.49 0.61 -0.65
C ALA A 47 6.00 0.12 -2.02
N GLN A 48 6.63 0.54 -3.08
CA GLN A 48 6.18 0.10 -4.43
C GLN A 48 6.16 -1.44 -4.53
N PRO A 49 7.29 -2.05 -4.25
CA PRO A 49 7.37 -3.53 -4.32
C PRO A 49 6.56 -4.17 -3.19
N GLU A 50 6.33 -3.44 -2.13
CA GLU A 50 5.53 -4.00 -1.01
C GLU A 50 4.09 -4.25 -1.47
N LEU A 51 3.53 -3.29 -2.18
CA LEU A 51 2.13 -3.47 -2.67
C LEU A 51 2.11 -4.53 -3.77
N GLU A 52 3.10 -4.56 -4.60
CA GLU A 52 3.13 -5.58 -5.69
C GLU A 52 3.31 -6.98 -5.11
N ARG A 53 4.24 -7.16 -4.21
CA ARG A 53 4.46 -8.50 -3.61
C ARG A 53 3.18 -9.00 -2.93
N THR A 54 2.58 -8.19 -2.10
CA THR A 54 1.33 -8.63 -1.41
C THR A 54 0.30 -9.13 -2.42
N LEU A 55 -0.15 -8.28 -3.30
CA LEU A 55 -1.16 -8.71 -4.31
C LEU A 55 -0.64 -9.89 -5.14
N LEU A 56 0.53 -9.75 -5.71
CA LEU A 56 1.10 -10.86 -6.53
C LEU A 56 1.01 -12.19 -5.78
N THR A 57 1.48 -12.24 -4.57
CA THR A 57 1.42 -13.51 -3.78
C THR A 57 -0.05 -13.89 -3.53
N THR A 58 -0.87 -12.94 -3.19
CA THR A 58 -2.30 -13.26 -2.93
C THR A 58 -2.93 -13.90 -4.16
N ALA A 59 -3.01 -13.18 -5.24
CA ALA A 59 -3.61 -13.75 -6.48
C ALA A 59 -2.93 -15.07 -6.83
N LEU A 60 -1.62 -15.13 -6.72
CA LEU A 60 -0.92 -16.40 -7.03
C LEU A 60 -1.47 -17.50 -6.13
N ARG A 61 -1.78 -17.18 -4.90
CA ARG A 61 -2.33 -18.23 -3.98
C ARG A 61 -3.50 -18.92 -4.66
N HIS A 62 -4.33 -18.18 -5.35
CA HIS A 62 -5.48 -18.80 -6.05
C HIS A 62 -4.94 -19.83 -7.05
N THR A 63 -3.73 -19.61 -7.52
CA THR A 63 -3.10 -20.57 -8.47
C THR A 63 -1.68 -20.88 -7.99
N GLN A 64 -1.54 -21.26 -6.74
CA GLN A 64 -0.20 -21.58 -6.16
C GLN A 64 0.69 -22.35 -7.16
N GLY A 65 1.83 -21.81 -7.47
CA GLY A 65 2.75 -22.50 -8.41
C GLY A 65 2.50 -22.00 -9.83
N HIS A 66 1.26 -21.76 -10.18
CA HIS A 66 0.95 -21.26 -11.55
C HIS A 66 1.18 -19.75 -11.63
N LYS A 67 2.41 -19.32 -11.53
CA LYS A 67 2.69 -17.86 -11.61
C LYS A 67 2.10 -17.27 -12.89
N GLN A 68 1.86 -18.09 -13.88
CA GLN A 68 1.27 -17.57 -15.14
C GLN A 68 -0.19 -17.19 -14.94
N GLU A 69 -0.97 -18.05 -14.33
CA GLU A 69 -2.41 -17.72 -14.10
C GLU A 69 -2.53 -16.38 -13.40
N ALA A 70 -1.63 -16.09 -12.49
CA ALA A 70 -1.69 -14.78 -11.76
C ALA A 70 -1.76 -13.63 -12.77
N ALA A 71 -1.31 -13.85 -13.97
CA ALA A 71 -1.35 -12.77 -14.99
C ALA A 71 -2.80 -12.32 -15.22
N ARG A 72 -3.61 -13.16 -15.79
CA ARG A 72 -5.03 -12.79 -16.03
C ARG A 72 -5.69 -12.38 -14.71
N LEU A 73 -5.25 -12.94 -13.62
CA LEU A 73 -5.85 -12.59 -12.29
C LEU A 73 -5.69 -11.10 -12.01
N LEU A 74 -4.60 -10.52 -12.45
CA LEU A 74 -4.40 -9.05 -12.20
C LEU A 74 -4.49 -8.28 -13.53
N GLY A 75 -5.23 -8.78 -14.47
CA GLY A 75 -5.36 -8.07 -15.78
C GLY A 75 -3.97 -7.87 -16.38
N TRP A 76 -3.03 -8.70 -16.01
CA TRP A 76 -1.65 -8.55 -16.55
C TRP A 76 -1.40 -9.61 -17.63
N GLY A 77 -0.16 -9.79 -18.02
CA GLY A 77 0.17 -10.81 -19.05
C GLY A 77 1.38 -11.60 -18.57
N ALA A 78 2.08 -12.24 -19.47
CA ALA A 78 3.29 -13.02 -19.04
C ALA A 78 4.52 -12.12 -19.08
N ALA A 79 4.51 -11.11 -19.90
CA ALA A 79 5.68 -10.19 -19.98
C ALA A 79 5.65 -9.22 -18.78
N THR A 80 4.50 -8.71 -18.47
CA THR A 80 4.40 -7.78 -17.32
C THR A 80 4.71 -8.52 -16.01
N LEU A 81 4.03 -9.61 -15.77
CA LEU A 81 4.29 -10.39 -14.53
C LEU A 81 5.79 -10.67 -14.37
N THR A 82 6.48 -10.85 -15.46
CA THR A 82 7.94 -11.12 -15.39
C THR A 82 8.71 -9.79 -15.39
N ALA A 83 8.37 -8.90 -16.28
CA ALA A 83 9.07 -7.60 -16.34
C ALA A 83 8.84 -6.82 -15.04
N LYS A 84 7.64 -6.87 -14.51
CA LYS A 84 7.35 -6.14 -13.25
C LYS A 84 8.15 -6.76 -12.09
N LEU A 85 8.54 -7.99 -12.23
CA LEU A 85 9.32 -8.64 -11.14
C LEU A 85 10.71 -8.01 -11.02
N LYS A 86 11.32 -7.70 -12.12
CA LYS A 86 12.68 -7.07 -12.08
C LYS A 86 12.56 -5.55 -12.02
N GLU A 87 11.47 -5.01 -12.49
CA GLU A 87 11.30 -3.52 -12.46
C GLU A 87 11.55 -2.98 -11.04
N LEU A 88 10.92 -3.56 -10.06
CA LEU A 88 11.13 -3.08 -8.66
C LEU A 88 12.56 -3.36 -8.22
N GLY A 89 13.13 -4.45 -8.65
CA GLY A 89 14.53 -4.78 -8.26
C GLY A 89 15.50 -3.91 -9.05
N MET A 90 15.09 -3.43 -10.20
CA MET A 90 16.00 -2.58 -11.02
C MET A 90 15.74 -1.10 -10.73
N GLU A 91 14.54 -0.76 -10.35
CA GLU A 91 14.23 0.66 -10.05
C GLU A 91 13.89 0.83 -8.57
N MET B 1 -36.46 18.62 31.51
CA MET B 1 -35.73 19.81 31.02
C MET B 1 -34.22 19.59 31.10
N ASP B 2 -33.46 20.18 30.23
CA ASP B 2 -31.98 19.99 30.26
C ASP B 2 -31.27 21.32 30.00
N LEU B 3 -30.14 21.52 30.63
CA LEU B 3 -29.40 22.80 30.41
C LEU B 3 -29.03 22.96 28.93
N PRO B 4 -28.35 21.97 28.39
CA PRO B 4 -27.94 22.03 26.97
C PRO B 4 -29.13 21.76 26.05
N GLY B 5 -29.18 22.40 24.92
CA GLY B 5 -30.31 22.19 23.98
C GLY B 5 -30.06 20.95 23.13
N GLU B 6 -31.06 20.45 22.46
CA GLU B 6 -30.87 19.25 21.61
C GLU B 6 -30.30 19.64 20.25
N LEU B 7 -29.10 20.17 20.23
CA LEU B 7 -28.48 20.58 18.93
C LEU B 7 -28.49 19.40 17.96
N PHE B 8 -29.20 19.52 16.86
CA PHE B 8 -29.23 18.39 15.88
C PHE B 8 -29.00 18.93 14.46
N GLU B 9 -27.83 19.43 14.20
CA GLU B 9 -27.54 19.97 12.84
C GLU B 9 -26.05 19.82 12.51
N ALA B 10 -25.72 19.45 11.30
CA ALA B 10 -24.29 19.29 10.94
C ALA B 10 -23.70 20.64 10.51
N SER B 11 -22.84 21.21 11.31
CA SER B 11 -22.23 22.52 10.94
C SER B 11 -20.75 22.34 10.60
N THR B 12 -20.10 23.39 10.19
CA THR B 12 -18.65 23.27 9.84
C THR B 12 -17.83 22.99 11.11
N PRO B 13 -17.91 23.88 12.07
CA PRO B 13 -17.16 23.71 13.33
C PRO B 13 -17.80 22.61 14.18
N ASP B 14 -17.31 22.41 15.37
CA ASP B 14 -17.90 21.35 16.25
C ASP B 14 -17.94 20.01 15.51
N SER B 15 -16.89 19.68 14.79
CA SER B 15 -16.88 18.39 14.05
C SER B 15 -15.45 17.84 13.96
N PRO B 16 -15.00 17.23 15.03
CA PRO B 16 -13.63 16.66 15.06
C PRO B 16 -13.56 15.39 14.19
N SER B 17 -12.41 15.11 13.65
CA SER B 17 -12.27 13.89 12.80
C SER B 17 -11.47 12.82 13.53
N HIS B 18 -11.88 11.58 13.44
CA HIS B 18 -11.13 10.49 14.14
C HIS B 18 -10.22 9.76 13.14
N LEU B 19 -9.07 9.34 13.59
CA LEU B 19 -8.14 8.62 12.67
C LEU B 19 -7.75 7.26 13.27
N PRO B 20 -8.61 6.28 13.09
CA PRO B 20 -8.35 4.93 13.63
C PRO B 20 -7.24 4.24 12.83
N PRO B 21 -6.81 3.10 13.31
CA PRO B 21 -5.73 2.34 12.62
C PRO B 21 -6.28 1.70 11.35
N ASP B 22 -6.03 2.30 10.22
CA ASP B 22 -6.53 1.72 8.93
C ASP B 22 -5.72 0.48 8.56
N SER B 23 -6.37 -0.65 8.49
CA SER B 23 -5.64 -1.91 8.13
C SER B 23 -5.64 -2.10 6.62
N TRP B 24 -5.08 -1.17 5.89
CA TRP B 24 -5.04 -1.28 4.40
C TRP B 24 -4.66 -2.70 3.94
N ALA B 25 -3.44 -3.11 4.19
CA ALA B 25 -3.01 -4.47 3.75
C ALA B 25 -4.06 -5.52 4.15
N THR B 26 -4.58 -5.44 5.35
CA THR B 26 -5.62 -6.43 5.76
C THR B 26 -6.83 -6.30 4.84
N LEU B 27 -7.14 -5.11 4.43
CA LEU B 27 -8.30 -4.91 3.52
C LEU B 27 -7.93 -5.37 2.11
N LEU B 28 -6.67 -5.25 1.76
CA LEU B 28 -6.23 -5.68 0.41
C LEU B 28 -6.13 -7.20 0.34
N ALA B 29 -5.72 -7.83 1.41
CA ALA B 29 -5.61 -9.32 1.40
C ALA B 29 -7.01 -9.94 1.37
N GLN B 30 -7.94 -9.35 2.07
CA GLN B 30 -9.33 -9.90 2.08
C GLN B 30 -10.08 -9.43 0.83
N TRP B 31 -9.82 -8.23 0.39
CA TRP B 31 -10.51 -7.71 -0.82
C TRP B 31 -10.05 -8.51 -2.05
N ALA B 32 -8.78 -8.55 -2.30
CA ALA B 32 -8.27 -9.32 -3.48
C ALA B 32 -8.80 -10.75 -3.44
N ASP B 33 -9.00 -11.30 -2.27
CA ASP B 33 -9.52 -12.69 -2.18
C ASP B 33 -11.03 -12.69 -2.42
N ARG B 34 -11.75 -11.79 -1.82
CA ARG B 34 -13.22 -11.73 -2.02
C ARG B 34 -13.54 -11.48 -3.50
N ALA B 35 -12.76 -10.64 -4.13
CA ALA B 35 -13.01 -10.35 -5.58
C ALA B 35 -12.60 -11.56 -6.43
N LEU B 36 -11.59 -12.27 -6.01
CA LEU B 36 -11.14 -13.47 -6.78
C LEU B 36 -12.23 -14.53 -6.79
N ARG B 37 -12.96 -14.65 -5.71
CA ARG B 37 -14.04 -15.66 -5.65
C ARG B 37 -15.32 -15.13 -6.32
N SER B 38 -15.27 -13.97 -6.90
CA SER B 38 -16.49 -13.41 -7.56
C SER B 38 -16.16 -12.96 -8.99
N GLY B 39 -15.58 -11.80 -9.14
CA GLY B 39 -15.23 -11.31 -10.50
C GLY B 39 -14.07 -10.32 -10.40
N HIS B 40 -12.89 -10.80 -10.13
CA HIS B 40 -11.73 -9.88 -10.01
C HIS B 40 -11.40 -9.25 -11.36
N GLN B 41 -10.77 -8.11 -11.35
CA GLN B 41 -10.43 -7.43 -12.64
C GLN B 41 -9.31 -6.41 -12.41
N ASN B 42 -9.64 -5.27 -11.88
CA ASN B 42 -8.59 -4.24 -11.63
C ASN B 42 -7.99 -4.42 -10.23
N LEU B 43 -7.49 -5.60 -9.95
CA LEU B 43 -6.90 -5.84 -8.60
C LEU B 43 -5.74 -4.87 -8.32
N LEU B 44 -4.58 -5.16 -8.83
CA LEU B 44 -3.41 -4.27 -8.60
C LEU B 44 -3.66 -2.87 -9.17
N SER B 45 -4.44 -2.78 -10.21
CA SER B 45 -4.71 -1.44 -10.83
C SER B 45 -5.46 -0.54 -9.85
N GLU B 46 -6.03 -1.09 -8.81
CA GLU B 46 -6.79 -0.24 -7.84
C GLU B 46 -5.86 0.26 -6.72
N ALA B 47 -5.10 -0.63 -6.13
CA ALA B 47 -4.19 -0.20 -5.03
C ALA B 47 -2.91 0.43 -5.59
N GLN B 48 -2.61 0.17 -6.84
CA GLN B 48 -1.38 0.76 -7.45
C GLN B 48 -1.38 2.30 -7.30
N PRO B 49 -2.41 2.93 -7.81
CA PRO B 49 -2.51 4.41 -7.73
C PRO B 49 -2.74 4.85 -6.29
N GLU B 50 -3.26 4.00 -5.47
CA GLU B 50 -3.49 4.37 -4.04
C GLU B 50 -2.14 4.59 -3.35
N LEU B 51 -1.21 3.72 -3.57
CA LEU B 51 0.14 3.88 -2.94
C LEU B 51 0.86 5.07 -3.57
N GLU B 52 0.72 5.26 -4.85
CA GLU B 52 1.40 6.40 -5.52
C GLU B 52 0.80 7.73 -5.06
N ARG B 53 -0.50 7.83 -5.04
CA ARG B 53 -1.15 9.10 -4.59
C ARG B 53 -0.73 9.45 -3.16
N THR B 54 -0.82 8.52 -2.25
CA THR B 54 -0.43 8.80 -0.84
C THR B 54 1.00 9.38 -0.78
N LEU B 55 1.97 8.62 -1.21
CA LEU B 55 3.37 9.12 -1.17
C LEU B 55 3.51 10.42 -1.98
N LEU B 56 3.06 10.41 -3.21
CA LEU B 56 3.18 11.64 -4.05
C LEU B 56 2.65 12.87 -3.29
N THR B 57 1.47 12.77 -2.74
CA THR B 57 0.92 13.94 -1.99
C THR B 57 1.76 14.21 -0.75
N THR B 58 2.16 13.19 -0.04
CA THR B 58 3.00 13.40 1.17
C THR B 58 4.28 14.16 0.81
N ALA B 59 5.12 13.57 0.00
CA ALA B 59 6.38 14.26 -0.40
C ALA B 59 6.06 15.65 -0.96
N LEU B 60 5.05 15.75 -1.78
CA LEU B 60 4.68 17.09 -2.33
C LEU B 60 4.39 18.05 -1.17
N ARG B 61 3.78 17.56 -0.12
CA ARG B 61 3.49 18.45 1.04
C ARG B 61 4.76 19.17 1.45
N HIS B 62 5.87 18.47 1.45
CA HIS B 62 7.16 19.12 1.81
C HIS B 62 7.40 20.29 0.86
N THR B 63 6.87 20.20 -0.33
CA THR B 63 7.03 21.29 -1.33
C THR B 63 5.66 21.61 -1.93
N GLN B 64 4.68 21.84 -1.09
CA GLN B 64 3.29 22.14 -1.57
C GLN B 64 3.30 23.07 -2.79
N GLY B 65 2.72 22.64 -3.88
CA GLY B 65 2.68 23.49 -5.10
C GLY B 65 3.87 23.15 -5.99
N HIS B 66 5.01 22.89 -5.41
CA HIS B 66 6.21 22.57 -6.24
C HIS B 66 6.18 21.09 -6.64
N LYS B 67 5.25 20.71 -7.48
CA LYS B 67 5.17 19.29 -7.91
C LYS B 67 6.51 18.83 -8.47
N GLN B 68 7.33 19.75 -8.91
CA GLN B 68 8.65 19.38 -9.47
C GLN B 68 9.58 18.90 -8.36
N GLU B 69 9.69 19.64 -7.29
CA GLU B 69 10.57 19.22 -6.17
C GLU B 69 10.24 17.79 -5.75
N ALA B 70 8.99 17.43 -5.75
CA ALA B 70 8.60 16.05 -5.37
C ALA B 70 9.41 15.02 -6.16
N ALA B 71 9.90 15.42 -7.31
CA ALA B 71 10.69 14.47 -8.14
C ALA B 71 11.91 13.98 -7.35
N ARG B 72 12.84 14.85 -7.09
CA ARG B 72 14.05 14.43 -6.32
C ARG B 72 13.64 13.83 -4.97
N LEU B 73 12.53 14.27 -4.44
CA LEU B 73 12.07 13.73 -3.12
C LEU B 73 11.83 12.22 -3.22
N LEU B 74 11.38 11.75 -4.36
CA LEU B 74 11.15 10.29 -4.51
C LEU B 74 12.16 9.68 -5.47
N GLY B 75 13.33 10.25 -5.57
CA GLY B 75 14.35 9.70 -6.49
C GLY B 75 13.78 9.64 -7.92
N TRP B 76 12.81 10.47 -8.21
CA TRP B 76 12.20 10.46 -9.56
C TRP B 76 12.71 11.67 -10.37
N GLY B 77 12.08 11.95 -11.48
CA GLY B 77 12.49 13.10 -12.31
C GLY B 77 11.25 13.88 -12.72
N ALA B 78 11.33 14.67 -13.77
CA ALA B 78 10.13 15.44 -14.20
C ALA B 78 9.31 14.61 -15.19
N ALA B 79 9.95 13.72 -15.89
CA ALA B 79 9.21 12.88 -16.87
C ALA B 79 8.46 11.77 -16.12
N THR B 80 9.09 11.17 -15.16
CA THR B 80 8.41 10.09 -14.38
C THR B 80 7.24 10.67 -13.58
N LEU B 81 7.51 11.69 -12.81
CA LEU B 81 6.42 12.32 -12.01
C LEU B 81 5.23 12.65 -12.89
N THR B 82 5.47 13.01 -14.13
CA THR B 82 4.36 13.33 -15.05
C THR B 82 3.87 12.06 -15.76
N ALA B 83 4.78 11.27 -16.26
CA ALA B 83 4.38 10.01 -16.95
C ALA B 83 3.69 9.07 -15.96
N LYS B 84 4.18 9.00 -14.76
CA LYS B 84 3.56 8.10 -13.74
C LYS B 84 2.15 8.61 -13.39
N LEU B 85 1.90 9.86 -13.62
CA LEU B 85 0.55 10.41 -13.30
C LEU B 85 -0.50 9.84 -14.26
N LYS B 86 -0.16 9.70 -15.51
CA LYS B 86 -1.13 9.14 -16.49
C LYS B 86 -1.01 7.61 -16.56
N GLU B 87 0.12 7.08 -16.20
CA GLU B 87 0.30 5.61 -16.24
C GLU B 87 -0.83 4.90 -15.48
N LEU B 88 -1.09 5.32 -14.27
CA LEU B 88 -2.18 4.68 -13.49
C LEU B 88 -3.54 4.97 -14.13
N GLY B 89 -3.69 6.14 -14.70
CA GLY B 89 -4.99 6.48 -15.34
C GLY B 89 -5.10 5.77 -16.69
N MET B 90 -3.99 5.42 -17.27
CA MET B 90 -4.03 4.72 -18.59
C MET B 90 -3.96 3.20 -18.39
N GLU B 91 -3.35 2.77 -17.33
CA GLU B 91 -3.26 1.30 -17.08
C GLU B 91 -4.03 0.93 -15.80
N MET A 1 -2.75 -30.70 20.87
CA MET A 1 -3.96 -30.36 21.67
C MET A 1 -3.95 -28.88 22.04
N ASP A 2 -4.20 -28.02 21.10
CA ASP A 2 -4.21 -26.56 21.40
C ASP A 2 -4.64 -25.76 20.17
N LEU A 3 -5.30 -24.65 20.37
CA LEU A 3 -5.75 -23.82 19.22
C LEU A 3 -6.55 -24.69 18.23
N PRO A 4 -7.85 -24.73 18.42
CA PRO A 4 -8.71 -25.53 17.53
C PRO A 4 -8.86 -24.85 16.17
N GLY A 5 -9.09 -23.56 16.16
CA GLY A 5 -9.25 -22.84 14.87
C GLY A 5 -8.02 -21.98 14.61
N GLU A 6 -7.66 -21.79 13.37
CA GLU A 6 -6.47 -20.96 13.05
C GLU A 6 -6.60 -19.57 13.68
N LEU A 7 -7.81 -19.11 13.87
CA LEU A 7 -8.01 -17.76 14.47
C LEU A 7 -9.39 -17.68 15.13
N PHE A 8 -9.53 -16.87 16.14
CA PHE A 8 -10.85 -16.74 16.82
C PHE A 8 -11.21 -15.26 16.99
N GLU A 9 -10.50 -14.56 17.82
CA GLU A 9 -10.81 -13.11 18.03
C GLU A 9 -10.32 -12.29 16.84
N ALA A 10 -11.04 -11.28 16.47
CA ALA A 10 -10.62 -10.44 15.31
C ALA A 10 -10.69 -8.95 15.68
N SER A 11 -9.80 -8.15 15.16
CA SER A 11 -9.83 -6.69 15.48
C SER A 11 -10.73 -5.96 14.50
N THR A 12 -11.30 -4.85 14.92
CA THR A 12 -12.19 -4.09 14.00
C THR A 12 -12.22 -2.60 14.41
N PRO A 13 -12.24 -1.74 13.42
CA PRO A 13 -12.26 -0.28 13.70
C PRO A 13 -13.64 0.15 14.21
N ASP A 14 -13.88 1.42 14.31
CA ASP A 14 -15.20 1.90 14.81
C ASP A 14 -15.96 2.62 13.69
N SER A 15 -16.86 1.96 13.04
CA SER A 15 -17.63 2.62 11.93
C SER A 15 -16.66 3.24 10.92
N PRO A 16 -16.21 2.45 9.98
CA PRO A 16 -15.27 2.94 8.95
C PRO A 16 -16.01 3.85 7.96
N SER A 17 -15.77 5.13 8.03
CA SER A 17 -16.46 6.06 7.09
C SER A 17 -15.88 7.48 7.23
N HIS A 18 -15.79 8.19 6.14
CA HIS A 18 -15.22 9.57 6.20
C HIS A 18 -13.85 9.56 6.87
N LEU A 19 -13.06 8.55 6.62
CA LEU A 19 -11.70 8.48 7.24
C LEU A 19 -10.67 7.98 6.22
N PRO A 20 -10.20 8.88 5.40
CA PRO A 20 -9.20 8.51 4.37
C PRO A 20 -7.79 8.22 4.96
N PRO A 21 -7.41 8.84 6.06
CA PRO A 21 -6.06 8.57 6.62
C PRO A 21 -6.06 7.22 7.34
N ASP A 22 -6.07 6.14 6.60
CA ASP A 22 -6.07 4.79 7.25
C ASP A 22 -4.75 4.57 7.99
N SER A 23 -4.62 3.47 8.66
CA SER A 23 -3.36 3.19 9.41
C SER A 23 -2.16 3.30 8.47
N TRP A 24 -2.11 2.49 7.44
CA TRP A 24 -0.96 2.53 6.49
C TRP A 24 -0.61 3.97 6.10
N ALA A 25 -1.51 4.67 5.48
CA ALA A 25 -1.21 6.09 5.07
C ALA A 25 -0.58 6.86 6.22
N THR A 26 -1.13 6.76 7.40
CA THR A 26 -0.54 7.49 8.56
C THR A 26 0.89 7.02 8.78
N LEU A 27 1.14 5.76 8.61
CA LEU A 27 2.52 5.22 8.79
C LEU A 27 3.40 5.66 7.61
N LEU A 28 2.80 5.85 6.46
CA LEU A 28 3.58 6.26 5.27
C LEU A 28 3.89 7.76 5.35
N ALA A 29 2.99 8.55 5.88
CA ALA A 29 3.24 10.01 5.98
C ALA A 29 4.38 10.26 6.97
N GLN A 30 4.31 9.67 8.14
CA GLN A 30 5.39 9.87 9.14
C GLN A 30 6.67 9.16 8.67
N TRP A 31 6.53 8.03 8.03
CA TRP A 31 7.73 7.30 7.53
C TRP A 31 8.44 8.13 6.46
N ALA A 32 7.77 8.43 5.39
CA ALA A 32 8.41 9.24 4.31
C ALA A 32 8.91 10.56 4.87
N ASP A 33 8.26 11.08 5.88
CA ASP A 33 8.71 12.36 6.48
C ASP A 33 10.00 12.14 7.27
N ARG A 34 10.07 11.08 8.02
CA ARG A 34 11.30 10.81 8.82
C ARG A 34 12.51 10.72 7.88
N ALA A 35 12.33 10.14 6.73
CA ALA A 35 13.46 10.02 5.76
C ALA A 35 13.73 11.37 5.11
N LEU A 36 12.70 12.15 4.87
CA LEU A 36 12.91 13.49 4.24
C LEU A 36 13.91 14.30 5.05
N ARG A 37 13.73 14.36 6.35
CA ARG A 37 14.67 15.14 7.19
C ARG A 37 15.87 14.27 7.58
N SER A 38 16.49 13.62 6.63
CA SER A 38 17.65 12.76 6.96
C SER A 38 18.41 12.40 5.67
N GLY A 39 17.80 11.62 4.81
CA GLY A 39 18.48 11.24 3.55
C GLY A 39 17.59 10.28 2.76
N HIS A 40 16.36 10.64 2.53
CA HIS A 40 15.44 9.75 1.77
C HIS A 40 15.98 9.51 0.35
N GLN A 41 15.40 8.58 -0.37
CA GLN A 41 15.87 8.31 -1.75
C GLN A 41 14.86 7.44 -2.49
N ASN A 42 14.81 6.17 -2.18
CA ASN A 42 13.85 5.26 -2.87
C ASN A 42 12.52 5.23 -2.11
N LEU A 43 11.96 6.37 -1.80
CA LEU A 43 10.67 6.39 -1.05
C LEU A 43 9.63 5.51 -1.76
N LEU A 44 9.06 6.01 -2.82
CA LEU A 44 8.03 5.20 -3.55
C LEU A 44 8.62 3.86 -4.00
N SER A 45 9.88 3.82 -4.28
CA SER A 45 10.51 2.54 -4.73
C SER A 45 10.59 1.54 -3.56
N GLU A 46 10.42 2.00 -2.35
CA GLU A 46 10.49 1.07 -1.18
C GLU A 46 9.14 0.38 -0.97
N ALA A 47 8.08 1.14 -0.84
CA ALA A 47 6.74 0.54 -0.62
C ALA A 47 6.15 0.04 -1.96
N GLN A 48 6.73 0.43 -3.07
CA GLN A 48 6.20 -0.02 -4.38
C GLN A 48 6.05 -1.56 -4.41
N PRO A 49 7.13 -2.24 -4.17
CA PRO A 49 7.09 -3.73 -4.19
C PRO A 49 6.29 -4.25 -2.99
N GLU A 50 6.10 -3.44 -1.99
CA GLU A 50 5.31 -3.89 -0.80
C GLU A 50 3.85 -4.13 -1.20
N LEU A 51 3.23 -3.15 -1.81
CA LEU A 51 1.81 -3.33 -2.25
C LEU A 51 1.73 -4.39 -3.34
N GLU A 52 2.63 -4.36 -4.28
CA GLU A 52 2.59 -5.38 -5.38
C GLU A 52 2.87 -6.77 -4.82
N ARG A 53 3.59 -6.85 -3.73
CA ARG A 53 3.90 -8.18 -3.14
C ARG A 53 2.63 -8.82 -2.57
N THR A 54 1.93 -8.11 -1.72
CA THR A 54 0.68 -8.68 -1.12
C THR A 54 -0.29 -9.09 -2.23
N LEU A 55 -0.36 -8.32 -3.27
CA LEU A 55 -1.31 -8.66 -4.39
C LEU A 55 -0.76 -9.83 -5.20
N LEU A 56 0.45 -9.73 -5.68
CA LEU A 56 1.04 -10.84 -6.49
C LEU A 56 0.95 -12.15 -5.72
N THR A 57 1.12 -12.11 -4.43
CA THR A 57 1.04 -13.37 -3.63
C THR A 57 -0.42 -13.80 -3.49
N THR A 58 -1.30 -12.89 -3.22
CA THR A 58 -2.74 -13.25 -3.08
C THR A 58 -3.24 -13.92 -4.37
N ALA A 59 -3.25 -13.19 -5.45
CA ALA A 59 -3.72 -13.79 -6.74
C ALA A 59 -2.95 -15.08 -7.01
N LEU A 60 -1.67 -15.09 -6.80
CA LEU A 60 -0.89 -16.33 -7.04
C LEU A 60 -1.46 -17.47 -6.18
N ARG A 61 -1.87 -17.16 -4.97
CA ARG A 61 -2.44 -18.23 -4.11
C ARG A 61 -3.54 -18.97 -4.87
N HIS A 62 -4.33 -18.25 -5.63
CA HIS A 62 -5.40 -18.91 -6.43
C HIS A 62 -4.74 -19.88 -7.41
N THR A 63 -3.53 -19.59 -7.81
CA THR A 63 -2.79 -20.48 -8.75
C THR A 63 -1.40 -20.73 -8.20
N GLN A 64 -1.30 -21.12 -6.95
CA GLN A 64 0.03 -21.36 -6.30
C GLN A 64 0.98 -22.08 -7.25
N GLY A 65 2.14 -21.53 -7.47
CA GLY A 65 3.13 -22.16 -8.38
C GLY A 65 2.99 -21.58 -9.79
N HIS A 66 1.80 -21.55 -10.31
CA HIS A 66 1.59 -20.99 -11.67
C HIS A 66 1.68 -19.46 -11.64
N LYS A 67 2.84 -18.93 -11.37
CA LYS A 67 3.00 -17.44 -11.32
C LYS A 67 2.44 -16.82 -12.60
N GLN A 68 2.40 -17.56 -13.68
CA GLN A 68 1.86 -17.01 -14.95
C GLN A 68 0.36 -16.78 -14.84
N GLU A 69 -0.36 -17.71 -14.25
CA GLU A 69 -1.83 -17.54 -14.10
C GLU A 69 -2.14 -16.19 -13.44
N ALA A 70 -1.35 -15.80 -12.48
CA ALA A 70 -1.60 -14.51 -11.79
C ALA A 70 -1.64 -13.37 -12.83
N ALA A 71 -1.06 -13.58 -13.97
CA ALA A 71 -1.07 -12.52 -15.02
C ALA A 71 -2.51 -12.08 -15.32
N ARG A 72 -3.31 -12.96 -15.85
CA ARG A 72 -4.72 -12.61 -16.15
C ARG A 72 -5.45 -12.20 -14.87
N LEU A 73 -5.15 -12.86 -13.78
CA LEU A 73 -5.83 -12.51 -12.50
C LEU A 73 -5.61 -11.02 -12.18
N LEU A 74 -4.53 -10.46 -12.65
CA LEU A 74 -4.28 -9.01 -12.38
C LEU A 74 -4.34 -8.21 -13.68
N GLY A 75 -4.86 -8.78 -14.74
CA GLY A 75 -4.93 -8.04 -16.03
C GLY A 75 -3.54 -7.53 -16.41
N TRP A 76 -2.55 -8.38 -16.29
CA TRP A 76 -1.16 -7.95 -16.64
C TRP A 76 -0.67 -8.69 -17.88
N GLY A 77 -0.27 -9.93 -17.71
CA GLY A 77 0.24 -10.72 -18.87
C GLY A 77 1.57 -11.35 -18.48
N ALA A 78 2.32 -11.84 -19.42
CA ALA A 78 3.64 -12.46 -19.08
C ALA A 78 4.74 -11.41 -19.11
N ALA A 79 4.54 -10.35 -19.85
CA ALA A 79 5.58 -9.27 -19.91
C ALA A 79 5.54 -8.43 -18.65
N THR A 80 4.36 -8.05 -18.22
CA THR A 80 4.24 -7.22 -16.98
C THR A 80 4.66 -8.04 -15.76
N LEU A 81 4.03 -9.16 -15.54
CA LEU A 81 4.37 -10.01 -14.37
C LEU A 81 5.89 -10.24 -14.32
N THR A 82 6.53 -10.28 -15.46
CA THR A 82 8.00 -10.51 -15.47
C THR A 82 8.74 -9.17 -15.40
N ALA A 83 8.38 -8.24 -16.25
CA ALA A 83 9.07 -6.91 -16.23
C ALA A 83 8.81 -6.21 -14.89
N LYS A 84 7.69 -6.49 -14.27
CA LYS A 84 7.39 -5.84 -12.96
C LYS A 84 8.27 -6.43 -11.86
N LEU A 85 8.73 -7.63 -12.04
CA LEU A 85 9.59 -8.26 -11.00
C LEU A 85 10.93 -7.52 -10.89
N LYS A 86 11.45 -7.06 -12.00
CA LYS A 86 12.74 -6.33 -11.96
C LYS A 86 12.50 -4.84 -11.71
N GLU A 87 11.48 -4.28 -12.31
CA GLU A 87 11.19 -2.83 -12.12
C GLU A 87 11.01 -2.53 -10.62
N LEU A 88 10.09 -3.20 -9.98
CA LEU A 88 9.87 -2.95 -8.52
C LEU A 88 11.19 -3.10 -7.76
N GLY A 89 12.11 -3.85 -8.30
CA GLY A 89 13.42 -4.04 -7.60
C GLY A 89 14.37 -2.92 -7.99
N MET A 90 14.41 -2.56 -9.25
CA MET A 90 15.31 -1.46 -9.69
C MET A 90 16.75 -1.76 -9.27
N GLU A 91 17.07 -3.01 -9.08
CA GLU A 91 18.45 -3.38 -8.67
C GLU A 91 18.85 -2.59 -7.41
N MET B 1 -13.97 27.68 20.59
CA MET B 1 -13.63 27.19 21.96
C MET B 1 -13.84 25.67 22.04
N ASP B 2 -12.95 24.91 21.43
CA ASP B 2 -13.08 23.44 21.46
C ASP B 2 -11.88 22.78 20.78
N LEU B 3 -11.50 21.62 21.24
CA LEU B 3 -10.32 20.93 20.63
C LEU B 3 -9.11 21.86 20.59
N PRO B 4 -8.31 21.81 21.62
CA PRO B 4 -7.10 22.67 21.70
C PRO B 4 -6.03 22.15 20.75
N GLY B 5 -5.79 20.87 20.73
CA GLY B 5 -4.75 20.31 19.83
C GLY B 5 -5.41 19.55 18.69
N GLU B 6 -4.80 19.54 17.53
CA GLU B 6 -5.41 18.82 16.37
C GLU B 6 -5.68 17.35 16.76
N LEU B 7 -4.90 16.81 17.66
CA LEU B 7 -5.11 15.39 18.06
C LEU B 7 -4.57 15.16 19.47
N PHE B 8 -5.13 14.23 20.18
CA PHE B 8 -4.64 13.94 21.56
C PHE B 8 -4.43 12.43 21.75
N GLU B 9 -5.48 11.67 21.77
CA GLU B 9 -5.33 10.20 21.94
C GLU B 9 -4.82 9.55 20.65
N ALA B 10 -3.99 8.56 20.76
CA ALA B 10 -3.46 7.89 19.54
C ALA B 10 -3.57 6.37 19.67
N SER B 11 -3.82 5.68 18.58
CA SER B 11 -3.96 4.20 18.65
C SER B 11 -2.58 3.55 18.48
N THR B 12 -2.41 2.38 19.03
CA THR B 12 -1.09 1.68 18.91
C THR B 12 -1.29 0.17 19.03
N PRO B 13 -0.54 -0.57 18.23
CA PRO B 13 -0.65 -2.05 18.26
C PRO B 13 0.01 -2.60 19.53
N ASP B 14 0.18 -3.90 19.60
CA ASP B 14 0.82 -4.50 20.81
C ASP B 14 2.17 -5.12 20.44
N SER B 15 3.24 -4.43 20.69
CA SER B 15 4.58 -4.97 20.35
C SER B 15 4.62 -5.42 18.89
N PRO B 16 4.91 -4.49 18.01
CA PRO B 16 4.97 -4.81 16.56
C PRO B 16 6.23 -5.63 16.25
N SER B 17 6.07 -6.90 15.98
CA SER B 17 7.27 -7.73 15.67
C SER B 17 6.82 -9.11 15.18
N HIS B 18 7.54 -9.69 14.25
CA HIS B 18 7.16 -11.03 13.74
C HIS B 18 5.70 -11.03 13.27
N LEU B 19 5.26 -9.96 12.67
CA LEU B 19 3.85 -9.90 12.19
C LEU B 19 3.79 -9.23 10.81
N PRO B 20 4.07 -9.99 9.79
CA PRO B 20 4.03 -9.44 8.41
C PRO B 20 2.60 -9.16 7.89
N PRO B 21 1.60 -9.90 8.33
CA PRO B 21 0.22 -9.62 7.83
C PRO B 21 -0.34 -8.38 8.51
N ASP B 22 0.12 -7.22 8.13
CA ASP B 22 -0.40 -5.97 8.75
C ASP B 22 -1.87 -5.77 8.40
N SER B 23 -2.49 -4.74 8.93
CA SER B 23 -3.93 -4.50 8.61
C SER B 23 -4.14 -4.43 7.11
N TRP B 24 -3.50 -3.50 6.45
CA TRP B 24 -3.67 -3.37 4.97
C TRP B 24 -3.59 -4.72 4.27
N ALA B 25 -2.46 -5.39 4.36
CA ALA B 25 -2.33 -6.72 3.68
C ALA B 25 -3.54 -7.61 3.98
N THR B 26 -3.96 -7.68 5.21
CA THR B 26 -5.15 -8.52 5.54
C THR B 26 -6.36 -8.01 4.75
N LEU B 27 -6.48 -6.72 4.62
CA LEU B 27 -7.64 -6.14 3.86
C LEU B 27 -7.43 -6.39 2.36
N LEU B 28 -6.20 -6.47 1.94
CA LEU B 28 -5.92 -6.68 0.49
C LEU B 28 -6.12 -8.17 0.14
N ALA B 29 -5.79 -9.05 1.05
CA ALA B 29 -5.97 -10.50 0.76
C ALA B 29 -7.46 -10.82 0.65
N GLN B 30 -8.25 -10.37 1.60
CA GLN B 30 -9.71 -10.65 1.54
C GLN B 30 -10.34 -9.82 0.41
N TRP B 31 -9.86 -8.63 0.20
CA TRP B 31 -10.42 -7.78 -0.90
C TRP B 31 -10.14 -8.44 -2.26
N ALA B 32 -8.90 -8.63 -2.59
CA ALA B 32 -8.57 -9.27 -3.89
C ALA B 32 -9.26 -10.63 -4.01
N ASP B 33 -9.46 -11.29 -2.91
CA ASP B 33 -10.14 -12.62 -2.95
C ASP B 33 -11.63 -12.43 -3.26
N ARG B 34 -12.25 -11.47 -2.63
CA ARG B 34 -13.70 -11.24 -2.88
C ARG B 34 -13.93 -10.97 -4.37
N ALA B 35 -13.03 -10.26 -4.99
CA ALA B 35 -13.18 -9.96 -6.44
C ALA B 35 -12.86 -11.21 -7.27
N LEU B 36 -11.92 -12.00 -6.83
CA LEU B 36 -11.56 -13.23 -7.59
C LEU B 36 -12.81 -14.10 -7.80
N ARG B 37 -13.57 -14.31 -6.77
CA ARG B 37 -14.79 -15.14 -6.91
C ARG B 37 -15.97 -14.28 -7.36
N SER B 38 -15.79 -13.48 -8.38
CA SER B 38 -16.90 -12.61 -8.85
C SER B 38 -16.57 -12.05 -10.24
N GLY B 39 -15.58 -11.21 -10.33
CA GLY B 39 -15.22 -10.63 -11.65
C GLY B 39 -14.07 -9.63 -11.48
N HIS B 40 -13.01 -10.03 -10.83
CA HIS B 40 -11.87 -9.10 -10.63
C HIS B 40 -11.29 -8.65 -11.98
N GLN B 41 -10.42 -7.67 -11.97
CA GLN B 41 -9.82 -7.21 -13.25
C GLN B 41 -8.62 -6.29 -12.97
N ASN B 42 -8.87 -5.08 -12.56
CA ASN B 42 -7.74 -4.15 -12.26
C ASN B 42 -7.31 -4.28 -10.81
N LEU B 43 -7.06 -5.47 -10.34
CA LEU B 43 -6.65 -5.65 -8.93
C LEU B 43 -5.45 -4.76 -8.59
N LEU B 44 -4.28 -5.13 -9.03
CA LEU B 44 -3.07 -4.31 -8.73
C LEU B 44 -3.25 -2.89 -9.28
N SER B 45 -3.98 -2.75 -10.35
CA SER B 45 -4.19 -1.39 -10.94
C SER B 45 -5.09 -0.55 -10.04
N GLU B 46 -5.79 -1.16 -9.13
CA GLU B 46 -6.69 -0.38 -8.22
C GLU B 46 -5.89 0.20 -7.05
N ALA B 47 -5.19 -0.62 -6.33
CA ALA B 47 -4.40 -0.11 -5.17
C ALA B 47 -3.08 0.51 -5.65
N GLN B 48 -2.72 0.29 -6.89
CA GLN B 48 -1.44 0.89 -7.41
C GLN B 48 -1.39 2.39 -7.13
N PRO B 49 -2.37 3.11 -7.62
CA PRO B 49 -2.40 4.58 -7.41
C PRO B 49 -2.68 4.91 -5.94
N GLU B 50 -3.19 3.96 -5.20
CA GLU B 50 -3.47 4.24 -3.76
C GLU B 50 -2.15 4.44 -3.01
N LEU B 51 -1.24 3.51 -3.14
CA LEU B 51 0.08 3.67 -2.44
C LEU B 51 0.84 4.86 -3.02
N GLU B 52 0.85 4.99 -4.32
CA GLU B 52 1.58 6.13 -4.95
C GLU B 52 0.92 7.45 -4.56
N ARG B 53 -0.36 7.44 -4.29
CA ARG B 53 -1.06 8.70 -3.91
C ARG B 53 -0.57 9.18 -2.54
N THR B 54 -0.62 8.34 -1.54
CA THR B 54 -0.15 8.77 -0.19
C THR B 54 1.29 9.26 -0.25
N LEU B 55 2.12 8.63 -1.05
CA LEU B 55 3.53 9.06 -1.14
C LEU B 55 3.65 10.35 -1.95
N LEU B 56 3.11 10.36 -3.14
CA LEU B 56 3.20 11.59 -3.98
C LEU B 56 2.66 12.80 -3.20
N THR B 57 1.64 12.61 -2.41
CA THR B 57 1.09 13.75 -1.64
C THR B 57 2.02 14.09 -0.48
N THR B 58 2.53 13.10 0.21
CA THR B 58 3.44 13.37 1.35
C THR B 58 4.66 14.17 0.86
N ALA B 59 5.45 13.59 0.00
CA ALA B 59 6.65 14.32 -0.50
C ALA B 59 6.23 15.67 -1.07
N LEU B 60 5.14 15.72 -1.80
CA LEU B 60 4.69 17.02 -2.36
C LEU B 60 4.45 17.99 -1.21
N ARG B 61 3.93 17.53 -0.11
CA ARG B 61 3.69 18.45 1.04
C ARG B 61 4.98 19.22 1.35
N HIS B 62 6.10 18.57 1.27
CA HIS B 62 7.39 19.26 1.52
C HIS B 62 7.54 20.38 0.49
N THR B 63 6.97 20.19 -0.67
CA THR B 63 7.05 21.24 -1.73
C THR B 63 5.64 21.48 -2.28
N GLN B 64 4.69 21.72 -1.41
CA GLN B 64 3.28 21.96 -1.84
C GLN B 64 3.20 22.84 -3.09
N GLY B 65 2.54 22.37 -4.11
CA GLY B 65 2.43 23.16 -5.36
C GLY B 65 3.53 22.76 -6.34
N HIS B 66 4.76 22.73 -5.89
CA HIS B 66 5.88 22.33 -6.79
C HIS B 66 5.86 20.82 -7.02
N LYS B 67 4.87 20.31 -7.69
CA LYS B 67 4.80 18.85 -7.95
C LYS B 67 6.11 18.36 -8.56
N GLN B 68 6.85 19.23 -9.19
CA GLN B 68 8.15 18.82 -9.80
C GLN B 68 9.17 18.49 -8.70
N GLU B 69 9.23 19.31 -7.69
CA GLU B 69 10.19 19.04 -6.58
C GLU B 69 10.02 17.61 -6.06
N ALA B 70 8.81 17.14 -5.97
CA ALA B 70 8.58 15.75 -5.47
C ALA B 70 9.39 14.75 -6.32
N ALA B 71 9.75 15.14 -7.51
CA ALA B 71 10.53 14.21 -8.39
C ALA B 71 11.79 13.75 -7.65
N ARG B 72 12.69 14.65 -7.37
CA ARG B 72 13.94 14.27 -6.66
C ARG B 72 13.60 13.66 -5.30
N LEU B 73 12.60 14.19 -4.63
CA LEU B 73 12.21 13.65 -3.30
C LEU B 73 11.91 12.15 -3.41
N LEU B 74 11.49 11.70 -4.56
CA LEU B 74 11.19 10.26 -4.73
C LEU B 74 12.17 9.61 -5.72
N GLY B 75 13.25 10.29 -6.03
CA GLY B 75 14.23 9.70 -6.99
C GLY B 75 13.51 9.32 -8.29
N TRP B 76 12.68 10.20 -8.79
CA TRP B 76 11.95 9.89 -10.05
C TRP B 76 12.41 10.81 -11.17
N GLY B 77 11.95 12.03 -11.17
CA GLY B 77 12.33 12.98 -12.26
C GLY B 77 11.07 13.63 -12.82
N ALA B 78 11.16 14.26 -13.95
CA ALA B 78 9.95 14.90 -14.54
C ALA B 78 9.22 13.91 -15.45
N ALA B 79 9.93 12.96 -15.98
CA ALA B 79 9.28 11.95 -16.88
C ALA B 79 8.49 10.94 -16.04
N THR B 80 9.06 10.47 -14.98
CA THR B 80 8.32 9.48 -14.12
C THR B 80 7.13 10.16 -13.43
N LEU B 81 7.39 11.21 -12.69
CA LEU B 81 6.28 11.92 -12.00
C LEU B 81 5.14 12.23 -12.98
N THR B 82 5.47 12.44 -14.23
CA THR B 82 4.41 12.75 -15.23
C THR B 82 3.89 11.45 -15.87
N ALA B 83 4.78 10.61 -16.32
CA ALA B 83 4.34 9.33 -16.95
C ALA B 83 3.64 8.46 -15.90
N LYS B 84 3.99 8.59 -14.67
CA LYS B 84 3.34 7.77 -13.61
C LYS B 84 1.92 8.26 -13.35
N LEU B 85 1.65 9.51 -13.65
CA LEU B 85 0.28 10.06 -13.43
C LEU B 85 -0.72 9.37 -14.37
N LYS B 86 -0.30 9.07 -15.57
CA LYS B 86 -1.24 8.41 -16.53
C LYS B 86 -1.15 6.89 -16.37
N GLU B 87 0.02 6.36 -16.17
CA GLU B 87 0.17 4.88 -16.00
C GLU B 87 -0.72 4.40 -14.86
N LEU B 88 -0.54 4.93 -13.67
CA LEU B 88 -1.37 4.49 -12.52
C LEU B 88 -2.86 4.62 -12.87
N GLY B 89 -3.19 5.47 -13.80
CA GLY B 89 -4.62 5.63 -14.18
C GLY B 89 -4.98 4.61 -15.26
N MET B 90 -4.12 4.42 -16.21
CA MET B 90 -4.41 3.43 -17.29
C MET B 90 -5.76 3.75 -17.95
N GLU B 91 -6.18 4.98 -17.88
CA GLU B 91 -7.48 5.35 -18.50
C GLU B 91 -8.60 4.44 -17.98
N MET A 1 10.59 -24.42 1.57
CA MET A 1 11.98 -24.45 2.08
C MET A 1 12.23 -25.76 2.85
N ASP A 2 13.18 -26.54 2.43
CA ASP A 2 13.47 -27.81 3.13
C ASP A 2 14.58 -27.62 4.17
N LEU A 3 14.89 -28.63 4.93
CA LEU A 3 15.95 -28.49 5.96
C LEU A 3 17.01 -29.58 5.78
N PRO A 4 18.21 -29.31 6.25
CA PRO A 4 19.31 -30.29 6.13
C PRO A 4 19.10 -31.45 7.11
N GLY A 5 18.36 -31.22 8.15
CA GLY A 5 18.11 -32.30 9.15
C GLY A 5 17.57 -31.69 10.45
N GLU A 6 17.95 -32.24 11.57
CA GLU A 6 17.47 -31.69 12.87
C GLU A 6 18.65 -31.14 13.69
N LEU A 7 19.35 -30.18 13.14
CA LEU A 7 20.51 -29.60 13.88
C LEU A 7 20.73 -28.15 13.46
N PHE A 8 20.73 -27.24 14.40
CA PHE A 8 20.94 -25.81 14.04
C PHE A 8 19.96 -25.38 12.96
N GLU A 9 18.78 -24.97 13.34
CA GLU A 9 17.77 -24.54 12.32
C GLU A 9 16.69 -23.68 12.97
N ALA A 10 15.92 -22.99 12.19
CA ALA A 10 14.83 -22.14 12.77
C ALA A 10 13.96 -21.55 11.65
N SER A 11 13.09 -20.65 11.97
CA SER A 11 12.21 -20.03 10.93
C SER A 11 12.76 -18.67 10.52
N THR A 12 13.38 -18.59 9.37
CA THR A 12 13.93 -17.29 8.91
C THR A 12 14.13 -17.31 7.39
N PRO A 13 13.08 -17.64 6.67
CA PRO A 13 13.14 -17.69 5.20
C PRO A 13 13.20 -16.28 4.61
N ASP A 14 14.37 -15.70 4.54
CA ASP A 14 14.49 -14.33 3.98
C ASP A 14 13.52 -13.38 4.69
N SER A 15 13.34 -13.54 5.98
CA SER A 15 12.42 -12.64 6.72
C SER A 15 12.97 -12.36 8.12
N PRO A 16 14.02 -11.59 8.17
CA PRO A 16 14.65 -11.23 9.47
C PRO A 16 13.78 -10.21 10.23
N SER A 17 12.98 -9.47 9.51
CA SER A 17 12.12 -8.46 10.20
C SER A 17 10.88 -9.13 10.79
N HIS A 18 10.21 -8.48 11.70
CA HIS A 18 8.99 -9.08 12.32
C HIS A 18 7.98 -7.99 12.65
N LEU A 19 7.07 -8.26 13.56
CA LEU A 19 6.05 -7.23 13.93
C LEU A 19 5.33 -6.73 12.67
N PRO A 20 4.23 -7.37 12.34
CA PRO A 20 3.45 -6.97 11.14
C PRO A 20 2.68 -5.67 11.41
N PRO A 21 3.05 -4.62 10.73
CA PRO A 21 2.37 -3.32 10.90
C PRO A 21 0.97 -3.35 10.27
N ASP A 22 -0.05 -3.15 11.07
CA ASP A 22 -1.43 -3.17 10.52
C ASP A 22 -1.79 -1.81 9.94
N SER A 23 -1.26 -0.76 10.50
CA SER A 23 -1.57 0.60 9.98
C SER A 23 -0.60 0.99 8.87
N TRP A 24 -0.55 0.22 7.82
CA TRP A 24 0.39 0.52 6.69
C TRP A 24 0.36 1.99 6.32
N ALA A 25 -0.74 2.48 5.80
CA ALA A 25 -0.81 3.93 5.41
C ALA A 25 -0.28 4.81 6.54
N THR A 26 -0.75 4.62 7.75
CA THR A 26 -0.25 5.45 8.87
C THR A 26 1.27 5.32 8.97
N LEU A 27 1.77 4.13 8.73
CA LEU A 27 3.24 3.91 8.80
C LEU A 27 3.90 4.55 7.57
N LEU A 28 3.17 4.74 6.52
CA LEU A 28 3.75 5.35 5.29
C LEU A 28 3.72 6.86 5.38
N ALA A 29 2.67 7.41 5.93
CA ALA A 29 2.59 8.89 6.06
C ALA A 29 3.63 9.39 7.06
N GLN A 30 3.86 8.64 8.11
CA GLN A 30 4.87 9.05 9.12
C GLN A 30 6.28 8.69 8.64
N TRP A 31 6.43 7.53 8.06
CA TRP A 31 7.77 7.11 7.56
C TRP A 31 8.26 8.10 6.49
N ALA A 32 7.45 8.33 5.49
CA ALA A 32 7.86 9.28 4.41
C ALA A 32 8.27 10.63 5.03
N ASP A 33 7.70 10.96 6.15
CA ASP A 33 8.05 12.25 6.81
C ASP A 33 9.37 12.10 7.59
N ARG A 34 9.45 11.10 8.42
CA ARG A 34 10.71 10.91 9.20
C ARG A 34 11.90 10.80 8.25
N ALA A 35 11.69 10.21 7.11
CA ALA A 35 12.82 10.08 6.12
C ALA A 35 13.03 11.42 5.41
N LEU A 36 11.98 12.16 5.21
CA LEU A 36 12.11 13.49 4.53
C LEU A 36 12.97 14.44 5.38
N ARG A 37 12.79 14.42 6.66
CA ARG A 37 13.59 15.30 7.54
C ARG A 37 14.89 14.62 7.97
N SER A 38 15.62 14.07 7.04
CA SER A 38 16.89 13.38 7.40
C SER A 38 17.67 13.02 6.12
N GLY A 39 17.11 12.16 5.30
CA GLY A 39 17.80 11.77 4.05
C GLY A 39 16.92 10.83 3.25
N HIS A 40 15.81 11.31 2.75
CA HIS A 40 14.89 10.43 1.96
C HIS A 40 15.51 10.13 0.59
N GLN A 41 14.97 9.15 -0.09
CA GLN A 41 15.52 8.80 -1.44
C GLN A 41 14.60 7.78 -2.12
N ASN A 42 14.66 6.55 -1.71
CA ASN A 42 13.79 5.51 -2.33
C ASN A 42 12.45 5.43 -1.59
N LEU A 43 11.70 6.51 -1.60
CA LEU A 43 10.39 6.50 -0.89
C LEU A 43 9.39 5.60 -1.62
N LEU A 44 8.97 5.99 -2.79
CA LEU A 44 7.98 5.17 -3.56
C LEU A 44 8.63 3.86 -4.02
N SER A 45 9.92 3.87 -4.25
CA SER A 45 10.60 2.64 -4.72
C SER A 45 10.67 1.59 -3.60
N GLU A 46 10.43 1.99 -2.38
CA GLU A 46 10.48 1.00 -1.26
C GLU A 46 9.12 0.32 -1.08
N ALA A 47 8.06 1.08 -1.03
CA ALA A 47 6.71 0.47 -0.86
C ALA A 47 6.20 -0.06 -2.20
N GLN A 48 6.75 0.41 -3.29
CA GLN A 48 6.29 -0.07 -4.62
C GLN A 48 6.25 -1.61 -4.67
N PRO A 49 7.36 -2.24 -4.35
CA PRO A 49 7.41 -3.72 -4.37
C PRO A 49 6.57 -4.32 -3.24
N GLU A 50 6.35 -3.57 -2.19
CA GLU A 50 5.53 -4.11 -1.07
C GLU A 50 4.10 -4.35 -1.56
N LEU A 51 3.49 -3.38 -2.19
CA LEU A 51 2.11 -3.56 -2.70
C LEU A 51 2.09 -4.64 -3.79
N GLU A 52 2.97 -4.55 -4.74
CA GLU A 52 3.01 -5.57 -5.82
C GLU A 52 3.22 -6.97 -5.24
N ARG A 53 4.03 -7.08 -4.22
CA ARG A 53 4.27 -8.42 -3.60
C ARG A 53 3.01 -8.93 -2.89
N THR A 54 2.48 -8.15 -1.99
CA THR A 54 1.25 -8.60 -1.26
C THR A 54 0.18 -9.05 -2.24
N LEU A 55 -0.13 -8.25 -3.23
CA LEU A 55 -1.17 -8.64 -4.23
C LEU A 55 -0.68 -9.81 -5.08
N LEU A 56 0.52 -9.72 -5.59
CA LEU A 56 1.04 -10.82 -6.45
C LEU A 56 0.95 -12.16 -5.70
N THR A 57 1.33 -12.18 -4.46
CA THR A 57 1.26 -13.44 -3.67
C THR A 57 -0.20 -13.85 -3.47
N THR A 58 -1.04 -12.92 -3.14
CA THR A 58 -2.48 -13.26 -2.93
C THR A 58 -3.04 -13.95 -4.17
N ALA A 59 -3.09 -13.25 -5.28
CA ALA A 59 -3.63 -13.87 -6.53
C ALA A 59 -2.88 -15.18 -6.82
N LEU A 60 -1.59 -15.20 -6.60
CA LEU A 60 -0.84 -16.45 -6.85
C LEU A 60 -1.39 -17.57 -5.97
N ARG A 61 -1.74 -17.26 -4.75
CA ARG A 61 -2.30 -18.32 -3.85
C ARG A 61 -3.44 -19.04 -4.56
N HIS A 62 -4.28 -18.31 -5.25
CA HIS A 62 -5.39 -18.96 -6.00
C HIS A 62 -4.79 -19.97 -6.98
N THR A 63 -3.59 -19.70 -7.42
CA THR A 63 -2.89 -20.63 -8.36
C THR A 63 -1.51 -20.97 -7.80
N GLN A 64 -1.47 -21.37 -6.54
CA GLN A 64 -0.18 -21.72 -5.88
C GLN A 64 0.80 -22.42 -6.83
N GLY A 65 1.93 -21.83 -7.08
CA GLY A 65 2.92 -22.46 -8.00
C GLY A 65 2.75 -21.89 -9.41
N HIS A 66 1.54 -21.78 -9.88
CA HIS A 66 1.31 -21.24 -11.25
C HIS A 66 1.42 -19.72 -11.24
N LYS A 67 2.62 -19.20 -11.26
CA LYS A 67 2.81 -17.73 -11.26
C LYS A 67 2.21 -17.12 -12.53
N GLN A 68 2.22 -17.85 -13.62
CA GLN A 68 1.66 -17.32 -14.90
C GLN A 68 0.18 -17.01 -14.72
N GLU A 69 -0.57 -17.91 -14.13
CA GLU A 69 -2.03 -17.65 -13.94
C GLU A 69 -2.24 -16.30 -13.27
N ALA A 70 -1.38 -15.93 -12.36
CA ALA A 70 -1.52 -14.61 -11.68
C ALA A 70 -1.62 -13.49 -12.72
N ALA A 71 -1.11 -13.72 -13.90
CA ALA A 71 -1.18 -12.69 -14.96
C ALA A 71 -2.62 -12.23 -15.15
N ARG A 72 -3.45 -13.05 -15.72
CA ARG A 72 -4.87 -12.67 -15.94
C ARG A 72 -5.51 -12.28 -14.60
N LEU A 73 -5.15 -12.96 -13.55
CA LEU A 73 -5.74 -12.63 -12.21
C LEU A 73 -5.51 -11.15 -11.90
N LEU A 74 -4.50 -10.55 -12.46
CA LEU A 74 -4.22 -9.12 -12.19
C LEU A 74 -4.29 -8.31 -13.49
N GLY A 75 -4.88 -8.87 -14.52
CA GLY A 75 -4.96 -8.12 -15.82
C GLY A 75 -3.56 -7.69 -16.25
N TRP A 76 -2.59 -8.52 -16.02
CA TRP A 76 -1.19 -8.16 -16.41
C TRP A 76 -0.75 -8.97 -17.63
N GLY A 77 -0.41 -10.21 -17.44
CA GLY A 77 0.04 -11.07 -18.57
C GLY A 77 1.34 -11.75 -18.18
N ALA A 78 2.03 -12.35 -19.12
CA ALA A 78 3.32 -13.03 -18.77
C ALA A 78 4.47 -12.05 -18.91
N ALA A 79 4.39 -11.16 -19.86
CA ALA A 79 5.50 -10.17 -20.05
C ALA A 79 5.52 -9.19 -18.88
N THR A 80 4.37 -8.80 -18.40
CA THR A 80 4.33 -7.85 -17.25
C THR A 80 4.76 -8.56 -15.96
N LEU A 81 4.15 -9.68 -15.68
CA LEU A 81 4.52 -10.44 -14.45
C LEU A 81 6.03 -10.66 -14.40
N THR A 82 6.66 -10.74 -15.54
CA THR A 82 8.14 -10.94 -15.57
C THR A 82 8.87 -9.60 -15.56
N ALA A 83 8.50 -8.71 -16.46
CA ALA A 83 9.18 -7.38 -16.49
C ALA A 83 8.92 -6.61 -15.20
N LYS A 84 7.74 -6.72 -14.66
CA LYS A 84 7.42 -6.00 -13.39
C LYS A 84 8.13 -6.66 -12.21
N LEU A 85 8.54 -7.90 -12.36
CA LEU A 85 9.23 -8.60 -11.25
C LEU A 85 10.62 -8.00 -11.03
N LYS A 86 11.39 -7.85 -12.07
CA LYS A 86 12.75 -7.27 -11.92
C LYS A 86 12.68 -5.75 -11.90
N GLU A 87 11.66 -5.18 -12.48
CA GLU A 87 11.52 -3.69 -12.49
C GLU A 87 11.57 -3.15 -11.04
N LEU A 88 10.73 -3.67 -10.19
CA LEU A 88 10.71 -3.19 -8.78
C LEU A 88 12.08 -3.40 -8.13
N GLY A 89 12.73 -4.49 -8.45
CA GLY A 89 14.08 -4.76 -7.85
C GLY A 89 15.13 -3.90 -8.54
N MET A 90 14.86 -3.40 -9.71
CA MET A 90 15.85 -2.55 -10.42
C MET A 90 16.21 -1.34 -9.56
N GLU A 91 15.28 -0.86 -8.78
CA GLU A 91 15.57 0.32 -7.91
C GLU A 91 16.13 1.47 -8.75
N MET B 1 -9.94 24.53 -3.17
CA MET B 1 -11.32 24.57 -3.76
C MET B 1 -12.09 25.78 -3.23
N ASP B 2 -12.52 26.65 -4.09
CA ASP B 2 -13.28 27.85 -3.63
C ASP B 2 -14.79 27.57 -3.68
N LEU B 3 -15.59 28.50 -3.23
CA LEU B 3 -17.06 28.28 -3.26
C LEU B 3 -17.75 29.44 -3.98
N PRO B 4 -18.93 29.17 -4.50
CA PRO B 4 -19.69 30.21 -5.23
C PRO B 4 -20.27 31.23 -4.25
N GLY B 5 -20.44 30.84 -3.01
CA GLY B 5 -21.00 31.78 -2.00
C GLY B 5 -21.49 30.98 -0.79
N GLU B 6 -22.57 31.41 -0.18
CA GLU B 6 -23.10 30.68 1.01
C GLU B 6 -24.48 30.09 0.70
N LEU B 7 -24.56 29.23 -0.28
CA LEU B 7 -25.88 28.63 -0.64
C LEU B 7 -25.68 27.25 -1.27
N PHE B 8 -26.27 26.24 -0.72
CA PHE B 8 -26.11 24.87 -1.29
C PHE B 8 -24.62 24.53 -1.43
N GLU B 9 -24.01 24.02 -0.40
CA GLU B 9 -22.57 23.68 -0.47
C GLU B 9 -22.20 22.69 0.63
N ALA B 10 -21.06 22.06 0.53
CA ALA B 10 -20.64 21.08 1.57
C ALA B 10 -19.21 20.61 1.30
N SER B 11 -18.76 19.62 2.03
CA SER B 11 -17.38 19.11 1.82
C SER B 11 -17.40 17.83 0.98
N THR B 12 -17.07 17.93 -0.28
CA THR B 12 -17.07 16.72 -1.15
C THR B 12 -16.16 16.93 -2.36
N PRO B 13 -14.93 17.30 -2.10
CA PRO B 13 -13.96 17.55 -3.19
C PRO B 13 -13.52 16.22 -3.82
N ASP B 14 -14.30 15.71 -4.75
CA ASP B 14 -13.92 14.43 -5.41
C ASP B 14 -13.67 13.35 -4.36
N SER B 15 -14.44 13.34 -3.29
CA SER B 15 -14.24 12.32 -2.24
C SER B 15 -15.59 11.88 -1.66
N PRO B 16 -16.35 11.17 -2.45
CA PRO B 16 -17.68 10.69 -2.00
C PRO B 16 -17.52 9.55 -0.99
N SER B 17 -16.42 8.84 -1.02
CA SER B 17 -16.21 7.73 -0.07
C SER B 17 -15.76 8.25 1.29
N HIS B 18 -15.89 7.45 2.32
CA HIS B 18 -15.47 7.92 3.67
C HIS B 18 -14.90 6.73 4.48
N LEU B 19 -14.90 6.85 5.78
CA LEU B 19 -14.36 5.73 6.62
C LEU B 19 -12.95 5.35 6.17
N PRO B 20 -11.97 5.98 6.77
CA PRO B 20 -10.55 5.69 6.42
C PRO B 20 -10.12 4.33 6.97
N PRO B 21 -9.85 3.40 6.09
CA PRO B 21 -9.42 2.05 6.53
C PRO B 21 -7.99 2.09 7.06
N ASP B 22 -7.78 1.74 8.30
CA ASP B 22 -6.41 1.77 8.87
C ASP B 22 -5.68 0.46 8.54
N SER B 23 -6.39 -0.62 8.43
CA SER B 23 -5.74 -1.92 8.11
C SER B 23 -5.66 -2.11 6.60
N TRP B 24 -5.00 -1.21 5.91
CA TRP B 24 -4.89 -1.32 4.43
C TRP B 24 -4.53 -2.75 4.00
N ALA B 25 -3.36 -3.22 4.34
CA ALA B 25 -2.96 -4.60 3.93
C ALA B 25 -4.08 -5.59 4.26
N THR B 26 -4.58 -5.58 5.47
CA THR B 26 -5.68 -6.51 5.82
C THR B 26 -6.85 -6.31 4.85
N LEU B 27 -7.11 -5.09 4.48
CA LEU B 27 -8.23 -4.81 3.54
C LEU B 27 -7.82 -5.25 2.13
N LEU B 28 -6.55 -5.34 1.86
CA LEU B 28 -6.09 -5.76 0.51
C LEU B 28 -6.05 -7.29 0.41
N ALA B 29 -5.65 -7.95 1.46
CA ALA B 29 -5.61 -9.44 1.42
C ALA B 29 -7.03 -10.00 1.35
N GLN B 30 -7.96 -9.38 2.03
CA GLN B 30 -9.36 -9.87 2.00
C GLN B 30 -10.06 -9.37 0.73
N TRP B 31 -9.83 -8.14 0.36
CA TRP B 31 -10.48 -7.60 -0.87
C TRP B 31 -10.03 -8.41 -2.09
N ALA B 32 -8.75 -8.57 -2.28
CA ALA B 32 -8.26 -9.35 -3.45
C ALA B 32 -8.90 -10.73 -3.46
N ASP B 33 -9.25 -11.25 -2.30
CA ASP B 33 -9.90 -12.59 -2.24
C ASP B 33 -11.38 -12.47 -2.58
N ARG B 34 -12.08 -11.58 -1.93
CA ARG B 34 -13.53 -11.42 -2.21
C ARG B 34 -13.73 -11.13 -3.70
N ALA B 35 -12.83 -10.42 -4.30
CA ALA B 35 -12.96 -10.11 -5.75
C ALA B 35 -12.56 -11.34 -6.57
N LEU B 36 -11.62 -12.11 -6.09
CA LEU B 36 -11.18 -13.32 -6.83
C LEU B 36 -12.33 -14.32 -6.94
N ARG B 37 -13.11 -14.47 -5.89
CA ARG B 37 -14.24 -15.42 -5.93
C ARG B 37 -15.50 -14.73 -6.44
N SER B 38 -15.41 -14.05 -7.54
CA SER B 38 -16.61 -13.34 -8.09
C SER B 38 -16.30 -12.78 -9.48
N GLY B 39 -15.38 -11.87 -9.56
CA GLY B 39 -15.03 -11.28 -10.89
C GLY B 39 -13.88 -10.29 -10.73
N HIS B 40 -12.72 -10.76 -10.38
CA HIS B 40 -11.56 -9.84 -10.20
C HIS B 40 -11.07 -9.34 -11.56
N GLN B 41 -10.26 -8.31 -11.56
CA GLN B 41 -9.74 -7.76 -12.84
C GLN B 41 -8.66 -6.72 -12.56
N ASN B 42 -9.05 -5.54 -12.16
CA ASN B 42 -8.05 -4.47 -11.88
C ASN B 42 -7.60 -4.57 -10.41
N LEU B 43 -6.99 -5.66 -10.04
CA LEU B 43 -6.54 -5.81 -8.62
C LEU B 43 -5.36 -4.89 -8.33
N LEU B 44 -4.23 -5.15 -8.93
CA LEU B 44 -3.04 -4.28 -8.69
C LEU B 44 -3.24 -2.89 -9.31
N SER B 45 -4.01 -2.81 -10.36
CA SER B 45 -4.25 -1.50 -11.02
C SER B 45 -5.12 -0.60 -10.14
N GLU B 46 -5.77 -1.15 -9.16
CA GLU B 46 -6.63 -0.31 -8.27
C GLU B 46 -5.81 0.27 -7.11
N ALA B 47 -5.04 -0.54 -6.44
CA ALA B 47 -4.22 -0.02 -5.31
C ALA B 47 -2.94 0.65 -5.83
N GLN B 48 -2.57 0.35 -7.05
CA GLN B 48 -1.33 0.97 -7.63
C GLN B 48 -1.35 2.49 -7.44
N PRO B 49 -2.40 3.13 -7.89
CA PRO B 49 -2.51 4.61 -7.77
C PRO B 49 -2.71 5.01 -6.31
N GLU B 50 -3.24 4.14 -5.50
CA GLU B 50 -3.44 4.48 -4.06
C GLU B 50 -2.10 4.72 -3.39
N LEU B 51 -1.18 3.80 -3.56
CA LEU B 51 0.17 3.98 -2.93
C LEU B 51 0.88 5.18 -3.55
N GLU B 52 0.90 5.26 -4.86
CA GLU B 52 1.57 6.39 -5.53
C GLU B 52 0.95 7.72 -5.08
N ARG B 53 -0.34 7.74 -4.90
CA ARG B 53 -1.01 9.01 -4.47
C ARG B 53 -0.61 9.35 -3.03
N THR B 54 -0.82 8.46 -2.11
CA THR B 54 -0.47 8.74 -0.69
C THR B 54 0.97 9.26 -0.59
N LEU B 55 1.90 8.58 -1.18
CA LEU B 55 3.32 9.03 -1.11
C LEU B 55 3.51 10.32 -1.92
N LEU B 56 3.00 10.36 -3.12
CA LEU B 56 3.16 11.59 -3.96
C LEU B 56 2.64 12.81 -3.19
N THR B 57 1.51 12.69 -2.57
CA THR B 57 0.96 13.84 -1.81
C THR B 57 1.83 14.15 -0.60
N THR B 58 2.27 13.14 0.10
CA THR B 58 3.15 13.38 1.29
C THR B 58 4.37 14.19 0.88
N ALA B 59 5.21 13.63 0.03
CA ALA B 59 6.42 14.38 -0.41
C ALA B 59 6.02 15.75 -0.97
N LEU B 60 4.94 15.80 -1.70
CA LEU B 60 4.51 17.12 -2.25
C LEU B 60 4.24 18.08 -1.10
N ARG B 61 3.66 17.61 -0.02
CA ARG B 61 3.39 18.52 1.12
C ARG B 61 4.67 19.27 1.50
N HIS B 62 5.78 18.59 1.51
CA HIS B 62 7.07 19.27 1.82
C HIS B 62 7.26 20.42 0.83
N THR B 63 6.72 20.27 -0.34
CA THR B 63 6.82 21.34 -1.38
C THR B 63 5.41 21.68 -1.89
N GLN B 64 4.50 21.93 -0.98
CA GLN B 64 3.09 22.24 -1.35
C GLN B 64 3.02 23.11 -2.62
N GLY B 65 2.41 22.60 -3.66
CA GLY B 65 2.29 23.39 -4.92
C GLY B 65 3.42 23.00 -5.87
N HIS B 66 4.63 22.90 -5.38
CA HIS B 66 5.76 22.53 -6.27
C HIS B 66 5.75 21.01 -6.53
N LYS B 67 4.93 20.57 -7.44
CA LYS B 67 4.87 19.11 -7.75
C LYS B 67 6.21 18.65 -8.32
N GLN B 68 6.91 19.50 -9.00
CA GLN B 68 8.23 19.11 -9.59
C GLN B 68 9.20 18.70 -8.48
N GLU B 69 9.28 19.47 -7.44
CA GLU B 69 10.21 19.13 -6.32
C GLU B 69 9.96 17.69 -5.87
N ALA B 70 8.73 17.26 -5.86
CA ALA B 70 8.43 15.86 -5.44
C ALA B 70 9.28 14.88 -6.24
N ALA B 71 9.72 15.29 -7.41
CA ALA B 71 10.56 14.38 -8.25
C ALA B 71 11.75 13.87 -7.45
N ARG B 72 12.69 14.73 -7.18
CA ARG B 72 13.89 14.30 -6.39
C ARG B 72 13.44 13.72 -5.05
N LEU B 73 12.42 14.27 -4.46
CA LEU B 73 11.94 13.75 -3.15
C LEU B 73 11.63 12.26 -3.25
N LEU B 74 11.32 11.79 -4.44
CA LEU B 74 11.01 10.34 -4.61
C LEU B 74 12.00 9.70 -5.59
N GLY B 75 13.11 10.35 -5.85
CA GLY B 75 14.10 9.77 -6.80
C GLY B 75 13.41 9.47 -8.13
N TRP B 76 12.51 10.31 -8.55
CA TRP B 76 11.79 10.08 -9.83
C TRP B 76 12.29 11.05 -10.90
N GLY B 77 11.84 12.28 -10.84
CA GLY B 77 12.26 13.28 -11.86
C GLY B 77 11.01 13.98 -12.40
N ALA B 78 11.13 14.72 -13.46
CA ALA B 78 9.94 15.41 -14.02
C ALA B 78 9.25 14.52 -15.05
N ALA B 79 10.01 13.75 -15.78
CA ALA B 79 9.39 12.85 -16.80
C ALA B 79 8.61 11.73 -16.10
N THR B 80 9.13 11.23 -15.02
CA THR B 80 8.41 10.14 -14.29
C THR B 80 7.18 10.72 -13.58
N LEU B 81 7.36 11.76 -12.82
CA LEU B 81 6.20 12.37 -12.10
C LEU B 81 5.07 12.66 -13.09
N THR B 82 5.40 12.90 -14.33
CA THR B 82 4.35 13.18 -15.34
C THR B 82 3.89 11.90 -16.01
N ALA B 83 4.81 11.10 -16.50
CA ALA B 83 4.43 9.83 -17.17
C ALA B 83 3.75 8.89 -16.16
N LYS B 84 4.22 8.88 -14.94
CA LYS B 84 3.61 7.99 -13.91
C LYS B 84 2.25 8.54 -13.47
N LEU B 85 2.01 9.79 -13.71
CA LEU B 85 0.70 10.39 -13.31
C LEU B 85 -0.43 9.83 -14.19
N LYS B 86 -0.25 9.86 -15.48
CA LYS B 86 -1.31 9.33 -16.39
C LYS B 86 -1.19 7.81 -16.51
N GLU B 87 -0.03 7.26 -16.29
CA GLU B 87 0.14 5.79 -16.39
C GLU B 87 -0.85 5.08 -15.47
N LEU B 88 -0.87 5.44 -14.21
CA LEU B 88 -1.82 4.79 -13.26
C LEU B 88 -3.26 4.99 -13.72
N GLY B 89 -3.56 6.14 -14.26
CA GLY B 89 -4.95 6.40 -14.74
C GLY B 89 -5.20 5.68 -16.05
N MET B 90 -4.16 5.32 -16.75
CA MET B 90 -4.35 4.61 -18.06
C MET B 90 -5.13 3.33 -17.84
N GLU B 91 -4.99 2.71 -16.71
CA GLU B 91 -5.73 1.44 -16.44
C GLU B 91 -5.49 0.44 -17.56
N MET A 1 -16.21 27.11 13.80
CA MET A 1 -16.22 27.79 15.13
C MET A 1 -17.34 28.84 15.17
N ASP A 2 -17.24 29.85 14.36
CA ASP A 2 -18.30 30.91 14.36
C ASP A 2 -18.51 31.44 12.94
N LEU A 3 -17.53 32.13 12.41
CA LEU A 3 -17.66 32.67 11.02
C LEU A 3 -17.64 31.54 9.99
N PRO A 4 -16.58 30.77 10.02
CA PRO A 4 -16.44 29.63 9.06
C PRO A 4 -17.38 28.50 9.46
N GLY A 5 -18.63 28.57 9.07
CA GLY A 5 -19.59 27.49 9.42
C GLY A 5 -21.01 27.92 9.02
N GLU A 6 -21.41 27.59 7.83
CA GLU A 6 -22.78 27.98 7.39
C GLU A 6 -23.60 26.72 7.05
N LEU A 7 -23.79 25.85 8.01
CA LEU A 7 -24.57 24.61 7.74
C LEU A 7 -25.87 24.62 8.56
N PHE A 8 -26.97 24.29 7.94
CA PHE A 8 -28.26 24.28 8.68
C PHE A 8 -28.95 22.91 8.50
N GLU A 9 -28.71 21.99 9.40
CA GLU A 9 -29.34 20.65 9.28
C GLU A 9 -29.05 20.05 7.89
N ALA A 10 -29.57 18.89 7.61
CA ALA A 10 -29.32 18.26 6.29
C ALA A 10 -30.62 17.67 5.73
N SER A 11 -30.54 17.01 4.60
CA SER A 11 -31.77 16.41 4.02
C SER A 11 -31.63 14.89 3.94
N THR A 12 -30.54 14.41 3.42
CA THR A 12 -30.33 12.93 3.31
C THR A 12 -28.93 12.62 2.79
N PRO A 13 -27.97 12.64 3.67
CA PRO A 13 -26.57 12.35 3.27
C PRO A 13 -26.39 10.85 3.00
N ASP A 14 -25.42 10.50 2.21
CA ASP A 14 -25.18 9.06 1.89
C ASP A 14 -24.02 8.53 2.73
N SER A 15 -23.05 9.34 3.03
CA SER A 15 -21.89 8.88 3.84
C SER A 15 -21.66 9.83 5.03
N PRO A 16 -22.09 9.40 6.19
CA PRO A 16 -21.94 10.23 7.41
C PRO A 16 -20.48 10.25 7.86
N SER A 17 -19.69 9.31 7.40
CA SER A 17 -18.25 9.29 7.81
C SER A 17 -17.36 8.96 6.61
N HIS A 18 -16.12 9.36 6.66
CA HIS A 18 -15.20 9.07 5.52
C HIS A 18 -13.74 9.14 5.99
N LEU A 19 -13.48 8.68 7.18
CA LEU A 19 -12.07 8.72 7.69
C LEU A 19 -11.79 7.48 8.57
N PRO A 20 -11.52 6.39 7.91
CA PRO A 20 -11.24 5.12 8.64
C PRO A 20 -9.84 5.18 9.29
N PRO A 21 -9.66 4.37 10.31
CA PRO A 21 -8.37 4.33 11.02
C PRO A 21 -7.30 3.63 10.17
N ASP A 22 -6.97 4.18 9.04
CA ASP A 22 -5.95 3.54 8.16
C ASP A 22 -4.55 3.82 8.71
N SER A 23 -3.95 2.83 9.33
CA SER A 23 -2.58 3.03 9.90
C SER A 23 -1.55 3.14 8.76
N TRP A 24 -1.71 2.36 7.73
CA TRP A 24 -0.74 2.39 6.60
C TRP A 24 -0.43 3.83 6.18
N ALA A 25 -1.36 4.51 5.57
CA ALA A 25 -1.10 5.91 5.13
C ALA A 25 -0.52 6.73 6.29
N THR A 26 -1.03 6.55 7.47
CA THR A 26 -0.47 7.31 8.64
C THR A 26 1.00 6.92 8.84
N LEU A 27 1.31 5.68 8.57
CA LEU A 27 2.72 5.22 8.73
C LEU A 27 3.55 5.70 7.54
N LEU A 28 2.93 5.84 6.40
CA LEU A 28 3.67 6.32 5.20
C LEU A 28 3.86 7.84 5.25
N ALA A 29 2.94 8.54 5.85
CA ALA A 29 3.08 10.02 5.95
C ALA A 29 4.16 10.37 6.98
N GLN A 30 4.18 9.68 8.08
CA GLN A 30 5.21 9.97 9.12
C GLN A 30 6.54 9.34 8.72
N TRP A 31 6.51 8.19 8.09
CA TRP A 31 7.77 7.53 7.66
C TRP A 31 8.45 8.38 6.57
N ALA A 32 7.78 8.60 5.49
CA ALA A 32 8.39 9.41 4.39
C ALA A 32 8.82 10.77 4.94
N ASP A 33 8.16 11.24 5.96
CA ASP A 33 8.53 12.57 6.55
C ASP A 33 9.80 12.41 7.40
N ARG A 34 9.87 11.37 8.19
CA ARG A 34 11.07 11.16 9.04
C ARG A 34 12.30 10.94 8.17
N ALA A 35 12.13 10.32 7.04
CA ALA A 35 13.29 10.08 6.13
C ALA A 35 13.63 11.35 5.36
N LEU A 36 12.64 12.15 5.04
CA LEU A 36 12.91 13.42 4.31
C LEU A 36 13.76 14.36 5.16
N ARG A 37 13.51 14.38 6.45
CA ARG A 37 14.30 15.26 7.34
C ARG A 37 15.80 14.99 7.18
N SER A 38 16.24 13.85 7.62
CA SER A 38 17.70 13.52 7.50
C SER A 38 18.08 13.40 6.02
N GLY A 39 17.58 12.42 5.34
CA GLY A 39 17.91 12.26 3.89
C GLY A 39 17.10 11.10 3.31
N HIS A 40 16.01 11.40 2.66
CA HIS A 40 15.18 10.32 2.06
C HIS A 40 15.90 9.69 0.86
N GLN A 41 15.46 8.54 0.43
CA GLN A 41 16.11 7.88 -0.74
C GLN A 41 15.11 6.98 -1.46
N ASN A 42 14.89 5.80 -0.96
CA ASN A 42 13.92 4.87 -1.61
C ASN A 42 12.52 5.08 -1.03
N LEU A 43 12.01 6.28 -1.12
CA LEU A 43 10.65 6.56 -0.56
C LEU A 43 9.61 5.64 -1.22
N LEU A 44 9.40 5.79 -2.50
CA LEU A 44 8.39 4.95 -3.20
C LEU A 44 9.00 3.58 -3.56
N SER A 45 10.29 3.51 -3.68
CA SER A 45 10.93 2.21 -4.05
C SER A 45 10.80 1.19 -2.91
N GLU A 46 10.40 1.62 -1.73
CA GLU A 46 10.27 0.65 -0.60
C GLU A 46 8.85 0.07 -0.56
N ALA A 47 7.85 0.90 -0.56
CA ALA A 47 6.45 0.38 -0.51
C ALA A 47 6.04 -0.18 -1.87
N GLN A 48 6.74 0.18 -2.91
CA GLN A 48 6.37 -0.34 -4.26
C GLN A 48 6.27 -1.87 -4.25
N PRO A 49 7.34 -2.52 -3.88
CA PRO A 49 7.34 -4.01 -3.84
C PRO A 49 6.43 -4.53 -2.72
N GLU A 50 6.14 -3.70 -1.75
CA GLU A 50 5.26 -4.15 -0.63
C GLU A 50 3.84 -4.39 -1.16
N LEU A 51 3.31 -3.45 -1.90
CA LEU A 51 1.92 -3.62 -2.45
C LEU A 51 1.93 -4.68 -3.55
N GLU A 52 2.99 -4.76 -4.30
CA GLU A 52 3.06 -5.77 -5.40
C GLU A 52 3.22 -7.18 -4.81
N ARG A 53 3.94 -7.31 -3.73
CA ARG A 53 4.12 -8.65 -3.12
C ARG A 53 2.79 -9.18 -2.56
N THR A 54 2.15 -8.40 -1.73
CA THR A 54 0.85 -8.86 -1.15
C THR A 54 -0.13 -9.25 -2.25
N LEU A 55 -0.33 -8.39 -3.22
CA LEU A 55 -1.28 -8.70 -4.32
C LEU A 55 -0.76 -9.87 -5.16
N LEU A 56 0.49 -9.84 -5.53
CA LEU A 56 1.05 -10.94 -6.35
C LEU A 56 0.77 -12.30 -5.70
N THR A 57 1.18 -12.47 -4.47
CA THR A 57 0.94 -13.77 -3.78
C THR A 57 -0.56 -14.07 -3.68
N THR A 58 -1.36 -13.04 -3.48
CA THR A 58 -2.83 -13.28 -3.37
C THR A 58 -3.37 -13.86 -4.69
N ALA A 59 -3.45 -13.05 -5.71
CA ALA A 59 -3.97 -13.58 -7.01
C ALA A 59 -3.21 -14.84 -7.40
N LEU A 60 -1.93 -14.89 -7.14
CA LEU A 60 -1.15 -16.11 -7.49
C LEU A 60 -1.73 -17.29 -6.72
N ARG A 61 -2.14 -17.09 -5.50
CA ARG A 61 -2.72 -18.21 -4.71
C ARG A 61 -3.80 -18.90 -5.53
N HIS A 62 -4.59 -18.12 -6.24
CA HIS A 62 -5.65 -18.72 -7.09
C HIS A 62 -4.98 -19.64 -8.12
N THR A 63 -3.79 -19.32 -8.50
CA THR A 63 -3.04 -20.15 -9.48
C THR A 63 -1.65 -20.47 -8.90
N GLN A 64 -1.62 -20.94 -7.68
CA GLN A 64 -0.31 -21.26 -7.00
C GLN A 64 0.67 -21.95 -7.97
N GLY A 65 1.83 -21.37 -8.15
CA GLY A 65 2.82 -21.98 -9.07
C GLY A 65 2.63 -21.40 -10.48
N HIS A 66 1.41 -21.32 -10.93
CA HIS A 66 1.15 -20.77 -12.29
C HIS A 66 1.29 -19.25 -12.27
N LYS A 67 2.44 -18.74 -11.94
CA LYS A 67 2.63 -17.26 -11.89
C LYS A 67 2.12 -16.63 -13.18
N GLN A 68 2.19 -17.35 -14.27
CA GLN A 68 1.70 -16.79 -15.57
C GLN A 68 0.23 -16.41 -15.45
N GLU A 69 -0.59 -17.28 -14.93
CA GLU A 69 -2.03 -16.96 -14.78
C GLU A 69 -2.19 -15.66 -13.98
N ALA A 70 -1.32 -15.44 -13.03
CA ALA A 70 -1.41 -14.19 -12.22
C ALA A 70 -1.39 -12.97 -13.14
N ALA A 71 -0.90 -13.12 -14.34
CA ALA A 71 -0.86 -11.97 -15.28
C ALA A 71 -2.28 -11.48 -15.56
N ARG A 72 -3.08 -12.26 -16.23
CA ARG A 72 -4.47 -11.83 -16.53
C ARG A 72 -5.24 -11.55 -15.23
N LEU A 73 -4.86 -12.19 -14.16
CA LEU A 73 -5.58 -11.96 -12.87
C LEU A 73 -5.45 -10.50 -12.43
N LEU A 74 -4.42 -9.82 -12.89
CA LEU A 74 -4.26 -8.39 -12.49
C LEU A 74 -4.19 -7.49 -13.73
N GLY A 75 -4.90 -7.83 -14.77
CA GLY A 75 -4.87 -6.98 -16.00
C GLY A 75 -3.42 -6.84 -16.46
N TRP A 76 -2.59 -7.80 -16.15
CA TRP A 76 -1.16 -7.73 -16.57
C TRP A 76 -0.88 -8.74 -17.68
N GLY A 77 0.37 -8.98 -17.96
CA GLY A 77 0.73 -9.96 -19.03
C GLY A 77 1.94 -10.77 -18.55
N ALA A 78 2.68 -11.35 -19.46
CA ALA A 78 3.87 -12.13 -19.04
C ALA A 78 5.10 -11.22 -18.99
N ALA A 79 5.14 -10.21 -19.82
CA ALA A 79 6.29 -9.28 -19.81
C ALA A 79 6.21 -8.37 -18.57
N THR A 80 5.04 -7.92 -18.24
CA THR A 80 4.89 -7.05 -17.04
C THR A 80 5.17 -7.85 -15.77
N LEU A 81 4.53 -8.98 -15.63
CA LEU A 81 4.76 -9.82 -14.41
C LEU A 81 6.26 -10.06 -14.23
N THR A 82 7.02 -10.04 -15.30
CA THR A 82 8.49 -10.25 -15.18
C THR A 82 9.20 -8.91 -14.97
N ALA A 83 8.83 -7.91 -15.72
CA ALA A 83 9.49 -6.58 -15.57
C ALA A 83 9.22 -6.03 -14.16
N LYS A 84 8.06 -6.29 -13.62
CA LYS A 84 7.75 -5.78 -12.25
C LYS A 84 8.68 -6.43 -11.23
N LEU A 85 9.19 -7.60 -11.53
CA LEU A 85 10.10 -8.28 -10.57
C LEU A 85 11.42 -7.51 -10.45
N LYS A 86 11.93 -7.02 -11.55
CA LYS A 86 13.21 -6.25 -11.50
C LYS A 86 12.93 -4.76 -11.28
N GLU A 87 11.86 -4.26 -11.84
CA GLU A 87 11.54 -2.81 -11.66
C GLU A 87 11.33 -2.49 -10.18
N LEU A 88 10.85 -3.44 -9.42
CA LEU A 88 10.62 -3.17 -7.97
C LEU A 88 11.96 -3.17 -7.21
N GLY A 89 12.96 -3.80 -7.75
CA GLY A 89 14.27 -3.82 -7.06
C GLY A 89 15.39 -3.48 -8.05
N MET A 90 15.08 -2.66 -9.03
CA MET A 90 16.13 -2.29 -10.03
C MET A 90 17.26 -1.52 -9.34
N GLU A 91 17.00 -0.94 -8.20
CA GLU A 91 18.06 -0.19 -7.48
C GLU A 91 18.53 -0.98 -6.25
N MET B 1 3.50 -29.41 17.63
CA MET B 1 2.63 -30.24 18.50
C MET B 1 3.45 -31.35 19.18
N ASP B 2 3.99 -32.26 18.41
CA ASP B 2 4.82 -33.35 19.01
C ASP B 2 5.96 -33.72 18.07
N LEU B 3 5.67 -34.27 16.93
CA LEU B 3 6.75 -34.65 15.97
C LEU B 3 7.38 -33.39 15.36
N PRO B 4 6.56 -32.58 14.74
CA PRO B 4 7.07 -31.33 14.11
C PRO B 4 7.41 -30.29 15.18
N GLY B 5 8.58 -30.39 15.76
CA GLY B 5 8.98 -29.42 16.81
C GLY B 5 10.30 -29.85 17.45
N GLU B 6 11.40 -29.41 16.93
CA GLU B 6 12.72 -29.80 17.50
C GLU B 6 13.48 -28.56 17.99
N LEU B 7 12.91 -27.83 18.90
CA LEU B 7 13.59 -26.62 19.42
C LEU B 7 13.96 -26.78 20.90
N PHE B 8 15.16 -26.44 21.26
CA PHE B 8 15.59 -26.57 22.68
C PHE B 8 16.13 -25.24 23.19
N GLU B 9 15.30 -24.43 23.78
CA GLU B 9 15.77 -23.11 24.30
C GLU B 9 16.49 -22.34 23.19
N ALA B 10 16.99 -21.17 23.50
CA ALA B 10 17.70 -20.37 22.46
C ALA B 10 18.99 -19.79 23.04
N SER B 11 19.68 -18.99 22.27
CA SER B 11 20.95 -18.38 22.77
C SER B 11 20.83 -16.85 22.80
N THR B 12 20.37 -16.26 21.73
CA THR B 12 20.22 -14.77 21.70
C THR B 12 19.57 -14.33 20.40
N PRO B 13 18.26 -14.40 20.36
CA PRO B 13 17.50 -14.00 19.15
C PRO B 13 17.49 -12.47 19.01
N ASP B 14 17.32 -11.98 17.82
CA ASP B 14 17.30 -10.50 17.63
C ASP B 14 15.85 -10.01 17.48
N SER B 15 14.99 -10.82 16.92
CA SER B 15 13.58 -10.40 16.76
C SER B 15 12.64 -11.47 17.33
N PRO B 16 12.12 -11.22 18.50
CA PRO B 16 11.21 -12.18 19.15
C PRO B 16 9.84 -12.19 18.46
N SER B 17 9.54 -11.16 17.71
CA SER B 17 8.23 -11.11 17.01
C SER B 17 8.39 -10.59 15.58
N HIS B 18 7.49 -10.92 14.71
CA HIS B 18 7.60 -10.45 13.30
C HIS B 18 6.23 -10.51 12.62
N LEU B 19 5.19 -10.19 13.34
CA LEU B 19 3.82 -10.22 12.74
C LEU B 19 2.96 -9.09 13.32
N PRO B 20 3.16 -7.90 12.80
CA PRO B 20 2.38 -6.73 13.28
C PRO B 20 0.94 -6.79 12.77
N PRO B 21 0.06 -6.11 13.47
CA PRO B 21 -1.37 -6.10 13.08
C PRO B 21 -1.58 -5.23 11.83
N ASP B 22 -1.01 -5.63 10.73
CA ASP B 22 -1.18 -4.83 9.48
C ASP B 22 -2.55 -5.09 8.86
N SER B 23 -3.47 -4.18 9.02
CA SER B 23 -4.83 -4.38 8.44
C SER B 23 -4.79 -4.28 6.92
N TRP B 24 -3.99 -3.38 6.38
CA TRP B 24 -3.91 -3.22 4.91
C TRP B 24 -3.77 -4.59 4.21
N ALA B 25 -2.63 -5.23 4.34
CA ALA B 25 -2.45 -6.56 3.68
C ALA B 25 -3.63 -7.47 3.99
N THR B 26 -4.10 -7.48 5.20
CA THR B 26 -5.26 -8.35 5.55
C THR B 26 -6.47 -7.90 4.73
N LEU B 27 -6.58 -6.63 4.48
CA LEU B 27 -7.73 -6.11 3.68
C LEU B 27 -7.48 -6.41 2.20
N LEU B 28 -6.25 -6.45 1.79
CA LEU B 28 -5.92 -6.73 0.37
C LEU B 28 -6.03 -8.22 0.08
N ALA B 29 -5.75 -9.05 1.06
CA ALA B 29 -5.83 -10.51 0.85
C ALA B 29 -7.30 -10.93 0.79
N GLN B 30 -8.12 -10.39 1.65
CA GLN B 30 -9.56 -10.75 1.65
C GLN B 30 -10.28 -10.00 0.51
N TRP B 31 -9.87 -8.80 0.23
CA TRP B 31 -10.53 -8.02 -0.86
C TRP B 31 -10.22 -8.69 -2.21
N ALA B 32 -8.97 -8.81 -2.55
CA ALA B 32 -8.60 -9.45 -3.84
C ALA B 32 -9.23 -10.84 -3.92
N ASP B 33 -9.44 -11.47 -2.80
CA ASP B 33 -10.05 -12.84 -2.81
C ASP B 33 -11.56 -12.72 -3.05
N ARG B 34 -12.20 -11.78 -2.41
CA ARG B 34 -13.66 -11.62 -2.61
C ARG B 34 -13.97 -11.23 -4.06
N ALA B 35 -13.08 -10.48 -4.67
CA ALA B 35 -13.30 -10.07 -6.08
C ALA B 35 -12.96 -11.23 -7.03
N LEU B 36 -11.99 -12.02 -6.66
CA LEU B 36 -11.60 -13.17 -7.54
C LEU B 36 -12.77 -14.17 -7.63
N ARG B 37 -13.48 -14.36 -6.55
CA ARG B 37 -14.62 -15.32 -6.58
C ARG B 37 -15.60 -14.94 -7.69
N SER B 38 -16.29 -13.85 -7.53
CA SER B 38 -17.26 -13.44 -8.58
C SER B 38 -16.52 -13.11 -9.89
N GLY B 39 -15.74 -12.08 -9.90
CA GLY B 39 -14.99 -11.72 -11.14
C GLY B 39 -14.06 -10.54 -10.85
N HIS B 40 -12.81 -10.81 -10.60
CA HIS B 40 -11.85 -9.71 -10.32
C HIS B 40 -11.57 -8.90 -11.59
N GLN B 41 -11.01 -7.74 -11.45
CA GLN B 41 -10.70 -6.90 -12.64
C GLN B 41 -9.53 -5.97 -12.35
N ASN B 42 -9.78 -4.87 -11.70
CA ASN B 42 -8.68 -3.92 -11.37
C ASN B 42 -8.06 -4.27 -10.03
N LEU B 43 -7.58 -5.48 -9.87
CA LEU B 43 -6.96 -5.88 -8.58
C LEU B 43 -5.80 -4.95 -8.21
N LEU B 44 -4.76 -4.95 -9.00
CA LEU B 44 -3.60 -4.07 -8.70
C LEU B 44 -3.83 -2.65 -9.20
N SER B 45 -4.71 -2.50 -10.17
CA SER B 45 -4.97 -1.13 -10.71
C SER B 45 -5.71 -0.26 -9.68
N GLU B 46 -6.21 -0.86 -8.63
CA GLU B 46 -6.95 -0.06 -7.60
C GLU B 46 -5.99 0.45 -6.52
N ALA B 47 -5.23 -0.43 -5.94
CA ALA B 47 -4.28 0.01 -4.87
C ALA B 47 -3.06 0.72 -5.48
N GLN B 48 -2.84 0.53 -6.75
CA GLN B 48 -1.67 1.19 -7.40
C GLN B 48 -1.66 2.70 -7.12
N PRO B 49 -2.73 3.36 -7.52
CA PRO B 49 -2.83 4.82 -7.31
C PRO B 49 -2.98 5.15 -5.81
N GLU B 50 -3.40 4.19 -5.03
CA GLU B 50 -3.56 4.45 -3.57
C GLU B 50 -2.18 4.68 -2.93
N LEU B 51 -1.25 3.82 -3.21
CA LEU B 51 0.13 3.99 -2.63
C LEU B 51 0.83 5.18 -3.28
N GLU B 52 0.58 5.40 -4.54
CA GLU B 52 1.23 6.54 -5.24
C GLU B 52 0.65 7.87 -4.75
N ARG B 53 -0.62 7.90 -4.46
CA ARG B 53 -1.25 9.17 -3.99
C ARG B 53 -0.71 9.56 -2.61
N THR B 54 -0.77 8.65 -1.67
CA THR B 54 -0.27 8.96 -0.30
C THR B 54 1.19 9.43 -0.36
N LEU B 55 2.04 8.69 -1.02
CA LEU B 55 3.47 9.09 -1.10
C LEU B 55 3.63 10.38 -1.92
N LEU B 56 2.97 10.45 -3.05
CA LEU B 56 3.08 11.69 -3.89
C LEU B 56 2.77 12.93 -3.05
N THR B 57 1.61 12.98 -2.44
CA THR B 57 1.24 14.17 -1.63
C THR B 57 2.25 14.37 -0.48
N THR B 58 2.74 13.30 0.08
CA THR B 58 3.70 13.43 1.20
C THR B 58 4.97 14.13 0.73
N ALA B 59 5.78 13.47 -0.05
CA ALA B 59 7.03 14.12 -0.55
C ALA B 59 6.69 15.47 -1.20
N LEU B 60 5.59 15.54 -1.90
CA LEU B 60 5.21 16.83 -2.53
C LEU B 60 5.03 17.88 -1.44
N ARG B 61 4.49 17.51 -0.31
CA ARG B 61 4.31 18.50 0.80
C ARG B 61 5.63 19.22 1.05
N HIS B 62 6.72 18.51 1.00
CA HIS B 62 8.05 19.14 1.20
C HIS B 62 8.22 20.23 0.13
N THR B 63 7.65 20.00 -1.02
CA THR B 63 7.74 20.99 -2.13
C THR B 63 6.32 21.30 -2.63
N GLN B 64 5.43 21.62 -1.73
CA GLN B 64 4.01 21.92 -2.12
C GLN B 64 3.94 22.76 -3.39
N GLY B 65 3.26 22.28 -4.39
CA GLY B 65 3.15 23.05 -5.67
C GLY B 65 4.28 22.64 -6.60
N HIS B 66 5.48 22.56 -6.09
CA HIS B 66 6.63 22.16 -6.95
C HIS B 66 6.60 20.66 -7.22
N LYS B 67 5.55 20.18 -7.84
CA LYS B 67 5.46 18.71 -8.12
C LYS B 67 6.76 18.22 -8.77
N GLN B 68 7.42 19.07 -9.52
CA GLN B 68 8.70 18.67 -10.16
C GLN B 68 9.69 18.19 -9.10
N GLU B 69 9.89 18.96 -8.07
CA GLU B 69 10.83 18.54 -6.99
C GLU B 69 10.46 17.15 -6.48
N ALA B 70 9.19 16.86 -6.44
CA ALA B 70 8.76 15.51 -5.95
C ALA B 70 9.45 14.42 -6.77
N ALA B 71 9.91 14.75 -7.95
CA ALA B 71 10.59 13.71 -8.79
C ALA B 71 11.83 13.19 -8.07
N ARG B 72 12.82 14.01 -7.89
CA ARG B 72 14.06 13.55 -7.19
C ARG B 72 13.74 13.08 -5.78
N LEU B 73 12.69 13.59 -5.20
CA LEU B 73 12.32 13.16 -3.81
C LEU B 73 11.99 11.68 -3.78
N LEU B 74 11.61 11.10 -4.89
CA LEU B 74 11.28 9.65 -4.90
C LEU B 74 12.13 8.91 -5.94
N GLY B 75 13.34 9.34 -6.14
CA GLY B 75 14.22 8.67 -7.14
C GLY B 75 13.51 8.65 -8.50
N TRP B 76 12.64 9.61 -8.73
CA TRP B 76 11.91 9.66 -10.02
C TRP B 76 12.42 10.82 -10.89
N GLY B 77 11.71 11.15 -11.93
CA GLY B 77 12.13 12.28 -12.80
C GLY B 77 10.89 13.07 -13.20
N ALA B 78 10.95 13.80 -14.28
CA ALA B 78 9.76 14.59 -14.72
C ALA B 78 8.88 13.74 -15.64
N ALA B 79 9.49 12.85 -16.38
CA ALA B 79 8.69 11.98 -17.29
C ALA B 79 7.93 10.93 -16.47
N THR B 80 8.57 10.37 -15.48
CA THR B 80 7.90 9.36 -14.63
C THR B 80 6.78 10.01 -13.82
N LEU B 81 7.08 11.07 -13.13
CA LEU B 81 6.04 11.77 -12.33
C LEU B 81 4.82 12.06 -13.20
N THR B 82 5.01 12.20 -14.48
CA THR B 82 3.86 12.47 -15.39
C THR B 82 3.27 11.16 -15.90
N ALA B 83 4.10 10.24 -16.30
CA ALA B 83 3.59 8.94 -16.81
C ALA B 83 2.83 8.20 -15.71
N LYS B 84 3.29 8.33 -14.48
CA LYS B 84 2.59 7.65 -13.36
C LYS B 84 1.18 8.21 -13.20
N LEU B 85 0.97 9.43 -13.61
CA LEU B 85 -0.39 10.04 -13.48
C LEU B 85 -1.38 9.32 -14.40
N LYS B 86 -0.97 9.00 -15.59
CA LYS B 86 -1.89 8.30 -16.53
C LYS B 86 -1.76 6.78 -16.37
N GLU B 87 -0.57 6.30 -16.10
CA GLU B 87 -0.40 4.83 -15.93
C GLU B 87 -1.25 4.31 -14.77
N LEU B 88 -1.48 5.13 -13.78
CA LEU B 88 -2.30 4.68 -12.62
C LEU B 88 -3.78 4.65 -13.00
N GLY B 89 -4.17 5.38 -14.00
CA GLY B 89 -5.60 5.39 -14.41
C GLY B 89 -5.70 5.23 -15.93
N MET B 90 -4.76 4.53 -16.53
CA MET B 90 -4.80 4.33 -18.00
C MET B 90 -6.06 3.55 -18.39
N GLU B 91 -6.63 2.82 -17.47
CA GLU B 91 -7.86 2.04 -17.80
C GLU B 91 -9.09 2.68 -17.15
N MET A 1 -39.32 0.45 13.30
CA MET A 1 -39.09 -0.10 14.67
C MET A 1 -37.62 -0.55 14.82
N ASP A 2 -37.24 -1.61 14.16
CA ASP A 2 -35.84 -2.08 14.27
C ASP A 2 -34.87 -0.97 13.92
N LEU A 3 -33.70 -0.97 14.50
CA LEU A 3 -32.70 0.10 14.19
C LEU A 3 -31.37 -0.53 13.76
N PRO A 4 -31.19 -0.68 12.48
CA PRO A 4 -29.95 -1.28 11.95
C PRO A 4 -28.78 -0.29 12.10
N GLY A 5 -27.67 -0.58 11.47
CA GLY A 5 -26.49 0.34 11.56
C GLY A 5 -25.21 -0.44 11.28
N GLU A 6 -24.09 0.22 11.30
CA GLU A 6 -22.80 -0.48 11.03
C GLU A 6 -21.84 -0.30 12.20
N LEU A 7 -21.81 0.87 12.77
CA LEU A 7 -20.89 1.12 13.92
C LEU A 7 -21.63 1.83 15.06
N PHE A 8 -22.66 1.22 15.58
CA PHE A 8 -23.42 1.86 16.70
C PHE A 8 -23.54 0.90 17.88
N GLU A 9 -23.88 -0.33 17.62
CA GLU A 9 -24.00 -1.32 18.74
C GLU A 9 -22.92 -2.39 18.62
N ALA A 10 -22.80 -3.24 19.59
CA ALA A 10 -21.75 -4.31 19.53
C ALA A 10 -22.27 -5.60 20.17
N SER A 11 -22.06 -6.72 19.53
CA SER A 11 -22.54 -8.01 20.10
C SER A 11 -21.34 -8.88 20.50
N THR A 12 -20.25 -8.77 19.79
CA THR A 12 -19.05 -9.60 20.13
C THR A 12 -17.78 -8.77 19.91
N PRO A 13 -17.24 -8.25 20.99
CA PRO A 13 -16.01 -7.44 20.90
C PRO A 13 -14.80 -8.34 20.63
N ASP A 14 -13.64 -7.75 20.44
CA ASP A 14 -12.43 -8.58 20.17
C ASP A 14 -11.64 -8.82 21.46
N SER A 15 -11.03 -9.96 21.58
CA SER A 15 -10.25 -10.27 22.82
C SER A 15 -9.11 -9.25 22.99
N PRO A 16 -8.55 -9.22 24.17
CA PRO A 16 -7.43 -8.28 24.46
C PRO A 16 -6.14 -8.75 23.76
N SER A 17 -5.44 -7.86 23.12
CA SER A 17 -4.18 -8.27 22.43
C SER A 17 -4.44 -9.46 21.50
N HIS A 18 -4.85 -9.18 20.29
CA HIS A 18 -5.12 -10.29 19.33
C HIS A 18 -4.41 -10.03 18.00
N LEU A 19 -4.67 -8.92 17.38
CA LEU A 19 -4.02 -8.60 16.08
C LEU A 19 -3.34 -7.23 16.14
N PRO A 20 -2.20 -7.12 15.52
CA PRO A 20 -1.46 -5.84 15.50
C PRO A 20 -2.15 -4.83 14.58
N PRO A 21 -2.10 -3.58 14.95
CA PRO A 21 -2.74 -2.52 14.14
C PRO A 21 -1.93 -2.26 12.86
N ASP A 22 -2.26 -2.94 11.80
CA ASP A 22 -1.50 -2.74 10.52
C ASP A 22 -1.78 -1.35 9.95
N SER A 23 -1.27 -0.33 10.57
CA SER A 23 -1.51 1.06 10.07
C SER A 23 -0.51 1.38 8.95
N TRP A 24 -0.50 0.59 7.90
CA TRP A 24 0.45 0.83 6.77
C TRP A 24 0.46 2.31 6.37
N ALA A 25 -0.62 2.82 5.85
CA ALA A 25 -0.65 4.25 5.44
C ALA A 25 -0.12 5.14 6.57
N THR A 26 -0.60 4.95 7.76
CA THR A 26 -0.10 5.79 8.89
C THR A 26 1.42 5.62 9.01
N LEU A 27 1.91 4.44 8.77
CA LEU A 27 3.38 4.20 8.85
C LEU A 27 4.06 4.79 7.63
N LEU A 28 3.34 4.97 6.55
CA LEU A 28 3.95 5.54 5.31
C LEU A 28 3.92 7.06 5.37
N ALA A 29 2.92 7.64 5.97
CA ALA A 29 2.84 9.12 6.05
C ALA A 29 3.89 9.63 7.04
N GLN A 30 4.07 8.94 8.13
CA GLN A 30 5.08 9.38 9.14
C GLN A 30 6.49 8.96 8.69
N TRP A 31 6.60 7.82 8.07
CA TRP A 31 7.94 7.35 7.61
C TRP A 31 8.47 8.30 6.51
N ALA A 32 7.73 8.47 5.46
CA ALA A 32 8.18 9.38 4.37
C ALA A 32 8.51 10.76 4.94
N ASP A 33 7.91 11.11 6.05
CA ASP A 33 8.19 12.44 6.65
C ASP A 33 9.49 12.38 7.45
N ARG A 34 9.66 11.39 8.27
CA ARG A 34 10.92 11.28 9.07
C ARG A 34 12.12 11.24 8.13
N ALA A 35 11.99 10.58 7.00
CA ALA A 35 13.11 10.51 6.04
C ALA A 35 13.32 11.88 5.38
N LEU A 36 12.25 12.54 5.02
CA LEU A 36 12.38 13.88 4.38
C LEU A 36 13.03 14.86 5.36
N ARG A 37 12.98 14.58 6.63
CA ARG A 37 13.59 15.50 7.63
C ARG A 37 15.06 15.15 7.85
N SER A 38 15.46 13.96 7.50
CA SER A 38 16.89 13.57 7.70
C SER A 38 17.42 12.81 6.48
N GLY A 39 17.63 13.49 5.39
CA GLY A 39 18.14 12.81 4.16
C GLY A 39 17.26 11.60 3.83
N HIS A 40 16.24 11.79 3.05
CA HIS A 40 15.34 10.65 2.69
C HIS A 40 16.03 9.72 1.69
N GLN A 41 15.31 8.79 1.14
CA GLN A 41 15.92 7.85 0.16
C GLN A 41 14.83 7.24 -0.72
N ASN A 42 15.04 6.04 -1.20
CA ASN A 42 14.01 5.39 -2.05
C ASN A 42 12.68 5.30 -1.29
N LEU A 43 11.85 6.30 -1.40
CA LEU A 43 10.55 6.27 -0.67
C LEU A 43 9.53 5.42 -1.45
N LEU A 44 8.93 5.98 -2.46
CA LEU A 44 7.93 5.21 -3.25
C LEU A 44 8.55 3.91 -3.79
N SER A 45 9.83 3.91 -4.01
CA SER A 45 10.49 2.68 -4.55
C SER A 45 10.50 1.58 -3.49
N GLU A 46 10.39 1.94 -2.23
CA GLU A 46 10.40 0.90 -1.16
C GLU A 46 9.02 0.29 -0.99
N ALA A 47 8.00 1.11 -0.85
CA ALA A 47 6.62 0.56 -0.67
C ALA A 47 6.06 0.10 -2.03
N GLN A 48 6.69 0.46 -3.11
CA GLN A 48 6.19 0.04 -4.45
C GLN A 48 6.07 -1.49 -4.52
N PRO A 49 7.17 -2.18 -4.29
CA PRO A 49 7.16 -3.66 -4.35
C PRO A 49 6.34 -4.24 -3.20
N GLU A 50 6.20 -3.52 -2.13
CA GLU A 50 5.40 -4.03 -0.97
C GLU A 50 3.94 -4.20 -1.40
N LEU A 51 3.45 -3.30 -2.22
CA LEU A 51 2.04 -3.41 -2.69
C LEU A 51 1.94 -4.49 -3.77
N GLU A 52 2.91 -4.54 -4.65
CA GLU A 52 2.87 -5.56 -5.74
C GLU A 52 3.12 -6.96 -5.16
N ARG A 53 3.72 -7.03 -4.00
CA ARG A 53 3.99 -8.37 -3.39
C ARG A 53 2.75 -8.88 -2.65
N THR A 54 2.20 -8.09 -1.76
CA THR A 54 0.99 -8.53 -1.02
C THR A 54 -0.09 -9.00 -1.99
N LEU A 55 -0.13 -8.44 -3.17
CA LEU A 55 -1.16 -8.85 -4.15
C LEU A 55 -0.67 -10.05 -4.98
N LEU A 56 0.53 -9.97 -5.50
CA LEU A 56 1.07 -11.10 -6.30
C LEU A 56 0.97 -12.40 -5.50
N THR A 57 1.33 -12.37 -4.25
CA THR A 57 1.25 -13.61 -3.42
C THR A 57 -0.20 -14.01 -3.21
N THR A 58 -1.07 -13.06 -3.00
CA THR A 58 -2.51 -13.40 -2.80
C THR A 58 -3.08 -14.02 -4.07
N ALA A 59 -3.16 -13.28 -5.14
CA ALA A 59 -3.70 -13.84 -6.41
C ALA A 59 -2.94 -15.12 -6.76
N LEU A 60 -1.66 -15.15 -6.55
CA LEU A 60 -0.88 -16.38 -6.88
C LEU A 60 -1.43 -17.54 -6.04
N ARG A 61 -1.79 -17.29 -4.82
CA ARG A 61 -2.35 -18.39 -3.97
C ARG A 61 -3.48 -19.10 -4.73
N HIS A 62 -4.29 -18.35 -5.42
CA HIS A 62 -5.39 -18.97 -6.22
C HIS A 62 -4.75 -19.89 -7.26
N THR A 63 -3.57 -19.56 -7.70
CA THR A 63 -2.86 -20.40 -8.71
C THR A 63 -1.46 -20.71 -8.20
N GLN A 64 -1.36 -21.16 -6.97
CA GLN A 64 -0.03 -21.48 -6.36
C GLN A 64 0.91 -22.16 -7.36
N GLY A 65 2.07 -21.59 -7.56
CA GLY A 65 3.04 -22.19 -8.52
C GLY A 65 2.86 -21.57 -9.90
N HIS A 66 1.65 -21.49 -10.37
CA HIS A 66 1.42 -20.89 -11.72
C HIS A 66 1.52 -19.36 -11.65
N LYS A 67 2.70 -18.85 -11.41
CA LYS A 67 2.87 -17.37 -11.34
C LYS A 67 2.29 -16.71 -12.59
N GLN A 68 2.21 -17.44 -13.67
CA GLN A 68 1.66 -16.86 -14.93
C GLN A 68 0.15 -16.63 -14.79
N GLU A 69 -0.55 -17.57 -14.23
CA GLU A 69 -2.04 -17.40 -14.06
C GLU A 69 -2.33 -16.06 -13.39
N ALA A 70 -1.52 -15.65 -12.46
CA ALA A 70 -1.76 -14.34 -11.78
C ALA A 70 -1.83 -13.21 -12.82
N ALA A 71 -1.28 -13.43 -13.98
CA ALA A 71 -1.31 -12.38 -15.03
C ALA A 71 -2.75 -11.95 -15.30
N ARG A 72 -3.56 -12.84 -15.79
CA ARG A 72 -4.99 -12.49 -16.08
C ARG A 72 -5.70 -12.09 -14.79
N LEU A 73 -5.42 -12.78 -13.72
CA LEU A 73 -6.08 -12.44 -12.42
C LEU A 73 -5.87 -10.97 -12.08
N LEU A 74 -4.73 -10.43 -12.39
CA LEU A 74 -4.47 -9.00 -12.08
C LEU A 74 -4.55 -8.15 -13.35
N GLY A 75 -5.09 -8.69 -14.42
CA GLY A 75 -5.20 -7.90 -15.67
C GLY A 75 -3.82 -7.35 -16.06
N TRP A 76 -2.83 -8.19 -16.03
CA TRP A 76 -1.45 -7.74 -16.38
C TRP A 76 -0.96 -8.43 -17.66
N GLY A 77 -0.58 -9.67 -17.55
CA GLY A 77 -0.08 -10.41 -18.74
C GLY A 77 1.21 -11.16 -18.36
N ALA A 78 1.88 -11.73 -19.32
CA ALA A 78 3.14 -12.46 -18.99
C ALA A 78 4.33 -11.51 -19.07
N ALA A 79 4.22 -10.47 -19.86
CA ALA A 79 5.35 -9.50 -19.96
C ALA A 79 5.37 -8.60 -18.71
N THR A 80 4.24 -8.19 -18.24
CA THR A 80 4.19 -7.33 -17.03
C THR A 80 4.59 -8.14 -15.79
N LEU A 81 3.97 -9.27 -15.60
CA LEU A 81 4.30 -10.12 -14.42
C LEU A 81 5.81 -10.37 -14.38
N THR A 82 6.44 -10.44 -15.52
CA THR A 82 7.91 -10.68 -15.56
C THR A 82 8.66 -9.35 -15.54
N ALA A 83 8.27 -8.44 -16.40
CA ALA A 83 8.96 -7.11 -16.43
C ALA A 83 8.76 -6.39 -15.09
N LYS A 84 7.59 -6.49 -14.53
CA LYS A 84 7.33 -5.81 -13.23
C LYS A 84 8.20 -6.43 -12.13
N LEU A 85 8.58 -7.67 -12.29
CA LEU A 85 9.43 -8.33 -11.25
C LEU A 85 10.75 -7.57 -11.10
N LYS A 86 11.36 -7.18 -12.19
CA LYS A 86 12.64 -6.44 -12.10
C LYS A 86 12.39 -4.93 -12.02
N GLU A 87 11.29 -4.47 -12.57
CA GLU A 87 10.98 -3.02 -12.54
C GLU A 87 10.98 -2.51 -11.09
N LEU A 88 10.48 -3.30 -10.18
CA LEU A 88 10.44 -2.87 -8.76
C LEU A 88 11.87 -2.77 -8.19
N GLY A 89 12.81 -3.42 -8.82
CA GLY A 89 14.21 -3.37 -8.31
C GLY A 89 15.00 -2.31 -9.09
N MET A 90 14.69 -2.13 -10.34
CA MET A 90 15.44 -1.12 -11.15
C MET A 90 14.82 0.27 -10.97
N GLU A 91 13.52 0.36 -11.14
CA GLU A 91 12.86 1.69 -10.98
C GLU A 91 11.93 1.67 -9.76
N MET B 1 19.17 -4.10 36.59
CA MET B 1 18.03 -3.70 37.47
C MET B 1 16.85 -3.21 36.62
N ASP B 2 16.98 -2.06 36.03
CA ASP B 2 15.86 -1.53 35.19
C ASP B 2 15.47 -2.55 34.12
N LEU B 3 14.22 -2.55 33.73
CA LEU B 3 13.78 -3.53 32.69
C LEU B 3 13.07 -2.78 31.55
N PRO B 4 13.83 -2.47 30.53
CA PRO B 4 13.26 -1.75 29.36
C PRO B 4 12.37 -2.68 28.54
N GLY B 5 11.99 -2.25 27.36
CA GLY B 5 11.12 -3.12 26.51
C GLY B 5 10.35 -2.24 25.52
N GLU B 6 9.57 -2.84 24.66
CA GLU B 6 8.79 -2.04 23.67
C GLU B 6 7.29 -2.33 23.81
N LEU B 7 6.93 -3.56 24.07
CA LEU B 7 5.49 -3.90 24.21
C LEU B 7 5.28 -4.79 25.44
N PHE B 8 5.62 -4.30 26.60
CA PHE B 8 5.43 -5.11 27.84
C PHE B 8 4.65 -4.31 28.88
N GLU B 9 5.01 -3.08 29.08
CA GLU B 9 4.29 -2.25 30.09
C GLU B 9 3.53 -1.11 29.39
N ALA B 10 2.73 -0.38 30.11
CA ALA B 10 1.97 0.73 29.47
C ALA B 10 1.83 1.91 30.45
N SER B 11 2.06 3.10 29.99
CA SER B 11 1.94 4.29 30.88
C SER B 11 0.77 5.16 30.46
N THR B 12 0.48 5.19 29.18
CA THR B 12 -0.66 6.04 28.70
C THR B 12 -1.39 5.31 27.56
N PRO B 13 -2.50 4.69 27.89
CA PRO B 13 -3.29 3.96 26.87
C PRO B 13 -4.02 4.94 25.95
N ASP B 14 -4.68 4.44 24.94
CA ASP B 14 -5.41 5.35 24.02
C ASP B 14 -6.88 5.48 24.43
N SER B 15 -7.47 6.62 24.23
CA SER B 15 -8.90 6.80 24.61
C SER B 15 -9.79 5.84 23.81
N PRO B 16 -11.01 5.68 24.26
CA PRO B 16 -11.96 4.78 23.57
C PRO B 16 -12.43 5.40 22.25
N SER B 17 -12.46 4.64 21.19
CA SER B 17 -12.91 5.19 19.89
C SER B 17 -12.13 6.46 19.55
N HIS B 18 -10.99 6.33 18.93
CA HIS B 18 -10.19 7.53 18.58
C HIS B 18 -9.76 7.48 17.11
N LEU B 19 -9.09 6.43 16.72
CA LEU B 19 -8.66 6.32 15.29
C LEU B 19 -9.11 4.98 14.70
N PRO B 20 -9.50 5.01 13.44
CA PRO B 20 -9.96 3.78 12.77
C PRO B 20 -8.77 2.86 12.46
N PRO B 21 -9.00 1.58 12.54
CA PRO B 21 -7.92 0.59 12.27
C PRO B 21 -7.61 0.54 10.77
N ASP B 22 -6.67 1.33 10.32
CA ASP B 22 -6.32 1.33 8.87
C ASP B 22 -5.66 0.01 8.48
N SER B 23 -6.41 -1.05 8.44
CA SER B 23 -5.82 -2.38 8.07
C SER B 23 -5.75 -2.51 6.55
N TRP B 24 -5.08 -1.59 5.90
CA TRP B 24 -4.96 -1.64 4.41
C TRP B 24 -4.62 -3.06 3.93
N ALA B 25 -3.46 -3.55 4.24
CA ALA B 25 -3.08 -4.93 3.78
C ALA B 25 -4.20 -5.92 4.11
N THR B 26 -4.69 -5.91 5.32
CA THR B 26 -5.78 -6.85 5.67
C THR B 26 -6.97 -6.63 4.72
N LEU B 27 -7.22 -5.40 4.37
CA LEU B 27 -8.34 -5.10 3.44
C LEU B 27 -7.96 -5.49 2.01
N LEU B 28 -6.69 -5.58 1.74
CA LEU B 28 -6.24 -5.95 0.36
C LEU B 28 -6.19 -7.48 0.22
N ALA B 29 -5.84 -8.17 1.28
CA ALA B 29 -5.77 -9.65 1.21
C ALA B 29 -7.19 -10.22 1.12
N GLN B 30 -8.11 -9.67 1.86
CA GLN B 30 -9.51 -10.17 1.82
C GLN B 30 -10.23 -9.63 0.58
N TRP B 31 -9.95 -8.41 0.20
CA TRP B 31 -10.61 -7.83 -1.00
C TRP B 31 -10.19 -8.60 -2.25
N ALA B 32 -8.91 -8.68 -2.51
CA ALA B 32 -8.44 -9.43 -3.72
C ALA B 32 -9.01 -10.85 -3.70
N ASP B 33 -9.32 -11.37 -2.55
CA ASP B 33 -9.88 -12.75 -2.47
C ASP B 33 -11.37 -12.72 -2.81
N ARG B 34 -12.11 -11.83 -2.21
CA ARG B 34 -13.57 -11.75 -2.50
C ARG B 34 -13.80 -11.54 -4.00
N ALA B 35 -12.95 -10.76 -4.62
CA ALA B 35 -13.09 -10.50 -6.07
C ALA B 35 -12.72 -11.76 -6.87
N LEU B 36 -11.67 -12.43 -6.46
CA LEU B 36 -11.26 -13.67 -7.18
C LEU B 36 -12.35 -14.74 -7.05
N ARG B 37 -13.21 -14.61 -6.08
CA ARG B 37 -14.29 -15.61 -5.89
C ARG B 37 -15.52 -15.23 -6.72
N SER B 38 -15.63 -13.98 -7.10
CA SER B 38 -16.82 -13.55 -7.89
C SER B 38 -16.39 -12.62 -9.03
N GLY B 39 -15.74 -13.15 -10.04
CA GLY B 39 -15.30 -12.30 -11.17
C GLY B 39 -14.51 -11.09 -10.66
N HIS B 40 -13.21 -11.25 -10.53
CA HIS B 40 -12.38 -10.12 -10.02
C HIS B 40 -12.23 -9.04 -11.10
N GLN B 41 -11.38 -8.07 -10.87
CA GLN B 41 -11.19 -7.00 -11.88
C GLN B 41 -9.83 -6.33 -11.67
N ASN B 42 -9.71 -5.07 -12.00
CA ASN B 42 -8.41 -4.38 -11.81
C ASN B 42 -7.98 -4.44 -10.35
N LEU B 43 -7.26 -5.47 -9.97
CA LEU B 43 -6.82 -5.60 -8.56
C LEU B 43 -5.59 -4.72 -8.30
N LEU B 44 -4.44 -5.17 -8.68
CA LEU B 44 -3.20 -4.36 -8.45
C LEU B 44 -3.34 -2.98 -9.09
N SER B 45 -4.11 -2.88 -10.14
CA SER B 45 -4.29 -1.56 -10.83
C SER B 45 -5.09 -0.60 -9.94
N GLU B 46 -5.85 -1.12 -9.01
CA GLU B 46 -6.65 -0.22 -8.12
C GLU B 46 -5.80 0.29 -6.97
N ALA B 47 -5.14 -0.59 -6.27
CA ALA B 47 -4.28 -0.14 -5.13
C ALA B 47 -2.97 0.46 -5.64
N GLN B 48 -2.65 0.26 -6.90
CA GLN B 48 -1.38 0.83 -7.45
C GLN B 48 -1.32 2.35 -7.23
N PRO B 49 -2.31 3.04 -7.74
CA PRO B 49 -2.34 4.53 -7.60
C PRO B 49 -2.58 4.91 -6.13
N GLU B 50 -3.18 4.06 -5.37
CA GLU B 50 -3.43 4.39 -3.93
C GLU B 50 -2.08 4.53 -3.20
N LEU B 51 -1.12 3.73 -3.56
CA LEU B 51 0.21 3.82 -2.90
C LEU B 51 0.98 5.02 -3.47
N GLU B 52 0.90 5.22 -4.75
CA GLU B 52 1.62 6.37 -5.37
C GLU B 52 0.97 7.69 -4.96
N ARG B 53 -0.27 7.66 -4.54
CA ARG B 53 -0.95 8.91 -4.12
C ARG B 53 -0.59 9.27 -2.68
N THR B 54 -0.77 8.35 -1.78
CA THR B 54 -0.44 8.63 -0.35
C THR B 54 1.00 9.16 -0.23
N LEU B 55 1.86 8.75 -1.12
CA LEU B 55 3.28 9.23 -1.06
C LEU B 55 3.42 10.54 -1.83
N LEU B 56 2.92 10.59 -3.04
CA LEU B 56 3.03 11.84 -3.84
C LEU B 56 2.48 13.03 -3.05
N THR B 57 1.36 12.84 -2.40
CA THR B 57 0.78 13.97 -1.61
C THR B 57 1.67 14.28 -0.40
N THR B 58 2.19 13.26 0.23
CA THR B 58 3.08 13.49 1.42
C THR B 58 4.34 14.24 0.98
N ALA B 59 5.17 13.63 0.18
CA ALA B 59 6.41 14.32 -0.28
C ALA B 59 6.04 15.68 -0.89
N LEU B 60 4.97 15.74 -1.64
CA LEU B 60 4.57 17.04 -2.23
C LEU B 60 4.33 18.06 -1.13
N ARG B 61 3.77 17.64 -0.03
CA ARG B 61 3.52 18.60 1.09
C ARG B 61 4.82 19.34 1.42
N HIS B 62 5.92 18.64 1.39
CA HIS B 62 7.23 19.30 1.66
C HIS B 62 7.45 20.38 0.60
N THR B 63 6.92 20.16 -0.57
CA THR B 63 7.07 21.16 -1.67
C THR B 63 5.68 21.48 -2.24
N GLN B 64 4.73 21.77 -1.38
CA GLN B 64 3.34 22.07 -1.82
C GLN B 64 3.32 22.91 -3.11
N GLY B 65 2.66 22.44 -4.12
CA GLY B 65 2.58 23.21 -5.40
C GLY B 65 3.70 22.74 -6.34
N HIS B 66 4.90 22.66 -5.85
CA HIS B 66 6.04 22.23 -6.72
C HIS B 66 5.98 20.71 -6.93
N LYS B 67 5.00 20.24 -7.64
CA LYS B 67 4.91 18.77 -7.88
C LYS B 67 6.22 18.24 -8.47
N GLN B 68 6.99 19.09 -9.08
CA GLN B 68 8.28 18.64 -9.67
C GLN B 68 9.29 18.32 -8.55
N GLU B 69 9.36 19.16 -7.55
CA GLU B 69 10.31 18.89 -6.43
C GLU B 69 10.14 17.45 -5.91
N ALA B 70 8.93 16.97 -5.87
CA ALA B 70 8.69 15.59 -5.38
C ALA B 70 9.51 14.60 -6.22
N ALA B 71 9.92 14.98 -7.39
CA ALA B 71 10.71 14.07 -8.25
C ALA B 71 11.96 13.60 -7.50
N ARG B 72 12.84 14.51 -7.17
CA ARG B 72 14.08 14.13 -6.44
C ARG B 72 13.73 13.53 -5.08
N LEU B 73 12.74 14.09 -4.42
CA LEU B 73 12.35 13.56 -3.08
C LEU B 73 12.03 12.08 -3.16
N LEU B 74 11.45 11.64 -4.25
CA LEU B 74 11.12 10.19 -4.39
C LEU B 74 12.11 9.50 -5.34
N GLY B 75 13.20 10.14 -5.66
CA GLY B 75 14.19 9.51 -6.58
C GLY B 75 13.49 9.09 -7.87
N TRP B 76 12.70 9.97 -8.43
CA TRP B 76 11.98 9.63 -9.69
C TRP B 76 12.49 10.51 -10.84
N GLY B 77 12.06 11.74 -10.89
CA GLY B 77 12.49 12.65 -11.99
C GLY B 77 11.27 13.40 -12.51
N ALA B 78 11.41 14.13 -13.59
CA ALA B 78 10.24 14.88 -14.13
C ALA B 78 9.48 13.99 -15.13
N ALA B 79 10.16 13.06 -15.74
CA ALA B 79 9.46 12.17 -16.72
C ALA B 79 8.63 11.13 -15.96
N THR B 80 9.15 10.60 -14.88
CA THR B 80 8.38 9.60 -14.11
C THR B 80 7.20 10.26 -13.40
N LEU B 81 7.46 11.33 -12.69
CA LEU B 81 6.36 12.04 -11.98
C LEU B 81 5.23 12.36 -12.96
N THR B 82 5.57 12.61 -14.20
CA THR B 82 4.52 12.92 -15.21
C THR B 82 4.03 11.63 -15.88
N ALA B 83 4.95 10.82 -16.34
CA ALA B 83 4.54 9.55 -17.00
C ALA B 83 3.80 8.65 -16.00
N LYS B 84 4.25 8.62 -14.78
CA LYS B 84 3.56 7.78 -13.76
C LYS B 84 2.15 8.30 -13.50
N LEU B 85 1.93 9.56 -13.72
CA LEU B 85 0.56 10.13 -13.49
C LEU B 85 -0.46 9.42 -14.38
N LYS B 86 -0.13 9.20 -15.63
CA LYS B 86 -1.08 8.53 -16.55
C LYS B 86 -0.86 7.01 -16.51
N GLU B 87 0.33 6.57 -16.19
CA GLU B 87 0.60 5.11 -16.14
C GLU B 87 -0.37 4.43 -15.17
N LEU B 88 -0.68 5.07 -14.07
CA LEU B 88 -1.61 4.45 -13.10
C LEU B 88 -3.03 4.38 -13.68
N GLY B 89 -3.30 5.13 -14.70
CA GLY B 89 -4.66 5.09 -15.32
C GLY B 89 -4.65 4.19 -16.54
N MET B 90 -3.55 4.14 -17.26
CA MET B 90 -3.48 3.28 -18.47
C MET B 90 -3.08 1.86 -18.08
N GLU B 91 -2.03 1.71 -17.32
CA GLU B 91 -1.60 0.34 -16.91
C GLU B 91 -1.77 0.17 -15.40
N MET A 1 12.27 0.36 34.92
CA MET A 1 12.85 1.39 34.01
C MET A 1 14.18 0.88 33.44
N ASP A 2 14.63 1.47 32.36
CA ASP A 2 15.92 1.03 31.75
C ASP A 2 16.97 2.14 31.86
N LEU A 3 18.16 1.89 31.36
CA LEU A 3 19.22 2.93 31.43
C LEU A 3 19.74 3.25 30.01
N PRO A 4 19.20 4.30 29.44
CA PRO A 4 19.63 4.71 28.07
C PRO A 4 21.03 5.32 28.11
N GLY A 5 21.73 5.29 27.01
CA GLY A 5 23.10 5.88 26.98
C GLY A 5 23.69 5.73 25.58
N GLU A 6 23.59 4.56 25.00
CA GLU A 6 24.15 4.36 23.63
C GLU A 6 23.17 4.87 22.58
N LEU A 7 23.40 4.57 21.33
CA LEU A 7 22.49 5.05 20.25
C LEU A 7 21.16 4.29 20.32
N PHE A 8 20.30 4.47 19.35
CA PHE A 8 19.00 3.76 19.38
C PHE A 8 19.19 2.29 18.98
N GLU A 9 18.24 1.45 19.32
CA GLU A 9 18.37 0.01 18.96
C GLU A 9 17.40 -0.35 17.83
N ALA A 10 17.90 -0.90 16.76
CA ALA A 10 17.01 -1.26 15.62
C ALA A 10 16.27 -2.57 15.93
N SER A 11 14.99 -2.49 16.20
CA SER A 11 14.22 -3.73 16.50
C SER A 11 12.72 -3.45 16.38
N THR A 12 12.23 -3.24 15.19
CA THR A 12 10.78 -2.97 15.01
C THR A 12 10.14 -4.08 14.17
N PRO A 13 9.69 -5.12 14.83
CA PRO A 13 9.04 -6.25 14.12
C PRO A 13 7.65 -5.85 13.63
N ASP A 14 6.91 -6.78 13.08
CA ASP A 14 5.55 -6.44 12.57
C ASP A 14 4.65 -7.69 12.63
N SER A 15 3.36 -7.49 12.72
CA SER A 15 2.44 -8.66 12.79
C SER A 15 1.12 -8.33 12.06
N PRO A 16 1.09 -8.61 10.78
CA PRO A 16 -0.14 -8.32 9.98
C PRO A 16 -1.24 -9.34 10.33
N SER A 17 -0.85 -10.53 10.69
CA SER A 17 -1.88 -11.57 11.03
C SER A 17 -1.95 -11.76 12.55
N HIS A 18 -2.64 -10.89 13.24
CA HIS A 18 -2.73 -11.03 14.72
C HIS A 18 -3.72 -10.00 15.28
N LEU A 19 -3.79 -9.87 16.58
CA LEU A 19 -4.72 -8.89 17.19
C LEU A 19 -4.54 -7.50 16.54
N PRO A 20 -3.32 -7.00 16.61
CA PRO A 20 -3.04 -5.67 16.02
C PRO A 20 -3.03 -5.76 14.48
N PRO A 21 -3.93 -5.04 13.86
CA PRO A 21 -4.02 -5.06 12.38
C PRO A 21 -2.83 -4.33 11.76
N ASP A 22 -2.55 -4.58 10.51
CA ASP A 22 -1.40 -3.89 9.85
C ASP A 22 -1.78 -2.47 9.44
N SER A 23 -1.30 -1.49 10.16
CA SER A 23 -1.63 -0.08 9.81
C SER A 23 -0.70 0.42 8.71
N TRP A 24 -0.69 -0.26 7.59
CA TRP A 24 0.20 0.14 6.45
C TRP A 24 0.19 1.65 6.22
N ALA A 25 -0.91 2.19 5.75
CA ALA A 25 -0.98 3.66 5.48
C ALA A 25 -0.42 4.45 6.67
N THR A 26 -0.88 4.16 7.86
CA THR A 26 -0.35 4.90 9.04
C THR A 26 1.17 4.73 9.10
N LEU A 27 1.67 3.60 8.69
CA LEU A 27 3.13 3.36 8.71
C LEU A 27 3.78 4.09 7.54
N LEU A 28 3.04 4.29 6.48
CA LEU A 28 3.60 5.00 5.29
C LEU A 28 3.59 6.51 5.54
N ALA A 29 2.57 7.01 6.17
CA ALA A 29 2.51 8.48 6.44
C ALA A 29 3.54 8.85 7.51
N GLN A 30 3.79 7.98 8.45
CA GLN A 30 4.79 8.29 9.50
C GLN A 30 6.20 7.94 9.00
N TRP A 31 6.32 6.88 8.25
CA TRP A 31 7.67 6.49 7.72
C TRP A 31 8.18 7.58 6.76
N ALA A 32 7.43 7.86 5.72
CA ALA A 32 7.87 8.91 4.76
C ALA A 32 8.19 10.21 5.50
N ASP A 33 7.58 10.42 6.64
CA ASP A 33 7.85 11.66 7.41
C ASP A 33 9.19 11.54 8.13
N ARG A 34 9.41 10.45 8.82
CA ARG A 34 10.70 10.27 9.54
C ARG A 34 11.87 10.44 8.56
N ALA A 35 11.70 10.01 7.35
CA ALA A 35 12.79 10.15 6.34
C ALA A 35 12.88 11.60 5.86
N LEU A 36 11.76 12.22 5.60
CA LEU A 36 11.78 13.63 5.13
C LEU A 36 12.49 14.51 6.16
N ARG A 37 12.28 14.25 7.42
CA ARG A 37 12.94 15.06 8.48
C ARG A 37 14.31 14.49 8.84
N SER A 38 14.78 13.53 8.08
CA SER A 38 16.12 12.93 8.39
C SER A 38 16.78 12.44 7.10
N GLY A 39 16.65 13.17 6.03
CA GLY A 39 17.27 12.73 4.76
C GLY A 39 16.46 11.59 4.16
N HIS A 40 15.32 11.88 3.60
CA HIS A 40 14.48 10.81 3.00
C HIS A 40 15.22 10.14 1.84
N GLN A 41 14.55 9.28 1.12
CA GLN A 41 15.21 8.59 -0.03
C GLN A 41 14.15 7.97 -0.95
N ASN A 42 14.48 6.89 -1.60
CA ASN A 42 13.50 6.25 -2.51
C ASN A 42 12.26 5.81 -1.71
N LEU A 43 11.34 6.70 -1.50
CA LEU A 43 10.11 6.34 -0.72
C LEU A 43 9.18 5.46 -1.57
N LEU A 44 8.82 5.91 -2.74
CA LEU A 44 7.91 5.11 -3.61
C LEU A 44 8.62 3.85 -4.11
N SER A 45 9.90 3.92 -4.34
CA SER A 45 10.64 2.73 -4.83
C SER A 45 10.72 1.66 -3.74
N GLU A 46 10.50 2.02 -2.51
CA GLU A 46 10.56 1.02 -1.41
C GLU A 46 9.20 0.34 -1.24
N ALA A 47 8.14 1.10 -1.22
CA ALA A 47 6.79 0.50 -1.05
C ALA A 47 6.27 -0.05 -2.38
N GLN A 48 6.90 0.29 -3.47
CA GLN A 48 6.43 -0.22 -4.80
C GLN A 48 6.38 -1.76 -4.79
N PRO A 49 7.51 -2.37 -4.52
CA PRO A 49 7.57 -3.85 -4.50
C PRO A 49 6.79 -4.41 -3.30
N GLU A 50 6.51 -3.59 -2.32
CA GLU A 50 5.76 -4.09 -1.14
C GLU A 50 4.30 -4.36 -1.52
N LEU A 51 3.66 -3.40 -2.14
CA LEU A 51 2.24 -3.61 -2.54
C LEU A 51 2.16 -4.67 -3.64
N GLU A 52 3.10 -4.67 -4.55
CA GLU A 52 3.07 -5.69 -5.64
C GLU A 52 3.22 -7.09 -5.05
N ARG A 53 3.95 -7.23 -3.98
CA ARG A 53 4.13 -8.57 -3.37
C ARG A 53 2.85 -9.02 -2.66
N THR A 54 2.30 -8.20 -1.81
CA THR A 54 1.05 -8.58 -1.09
C THR A 54 -0.02 -8.99 -2.10
N LEU A 55 0.01 -8.45 -3.28
CA LEU A 55 -1.02 -8.82 -4.30
C LEU A 55 -0.56 -10.02 -5.12
N LEU A 56 0.61 -9.95 -5.71
CA LEU A 56 1.10 -11.10 -6.53
C LEU A 56 1.05 -12.39 -5.71
N THR A 57 1.42 -12.35 -4.46
CA THR A 57 1.39 -13.58 -3.63
C THR A 57 -0.07 -14.02 -3.40
N THR A 58 -0.92 -13.10 -3.04
CA THR A 58 -2.35 -13.46 -2.80
C THR A 58 -2.94 -14.12 -4.06
N ALA A 59 -3.08 -13.36 -5.12
CA ALA A 59 -3.64 -13.95 -6.38
C ALA A 59 -2.87 -15.22 -6.74
N LEU A 60 -1.58 -15.21 -6.59
CA LEU A 60 -0.80 -16.43 -6.93
C LEU A 60 -1.31 -17.60 -6.07
N ARG A 61 -1.68 -17.35 -4.85
CA ARG A 61 -2.19 -18.45 -3.98
C ARG A 61 -3.31 -19.19 -4.73
N HIS A 62 -4.18 -18.45 -5.36
CA HIS A 62 -5.27 -19.11 -6.14
C HIS A 62 -4.64 -20.06 -7.16
N THR A 63 -3.44 -19.76 -7.57
CA THR A 63 -2.73 -20.63 -8.55
C THR A 63 -1.32 -20.93 -8.01
N GLN A 64 -1.24 -21.37 -6.78
CA GLN A 64 0.09 -21.68 -6.15
C GLN A 64 1.06 -22.32 -7.15
N GLY A 65 2.24 -21.75 -7.26
CA GLY A 65 3.25 -22.31 -8.21
C GLY A 65 3.03 -21.72 -9.60
N HIS A 66 1.82 -21.78 -10.10
CA HIS A 66 1.55 -21.21 -11.45
C HIS A 66 1.62 -19.69 -11.43
N LYS A 67 2.81 -19.15 -11.50
CA LYS A 67 2.95 -17.66 -11.48
C LYS A 67 2.29 -17.05 -12.73
N GLN A 68 2.43 -17.70 -13.86
CA GLN A 68 1.81 -17.16 -15.10
C GLN A 68 0.31 -16.93 -14.88
N GLU A 69 -0.35 -17.84 -14.20
CA GLU A 69 -1.81 -17.66 -13.95
C GLU A 69 -2.06 -16.32 -13.27
N ALA A 70 -1.23 -15.96 -12.32
CA ALA A 70 -1.41 -14.65 -11.63
C ALA A 70 -1.55 -13.52 -12.64
N ALA A 71 -1.02 -13.72 -13.83
CA ALA A 71 -1.11 -12.66 -14.87
C ALA A 71 -2.57 -12.22 -15.05
N ARG A 72 -3.41 -13.09 -15.53
CA ARG A 72 -4.84 -12.72 -15.73
C ARG A 72 -5.46 -12.33 -14.39
N LEU A 73 -5.07 -12.97 -13.33
CA LEU A 73 -5.65 -12.63 -11.99
C LEU A 73 -5.42 -11.16 -11.67
N LEU A 74 -4.45 -10.55 -12.29
CA LEU A 74 -4.17 -9.10 -12.03
C LEU A 74 -4.32 -8.28 -13.31
N GLY A 75 -4.89 -8.85 -14.34
CA GLY A 75 -5.04 -8.08 -15.61
C GLY A 75 -3.67 -7.60 -16.08
N TRP A 76 -2.66 -8.43 -15.92
CA TRP A 76 -1.29 -8.04 -16.35
C TRP A 76 -0.88 -8.81 -17.61
N GLY A 77 -0.63 -10.08 -17.47
CA GLY A 77 -0.21 -10.89 -18.64
C GLY A 77 1.12 -11.59 -18.32
N ALA A 78 1.76 -12.17 -19.30
CA ALA A 78 3.06 -12.84 -19.03
C ALA A 78 4.22 -11.85 -19.20
N ALA A 79 4.04 -10.86 -20.03
CA ALA A 79 5.12 -9.86 -20.22
C ALA A 79 5.19 -8.92 -19.01
N THR A 80 4.06 -8.46 -18.54
CA THR A 80 4.06 -7.55 -17.36
C THR A 80 4.56 -8.30 -16.13
N LEU A 81 3.98 -9.44 -15.83
CA LEU A 81 4.42 -10.22 -14.64
C LEU A 81 5.95 -10.42 -14.68
N THR A 82 6.52 -10.42 -15.85
CA THR A 82 8.00 -10.60 -15.95
C THR A 82 8.70 -9.24 -15.92
N ALA A 83 8.30 -8.33 -16.77
CA ALA A 83 8.95 -6.99 -16.78
C ALA A 83 8.78 -6.31 -15.42
N LYS A 84 7.65 -6.52 -14.79
CA LYS A 84 7.43 -5.89 -13.45
C LYS A 84 8.39 -6.47 -12.42
N LEU A 85 8.84 -7.68 -12.64
CA LEU A 85 9.79 -8.31 -11.66
C LEU A 85 11.08 -7.48 -11.58
N LYS A 86 11.57 -7.02 -12.69
CA LYS A 86 12.82 -6.21 -12.68
C LYS A 86 12.50 -4.72 -12.51
N GLU A 87 11.31 -4.33 -12.86
CA GLU A 87 10.93 -2.88 -12.73
C GLU A 87 10.85 -2.48 -11.24
N LEU A 88 10.47 -3.40 -10.40
CA LEU A 88 10.38 -3.06 -8.94
C LEU A 88 11.77 -3.06 -8.30
N GLY A 89 12.74 -3.62 -8.94
CA GLY A 89 14.11 -3.65 -8.37
C GLY A 89 15.02 -2.68 -9.13
N MET A 90 14.77 -2.50 -10.40
CA MET A 90 15.62 -1.57 -11.20
C MET A 90 14.88 -0.26 -11.48
N GLU A 91 13.87 0.04 -10.70
CA GLU A 91 13.11 1.30 -10.91
C GLU A 91 12.17 1.56 -9.74
N MET B 1 -33.01 -4.11 16.26
CA MET B 1 -32.74 -4.99 15.09
C MET B 1 -33.32 -4.36 13.82
N ASP B 2 -32.88 -4.79 12.67
CA ASP B 2 -33.40 -4.21 11.40
C ASP B 2 -34.17 -5.27 10.61
N LEU B 3 -34.70 -4.91 9.47
CA LEU B 3 -35.45 -5.90 8.65
C LEU B 3 -34.83 -6.02 7.25
N PRO B 4 -33.99 -7.01 7.09
CA PRO B 4 -33.32 -7.22 5.77
C PRO B 4 -34.33 -7.77 4.74
N GLY B 5 -34.06 -7.58 3.49
CA GLY B 5 -35.00 -8.08 2.44
C GLY B 5 -34.45 -7.74 1.05
N GLU B 6 -34.06 -6.51 0.86
CA GLU B 6 -33.52 -6.10 -0.48
C GLU B 6 -32.06 -6.54 -0.61
N LEU B 7 -31.37 -6.08 -1.62
CA LEU B 7 -29.95 -6.46 -1.81
C LEU B 7 -29.08 -5.78 -0.74
N PHE B 8 -27.79 -5.87 -0.86
CA PHE B 8 -26.90 -5.24 0.15
C PHE B 8 -26.84 -3.72 -0.08
N GLU B 9 -26.44 -2.97 0.91
CA GLU B 9 -26.36 -1.49 0.75
C GLU B 9 -24.89 -1.05 0.66
N ALA B 10 -24.54 -0.35 -0.38
CA ALA B 10 -23.13 0.12 -0.52
C ALA B 10 -22.88 1.33 0.37
N SER B 11 -22.15 1.17 1.44
CA SER B 11 -21.87 2.32 2.34
C SER B 11 -20.69 2.00 3.26
N THR B 12 -19.51 1.92 2.72
CA THR B 12 -18.31 1.60 3.56
C THR B 12 -17.33 2.78 3.55
N PRO B 13 -17.52 3.70 4.46
CA PRO B 13 -16.63 4.88 4.54
C PRO B 13 -15.26 4.47 5.11
N ASP B 14 -14.40 5.43 5.34
CA ASP B 14 -13.06 5.10 5.89
C ASP B 14 -12.51 6.28 6.70
N SER B 15 -11.65 6.02 7.64
CA SER B 15 -11.08 7.12 8.47
C SER B 15 -9.62 6.81 8.83
N PRO B 16 -8.72 7.25 7.98
CA PRO B 16 -7.27 7.02 8.22
C PRO B 16 -6.77 7.92 9.34
N SER B 17 -7.36 9.08 9.49
CA SER B 17 -6.92 10.01 10.57
C SER B 17 -7.94 10.02 11.72
N HIS B 18 -7.87 9.03 12.58
CA HIS B 18 -8.83 8.98 13.72
C HIS B 18 -8.47 7.84 14.66
N LEU B 19 -9.30 7.56 15.63
CA LEU B 19 -9.01 6.45 16.58
C LEU B 19 -8.62 5.17 15.82
N PRO B 20 -9.51 4.72 14.97
CA PRO B 20 -9.23 3.50 14.18
C PRO B 20 -8.18 3.78 13.11
N PRO B 21 -7.06 3.10 13.20
CA PRO B 21 -5.97 3.31 12.20
C PRO B 21 -6.36 2.71 10.85
N ASP B 22 -5.70 3.12 9.81
CA ASP B 22 -6.04 2.59 8.45
C ASP B 22 -5.41 1.20 8.25
N SER B 23 -6.19 0.16 8.31
CA SER B 23 -5.64 -1.21 8.12
C SER B 23 -5.51 -1.52 6.62
N TRP B 24 -4.78 -0.71 5.91
CA TRP B 24 -4.62 -0.93 4.44
C TRP B 24 -4.36 -2.40 4.11
N ALA B 25 -3.22 -2.92 4.46
CA ALA B 25 -2.91 -4.35 4.14
C ALA B 25 -4.09 -5.25 4.51
N THR B 26 -4.60 -5.14 5.70
CA THR B 26 -5.77 -5.98 6.08
C THR B 26 -6.91 -5.75 5.10
N LEU B 27 -7.03 -4.54 4.61
CA LEU B 27 -8.12 -4.25 3.63
C LEU B 27 -7.74 -4.81 2.26
N LEU B 28 -6.46 -4.90 1.99
CA LEU B 28 -6.01 -5.43 0.67
C LEU B 28 -6.09 -6.96 0.67
N ALA B 29 -5.76 -7.58 1.77
CA ALA B 29 -5.83 -9.07 1.83
C ALA B 29 -7.30 -9.53 1.82
N GLN B 30 -8.16 -8.76 2.42
CA GLN B 30 -9.61 -9.15 2.44
C GLN B 30 -10.30 -8.68 1.15
N TRP B 31 -9.92 -7.52 0.66
CA TRP B 31 -10.53 -7.01 -0.59
C TRP B 31 -10.19 -7.95 -1.76
N ALA B 32 -8.92 -8.13 -2.02
CA ALA B 32 -8.52 -9.03 -3.13
C ALA B 32 -9.19 -10.40 -2.99
N ASP B 33 -9.52 -10.78 -1.78
CA ASP B 33 -10.19 -12.10 -1.57
C ASP B 33 -11.66 -12.01 -1.98
N ARG B 34 -12.34 -11.00 -1.52
CA ARG B 34 -13.78 -10.85 -1.88
C ARG B 34 -13.95 -10.85 -3.40
N ALA B 35 -13.00 -10.27 -4.10
CA ALA B 35 -13.09 -10.23 -5.59
C ALA B 35 -12.74 -11.60 -6.17
N LEU B 36 -11.71 -12.24 -5.65
CA LEU B 36 -11.33 -13.58 -6.17
C LEU B 36 -12.50 -14.55 -6.03
N ARG B 37 -13.24 -14.45 -4.96
CA ARG B 37 -14.39 -15.36 -4.75
C ARG B 37 -15.67 -14.77 -5.38
N SER B 38 -15.54 -13.72 -6.14
CA SER B 38 -16.74 -13.10 -6.77
C SER B 38 -16.36 -12.41 -8.09
N GLY B 39 -15.49 -13.01 -8.84
CA GLY B 39 -15.07 -12.39 -10.13
C GLY B 39 -14.13 -11.22 -9.86
N HIS B 40 -12.90 -11.50 -9.50
CA HIS B 40 -11.94 -10.40 -9.21
C HIS B 40 -11.71 -9.55 -10.46
N GLN B 41 -10.76 -8.64 -10.41
CA GLN B 41 -10.49 -7.78 -11.59
C GLN B 41 -9.12 -7.11 -11.44
N ASN B 42 -8.97 -5.95 -11.99
CA ASN B 42 -7.66 -5.24 -11.88
C ASN B 42 -7.35 -4.95 -10.41
N LEU B 43 -6.77 -5.91 -9.72
CA LEU B 43 -6.44 -5.70 -8.28
C LEU B 43 -5.23 -4.77 -8.13
N LEU B 44 -4.15 -5.10 -8.76
CA LEU B 44 -2.94 -4.23 -8.64
C LEU B 44 -3.16 -2.89 -9.34
N SER B 45 -3.92 -2.87 -10.40
CA SER B 45 -4.17 -1.59 -11.12
C SER B 45 -5.04 -0.65 -10.26
N GLU B 46 -5.71 -1.18 -9.29
CA GLU B 46 -6.57 -0.32 -8.42
C GLU B 46 -5.74 0.26 -7.27
N ALA B 47 -4.95 -0.55 -6.62
CA ALA B 47 -4.12 -0.04 -5.48
C ALA B 47 -2.86 0.65 -6.00
N GLN B 48 -2.55 0.48 -7.25
CA GLN B 48 -1.32 1.13 -7.82
C GLN B 48 -1.36 2.65 -7.59
N PRO B 49 -2.39 3.28 -8.10
CA PRO B 49 -2.53 4.75 -7.94
C PRO B 49 -2.83 5.12 -6.49
N GLU B 50 -3.27 4.17 -5.69
CA GLU B 50 -3.56 4.48 -4.27
C GLU B 50 -2.26 4.72 -3.50
N LEU B 51 -1.32 3.82 -3.62
CA LEU B 51 -0.03 4.01 -2.89
C LEU B 51 0.72 5.20 -3.49
N GLU B 52 0.68 5.36 -4.78
CA GLU B 52 1.40 6.50 -5.42
C GLU B 52 0.81 7.83 -4.93
N ARG B 53 -0.46 7.86 -4.66
CA ARG B 53 -1.09 9.12 -4.18
C ARG B 53 -0.68 9.41 -2.73
N THR B 54 -0.84 8.47 -1.86
CA THR B 54 -0.46 8.70 -0.43
C THR B 54 0.99 9.19 -0.34
N LEU B 55 1.82 8.80 -1.28
CA LEU B 55 3.24 9.24 -1.24
C LEU B 55 3.41 10.56 -2.00
N LEU B 56 2.99 10.62 -3.23
CA LEU B 56 3.14 11.87 -4.02
C LEU B 56 2.55 13.06 -3.24
N THR B 57 1.42 12.88 -2.61
CA THR B 57 0.81 13.98 -1.84
C THR B 57 1.67 14.32 -0.62
N THR B 58 2.08 13.32 0.12
CA THR B 58 2.93 13.59 1.32
C THR B 58 4.18 14.37 0.92
N ALA B 59 5.05 13.76 0.16
CA ALA B 59 6.29 14.46 -0.26
C ALA B 59 5.93 15.80 -0.90
N LEU B 60 4.90 15.83 -1.70
CA LEU B 60 4.50 17.12 -2.33
C LEU B 60 4.21 18.15 -1.23
N ARG B 61 3.64 17.72 -0.13
CA ARG B 61 3.35 18.69 0.97
C ARG B 61 4.63 19.46 1.30
N HIS B 62 5.73 18.77 1.37
CA HIS B 62 7.02 19.46 1.66
C HIS B 62 7.23 20.57 0.60
N THR B 63 6.66 20.37 -0.56
CA THR B 63 6.78 21.39 -1.63
C THR B 63 5.38 21.69 -2.19
N GLN B 64 4.44 21.98 -1.33
CA GLN B 64 3.04 22.26 -1.76
C GLN B 64 2.99 23.07 -3.07
N GLY B 65 2.25 22.58 -4.04
CA GLY B 65 2.16 23.30 -5.34
C GLY B 65 3.32 22.88 -6.25
N HIS B 66 4.52 22.94 -5.76
CA HIS B 66 5.69 22.55 -6.60
C HIS B 66 5.69 21.03 -6.83
N LYS B 67 4.93 20.56 -7.77
CA LYS B 67 4.89 19.09 -8.04
C LYS B 67 6.25 18.61 -8.54
N GLN B 68 6.91 19.40 -9.34
CA GLN B 68 8.25 18.99 -9.86
C GLN B 68 9.19 18.66 -8.69
N GLU B 69 9.13 19.45 -7.65
CA GLU B 69 10.02 19.18 -6.47
C GLU B 69 9.80 17.75 -5.98
N ALA B 70 8.57 17.31 -5.93
CA ALA B 70 8.29 15.92 -5.47
C ALA B 70 9.15 14.92 -6.25
N ALA B 71 9.58 15.29 -7.42
CA ALA B 71 10.43 14.37 -8.23
C ALA B 71 11.61 13.87 -7.39
N ARG B 72 12.52 14.76 -7.06
CA ARG B 72 13.70 14.36 -6.25
C ARG B 72 13.24 13.77 -4.91
N LEU B 73 12.19 14.30 -4.34
CA LEU B 73 11.69 13.77 -3.04
C LEU B 73 11.38 12.28 -3.15
N LEU B 74 11.15 11.80 -4.34
CA LEU B 74 10.85 10.34 -4.51
C LEU B 74 11.88 9.68 -5.42
N GLY B 75 12.98 10.34 -5.69
CA GLY B 75 14.00 9.73 -6.58
C GLY B 75 13.36 9.38 -7.93
N TRP B 76 12.49 10.23 -8.41
CA TRP B 76 11.82 9.96 -9.71
C TRP B 76 12.36 10.90 -10.79
N GLY B 77 12.01 12.15 -10.71
CA GLY B 77 12.48 13.13 -11.74
C GLY B 77 11.27 13.84 -12.35
N ALA B 78 11.45 14.55 -13.43
CA ALA B 78 10.30 15.26 -14.05
C ALA B 78 9.64 14.36 -15.09
N ALA B 79 10.39 13.46 -15.67
CA ALA B 79 9.80 12.54 -16.69
C ALA B 79 8.96 11.47 -15.99
N THR B 80 9.48 10.90 -14.93
CA THR B 80 8.70 9.85 -14.20
C THR B 80 7.44 10.46 -13.59
N LEU B 81 7.60 11.52 -12.82
CA LEU B 81 6.42 12.17 -12.20
C LEU B 81 5.33 12.44 -13.25
N THR B 82 5.73 12.62 -14.48
CA THR B 82 4.74 12.88 -15.55
C THR B 82 4.28 11.56 -16.18
N ALA B 83 5.20 10.76 -16.62
CA ALA B 83 4.82 9.46 -17.25
C ALA B 83 4.03 8.60 -16.25
N LYS B 84 4.38 8.67 -14.99
CA LYS B 84 3.66 7.86 -13.96
C LYS B 84 2.22 8.37 -13.83
N LEU B 85 1.98 9.61 -14.14
CA LEU B 85 0.59 10.16 -14.03
C LEU B 85 -0.34 9.39 -14.97
N LYS B 86 0.10 9.09 -16.15
CA LYS B 86 -0.77 8.35 -17.11
C LYS B 86 -0.58 6.84 -16.95
N GLU B 87 0.54 6.43 -16.41
CA GLU B 87 0.79 4.97 -16.24
C GLU B 87 -0.15 4.39 -15.18
N LEU B 88 -0.53 5.16 -14.20
CA LEU B 88 -1.44 4.65 -13.15
C LEU B 88 -2.88 4.62 -13.67
N GLY B 89 -3.16 5.31 -14.74
CA GLY B 89 -4.56 5.32 -15.26
C GLY B 89 -4.62 4.51 -16.56
N MET B 90 -3.56 4.47 -17.31
CA MET B 90 -3.57 3.69 -18.58
C MET B 90 -2.77 2.40 -18.42
N GLU B 91 -2.58 1.96 -17.20
CA GLU B 91 -1.80 0.70 -16.99
C GLU B 91 -1.93 0.25 -15.53
N MET A 1 45.23 -7.29 37.74
CA MET A 1 45.20 -8.56 36.95
C MET A 1 43.75 -8.93 36.60
N ASP A 2 43.12 -8.17 35.75
CA ASP A 2 41.73 -8.48 35.37
C ASP A 2 41.26 -7.57 34.22
N LEU A 3 41.12 -8.11 33.05
CA LEU A 3 40.68 -7.27 31.90
C LEU A 3 39.66 -8.04 31.05
N PRO A 4 38.82 -7.30 30.35
CA PRO A 4 37.79 -7.94 29.50
C PRO A 4 38.43 -8.58 28.25
N GLY A 5 39.41 -7.93 27.69
CA GLY A 5 40.08 -8.50 26.48
C GLY A 5 39.89 -7.55 25.30
N GLU A 6 40.93 -7.34 24.53
CA GLU A 6 40.81 -6.41 23.36
C GLU A 6 40.04 -7.09 22.23
N LEU A 7 39.95 -6.46 21.09
CA LEU A 7 39.20 -7.08 19.95
C LEU A 7 37.78 -7.45 20.39
N PHE A 8 36.88 -6.51 20.37
CA PHE A 8 35.48 -6.81 20.78
C PHE A 8 34.49 -6.06 19.88
N GLU A 9 33.28 -6.54 19.77
CA GLU A 9 32.28 -5.84 18.91
C GLU A 9 31.01 -5.55 19.69
N ALA A 10 30.06 -4.91 19.08
CA ALA A 10 28.79 -4.58 19.79
C ALA A 10 27.61 -4.64 18.81
N SER A 11 26.43 -4.87 19.31
CA SER A 11 25.24 -4.93 18.40
C SER A 11 23.98 -4.47 19.13
N THR A 12 23.07 -3.85 18.43
CA THR A 12 21.82 -3.37 19.09
C THR A 12 20.67 -4.36 18.84
N PRO A 13 19.73 -4.38 19.74
CA PRO A 13 18.58 -5.29 19.61
C PRO A 13 17.61 -4.80 18.52
N ASP A 14 17.32 -5.63 17.57
CA ASP A 14 16.39 -5.20 16.47
C ASP A 14 15.30 -6.25 16.28
N SER A 15 14.06 -5.88 16.44
CA SER A 15 12.95 -6.86 16.27
C SER A 15 11.67 -6.14 15.85
N PRO A 16 10.86 -6.82 15.08
CA PRO A 16 9.58 -6.23 14.61
C PRO A 16 8.55 -6.20 15.75
N SER A 17 7.42 -5.60 15.52
CA SER A 17 6.38 -5.53 16.59
C SER A 17 4.99 -5.70 15.98
N HIS A 18 4.37 -6.82 16.20
CA HIS A 18 3.00 -7.04 15.63
C HIS A 18 1.93 -6.76 16.69
N LEU A 19 2.27 -6.01 17.70
CA LEU A 19 1.26 -5.70 18.77
C LEU A 19 0.11 -4.89 18.18
N PRO A 20 0.43 -3.77 17.58
CA PRO A 20 -0.63 -2.90 16.99
C PRO A 20 -1.16 -3.53 15.69
N PRO A 21 -2.26 -3.00 15.21
CA PRO A 21 -2.88 -3.52 13.96
C PRO A 21 -2.04 -3.12 12.74
N ASP A 22 -2.45 -3.54 11.57
CA ASP A 22 -1.68 -3.19 10.34
C ASP A 22 -1.97 -1.74 9.93
N SER A 23 -1.41 -0.79 10.63
CA SER A 23 -1.65 0.63 10.27
C SER A 23 -0.72 1.06 9.14
N TRP A 24 -0.78 0.37 8.02
CA TRP A 24 0.10 0.70 6.86
C TRP A 24 0.16 2.21 6.62
N ALA A 25 -0.92 2.81 6.22
CA ALA A 25 -0.92 4.28 5.94
C ALA A 25 -0.21 5.05 7.05
N THR A 26 -0.59 4.83 8.29
CA THR A 26 0.08 5.55 9.40
C THR A 26 1.59 5.27 9.36
N LEU A 27 1.96 4.06 9.01
CA LEU A 27 3.41 3.72 8.94
C LEU A 27 4.02 4.35 7.67
N LEU A 28 3.20 4.68 6.72
CA LEU A 28 3.72 5.31 5.47
C LEU A 28 3.85 6.83 5.65
N ALA A 29 2.89 7.45 6.28
CA ALA A 29 2.96 8.92 6.48
C ALA A 29 4.12 9.26 7.41
N GLN A 30 4.32 8.48 8.44
CA GLN A 30 5.46 8.76 9.36
C GLN A 30 6.77 8.31 8.73
N TRP A 31 6.76 7.20 8.04
CA TRP A 31 8.01 6.71 7.39
C TRP A 31 8.50 7.74 6.36
N ALA A 32 7.73 8.03 5.36
CA ALA A 32 8.16 9.04 4.34
C ALA A 32 8.61 10.33 5.02
N ASP A 33 8.08 10.61 6.18
CA ASP A 33 8.49 11.85 6.91
C ASP A 33 9.89 11.67 7.49
N ARG A 34 10.12 10.56 8.14
CA ARG A 34 11.47 10.31 8.74
C ARG A 34 12.54 10.46 7.65
N ALA A 35 12.28 9.92 6.49
CA ALA A 35 13.28 10.04 5.39
C ALA A 35 13.37 11.49 4.92
N LEU A 36 12.28 12.20 4.96
CA LEU A 36 12.30 13.63 4.53
C LEU A 36 13.38 14.38 5.30
N ARG A 37 13.43 14.22 6.60
CA ARG A 37 14.46 14.92 7.41
C ARG A 37 15.78 14.14 7.41
N SER A 38 15.78 12.94 6.89
CA SER A 38 17.04 12.14 6.85
C SER A 38 17.65 12.16 5.45
N GLY A 39 17.14 11.35 4.56
CA GLY A 39 17.69 11.33 3.17
C GLY A 39 16.66 10.72 2.22
N HIS A 40 15.54 11.36 2.06
CA HIS A 40 14.49 10.82 1.15
C HIS A 40 15.06 10.64 -0.27
N GLN A 41 14.79 9.52 -0.88
CA GLN A 41 15.30 9.27 -2.26
C GLN A 41 14.49 8.17 -2.94
N ASN A 42 14.74 6.93 -2.61
CA ASN A 42 13.96 5.83 -3.24
C ASN A 42 12.71 5.50 -2.41
N LEU A 43 11.98 6.51 -2.03
CA LEU A 43 10.75 6.27 -1.22
C LEU A 43 9.78 5.36 -1.98
N LEU A 44 9.15 5.86 -3.00
CA LEU A 44 8.19 5.04 -3.79
C LEU A 44 8.82 3.69 -4.16
N SER A 45 10.12 3.64 -4.26
CA SER A 45 10.79 2.35 -4.63
C SER A 45 10.82 1.40 -3.44
N GLU A 46 10.57 1.89 -2.26
CA GLU A 46 10.60 0.99 -1.06
C GLU A 46 9.22 0.33 -0.86
N ALA A 47 8.18 1.11 -0.82
CA ALA A 47 6.81 0.51 -0.65
C ALA A 47 6.33 -0.12 -1.95
N GLN A 48 6.92 0.25 -3.06
CA GLN A 48 6.49 -0.32 -4.37
C GLN A 48 6.40 -1.85 -4.29
N PRO A 49 7.48 -2.48 -3.93
CA PRO A 49 7.49 -3.97 -3.83
C PRO A 49 6.60 -4.46 -2.69
N GLU A 50 6.43 -3.67 -1.67
CA GLU A 50 5.56 -4.10 -0.53
C GLU A 50 4.15 -4.39 -1.03
N LEU A 51 3.51 -3.42 -1.63
CA LEU A 51 2.13 -3.64 -2.14
C LEU A 51 2.12 -4.71 -3.24
N GLU A 52 2.96 -4.54 -4.23
CA GLU A 52 3.01 -5.54 -5.34
C GLU A 52 3.30 -6.94 -4.79
N ARG A 53 3.86 -7.02 -3.62
CA ARG A 53 4.18 -8.36 -3.03
C ARG A 53 2.90 -9.01 -2.49
N THR A 54 2.24 -8.37 -1.57
CA THR A 54 0.98 -8.96 -1.01
C THR A 54 -0.06 -9.16 -2.11
N LEU A 55 0.09 -8.47 -3.21
CA LEU A 55 -0.90 -8.62 -4.32
C LEU A 55 -0.50 -9.80 -5.22
N LEU A 56 0.75 -9.90 -5.56
CA LEU A 56 1.19 -11.03 -6.42
C LEU A 56 0.95 -12.37 -5.71
N THR A 57 1.29 -12.46 -4.45
CA THR A 57 1.08 -13.73 -3.72
C THR A 57 -0.41 -14.07 -3.65
N THR A 58 -1.23 -13.10 -3.35
CA THR A 58 -2.70 -13.36 -3.28
C THR A 58 -3.19 -13.89 -4.63
N ALA A 59 -3.07 -13.11 -5.66
CA ALA A 59 -3.54 -13.57 -7.00
C ALA A 59 -2.87 -14.90 -7.35
N LEU A 60 -1.61 -15.04 -7.05
CA LEU A 60 -0.92 -16.33 -7.36
C LEU A 60 -1.62 -17.47 -6.61
N ARG A 61 -2.05 -17.23 -5.40
CA ARG A 61 -2.76 -18.30 -4.64
C ARG A 61 -3.88 -18.88 -5.50
N HIS A 62 -4.58 -18.04 -6.21
CA HIS A 62 -5.66 -18.55 -7.10
C HIS A 62 -5.05 -19.51 -8.12
N THR A 63 -3.81 -19.27 -8.47
CA THR A 63 -3.11 -20.16 -9.44
C THR A 63 -1.77 -20.60 -8.84
N GLN A 64 -1.80 -21.08 -7.61
CA GLN A 64 -0.55 -21.52 -6.92
C GLN A 64 0.42 -22.23 -7.87
N GLY A 65 1.65 -21.80 -7.91
CA GLY A 65 2.64 -22.45 -8.81
C GLY A 65 2.60 -21.79 -10.19
N HIS A 66 1.43 -21.65 -10.76
CA HIS A 66 1.32 -21.01 -12.09
C HIS A 66 1.59 -19.51 -11.99
N LYS A 67 2.79 -19.13 -11.65
CA LYS A 67 3.11 -17.68 -11.53
C LYS A 67 2.71 -16.95 -12.80
N GLN A 68 2.63 -17.64 -13.90
CA GLN A 68 2.24 -16.98 -15.18
C GLN A 68 0.76 -16.61 -15.17
N GLU A 69 -0.07 -17.49 -14.65
CA GLU A 69 -1.53 -17.19 -14.60
C GLU A 69 -1.76 -15.85 -13.91
N ALA A 70 -0.98 -15.54 -12.91
CA ALA A 70 -1.14 -14.24 -12.21
C ALA A 70 -1.10 -13.09 -13.22
N ALA A 71 -0.50 -13.32 -14.36
CA ALA A 71 -0.43 -12.25 -15.39
C ALA A 71 -1.83 -11.74 -15.71
N ARG A 72 -2.62 -12.54 -16.39
CA ARG A 72 -4.01 -12.09 -16.74
C ARG A 72 -4.79 -11.79 -15.45
N LEU A 73 -4.54 -12.49 -14.40
CA LEU A 73 -5.26 -12.24 -13.13
C LEU A 73 -5.13 -10.77 -12.72
N LEU A 74 -3.96 -10.21 -12.87
CA LEU A 74 -3.77 -8.79 -12.49
C LEU A 74 -3.71 -7.90 -13.74
N GLY A 75 -4.21 -8.38 -14.86
CA GLY A 75 -4.17 -7.56 -16.10
C GLY A 75 -2.74 -7.13 -16.38
N TRP A 76 -1.79 -7.99 -16.14
CA TRP A 76 -0.37 -7.62 -16.37
C TRP A 76 0.15 -8.31 -17.64
N GLY A 77 0.45 -9.58 -17.55
CA GLY A 77 0.97 -10.32 -18.74
C GLY A 77 2.21 -11.11 -18.34
N ALA A 78 2.92 -11.65 -19.28
CA ALA A 78 4.15 -12.43 -18.93
C ALA A 78 5.37 -11.51 -18.89
N ALA A 79 5.35 -10.45 -19.67
CA ALA A 79 6.50 -9.51 -19.67
C ALA A 79 6.51 -8.69 -18.39
N THR A 80 5.40 -8.13 -18.03
CA THR A 80 5.34 -7.31 -16.77
C THR A 80 5.65 -8.20 -15.56
N LEU A 81 4.99 -9.32 -15.46
CA LEU A 81 5.25 -10.23 -14.31
C LEU A 81 6.76 -10.52 -14.20
N THR A 82 7.44 -10.54 -15.31
CA THR A 82 8.91 -10.81 -15.27
C THR A 82 9.67 -9.51 -15.04
N ALA A 83 9.38 -8.49 -15.82
CA ALA A 83 10.08 -7.20 -15.63
C ALA A 83 9.79 -6.63 -14.24
N LYS A 84 8.59 -6.81 -13.78
CA LYS A 84 8.23 -6.30 -12.42
C LYS A 84 9.06 -7.03 -11.35
N LEU A 85 9.42 -8.25 -11.61
CA LEU A 85 10.23 -9.02 -10.62
C LEU A 85 11.58 -8.34 -10.41
N LYS A 86 12.19 -7.87 -11.47
CA LYS A 86 13.50 -7.19 -11.33
C LYS A 86 13.31 -5.68 -11.11
N GLU A 87 12.28 -5.13 -11.67
CA GLU A 87 12.02 -3.67 -11.49
C GLU A 87 11.87 -3.34 -10.00
N LEU A 88 10.90 -3.93 -9.35
CA LEU A 88 10.69 -3.65 -7.90
C LEU A 88 11.99 -3.89 -7.13
N GLY A 89 12.87 -4.71 -7.66
CA GLY A 89 14.15 -4.99 -6.96
C GLY A 89 15.04 -3.75 -7.01
N MET A 90 14.92 -2.96 -8.05
CA MET A 90 15.77 -1.74 -8.16
C MET A 90 14.88 -0.52 -8.43
N GLU A 91 14.23 -0.50 -9.56
CA GLU A 91 13.35 0.66 -9.89
C GLU A 91 12.09 0.63 -9.02
N MET B 1 -59.06 4.86 -3.44
CA MET B 1 -58.55 6.22 -3.82
C MET B 1 -57.29 6.55 -3.02
N ASP B 2 -56.20 5.87 -3.30
CA ASP B 2 -54.94 6.16 -2.56
C ASP B 2 -53.78 5.36 -3.17
N LEU B 3 -52.88 6.04 -3.84
CA LEU B 3 -51.73 5.33 -4.46
C LEU B 3 -50.44 6.14 -4.27
N PRO B 4 -49.33 5.46 -4.29
CA PRO B 4 -48.01 6.15 -4.10
C PRO B 4 -47.66 6.96 -5.34
N GLY B 5 -47.93 6.44 -6.51
CA GLY B 5 -47.61 7.19 -7.75
C GLY B 5 -46.61 6.38 -8.59
N GLU B 6 -46.82 6.33 -9.88
CA GLU B 6 -45.88 5.56 -10.75
C GLU B 6 -44.57 6.33 -10.93
N LEU B 7 -43.70 5.84 -11.75
CA LEU B 7 -42.40 6.55 -11.98
C LEU B 7 -41.69 6.79 -10.64
N PHE B 8 -40.98 5.81 -10.15
CA PHE B 8 -40.27 6.00 -8.85
C PHE B 8 -38.91 5.31 -8.90
N GLU B 9 -37.99 5.73 -8.09
CA GLU B 9 -36.63 5.11 -8.10
C GLU B 9 -36.23 4.65 -6.70
N ALA B 10 -35.09 4.03 -6.56
CA ALA B 10 -34.65 3.57 -5.22
C ALA B 10 -33.13 3.67 -5.09
N SER B 11 -32.63 3.78 -3.89
CA SER B 11 -31.15 3.90 -3.72
C SER B 11 -30.73 3.28 -2.38
N THR B 12 -29.55 2.71 -2.33
CA THR B 12 -29.08 2.08 -1.06
C THR B 12 -28.13 3.04 -0.32
N PRO B 13 -28.08 2.89 0.98
CA PRO B 13 -27.20 3.76 1.80
C PRO B 13 -25.74 3.36 1.63
N ASP B 14 -24.89 4.27 1.24
CA ASP B 14 -23.46 3.94 1.06
C ASP B 14 -22.58 4.96 1.81
N SER B 15 -21.79 4.49 2.73
CA SER B 15 -20.91 5.43 3.49
C SER B 15 -19.66 4.71 4.00
N PRO B 16 -18.57 5.44 4.09
CA PRO B 16 -17.30 4.85 4.57
C PRO B 16 -17.35 4.61 6.08
N SER B 17 -16.35 3.99 6.62
CA SER B 17 -16.33 3.74 8.10
C SER B 17 -14.92 3.90 8.65
N HIS B 18 -14.67 4.96 9.37
CA HIS B 18 -13.30 5.18 9.94
C HIS B 18 -13.24 4.71 11.40
N LEU B 19 -14.16 3.86 11.79
CA LEU B 19 -14.15 3.38 13.20
C LEU B 19 -12.87 2.58 13.49
N PRO B 20 -12.63 1.56 12.69
CA PRO B 20 -11.42 0.73 12.89
C PRO B 20 -10.17 1.48 12.41
N PRO B 21 -9.02 0.95 12.77
CA PRO B 21 -7.74 1.59 12.37
C PRO B 21 -7.48 1.39 10.87
N ASP B 22 -6.40 1.92 10.37
CA ASP B 22 -6.09 1.77 8.93
C ASP B 22 -5.53 0.38 8.65
N SER B 23 -6.36 -0.63 8.64
CA SER B 23 -5.87 -2.00 8.37
C SER B 23 -5.74 -2.23 6.86
N TRP B 24 -4.95 -1.41 6.21
CA TRP B 24 -4.78 -1.55 4.72
C TRP B 24 -4.57 -3.01 4.31
N ALA B 25 -3.49 -3.61 4.71
CA ALA B 25 -3.22 -5.03 4.32
C ALA B 25 -4.47 -5.90 4.53
N THR B 26 -5.06 -5.85 5.70
CA THR B 26 -6.28 -6.67 5.94
C THR B 26 -7.34 -6.31 4.90
N LEU B 27 -7.43 -5.05 4.55
CA LEU B 27 -8.44 -4.63 3.53
C LEU B 27 -7.99 -5.08 2.14
N LEU B 28 -6.71 -5.33 1.97
CA LEU B 28 -6.20 -5.76 0.65
C LEU B 28 -6.33 -7.28 0.50
N ALA B 29 -6.05 -8.02 1.53
CA ALA B 29 -6.16 -9.50 1.45
C ALA B 29 -7.63 -9.90 1.26
N GLN B 30 -8.52 -9.23 1.94
CA GLN B 30 -9.97 -9.57 1.79
C GLN B 30 -10.50 -8.98 0.48
N TRP B 31 -10.06 -7.80 0.14
CA TRP B 31 -10.54 -7.16 -1.13
C TRP B 31 -10.14 -8.05 -2.32
N ALA B 32 -8.87 -8.24 -2.54
CA ALA B 32 -8.42 -9.08 -3.69
C ALA B 32 -9.16 -10.42 -3.67
N ASP B 33 -9.56 -10.88 -2.52
CA ASP B 33 -10.30 -12.17 -2.44
C ASP B 33 -11.72 -11.99 -2.96
N ARG B 34 -12.40 -10.96 -2.53
CA ARG B 34 -13.79 -10.72 -3.00
C ARG B 34 -13.81 -10.67 -4.53
N ALA B 35 -12.84 -10.02 -5.11
CA ALA B 35 -12.80 -9.93 -6.60
C ALA B 35 -12.47 -11.31 -7.18
N LEU B 36 -11.68 -12.09 -6.49
CA LEU B 36 -11.33 -13.43 -6.99
C LEU B 36 -12.61 -14.22 -7.29
N ARG B 37 -13.53 -14.22 -6.37
CA ARG B 37 -14.81 -14.97 -6.60
C ARG B 37 -15.79 -14.13 -7.41
N SER B 38 -15.50 -12.86 -7.63
CA SER B 38 -16.41 -12.01 -8.41
C SER B 38 -15.89 -11.81 -9.84
N GLY B 39 -14.95 -10.93 -10.02
CA GLY B 39 -14.39 -10.70 -11.39
C GLY B 39 -13.02 -10.03 -11.27
N HIS B 40 -12.06 -10.71 -10.70
CA HIS B 40 -10.70 -10.13 -10.56
C HIS B 40 -10.14 -9.73 -11.93
N GLN B 41 -9.59 -8.56 -12.04
CA GLN B 41 -9.03 -8.12 -13.35
C GLN B 41 -8.01 -6.99 -13.13
N ASN B 42 -8.48 -5.79 -12.91
CA ASN B 42 -7.55 -4.65 -12.69
C ASN B 42 -7.23 -4.50 -11.19
N LEU B 43 -6.91 -5.58 -10.54
CA LEU B 43 -6.59 -5.51 -9.08
C LEU B 43 -5.42 -4.55 -8.84
N LEU B 44 -4.23 -4.97 -9.21
CA LEU B 44 -3.04 -4.10 -9.00
C LEU B 44 -3.30 -2.69 -9.53
N SER B 45 -4.17 -2.55 -10.49
CA SER B 45 -4.47 -1.20 -11.05
C SER B 45 -5.35 -0.40 -10.10
N GLU B 46 -5.98 -1.05 -9.15
CA GLU B 46 -6.86 -0.31 -8.20
C GLU B 46 -6.04 0.25 -7.03
N ALA B 47 -5.26 -0.58 -6.39
CA ALA B 47 -4.45 -0.09 -5.24
C ALA B 47 -3.22 0.68 -5.76
N GLN B 48 -2.86 0.48 -7.00
CA GLN B 48 -1.68 1.19 -7.56
C GLN B 48 -1.73 2.70 -7.25
N PRO B 49 -2.80 3.33 -7.66
CA PRO B 49 -2.95 4.79 -7.42
C PRO B 49 -3.12 5.08 -5.92
N GLU B 50 -3.68 4.17 -5.18
CA GLU B 50 -3.85 4.41 -3.71
C GLU B 50 -2.51 4.68 -3.05
N LEU B 51 -1.57 3.77 -3.17
CA LEU B 51 -0.24 3.98 -2.54
C LEU B 51 0.48 5.17 -3.19
N GLU B 52 0.56 5.17 -4.49
CA GLU B 52 1.25 6.30 -5.19
C GLU B 52 0.59 7.64 -4.82
N ARG B 53 -0.64 7.59 -4.38
CA ARG B 53 -1.33 8.87 -4.01
C ARG B 53 -0.81 9.38 -2.66
N THR B 54 -0.94 8.60 -1.62
CA THR B 54 -0.46 9.04 -0.29
C THR B 54 1.04 9.32 -0.33
N LEU B 55 1.74 8.79 -1.30
CA LEU B 55 3.21 9.03 -1.40
C LEU B 55 3.48 10.33 -2.15
N LEU B 56 2.81 10.54 -3.24
CA LEU B 56 3.03 11.79 -4.03
C LEU B 56 2.65 13.01 -3.18
N THR B 57 1.53 12.96 -2.51
CA THR B 57 1.10 14.13 -1.68
C THR B 57 2.12 14.36 -0.57
N THR B 58 2.56 13.33 0.09
CA THR B 58 3.56 13.50 1.18
C THR B 58 4.83 14.16 0.64
N ALA B 59 5.49 13.53 -0.28
CA ALA B 59 6.73 14.14 -0.85
C ALA B 59 6.42 15.53 -1.38
N LEU B 60 5.29 15.69 -2.03
CA LEU B 60 4.94 17.04 -2.56
C LEU B 60 4.88 18.04 -1.41
N ARG B 61 4.37 17.63 -0.27
CA ARG B 61 4.30 18.56 0.89
C ARG B 61 5.68 19.19 1.12
N HIS B 62 6.71 18.41 0.99
CA HIS B 62 8.08 18.96 1.17
C HIS B 62 8.30 20.07 0.15
N THR B 63 7.65 19.95 -0.99
CA THR B 63 7.77 20.99 -2.05
C THR B 63 6.38 21.42 -2.49
N GLN B 64 5.53 21.73 -1.54
CA GLN B 64 4.12 22.15 -1.86
C GLN B 64 4.05 23.03 -3.11
N GLY B 65 3.21 22.67 -4.04
CA GLY B 65 3.09 23.48 -5.29
C GLY B 65 4.10 22.99 -6.32
N HIS B 66 5.34 22.86 -5.93
CA HIS B 66 6.37 22.39 -6.90
C HIS B 66 6.18 20.90 -7.18
N LYS B 67 5.10 20.55 -7.83
CA LYS B 67 4.86 19.11 -8.14
C LYS B 67 6.07 18.52 -8.87
N GLN B 68 6.84 19.34 -9.52
CA GLN B 68 8.04 18.82 -10.24
C GLN B 68 9.11 18.38 -9.24
N GLU B 69 9.32 19.15 -8.20
CA GLU B 69 10.35 18.76 -7.19
C GLU B 69 10.11 17.33 -6.71
N ALA B 70 8.87 16.95 -6.58
CA ALA B 70 8.56 15.57 -6.12
C ALA B 70 9.28 14.56 -7.02
N ALA B 71 9.63 14.95 -8.21
CA ALA B 71 10.34 14.03 -9.14
C ALA B 71 11.60 13.48 -8.46
N ARG B 72 12.60 14.32 -8.29
CA ARG B 72 13.86 13.85 -7.64
C ARG B 72 13.56 13.35 -6.23
N LEU B 73 12.61 13.94 -5.56
CA LEU B 73 12.28 13.48 -4.18
C LEU B 73 11.97 11.99 -4.17
N LEU B 74 11.26 11.50 -5.16
CA LEU B 74 10.92 10.06 -5.20
C LEU B 74 11.79 9.34 -6.24
N GLY B 75 12.89 9.93 -6.63
CA GLY B 75 13.76 9.28 -7.65
C GLY B 75 12.94 8.95 -8.89
N TRP B 76 12.04 9.82 -9.26
CA TRP B 76 11.20 9.57 -10.46
C TRP B 76 11.67 10.43 -11.64
N GLY B 77 11.33 11.69 -11.62
CA GLY B 77 11.75 12.60 -12.73
C GLY B 77 10.53 13.40 -13.20
N ALA B 78 10.64 14.09 -14.30
CA ALA B 78 9.48 14.88 -14.79
C ALA B 78 8.62 14.03 -15.73
N ALA B 79 9.22 13.08 -16.39
CA ALA B 79 8.43 12.21 -17.32
C ALA B 79 7.58 11.23 -16.51
N THR B 80 8.16 10.57 -15.55
CA THR B 80 7.38 9.60 -14.72
C THR B 80 6.27 10.35 -13.97
N LEU B 81 6.62 11.41 -13.30
CA LEU B 81 5.59 12.19 -12.54
C LEU B 81 4.42 12.54 -13.47
N THR B 82 4.69 12.74 -14.73
CA THR B 82 3.60 13.07 -15.69
C THR B 82 2.95 11.79 -16.21
N ALA B 83 3.75 10.87 -16.68
CA ALA B 83 3.17 9.59 -17.21
C ALA B 83 2.45 8.85 -16.09
N LYS B 84 2.99 8.90 -14.90
CA LYS B 84 2.33 8.21 -13.75
C LYS B 84 0.97 8.84 -13.47
N LEU B 85 0.83 10.10 -13.76
CA LEU B 85 -0.48 10.79 -13.51
C LEU B 85 -1.57 10.15 -14.37
N LYS B 86 -1.26 9.85 -15.61
CA LYS B 86 -2.27 9.23 -16.51
C LYS B 86 -2.21 7.71 -16.39
N GLU B 87 -1.04 7.16 -16.15
CA GLU B 87 -0.92 5.68 -16.03
C GLU B 87 -1.81 5.17 -14.91
N LEU B 88 -1.59 5.62 -13.70
CA LEU B 88 -2.43 5.16 -12.57
C LEU B 88 -3.91 5.37 -12.88
N GLY B 89 -4.22 6.28 -13.76
CA GLY B 89 -5.65 6.53 -14.11
C GLY B 89 -6.20 5.35 -14.91
N MET B 90 -5.35 4.71 -15.67
CA MET B 90 -5.82 3.55 -16.48
C MET B 90 -4.93 2.32 -16.22
N GLU B 91 -3.69 2.41 -16.58
CA GLU B 91 -2.77 1.26 -16.36
C GLU B 91 -2.45 1.11 -14.86
N MET A 1 6.73 -7.84 24.17
CA MET A 1 6.49 -7.55 25.61
C MET A 1 7.51 -6.51 26.12
N ASP A 2 7.57 -5.38 25.48
CA ASP A 2 8.54 -4.33 25.92
C ASP A 2 7.77 -3.13 26.49
N LEU A 3 8.31 -2.52 27.52
CA LEU A 3 7.63 -1.34 28.12
C LEU A 3 6.17 -1.69 28.47
N PRO A 4 6.00 -2.68 29.31
CA PRO A 4 4.65 -3.11 29.72
C PRO A 4 4.02 -2.09 30.67
N GLY A 5 2.89 -2.39 31.24
CA GLY A 5 2.24 -1.44 32.17
C GLY A 5 1.64 -2.20 33.36
N GLU A 6 2.10 -1.90 34.54
CA GLU A 6 1.57 -2.62 35.75
C GLU A 6 0.58 -1.71 36.50
N LEU A 7 -0.69 -1.91 36.29
CA LEU A 7 -1.72 -1.08 36.99
C LEU A 7 -1.50 0.41 36.67
N PHE A 8 -0.64 1.07 37.41
CA PHE A 8 -0.38 2.53 37.16
C PHE A 8 -1.67 3.34 37.28
N GLU A 9 -2.47 3.39 36.24
CA GLU A 9 -3.73 4.18 36.31
C GLU A 9 -4.60 3.91 35.09
N ALA A 10 -4.00 3.75 33.93
CA ALA A 10 -4.79 3.49 32.70
C ALA A 10 -5.85 4.57 32.51
N SER A 11 -5.59 5.55 31.68
CA SER A 11 -6.59 6.63 31.46
C SER A 11 -6.71 6.95 29.97
N THR A 12 -5.61 7.00 29.28
CA THR A 12 -5.66 7.32 27.81
C THR A 12 -5.97 6.05 27.01
N PRO A 13 -6.84 6.17 26.03
CA PRO A 13 -7.21 5.02 25.19
C PRO A 13 -6.07 4.69 24.22
N ASP A 14 -5.36 3.62 24.45
CA ASP A 14 -4.25 3.26 23.53
C ASP A 14 -4.37 1.79 23.11
N SER A 15 -3.37 1.27 22.46
CA SER A 15 -3.43 -0.15 22.01
C SER A 15 -2.05 -0.60 21.51
N PRO A 16 -1.75 -1.86 21.73
CA PRO A 16 -0.44 -2.42 21.28
C PRO A 16 -0.42 -2.59 19.76
N SER A 17 0.20 -1.67 19.05
CA SER A 17 0.24 -1.78 17.57
C SER A 17 1.51 -1.10 17.03
N HIS A 18 2.66 -1.65 17.31
CA HIS A 18 3.91 -1.03 16.81
C HIS A 18 4.87 -2.11 16.30
N LEU A 19 4.51 -2.77 15.22
CA LEU A 19 5.40 -3.83 14.67
C LEU A 19 4.79 -4.43 13.39
N PRO A 20 3.60 -4.98 13.52
CA PRO A 20 2.92 -5.58 12.34
C PRO A 20 2.44 -4.48 11.39
N PRO A 21 2.35 -4.83 10.13
CA PRO A 21 1.89 -3.85 9.10
C PRO A 21 0.38 -3.61 9.23
N ASP A 22 -0.06 -3.12 10.35
CA ASP A 22 -1.52 -2.86 10.53
C ASP A 22 -1.90 -1.51 9.93
N SER A 23 -1.38 -0.44 10.48
CA SER A 23 -1.71 0.91 9.94
C SER A 23 -0.73 1.29 8.83
N TRP A 24 -0.69 0.51 7.78
CA TRP A 24 0.25 0.79 6.65
C TRP A 24 0.25 2.27 6.28
N ALA A 25 -0.82 2.78 5.73
CA ALA A 25 -0.85 4.23 5.34
C ALA A 25 -0.32 5.11 6.47
N THR A 26 -0.81 4.92 7.66
CA THR A 26 -0.31 5.76 8.80
C THR A 26 1.20 5.57 8.92
N LEU A 27 1.69 4.39 8.63
CA LEU A 27 3.16 4.14 8.71
C LEU A 27 3.85 4.76 7.50
N LEU A 28 3.15 4.86 6.40
CA LEU A 28 3.77 5.45 5.18
C LEU A 28 3.79 6.97 5.29
N ALA A 29 2.78 7.55 5.90
CA ALA A 29 2.76 9.03 6.04
C ALA A 29 3.78 9.47 7.08
N GLN A 30 3.98 8.66 8.10
CA GLN A 30 4.97 9.02 9.15
C GLN A 30 6.37 8.59 8.70
N TRP A 31 6.48 7.47 8.06
CA TRP A 31 7.82 7.00 7.58
C TRP A 31 8.39 7.99 6.56
N ALA A 32 7.67 8.24 5.51
CA ALA A 32 8.17 9.19 4.47
C ALA A 32 8.51 10.54 5.12
N ASP A 33 7.82 10.90 6.17
CA ASP A 33 8.11 12.20 6.83
C ASP A 33 9.37 12.07 7.70
N ARG A 34 9.49 11.00 8.43
CA ARG A 34 10.69 10.82 9.30
C ARG A 34 11.95 10.81 8.44
N ALA A 35 11.86 10.30 7.24
CA ALA A 35 13.04 10.24 6.34
C ALA A 35 13.28 11.63 5.73
N LEU A 36 12.23 12.32 5.38
CA LEU A 36 12.39 13.68 4.78
C LEU A 36 13.06 14.63 5.77
N ARG A 37 12.76 14.48 7.04
CA ARG A 37 13.37 15.37 8.06
C ARG A 37 14.86 15.06 8.22
N SER A 38 15.30 13.92 7.76
CA SER A 38 16.75 13.56 7.89
C SER A 38 17.26 12.92 6.60
N GLY A 39 17.31 13.67 5.53
CA GLY A 39 17.80 13.12 4.24
C GLY A 39 17.04 11.83 3.90
N HIS A 40 15.93 11.95 3.24
CA HIS A 40 15.14 10.73 2.88
C HIS A 40 15.87 9.91 1.82
N GLN A 41 15.23 8.90 1.30
CA GLN A 41 15.88 8.05 0.26
C GLN A 41 14.84 7.51 -0.71
N ASN A 42 15.09 6.38 -1.31
CA ASN A 42 14.11 5.79 -2.26
C ASN A 42 12.79 5.51 -1.53
N LEU A 43 11.92 6.48 -1.42
CA LEU A 43 10.64 6.27 -0.72
C LEU A 43 9.68 5.44 -1.57
N LEU A 44 9.09 6.03 -2.58
CA LEU A 44 8.15 5.27 -3.44
C LEU A 44 8.79 3.97 -3.94
N SER A 45 10.08 3.96 -4.09
CA SER A 45 10.77 2.73 -4.57
C SER A 45 10.76 1.64 -3.48
N GLU A 46 10.60 2.04 -2.24
CA GLU A 46 10.60 1.02 -1.15
C GLU A 46 9.19 0.43 -0.96
N ALA A 47 8.18 1.27 -0.94
CA ALA A 47 6.80 0.75 -0.76
C ALA A 47 6.23 0.27 -2.10
N GLN A 48 6.85 0.63 -3.20
CA GLN A 48 6.33 0.19 -4.53
C GLN A 48 6.17 -1.34 -4.58
N PRO A 49 7.26 -2.04 -4.33
CA PRO A 49 7.22 -3.52 -4.37
C PRO A 49 6.42 -4.07 -3.19
N GLU A 50 6.37 -3.34 -2.11
CA GLU A 50 5.59 -3.83 -0.93
C GLU A 50 4.14 -4.09 -1.34
N LEU A 51 3.55 -3.19 -2.07
CA LEU A 51 2.14 -3.38 -2.51
C LEU A 51 2.07 -4.42 -3.62
N GLU A 52 2.93 -4.32 -4.60
CA GLU A 52 2.91 -5.31 -5.72
C GLU A 52 3.09 -6.73 -5.17
N ARG A 53 3.83 -6.87 -4.11
CA ARG A 53 4.04 -8.23 -3.54
C ARG A 53 2.78 -8.72 -2.81
N THR A 54 2.26 -7.92 -1.91
CA THR A 54 1.03 -8.34 -1.17
C THR A 54 -0.07 -8.73 -2.15
N LEU A 55 -0.03 -8.21 -3.35
CA LEU A 55 -1.09 -8.56 -4.34
C LEU A 55 -0.66 -9.79 -5.16
N LEU A 56 0.45 -9.70 -5.84
CA LEU A 56 0.92 -10.86 -6.66
C LEU A 56 0.94 -12.14 -5.82
N THR A 57 1.32 -12.04 -4.58
CA THR A 57 1.36 -13.24 -3.71
C THR A 57 -0.05 -13.75 -3.43
N THR A 58 -0.90 -12.92 -2.89
CA THR A 58 -2.30 -13.36 -2.60
C THR A 58 -2.93 -13.96 -3.86
N ALA A 59 -3.06 -13.20 -4.91
CA ALA A 59 -3.66 -13.73 -6.16
C ALA A 59 -2.94 -15.02 -6.57
N LEU A 60 -1.63 -15.03 -6.51
CA LEU A 60 -0.90 -16.27 -6.88
C LEU A 60 -1.40 -17.43 -6.03
N ARG A 61 -1.69 -17.18 -4.78
CA ARG A 61 -2.18 -18.28 -3.90
C ARG A 61 -3.35 -18.99 -4.59
N HIS A 62 -4.21 -18.24 -5.23
CA HIS A 62 -5.35 -18.86 -5.96
C HIS A 62 -4.78 -19.81 -7.02
N THR A 63 -3.63 -19.48 -7.54
CA THR A 63 -2.96 -20.34 -8.56
C THR A 63 -1.55 -20.67 -8.09
N GLN A 64 -1.42 -21.08 -6.85
CA GLN A 64 -0.07 -21.39 -6.28
C GLN A 64 0.83 -22.13 -7.27
N GLY A 65 2.00 -21.62 -7.51
CA GLY A 65 2.93 -22.27 -8.47
C GLY A 65 2.69 -21.73 -9.88
N HIS A 66 1.46 -21.65 -10.29
CA HIS A 66 1.17 -21.14 -11.66
C HIS A 66 1.38 -19.62 -11.71
N LYS A 67 2.60 -19.17 -11.56
CA LYS A 67 2.85 -17.70 -11.61
C LYS A 67 2.23 -17.09 -12.87
N GLN A 68 2.10 -17.87 -13.91
CA GLN A 68 1.50 -17.34 -15.17
C GLN A 68 0.03 -16.98 -14.94
N GLU A 69 -0.70 -17.84 -14.27
CA GLU A 69 -2.14 -17.54 -14.01
C GLU A 69 -2.28 -16.17 -13.35
N ALA A 70 -1.39 -15.85 -12.44
CA ALA A 70 -1.46 -14.53 -11.75
C ALA A 70 -1.57 -13.39 -12.79
N ALA A 71 -1.12 -13.64 -13.99
CA ALA A 71 -1.20 -12.57 -15.03
C ALA A 71 -2.66 -12.12 -15.20
N ARG A 72 -3.51 -13.00 -15.65
CA ARG A 72 -4.94 -12.63 -15.83
C ARG A 72 -5.60 -12.37 -14.48
N LEU A 73 -5.20 -13.10 -13.47
CA LEU A 73 -5.79 -12.89 -12.12
C LEU A 73 -5.62 -11.44 -11.67
N LEU A 74 -4.66 -10.75 -12.24
CA LEU A 74 -4.44 -9.32 -11.85
C LEU A 74 -4.62 -8.40 -13.07
N GLY A 75 -4.96 -8.95 -14.21
CA GLY A 75 -5.15 -8.08 -15.40
C GLY A 75 -3.79 -7.50 -15.82
N TRP A 76 -2.76 -8.27 -15.72
CA TRP A 76 -1.40 -7.77 -16.09
C TRP A 76 -0.92 -8.45 -17.38
N GLY A 77 -0.76 -9.74 -17.36
CA GLY A 77 -0.29 -10.46 -18.58
C GLY A 77 1.03 -11.16 -18.28
N ALA A 78 1.72 -11.63 -19.27
CA ALA A 78 3.02 -12.31 -19.02
C ALA A 78 4.17 -11.30 -19.08
N ALA A 79 4.06 -10.31 -19.92
CA ALA A 79 5.15 -9.30 -20.01
C ALA A 79 5.15 -8.45 -18.74
N THR A 80 4.00 -8.03 -18.28
CA THR A 80 3.94 -7.21 -17.05
C THR A 80 4.42 -8.02 -15.84
N LEU A 81 3.92 -9.22 -15.71
CA LEU A 81 4.35 -10.08 -14.56
C LEU A 81 5.87 -10.27 -14.59
N THR A 82 6.46 -10.25 -15.75
CA THR A 82 7.93 -10.43 -15.86
C THR A 82 8.64 -9.08 -15.77
N ALA A 83 8.15 -8.10 -16.48
CA ALA A 83 8.78 -6.75 -16.44
C ALA A 83 8.64 -6.14 -15.05
N LYS A 84 7.63 -6.53 -14.32
CA LYS A 84 7.42 -5.97 -12.95
C LYS A 84 8.40 -6.61 -11.96
N LEU A 85 8.89 -7.79 -12.27
CA LEU A 85 9.83 -8.47 -11.34
C LEU A 85 11.15 -7.69 -11.26
N LYS A 86 11.64 -7.23 -12.37
CA LYS A 86 12.93 -6.47 -12.36
C LYS A 86 12.67 -4.97 -12.16
N GLU A 87 11.58 -4.48 -12.70
CA GLU A 87 11.27 -3.03 -12.56
C GLU A 87 11.30 -2.62 -11.08
N LEU A 88 10.46 -3.23 -10.27
CA LEU A 88 10.44 -2.87 -8.82
C LEU A 88 11.84 -3.02 -8.21
N GLY A 89 12.69 -3.80 -8.83
CA GLY A 89 14.06 -3.98 -8.28
C GLY A 89 15.02 -2.99 -8.94
N MET A 90 14.77 -2.62 -10.16
CA MET A 90 15.67 -1.66 -10.86
C MET A 90 15.19 -0.23 -10.64
N GLU A 91 13.90 -0.01 -10.71
CA GLU A 91 13.36 1.37 -10.51
C GLU A 91 12.86 1.53 -9.08
N MET B 1 -21.97 5.10 13.51
CA MET B 1 -22.78 4.62 14.66
C MET B 1 -23.80 3.58 14.19
N ASP B 2 -23.35 2.53 13.56
CA ASP B 2 -24.30 1.49 13.07
C ASP B 2 -24.08 0.19 13.85
N LEU B 3 -25.15 -0.52 14.14
CA LEU B 3 -25.01 -1.79 14.90
C LEU B 3 -24.23 -1.56 16.20
N PRO B 4 -24.75 -0.69 17.03
CA PRO B 4 -24.07 -0.39 18.32
C PRO B 4 -24.23 -1.55 19.30
N GLY B 5 -23.81 -1.37 20.52
CA GLY B 5 -23.93 -2.47 21.51
C GLY B 5 -24.38 -1.90 22.86
N GLU B 6 -25.51 -2.31 23.36
CA GLU B 6 -25.99 -1.78 24.67
C GLU B 6 -25.75 -2.82 25.77
N LEU B 7 -24.70 -2.65 26.54
CA LEU B 7 -24.41 -3.62 27.63
C LEU B 7 -24.27 -5.05 27.07
N PHE B 8 -25.37 -5.75 26.93
CA PHE B 8 -25.30 -7.14 26.38
C PHE B 8 -24.42 -8.02 27.27
N GLU B 9 -23.12 -8.00 27.07
CA GLU B 9 -22.22 -8.84 27.90
C GLU B 9 -20.76 -8.46 27.65
N ALA B 10 -20.41 -8.14 26.44
CA ALA B 10 -19.00 -7.77 26.14
C ALA B 10 -18.04 -8.87 26.61
N SER B 11 -17.61 -9.71 25.72
CA SER B 11 -16.69 -10.81 26.11
C SER B 11 -15.55 -10.95 25.10
N THR B 12 -15.86 -10.86 23.83
CA THR B 12 -14.79 -10.99 22.80
C THR B 12 -14.08 -9.65 22.60
N PRO B 13 -12.77 -9.70 22.48
CA PRO B 13 -11.98 -8.46 22.29
C PRO B 13 -12.14 -7.96 20.85
N ASP B 14 -12.87 -6.90 20.66
CA ASP B 14 -13.06 -6.36 19.28
C ASP B 14 -12.75 -4.86 19.24
N SER B 15 -13.04 -4.22 18.15
CA SER B 15 -12.77 -2.75 18.04
C SER B 15 -13.43 -2.17 16.80
N PRO B 16 -13.87 -0.94 16.89
CA PRO B 16 -14.53 -0.27 15.74
C PRO B 16 -13.50 0.08 14.67
N SER B 17 -13.41 -0.70 13.63
CA SER B 17 -12.43 -0.41 12.56
C SER B 17 -12.93 -0.96 11.21
N HIS B 18 -13.97 -0.39 10.69
CA HIS B 18 -14.50 -0.87 9.38
C HIS B 18 -14.89 0.31 8.49
N LEU B 19 -13.92 1.07 8.05
CA LEU B 19 -14.24 2.24 7.17
C LEU B 19 -12.94 2.96 6.77
N PRO B 20 -12.20 3.43 7.74
CA PRO B 20 -10.93 4.14 7.46
C PRO B 20 -9.86 3.15 6.97
N PRO B 21 -8.94 3.64 6.19
CA PRO B 21 -7.85 2.78 5.65
C PRO B 21 -6.85 2.45 6.75
N ASP B 22 -7.28 1.80 7.80
CA ASP B 22 -6.34 1.45 8.89
C ASP B 22 -5.58 0.16 8.56
N SER B 23 -6.28 -0.94 8.47
CA SER B 23 -5.60 -2.23 8.14
C SER B 23 -5.52 -2.40 6.63
N TRP B 24 -4.86 -1.50 5.96
CA TRP B 24 -4.74 -1.60 4.47
C TRP B 24 -4.42 -3.02 4.01
N ALA B 25 -3.24 -3.51 4.30
CA ALA B 25 -2.87 -4.89 3.87
C ALA B 25 -3.99 -5.88 4.19
N THR B 26 -4.47 -5.88 5.41
CA THR B 26 -5.58 -6.81 5.76
C THR B 26 -6.76 -6.57 4.82
N LEU B 27 -6.97 -5.34 4.43
CA LEU B 27 -8.10 -5.03 3.51
C LEU B 27 -7.72 -5.46 2.08
N LEU B 28 -6.45 -5.46 1.77
CA LEU B 28 -6.03 -5.85 0.41
C LEU B 28 -6.03 -7.38 0.28
N ALA B 29 -5.70 -8.08 1.34
CA ALA B 29 -5.71 -9.57 1.28
C ALA B 29 -7.16 -10.07 1.25
N GLN B 30 -8.03 -9.40 1.94
CA GLN B 30 -9.46 -9.83 1.95
C GLN B 30 -10.18 -9.28 0.72
N TRP B 31 -9.88 -8.08 0.33
CA TRP B 31 -10.54 -7.49 -0.87
C TRP B 31 -10.18 -8.32 -2.11
N ALA B 32 -8.91 -8.47 -2.40
CA ALA B 32 -8.52 -9.26 -3.60
C ALA B 32 -9.13 -10.65 -3.55
N ASP B 33 -9.35 -11.17 -2.37
CA ASP B 33 -9.95 -12.53 -2.26
C ASP B 33 -11.47 -12.46 -2.49
N ARG B 34 -12.12 -11.47 -1.93
CA ARG B 34 -13.59 -11.34 -2.12
C ARG B 34 -13.91 -11.17 -3.60
N ALA B 35 -13.03 -10.50 -4.32
CA ALA B 35 -13.26 -10.30 -5.77
C ALA B 35 -12.93 -11.57 -6.55
N LEU B 36 -11.91 -12.27 -6.15
CA LEU B 36 -11.54 -13.53 -6.86
C LEU B 36 -12.66 -14.56 -6.73
N ARG B 37 -13.33 -14.58 -5.62
CA ARG B 37 -14.43 -15.57 -5.42
C ARG B 37 -15.64 -15.20 -6.30
N SER B 38 -15.68 -13.99 -6.79
CA SER B 38 -16.84 -13.58 -7.65
C SER B 38 -16.35 -12.77 -8.85
N GLY B 39 -15.60 -13.37 -9.73
CA GLY B 39 -15.10 -12.64 -10.92
C GLY B 39 -14.39 -11.36 -10.47
N HIS B 40 -13.11 -11.44 -10.20
CA HIS B 40 -12.37 -10.23 -9.74
C HIS B 40 -12.20 -9.25 -10.90
N GLN B 41 -11.42 -8.22 -10.72
CA GLN B 41 -11.21 -7.22 -11.80
C GLN B 41 -9.82 -6.61 -11.70
N ASN B 42 -9.65 -5.40 -12.16
CA ASN B 42 -8.30 -4.76 -12.08
C ASN B 42 -7.88 -4.63 -10.62
N LEU B 43 -7.29 -5.65 -10.06
CA LEU B 43 -6.86 -5.59 -8.64
C LEU B 43 -5.61 -4.70 -8.49
N LEU B 44 -4.47 -5.20 -8.87
CA LEU B 44 -3.22 -4.39 -8.74
C LEU B 44 -3.42 -3.01 -9.37
N SER B 45 -4.24 -2.91 -10.36
CA SER B 45 -4.46 -1.59 -11.03
C SER B 45 -5.27 -0.66 -10.12
N GLU B 46 -5.98 -1.20 -9.17
CA GLU B 46 -6.79 -0.34 -8.27
C GLU B 46 -5.94 0.15 -7.09
N ALA B 47 -5.19 -0.74 -6.48
CA ALA B 47 -4.33 -0.31 -5.33
C ALA B 47 -3.02 0.31 -5.82
N GLN B 48 -2.69 0.12 -7.07
CA GLN B 48 -1.42 0.70 -7.61
C GLN B 48 -1.36 2.21 -7.35
N PRO B 49 -2.34 2.93 -7.85
CA PRO B 49 -2.37 4.39 -7.66
C PRO B 49 -2.63 4.75 -6.21
N GLU B 50 -3.30 3.89 -5.48
CA GLU B 50 -3.58 4.20 -4.05
C GLU B 50 -2.26 4.43 -3.30
N LEU B 51 -1.29 3.59 -3.53
CA LEU B 51 0.02 3.77 -2.84
C LEU B 51 0.79 4.94 -3.45
N GLU B 52 0.85 5.00 -4.76
CA GLU B 52 1.59 6.12 -5.42
C GLU B 52 1.01 7.46 -4.97
N ARG B 53 -0.27 7.52 -4.71
CA ARG B 53 -0.88 8.80 -4.28
C ARG B 53 -0.50 9.13 -2.83
N THR B 54 -0.71 8.20 -1.93
CA THR B 54 -0.36 8.45 -0.50
C THR B 54 1.09 8.92 -0.39
N LEU B 55 1.92 8.55 -1.33
CA LEU B 55 3.36 8.97 -1.27
C LEU B 55 3.55 10.31 -1.99
N LEU B 56 3.22 10.36 -3.26
CA LEU B 56 3.39 11.64 -4.02
C LEU B 56 2.73 12.80 -3.28
N THR B 57 1.60 12.56 -2.66
CA THR B 57 0.90 13.66 -1.93
C THR B 57 1.71 14.06 -0.69
N THR B 58 1.99 13.12 0.17
CA THR B 58 2.78 13.45 1.40
C THR B 58 4.07 14.17 1.03
N ALA B 59 4.93 13.54 0.27
CA ALA B 59 6.20 14.20 -0.13
C ALA B 59 5.89 15.56 -0.77
N LEU B 60 4.91 15.63 -1.62
CA LEU B 60 4.58 16.94 -2.25
C LEU B 60 4.29 17.96 -1.15
N ARG B 61 3.64 17.54 -0.10
CA ARG B 61 3.34 18.49 1.02
C ARG B 61 4.62 19.22 1.42
N HIS B 62 5.72 18.51 1.46
CA HIS B 62 7.01 19.17 1.81
C HIS B 62 7.29 20.27 0.78
N THR B 63 6.84 20.06 -0.43
CA THR B 63 7.03 21.09 -1.50
C THR B 63 5.66 21.42 -2.11
N GLN B 64 4.69 21.67 -1.27
CA GLN B 64 3.31 21.98 -1.76
C GLN B 64 3.32 22.87 -2.99
N GLY B 65 2.65 22.46 -4.04
CA GLY B 65 2.61 23.27 -5.29
C GLY B 65 3.78 22.90 -6.19
N HIS B 66 4.96 22.81 -5.63
CA HIS B 66 6.15 22.46 -6.47
C HIS B 66 6.11 20.97 -6.84
N LYS B 67 5.16 20.57 -7.64
CA LYS B 67 5.08 19.13 -8.03
C LYS B 67 6.43 18.66 -8.57
N GLN B 68 7.20 19.55 -9.13
CA GLN B 68 8.53 19.15 -9.67
C GLN B 68 9.44 18.69 -8.53
N GLU B 69 9.47 19.42 -7.45
CA GLU B 69 10.34 19.02 -6.30
C GLU B 69 10.05 17.58 -5.90
N ALA B 70 8.80 17.19 -5.91
CA ALA B 70 8.44 15.80 -5.54
C ALA B 70 9.30 14.80 -6.34
N ALA B 71 9.79 15.20 -7.48
CA ALA B 71 10.63 14.27 -8.29
C ALA B 71 11.81 13.78 -7.47
N ARG B 72 12.69 14.66 -7.08
CA ARG B 72 13.87 14.24 -6.27
C ARG B 72 13.41 13.78 -4.88
N LEU B 73 12.39 14.40 -4.35
CA LEU B 73 11.90 14.00 -3.00
C LEU B 73 11.54 12.51 -2.99
N LEU B 74 11.28 11.95 -4.14
CA LEU B 74 10.93 10.49 -4.20
C LEU B 74 11.94 9.73 -5.05
N GLY B 75 12.95 10.39 -5.55
CA GLY B 75 13.96 9.68 -6.39
C GLY B 75 13.30 9.22 -7.70
N TRP B 76 12.43 10.03 -8.24
CA TRP B 76 11.74 9.64 -9.51
C TRP B 76 12.26 10.49 -10.67
N GLY B 77 12.06 11.78 -10.61
CA GLY B 77 12.53 12.67 -11.71
C GLY B 77 11.33 13.39 -12.33
N ALA B 78 11.50 14.02 -13.45
CA ALA B 78 10.36 14.73 -14.10
C ALA B 78 9.62 13.78 -15.04
N ALA B 79 10.33 12.92 -15.69
CA ALA B 79 9.66 11.96 -16.63
C ALA B 79 8.82 10.96 -15.84
N THR B 80 9.36 10.44 -14.78
CA THR B 80 8.59 9.47 -13.96
C THR B 80 7.37 10.14 -13.33
N LEU B 81 7.56 11.29 -12.74
CA LEU B 81 6.42 12.01 -12.12
C LEU B 81 5.35 12.29 -13.16
N THR B 82 5.72 12.44 -14.40
CA THR B 82 4.72 12.71 -15.47
C THR B 82 4.23 11.39 -16.06
N ALA B 83 5.12 10.48 -16.36
CA ALA B 83 4.70 9.18 -16.94
C ALA B 83 3.88 8.39 -15.92
N LYS B 84 4.07 8.64 -14.66
CA LYS B 84 3.30 7.90 -13.61
C LYS B 84 1.89 8.47 -13.50
N LEU B 85 1.70 9.69 -13.91
CA LEU B 85 0.33 10.30 -13.81
C LEU B 85 -0.63 9.59 -14.77
N LYS B 86 -0.20 9.28 -15.96
CA LYS B 86 -1.10 8.59 -16.93
C LYS B 86 -0.96 7.07 -16.79
N GLU B 87 0.22 6.60 -16.49
CA GLU B 87 0.42 5.13 -16.35
C GLU B 87 -0.60 4.54 -15.37
N LEU B 88 -0.61 5.00 -14.15
CA LEU B 88 -1.57 4.47 -13.15
C LEU B 88 -3.00 4.60 -13.66
N GLY B 89 -3.23 5.50 -14.59
CA GLY B 89 -4.61 5.68 -15.12
C GLY B 89 -4.79 4.83 -16.38
N MET B 90 -3.74 4.60 -17.12
CA MET B 90 -3.86 3.78 -18.36
C MET B 90 -3.59 2.31 -18.04
N GLU B 91 -2.61 2.04 -17.24
CA GLU B 91 -2.29 0.62 -16.89
C GLU B 91 -2.91 0.26 -15.54
N MET A 1 6.97 -27.55 32.08
CA MET A 1 7.56 -26.70 31.00
C MET A 1 6.59 -26.58 29.82
N ASP A 2 6.66 -25.50 29.09
CA ASP A 2 5.75 -25.33 27.93
C ASP A 2 6.55 -25.32 26.62
N LEU A 3 6.59 -26.42 25.93
CA LEU A 3 7.36 -26.47 24.65
C LEU A 3 6.54 -25.87 23.51
N PRO A 4 7.22 -25.33 22.54
CA PRO A 4 6.54 -24.71 21.38
C PRO A 4 5.98 -25.79 20.45
N GLY A 5 6.82 -26.69 20.01
CA GLY A 5 6.34 -27.78 19.10
C GLY A 5 7.35 -28.92 19.09
N GLU A 6 6.88 -30.14 19.12
CA GLU A 6 7.81 -31.30 19.12
C GLU A 6 8.45 -31.46 17.74
N LEU A 7 9.58 -32.10 17.67
CA LEU A 7 10.26 -32.30 16.35
C LEU A 7 10.42 -30.96 15.63
N PHE A 8 10.61 -30.98 14.35
CA PHE A 8 10.79 -29.71 13.59
C PHE A 8 9.73 -29.61 12.48
N GLU A 9 9.30 -28.43 12.16
CA GLU A 9 8.28 -28.27 11.08
C GLU A 9 8.95 -27.78 9.80
N ALA A 10 8.56 -28.32 8.67
CA ALA A 10 9.16 -27.88 7.39
C ALA A 10 8.27 -26.87 6.68
N SER A 11 7.19 -27.31 6.11
CA SER A 11 6.26 -26.38 5.41
C SER A 11 5.46 -25.55 6.42
N THR A 12 5.38 -24.27 6.23
CA THR A 12 4.61 -23.42 7.18
C THR A 12 3.50 -22.67 6.44
N PRO A 13 2.50 -22.24 7.18
CA PRO A 13 1.36 -21.51 6.57
C PRO A 13 1.79 -20.09 6.17
N ASP A 14 0.88 -19.31 5.67
CA ASP A 14 1.23 -17.91 5.26
C ASP A 14 0.26 -16.92 5.90
N SER A 15 0.69 -15.70 6.08
CA SER A 15 -0.21 -14.68 6.69
C SER A 15 -0.78 -15.19 8.01
N PRO A 16 0.05 -15.17 9.03
CA PRO A 16 -0.38 -15.66 10.37
C PRO A 16 -1.34 -14.65 11.01
N SER A 17 -1.75 -14.91 12.22
CA SER A 17 -2.69 -13.97 12.90
C SER A 17 -1.92 -12.82 13.55
N HIS A 18 -2.28 -11.60 13.27
CA HIS A 18 -1.56 -10.45 13.88
C HIS A 18 -2.42 -9.80 14.97
N LEU A 19 -1.90 -9.71 16.16
CA LEU A 19 -2.68 -9.09 17.27
C LEU A 19 -2.89 -7.59 17.02
N PRO A 20 -1.81 -6.87 16.86
CA PRO A 20 -1.90 -5.41 16.60
C PRO A 20 -2.43 -5.15 15.19
N PRO A 21 -3.15 -4.07 15.04
CA PRO A 21 -3.72 -3.71 13.71
C PRO A 21 -2.62 -3.21 12.77
N ASP A 22 -2.53 -3.79 11.60
CA ASP A 22 -1.48 -3.36 10.64
C ASP A 22 -1.83 -1.99 10.06
N SER A 23 -1.29 -0.94 10.62
CA SER A 23 -1.60 0.43 10.11
C SER A 23 -0.63 0.80 8.98
N TRP A 24 -0.58 0.01 7.94
CA TRP A 24 0.35 0.31 6.80
C TRP A 24 0.32 1.79 6.43
N ALA A 25 -0.77 2.27 5.87
CA ALA A 25 -0.84 3.70 5.47
C ALA A 25 -0.36 4.60 6.61
N THR A 26 -0.79 4.33 7.82
CA THR A 26 -0.34 5.17 8.97
C THR A 26 1.18 5.06 9.09
N LEU A 27 1.72 3.90 8.84
CA LEU A 27 3.20 3.71 8.94
C LEU A 27 3.87 4.37 7.73
N LEU A 28 3.16 4.46 6.64
CA LEU A 28 3.75 5.07 5.41
C LEU A 28 3.70 6.61 5.54
N ALA A 29 2.68 7.13 6.15
CA ALA A 29 2.57 8.60 6.31
C ALA A 29 3.62 9.10 7.30
N GLN A 30 3.85 8.36 8.35
CA GLN A 30 4.87 8.78 9.35
C GLN A 30 6.27 8.41 8.85
N TRP A 31 6.40 7.28 8.21
CA TRP A 31 7.73 6.86 7.69
C TRP A 31 8.20 7.84 6.62
N ALA A 32 7.41 8.05 5.60
CA ALA A 32 7.82 9.01 4.53
C ALA A 32 8.13 10.38 5.15
N ASP A 33 7.45 10.74 6.21
CA ASP A 33 7.71 12.05 6.86
C ASP A 33 9.03 11.99 7.63
N ARG A 34 9.23 10.98 8.42
CA ARG A 34 10.50 10.87 9.18
C ARG A 34 11.69 10.95 8.22
N ALA A 35 11.61 10.27 7.12
CA ALA A 35 12.74 10.32 6.13
C ALA A 35 12.83 11.72 5.52
N LEU A 36 11.71 12.38 5.39
CA LEU A 36 11.74 13.76 4.80
C LEU A 36 12.65 14.66 5.63
N ARG A 37 12.51 14.64 6.92
CA ARG A 37 13.39 15.50 7.78
C ARG A 37 14.68 14.75 8.13
N SER A 38 15.37 14.25 7.16
CA SER A 38 16.64 13.51 7.45
C SER A 38 17.40 13.24 6.15
N GLY A 39 16.91 12.37 5.33
CA GLY A 39 17.60 12.06 4.04
C GLY A 39 16.76 11.07 3.23
N HIS A 40 15.52 11.38 3.01
CA HIS A 40 14.65 10.45 2.23
C HIS A 40 15.24 10.20 0.84
N GLN A 41 14.85 9.13 0.22
CA GLN A 41 15.38 8.82 -1.15
C GLN A 41 14.50 7.78 -1.83
N ASN A 42 14.57 6.55 -1.40
CA ASN A 42 13.73 5.49 -2.02
C ASN A 42 12.39 5.38 -1.29
N LEU A 43 11.58 6.41 -1.37
CA LEU A 43 10.26 6.37 -0.67
C LEU A 43 9.29 5.43 -1.40
N LEU A 44 8.87 5.80 -2.58
CA LEU A 44 7.92 4.94 -3.34
C LEU A 44 8.62 3.66 -3.82
N SER A 45 9.89 3.75 -4.11
CA SER A 45 10.62 2.54 -4.61
C SER A 45 10.68 1.46 -3.51
N GLU A 46 10.47 1.84 -2.28
CA GLU A 46 10.53 0.83 -1.18
C GLU A 46 9.15 0.17 -0.99
N ALA A 47 8.11 0.95 -0.85
CA ALA A 47 6.77 0.36 -0.66
C ALA A 47 6.20 -0.13 -2.00
N GLN A 48 6.82 0.21 -3.09
CA GLN A 48 6.31 -0.24 -4.41
C GLN A 48 6.21 -1.77 -4.46
N PRO A 49 7.32 -2.43 -4.23
CA PRO A 49 7.33 -3.92 -4.26
C PRO A 49 6.54 -4.48 -3.07
N GLU A 50 6.41 -3.74 -2.01
CA GLU A 50 5.64 -4.25 -0.85
C GLU A 50 4.18 -4.49 -1.25
N LEU A 51 3.57 -3.53 -1.89
CA LEU A 51 2.15 -3.71 -2.32
C LEU A 51 2.09 -4.71 -3.47
N GLU A 52 3.07 -4.69 -4.34
CA GLU A 52 3.07 -5.64 -5.49
C GLU A 52 3.23 -7.08 -4.99
N ARG A 53 3.95 -7.28 -3.92
CA ARG A 53 4.14 -8.65 -3.39
C ARG A 53 2.89 -9.12 -2.64
N THR A 54 2.44 -8.34 -1.68
CA THR A 54 1.23 -8.74 -0.91
C THR A 54 0.08 -9.09 -1.86
N LEU A 55 0.01 -8.43 -2.98
CA LEU A 55 -1.08 -8.73 -3.95
C LEU A 55 -0.66 -9.86 -4.89
N LEU A 56 0.49 -9.77 -5.48
CA LEU A 56 0.94 -10.85 -6.41
C LEU A 56 0.89 -12.20 -5.70
N THR A 57 1.25 -12.24 -4.45
CA THR A 57 1.21 -13.54 -3.70
C THR A 57 -0.24 -14.02 -3.55
N THR A 58 -1.12 -13.13 -3.16
CA THR A 58 -2.54 -13.53 -3.00
C THR A 58 -3.07 -14.09 -4.32
N ALA A 59 -3.00 -13.32 -5.37
CA ALA A 59 -3.50 -13.81 -6.69
C ALA A 59 -2.83 -15.14 -7.03
N LEU A 60 -1.53 -15.24 -6.86
CA LEU A 60 -0.85 -16.53 -7.17
C LEU A 60 -1.50 -17.65 -6.38
N ARG A 61 -1.88 -17.40 -5.15
CA ARG A 61 -2.53 -18.46 -4.34
C ARG A 61 -3.68 -19.08 -5.13
N HIS A 62 -4.42 -18.27 -5.84
CA HIS A 62 -5.53 -18.81 -6.67
C HIS A 62 -4.94 -19.80 -7.68
N THR A 63 -3.74 -19.54 -8.12
CA THR A 63 -3.07 -20.45 -9.09
C THR A 63 -1.68 -20.82 -8.54
N GLN A 64 -1.63 -21.25 -7.31
CA GLN A 64 -0.33 -21.61 -6.67
C GLN A 64 0.57 -22.41 -7.62
N GLY A 65 1.75 -21.93 -7.87
CA GLY A 65 2.68 -22.66 -8.77
C GLY A 65 2.56 -22.14 -10.21
N HIS A 66 1.36 -21.97 -10.68
CA HIS A 66 1.18 -21.46 -12.09
C HIS A 66 1.99 -20.19 -12.30
N LYS A 67 1.88 -19.23 -11.41
CA LYS A 67 2.66 -17.95 -11.56
C LYS A 67 2.15 -17.17 -12.77
N GLN A 68 2.32 -17.70 -13.95
CA GLN A 68 1.84 -16.97 -15.17
C GLN A 68 0.35 -16.68 -15.04
N GLU A 69 -0.43 -17.63 -14.59
CA GLU A 69 -1.90 -17.38 -14.44
C GLU A 69 -2.14 -16.08 -13.68
N ALA A 70 -1.32 -15.80 -12.69
CA ALA A 70 -1.50 -14.54 -11.92
C ALA A 70 -1.54 -13.33 -12.86
N ALA A 71 -0.99 -13.48 -14.04
CA ALA A 71 -0.99 -12.35 -15.01
C ALA A 71 -2.42 -11.86 -15.23
N ARG A 72 -3.27 -12.67 -15.80
CA ARG A 72 -4.67 -12.25 -16.05
C ARG A 72 -5.37 -11.93 -14.73
N LEU A 73 -4.98 -12.58 -13.67
CA LEU A 73 -5.62 -12.31 -12.35
C LEU A 73 -5.50 -10.83 -11.98
N LEU A 74 -4.44 -10.19 -12.42
CA LEU A 74 -4.26 -8.75 -12.09
C LEU A 74 -4.26 -7.91 -13.37
N GLY A 75 -4.76 -8.45 -14.45
CA GLY A 75 -4.78 -7.67 -15.73
C GLY A 75 -3.37 -7.20 -16.06
N TRP A 76 -2.41 -8.08 -15.97
CA TRP A 76 -1.00 -7.68 -16.27
C TRP A 76 -0.51 -8.39 -17.53
N GLY A 77 -0.35 -9.68 -17.48
CA GLY A 77 0.12 -10.43 -18.68
C GLY A 77 1.43 -11.15 -18.33
N ALA A 78 2.06 -11.77 -19.29
CA ALA A 78 3.33 -12.48 -19.00
C ALA A 78 4.51 -11.50 -19.12
N ALA A 79 4.37 -10.49 -19.92
CA ALA A 79 5.47 -9.50 -20.07
C ALA A 79 5.55 -8.61 -18.83
N THR A 80 4.42 -8.23 -18.30
CA THR A 80 4.42 -7.37 -17.08
C THR A 80 4.88 -8.19 -15.88
N LEU A 81 4.24 -9.30 -15.63
CA LEU A 81 4.63 -10.15 -14.46
C LEU A 81 6.15 -10.40 -14.50
N THR A 82 6.73 -10.41 -15.67
CA THR A 82 8.20 -10.65 -15.77
C THR A 82 8.95 -9.33 -15.71
N ALA A 83 8.62 -8.39 -16.57
CA ALA A 83 9.32 -7.08 -16.57
C ALA A 83 9.11 -6.37 -15.23
N LYS A 84 7.97 -6.57 -14.62
CA LYS A 84 7.70 -5.91 -13.31
C LYS A 84 8.55 -6.55 -12.21
N LEU A 85 8.93 -7.79 -12.39
CA LEU A 85 9.76 -8.46 -11.35
C LEU A 85 11.05 -7.69 -11.12
N LYS A 86 11.79 -7.41 -12.16
CA LYS A 86 13.06 -6.66 -12.01
C LYS A 86 12.78 -5.15 -11.92
N GLU A 87 11.64 -4.73 -12.39
CA GLU A 87 11.32 -3.27 -12.34
C GLU A 87 11.28 -2.79 -10.89
N LEU A 88 10.66 -3.54 -10.01
CA LEU A 88 10.58 -3.12 -8.58
C LEU A 88 11.99 -2.88 -8.03
N GLY A 89 12.97 -3.58 -8.55
CA GLY A 89 14.36 -3.39 -8.05
C GLY A 89 15.27 -2.98 -9.21
N MET A 90 14.74 -2.28 -10.17
CA MET A 90 15.57 -1.84 -11.32
C MET A 90 16.38 -0.59 -10.95
N GLU A 91 15.95 0.13 -9.96
CA GLU A 91 16.70 1.36 -9.55
C GLU A 91 16.75 1.46 -8.03
N MET B 1 -28.54 23.66 21.48
CA MET B 1 -28.19 22.99 20.19
C MET B 1 -26.68 22.96 20.00
N ASP B 2 -26.17 21.99 19.30
CA ASP B 2 -24.70 21.91 19.08
C ASP B 2 -24.38 22.11 17.60
N LEU B 3 -23.97 23.29 17.22
CA LEU B 3 -23.66 23.54 15.79
C LEU B 3 -22.24 23.04 15.46
N PRO B 4 -22.04 22.67 14.22
CA PRO B 4 -20.71 22.15 13.80
C PRO B 4 -19.72 23.32 13.65
N GLY B 5 -20.06 24.30 12.88
CA GLY B 5 -19.14 25.46 12.70
C GLY B 5 -19.92 26.66 12.14
N GLU B 6 -19.67 27.83 12.64
CA GLU B 6 -20.39 29.03 12.14
C GLU B 6 -19.91 29.40 10.74
N LEU B 7 -20.71 30.10 9.99
CA LEU B 7 -20.29 30.49 8.61
C LEU B 7 -19.85 29.25 7.81
N PHE B 8 -19.11 29.45 6.76
CA PHE B 8 -18.63 28.29 5.95
C PHE B 8 -17.11 28.28 5.86
N GLU B 9 -16.52 27.13 5.79
CA GLU B 9 -15.02 27.06 5.71
C GLU B 9 -14.59 26.77 4.27
N ALA B 10 -13.56 27.42 3.81
CA ALA B 10 -13.10 27.18 2.41
C ALA B 10 -11.90 26.21 2.41
N SER B 11 -10.75 26.67 2.81
CA SER B 11 -9.55 25.78 2.82
C SER B 11 -9.64 24.80 4.00
N THR B 12 -9.38 23.54 3.76
CA THR B 12 -9.44 22.54 4.86
C THR B 12 -8.08 21.84 5.01
N PRO B 13 -7.86 21.27 6.17
CA PRO B 13 -6.59 20.56 6.44
C PRO B 13 -6.56 19.23 5.67
N ASP B 14 -5.51 18.47 5.85
CA ASP B 14 -5.41 17.16 5.13
C ASP B 14 -5.10 16.04 6.13
N SER B 15 -5.47 14.83 5.81
CA SER B 15 -5.19 13.69 6.74
C SER B 15 -5.73 14.01 8.14
N PRO B 16 -7.03 13.91 8.29
CA PRO B 16 -7.66 14.19 9.61
C PRO B 16 -7.37 13.07 10.60
N SER B 17 -7.92 13.15 11.78
CA SER B 17 -7.67 12.09 12.79
C SER B 17 -8.62 10.91 12.58
N HIS B 18 -8.10 9.72 12.48
CA HIS B 18 -8.98 8.54 12.27
C HIS B 18 -9.09 7.72 13.56
N LEU B 19 -10.28 7.50 14.03
CA LEU B 19 -10.46 6.72 15.28
C LEU B 19 -10.05 5.25 15.06
N PRO B 20 -10.69 4.62 14.10
CA PRO B 20 -10.37 3.20 13.81
C PRO B 20 -9.00 3.08 13.13
N PRO B 21 -8.33 1.99 13.38
CA PRO B 21 -6.98 1.77 12.79
C PRO B 21 -7.10 1.46 11.31
N ASP B 22 -6.38 2.18 10.48
CA ASP B 22 -6.45 1.93 9.01
C ASP B 22 -5.73 0.62 8.67
N SER B 23 -6.46 -0.46 8.57
CA SER B 23 -5.82 -1.77 8.25
C SER B 23 -5.73 -1.94 6.72
N TRP B 24 -5.06 -1.04 6.05
CA TRP B 24 -4.93 -1.14 4.57
C TRP B 24 -4.59 -2.56 4.13
N ALA B 25 -3.39 -3.01 4.42
CA ALA B 25 -2.99 -4.40 4.00
C ALA B 25 -4.08 -5.40 4.37
N THR B 26 -4.61 -5.32 5.57
CA THR B 26 -5.69 -6.26 5.97
C THR B 26 -6.89 -6.09 5.01
N LEU B 27 -7.16 -4.88 4.62
CA LEU B 27 -8.30 -4.63 3.69
C LEU B 27 -7.91 -5.09 2.28
N LEU B 28 -6.65 -5.09 1.98
CA LEU B 28 -6.20 -5.52 0.62
C LEU B 28 -6.16 -7.05 0.56
N ALA B 29 -5.83 -7.69 1.64
CA ALA B 29 -5.78 -9.18 1.63
C ALA B 29 -7.20 -9.74 1.54
N GLN B 30 -8.13 -9.13 2.24
CA GLN B 30 -9.54 -9.62 2.19
C GLN B 30 -10.22 -9.12 0.91
N TRP B 31 -9.93 -7.91 0.51
CA TRP B 31 -10.55 -7.36 -0.73
C TRP B 31 -10.10 -8.19 -1.94
N ALA B 32 -8.81 -8.31 -2.15
CA ALA B 32 -8.32 -9.10 -3.30
C ALA B 32 -8.90 -10.52 -3.26
N ASP B 33 -9.13 -11.03 -2.07
CA ASP B 33 -9.70 -12.40 -1.96
C ASP B 33 -11.18 -12.37 -2.32
N ARG B 34 -11.93 -11.45 -1.76
CA ARG B 34 -13.38 -11.37 -2.09
C ARG B 34 -13.57 -11.28 -3.60
N ALA B 35 -12.78 -10.47 -4.25
CA ALA B 35 -12.90 -10.33 -5.73
C ALA B 35 -12.48 -11.64 -6.40
N LEU B 36 -11.55 -12.35 -5.81
CA LEU B 36 -11.09 -13.64 -6.41
C LEU B 36 -12.29 -14.58 -6.57
N ARG B 37 -13.08 -14.73 -5.55
CA ARG B 37 -14.26 -15.64 -5.65
C ARG B 37 -15.48 -14.88 -6.19
N SER B 38 -15.33 -14.22 -7.31
CA SER B 38 -16.47 -13.46 -7.88
C SER B 38 -16.14 -13.00 -9.31
N GLY B 39 -15.25 -12.05 -9.44
CA GLY B 39 -14.89 -11.55 -10.79
C GLY B 39 -13.77 -10.50 -10.67
N HIS B 40 -12.70 -10.85 -10.00
CA HIS B 40 -11.58 -9.88 -9.83
C HIS B 40 -11.06 -9.43 -11.21
N GLN B 41 -10.40 -8.31 -11.25
CA GLN B 41 -9.87 -7.81 -12.55
C GLN B 41 -8.80 -6.73 -12.29
N ASN B 42 -9.21 -5.57 -11.88
CA ASN B 42 -8.23 -4.48 -11.61
C ASN B 42 -7.77 -4.54 -10.15
N LEU B 43 -7.09 -5.59 -9.78
CA LEU B 43 -6.61 -5.70 -8.37
C LEU B 43 -5.46 -4.73 -8.10
N LEU B 44 -4.32 -4.98 -8.69
CA LEU B 44 -3.15 -4.07 -8.47
C LEU B 44 -3.39 -2.71 -9.14
N SER B 45 -4.10 -2.70 -10.23
CA SER B 45 -4.35 -1.40 -10.93
C SER B 45 -5.20 -0.48 -10.06
N GLU B 46 -5.89 -1.01 -9.09
CA GLU B 46 -6.73 -0.14 -8.22
C GLU B 46 -5.91 0.42 -7.05
N ALA B 47 -5.22 -0.43 -6.34
CA ALA B 47 -4.40 0.06 -5.19
C ALA B 47 -3.09 0.69 -5.69
N GLN B 48 -2.77 0.51 -6.94
CA GLN B 48 -1.51 1.10 -7.48
C GLN B 48 -1.48 2.62 -7.25
N PRO B 49 -2.48 3.30 -7.76
CA PRO B 49 -2.54 4.78 -7.61
C PRO B 49 -2.81 5.15 -6.15
N GLU B 50 -3.42 4.28 -5.40
CA GLU B 50 -3.69 4.60 -3.97
C GLU B 50 -2.38 4.81 -3.22
N LEU B 51 -1.45 3.91 -3.38
CA LEU B 51 -0.13 4.07 -2.68
C LEU B 51 0.65 5.21 -3.34
N GLU B 52 0.55 5.34 -4.63
CA GLU B 52 1.30 6.42 -5.33
C GLU B 52 0.76 7.80 -4.90
N ARG B 53 -0.50 7.90 -4.62
CA ARG B 53 -1.08 9.20 -4.20
C ARG B 53 -0.72 9.51 -2.74
N THR B 54 -1.02 8.59 -1.85
CA THR B 54 -0.70 8.83 -0.41
C THR B 54 0.78 9.24 -0.25
N LEU B 55 1.63 8.73 -1.08
CA LEU B 55 3.08 9.08 -0.98
C LEU B 55 3.37 10.35 -1.79
N LEU B 56 2.95 10.38 -3.03
CA LEU B 56 3.21 11.59 -3.86
C LEU B 56 2.69 12.84 -3.14
N THR B 57 1.56 12.75 -2.51
CA THR B 57 1.02 13.94 -1.79
C THR B 57 1.93 14.31 -0.62
N THR B 58 2.34 13.34 0.16
CA THR B 58 3.24 13.65 1.30
C THR B 58 4.51 14.34 0.80
N ALA B 59 5.22 13.71 -0.09
CA ALA B 59 6.46 14.34 -0.63
C ALA B 59 6.15 15.73 -1.16
N LEU B 60 5.09 15.88 -1.92
CA LEU B 60 4.75 17.22 -2.46
C LEU B 60 4.62 18.21 -1.29
N ARG B 61 4.05 17.78 -0.20
CA ARG B 61 3.90 18.70 0.97
C ARG B 61 5.25 19.36 1.27
N HIS B 62 6.31 18.61 1.18
CA HIS B 62 7.67 19.19 1.42
C HIS B 62 7.90 20.32 0.42
N THR B 63 7.34 20.18 -0.75
CA THR B 63 7.49 21.24 -1.79
C THR B 63 6.09 21.61 -2.32
N GLN B 64 5.18 21.87 -1.42
CA GLN B 64 3.78 22.22 -1.83
C GLN B 64 3.76 23.18 -3.02
N GLY B 65 3.09 22.79 -4.07
CA GLY B 65 3.00 23.68 -5.27
C GLY B 65 4.12 23.34 -6.27
N HIS B 66 5.32 23.16 -5.80
CA HIS B 66 6.44 22.83 -6.73
C HIS B 66 6.07 21.64 -7.61
N LYS B 67 5.57 20.57 -7.02
CA LYS B 67 5.19 19.37 -7.82
C LYS B 67 6.43 18.71 -8.43
N GLN B 68 7.09 19.39 -9.32
CA GLN B 68 8.32 18.80 -9.94
C GLN B 68 9.33 18.41 -8.86
N GLU B 69 9.52 19.25 -7.88
CA GLU B 69 10.49 18.92 -6.80
C GLU B 69 10.19 17.52 -6.24
N ALA B 70 8.95 17.16 -6.14
CA ALA B 70 8.60 15.81 -5.63
C ALA B 70 9.34 14.74 -6.42
N ALA B 71 9.74 15.05 -7.63
CA ALA B 71 10.48 14.06 -8.46
C ALA B 71 11.69 13.52 -7.69
N ARG B 72 12.65 14.35 -7.42
CA ARG B 72 13.85 13.89 -6.68
C ARG B 72 13.46 13.37 -5.29
N LEU B 73 12.41 13.90 -4.73
CA LEU B 73 11.98 13.44 -3.37
C LEU B 73 11.71 11.93 -3.38
N LEU B 74 11.27 11.41 -4.49
CA LEU B 74 10.99 9.95 -4.57
C LEU B 74 11.92 9.27 -5.59
N GLY B 75 13.00 9.92 -5.95
CA GLY B 75 13.94 9.32 -6.94
C GLY B 75 13.17 8.95 -8.21
N TRP B 76 12.38 9.86 -8.69
CA TRP B 76 11.59 9.59 -9.93
C TRP B 76 12.07 10.47 -11.09
N GLY B 77 11.86 11.75 -10.99
CA GLY B 77 12.31 12.66 -12.09
C GLY B 77 11.09 13.39 -12.64
N ALA B 78 11.27 14.16 -13.69
CA ALA B 78 10.11 14.90 -14.27
C ALA B 78 9.39 14.01 -15.29
N ALA B 79 10.10 13.09 -15.89
CA ALA B 79 9.46 12.19 -16.89
C ALA B 79 8.59 11.16 -16.16
N THR B 80 9.06 10.66 -15.05
CA THR B 80 8.25 9.65 -14.30
C THR B 80 7.05 10.33 -13.64
N LEU B 81 7.28 11.38 -12.90
CA LEU B 81 6.15 12.10 -12.23
C LEU B 81 5.08 12.43 -13.27
N THR B 82 5.46 12.61 -14.50
CA THR B 82 4.47 12.93 -15.56
C THR B 82 3.94 11.65 -16.22
N ALA B 83 4.82 10.82 -16.71
CA ALA B 83 4.38 9.55 -17.35
C ALA B 83 3.64 8.67 -16.34
N LYS B 84 4.03 8.74 -15.10
CA LYS B 84 3.35 7.91 -14.06
C LYS B 84 1.94 8.44 -13.78
N LEU B 85 1.74 9.72 -14.02
CA LEU B 85 0.39 10.30 -13.77
C LEU B 85 -0.67 9.56 -14.60
N LYS B 86 -0.46 9.46 -15.88
CA LYS B 86 -1.46 8.76 -16.74
C LYS B 86 -1.24 7.24 -16.68
N GLU B 87 -0.08 6.82 -16.28
CA GLU B 87 0.20 5.36 -16.19
C GLU B 87 -0.75 4.70 -15.19
N LEU B 88 -0.94 5.29 -14.05
CA LEU B 88 -1.86 4.70 -13.03
C LEU B 88 -3.24 4.47 -13.64
N GLY B 89 -3.62 5.27 -14.60
CA GLY B 89 -4.96 5.10 -15.23
C GLY B 89 -4.79 4.88 -16.73
N MET B 90 -3.71 4.27 -17.14
CA MET B 90 -3.50 4.03 -18.59
C MET B 90 -4.28 2.79 -19.05
N GLU B 91 -4.61 1.93 -18.13
CA GLU B 91 -5.37 0.70 -18.51
C GLU B 91 -6.46 0.41 -17.47
N MET A 1 1.58 -21.25 13.41
CA MET A 1 2.36 -21.04 14.67
C MET A 1 3.82 -21.44 14.46
N ASP A 2 4.43 -20.94 13.42
CA ASP A 2 5.86 -21.28 13.17
C ASP A 2 6.52 -20.20 12.31
N LEU A 3 7.26 -19.31 12.92
CA LEU A 3 7.93 -18.23 12.15
C LEU A 3 8.94 -17.48 13.05
N PRO A 4 10.16 -17.39 12.59
CA PRO A 4 11.20 -16.70 13.38
C PRO A 4 11.00 -15.19 13.34
N GLY A 5 11.94 -14.43 13.84
CA GLY A 5 11.80 -12.95 13.83
C GLY A 5 12.50 -12.37 12.60
N GLU A 6 12.46 -13.07 11.51
CA GLU A 6 13.13 -12.56 10.27
C GLU A 6 12.11 -11.86 9.38
N LEU A 7 11.73 -10.66 9.73
CA LEU A 7 10.74 -9.92 8.90
C LEU A 7 11.13 -8.45 8.78
N PHE A 8 11.23 -7.76 9.90
CA PHE A 8 11.61 -6.32 9.85
C PHE A 8 12.64 -6.02 10.95
N GLU A 9 13.83 -5.67 10.57
CA GLU A 9 14.88 -5.36 11.60
C GLU A 9 14.96 -3.85 11.85
N ALA A 10 14.05 -3.32 12.62
CA ALA A 10 14.08 -1.86 12.91
C ALA A 10 15.10 -1.56 13.99
N SER A 11 15.21 -2.41 14.98
CA SER A 11 16.20 -2.16 16.07
C SER A 11 16.61 -3.49 16.72
N THR A 12 17.29 -3.43 17.83
CA THR A 12 17.71 -4.70 18.50
C THR A 12 17.52 -4.58 20.02
N PRO A 13 16.29 -4.43 20.42
CA PRO A 13 15.97 -4.31 21.87
C PRO A 13 16.13 -5.68 22.56
N ASP A 14 15.74 -5.78 23.80
CA ASP A 14 15.88 -7.08 24.51
C ASP A 14 14.75 -7.24 25.53
N SER A 15 13.61 -6.67 25.27
CA SER A 15 12.47 -6.80 26.23
C SER A 15 11.21 -6.09 25.67
N PRO A 16 11.33 -4.81 25.44
CA PRO A 16 10.18 -4.04 24.91
C PRO A 16 9.94 -4.38 23.44
N SER A 17 8.94 -5.18 23.17
CA SER A 17 8.66 -5.55 21.74
C SER A 17 7.58 -4.62 21.16
N HIS A 18 7.80 -4.11 19.99
CA HIS A 18 6.79 -3.21 19.36
C HIS A 18 5.97 -3.97 18.34
N LEU A 19 4.66 -3.99 18.49
CA LEU A 19 3.80 -4.73 17.52
C LEU A 19 2.51 -3.93 17.26
N PRO A 20 2.63 -2.90 16.46
CA PRO A 20 1.45 -2.07 16.14
C PRO A 20 0.51 -2.81 15.18
N PRO A 21 -0.65 -2.25 14.96
CA PRO A 21 -1.65 -2.88 14.06
C PRO A 21 -1.20 -2.75 12.60
N ASP A 22 -2.02 -3.18 11.68
CA ASP A 22 -1.63 -3.07 10.24
C ASP A 22 -1.91 -1.67 9.71
N SER A 23 -1.36 -0.67 10.35
CA SER A 23 -1.58 0.73 9.89
C SER A 23 -0.59 1.08 8.76
N TRP A 24 -0.57 0.29 7.72
CA TRP A 24 0.37 0.56 6.59
C TRP A 24 0.36 2.04 6.19
N ALA A 25 -0.72 2.51 5.60
CA ALA A 25 -0.77 3.94 5.19
C ALA A 25 -0.28 4.86 6.31
N THR A 26 -0.75 4.66 7.51
CA THR A 26 -0.29 5.52 8.64
C THR A 26 1.23 5.39 8.77
N LEU A 27 1.76 4.22 8.54
CA LEU A 27 3.23 4.04 8.65
C LEU A 27 3.91 4.64 7.42
N LEU A 28 3.23 4.67 6.31
CA LEU A 28 3.84 5.24 5.07
C LEU A 28 3.79 6.78 5.14
N ALA A 29 2.77 7.32 5.76
CA ALA A 29 2.68 8.80 5.86
C ALA A 29 3.74 9.32 6.83
N GLN A 30 3.94 8.63 7.92
CA GLN A 30 4.97 9.06 8.90
C GLN A 30 6.37 8.65 8.42
N TRP A 31 6.48 7.48 7.84
CA TRP A 31 7.82 7.03 7.34
C TRP A 31 8.31 7.99 6.25
N ALA A 32 7.56 8.14 5.19
CA ALA A 32 7.99 9.06 4.10
C ALA A 32 8.37 10.43 4.67
N ASP A 33 7.76 10.82 5.76
CA ASP A 33 8.10 12.13 6.38
C ASP A 33 9.40 12.02 7.18
N ARG A 34 9.53 10.98 7.96
CA ARG A 34 10.77 10.81 8.75
C ARG A 34 11.98 10.65 7.83
N ALA A 35 11.82 9.94 6.75
CA ALA A 35 12.95 9.75 5.81
C ALA A 35 13.24 11.06 5.09
N LEU A 36 12.24 11.82 4.78
CA LEU A 36 12.45 13.12 4.08
C LEU A 36 13.37 14.02 4.91
N ARG A 37 13.14 14.08 6.19
CA ARG A 37 13.98 14.93 7.07
C ARG A 37 15.26 14.18 7.47
N SER A 38 16.01 13.70 6.52
CA SER A 38 17.26 12.96 6.86
C SER A 38 18.04 12.61 5.59
N GLY A 39 17.67 11.55 4.92
CA GLY A 39 18.39 11.16 3.68
C GLY A 39 17.49 10.26 2.83
N HIS A 40 16.25 10.64 2.65
CA HIS A 40 15.33 9.81 1.83
C HIS A 40 15.93 9.56 0.44
N GLN A 41 15.53 8.49 -0.20
CA GLN A 41 16.06 8.19 -1.56
C GLN A 41 15.08 7.29 -2.32
N ASN A 42 15.03 6.04 -1.98
CA ASN A 42 14.09 5.12 -2.68
C ASN A 42 12.73 5.09 -1.96
N LEU A 43 12.12 6.23 -1.78
CA LEU A 43 10.80 6.26 -1.09
C LEU A 43 9.78 5.41 -1.83
N LEU A 44 9.17 5.94 -2.86
CA LEU A 44 8.16 5.16 -3.63
C LEU A 44 8.75 3.83 -4.10
N SER A 45 10.04 3.76 -4.28
CA SER A 45 10.67 2.50 -4.74
C SER A 45 10.70 1.46 -3.61
N GLU A 46 10.52 1.90 -2.39
CA GLU A 46 10.55 0.93 -1.25
C GLU A 46 9.19 0.23 -1.09
N ALA A 47 8.14 1.00 -0.97
CA ALA A 47 6.78 0.38 -0.81
C ALA A 47 6.28 -0.15 -2.16
N GLN A 48 6.86 0.30 -3.24
CA GLN A 48 6.42 -0.18 -4.58
C GLN A 48 6.38 -1.71 -4.64
N PRO A 49 7.51 -2.33 -4.37
CA PRO A 49 7.58 -3.82 -4.40
C PRO A 49 6.78 -4.41 -3.25
N GLU A 50 6.51 -3.65 -2.23
CA GLU A 50 5.73 -4.18 -1.09
C GLU A 50 4.29 -4.46 -1.52
N LEU A 51 3.63 -3.46 -2.05
CA LEU A 51 2.22 -3.67 -2.51
C LEU A 51 2.19 -4.74 -3.60
N GLU A 52 3.08 -4.65 -4.56
CA GLU A 52 3.10 -5.66 -5.65
C GLU A 52 3.33 -7.06 -5.07
N ARG A 53 4.19 -7.18 -4.10
CA ARG A 53 4.46 -8.51 -3.49
C ARG A 53 3.22 -9.03 -2.75
N THR A 54 2.52 -8.16 -2.07
CA THR A 54 1.32 -8.60 -1.32
C THR A 54 0.19 -8.97 -2.30
N LEU A 55 0.10 -8.29 -3.40
CA LEU A 55 -0.97 -8.62 -4.39
C LEU A 55 -0.57 -9.84 -5.23
N LEU A 56 0.59 -9.82 -5.80
CA LEU A 56 1.03 -10.98 -6.63
C LEU A 56 0.91 -12.28 -5.83
N THR A 57 1.26 -12.26 -4.57
CA THR A 57 1.16 -13.50 -3.75
C THR A 57 -0.31 -13.85 -3.53
N THR A 58 -1.13 -12.88 -3.25
CA THR A 58 -2.57 -13.16 -3.02
C THR A 58 -3.18 -13.81 -4.27
N ALA A 59 -3.21 -13.09 -5.37
CA ALA A 59 -3.78 -13.67 -6.61
C ALA A 59 -3.03 -14.97 -6.95
N LEU A 60 -1.75 -15.02 -6.71
CA LEU A 60 -1.00 -16.26 -7.01
C LEU A 60 -1.56 -17.41 -6.17
N ARG A 61 -1.91 -17.14 -4.94
CA ARG A 61 -2.46 -18.23 -4.08
C ARG A 61 -3.60 -18.92 -4.82
N HIS A 62 -4.43 -18.17 -5.50
CA HIS A 62 -5.54 -18.79 -6.27
C HIS A 62 -4.93 -19.76 -7.28
N THR A 63 -3.73 -19.47 -7.72
CA THR A 63 -3.04 -20.36 -8.69
C THR A 63 -1.65 -20.71 -8.16
N GLN A 64 -1.58 -21.16 -6.93
CA GLN A 64 -0.26 -21.50 -6.30
C GLN A 64 0.70 -22.17 -7.29
N GLY A 65 1.87 -21.62 -7.45
CA GLY A 65 2.86 -22.22 -8.40
C GLY A 65 2.65 -21.64 -9.80
N HIS A 66 1.43 -21.62 -10.26
CA HIS A 66 1.16 -21.07 -11.62
C HIS A 66 1.38 -19.56 -11.63
N LYS A 67 2.59 -19.12 -11.43
CA LYS A 67 2.86 -17.65 -11.43
C LYS A 67 2.34 -17.03 -12.73
N GLN A 68 2.22 -17.80 -13.77
CA GLN A 68 1.72 -17.26 -15.06
C GLN A 68 0.23 -16.92 -14.95
N GLU A 69 -0.52 -17.71 -14.23
CA GLU A 69 -1.98 -17.43 -14.08
C GLU A 69 -2.18 -16.06 -13.41
N ALA A 70 -1.34 -15.73 -12.47
CA ALA A 70 -1.48 -14.40 -11.79
C ALA A 70 -1.54 -13.28 -12.82
N ALA A 71 -1.00 -13.52 -13.99
CA ALA A 71 -1.03 -12.47 -15.04
C ALA A 71 -2.47 -12.04 -15.31
N ARG A 72 -3.23 -12.85 -16.00
CA ARG A 72 -4.64 -12.49 -16.29
C ARG A 72 -5.37 -12.10 -15.00
N LEU A 73 -5.00 -12.71 -13.90
CA LEU A 73 -5.66 -12.38 -12.60
C LEU A 73 -5.44 -10.91 -12.26
N LEU A 74 -4.37 -10.33 -12.75
CA LEU A 74 -4.09 -8.90 -12.45
C LEU A 74 -4.06 -8.09 -13.75
N GLY A 75 -4.66 -8.60 -14.80
CA GLY A 75 -4.66 -7.86 -16.08
C GLY A 75 -3.23 -7.70 -16.59
N TRP A 76 -2.34 -8.56 -16.15
CA TRP A 76 -0.92 -8.47 -16.60
C TRP A 76 -0.60 -9.58 -17.60
N GLY A 77 0.60 -9.62 -18.10
CA GLY A 77 0.98 -10.69 -19.06
C GLY A 77 2.16 -11.47 -18.49
N ALA A 78 2.91 -12.14 -19.32
CA ALA A 78 4.08 -12.91 -18.81
C ALA A 78 5.31 -12.01 -18.77
N ALA A 79 5.42 -11.10 -19.71
CA ALA A 79 6.60 -10.18 -19.73
C ALA A 79 6.51 -9.21 -18.55
N THR A 80 5.31 -8.79 -18.22
CA THR A 80 5.15 -7.85 -17.07
C THR A 80 5.38 -8.60 -15.76
N LEU A 81 4.65 -9.65 -15.53
CA LEU A 81 4.82 -10.44 -14.27
C LEU A 81 6.29 -10.80 -14.09
N THR A 82 7.03 -10.93 -15.16
CA THR A 82 8.47 -11.29 -15.04
C THR A 82 9.32 -10.02 -14.94
N ALA A 83 9.12 -9.09 -15.83
CA ALA A 83 9.91 -7.83 -15.79
C ALA A 83 9.61 -7.06 -14.50
N LYS A 84 8.41 -7.16 -14.00
CA LYS A 84 8.06 -6.44 -12.74
C LYS A 84 8.70 -7.13 -11.54
N LEU A 85 9.01 -8.38 -11.67
CA LEU A 85 9.64 -9.13 -10.53
C LEU A 85 10.99 -8.51 -10.19
N LYS A 86 11.84 -8.32 -11.17
CA LYS A 86 13.18 -7.71 -10.90
C LYS A 86 13.08 -6.19 -10.89
N GLU A 87 12.26 -5.63 -11.74
CA GLU A 87 12.13 -4.15 -11.79
C GLU A 87 11.81 -3.61 -10.40
N LEU A 88 10.72 -4.04 -9.82
CA LEU A 88 10.36 -3.54 -8.46
C LEU A 88 11.44 -3.92 -7.44
N GLY A 89 12.10 -5.01 -7.65
CA GLY A 89 13.17 -5.44 -6.71
C GLY A 89 14.43 -4.60 -6.95
N MET A 90 14.59 -4.08 -8.14
CA MET A 90 15.79 -3.25 -8.44
C MET A 90 15.52 -1.78 -8.10
N GLU A 91 14.61 -1.18 -8.82
CA GLU A 91 14.30 0.26 -8.56
C GLU A 91 12.96 0.63 -9.21
N MET B 1 -11.50 19.47 11.07
CA MET B 1 -12.92 19.15 11.42
C MET B 1 -13.84 19.64 10.30
N ASP B 2 -13.55 19.30 9.08
CA ASP B 2 -14.42 19.74 7.95
C ASP B 2 -14.24 18.80 6.75
N LEU B 3 -15.15 17.89 6.57
CA LEU B 3 -15.04 16.94 5.42
C LEU B 3 -16.35 16.15 5.27
N PRO B 4 -16.92 16.18 4.09
CA PRO B 4 -18.17 15.45 3.84
C PRO B 4 -17.92 13.94 3.77
N GLY B 5 -18.91 13.18 3.37
CA GLY B 5 -18.72 11.70 3.30
C GLY B 5 -18.35 11.32 1.86
N GLU B 6 -17.61 12.14 1.19
CA GLU B 6 -17.21 11.83 -0.22
C GLU B 6 -15.82 11.18 -0.24
N LEU B 7 -15.72 9.94 0.14
CA LEU B 7 -14.39 9.26 0.14
C LEU B 7 -14.54 7.83 -0.40
N PHE B 8 -15.32 7.01 0.24
CA PHE B 8 -15.50 5.62 -0.24
C PHE B 8 -16.99 5.23 -0.21
N GLU B 9 -17.57 4.99 -1.35
CA GLU B 9 -19.01 4.61 -1.38
C GLU B 9 -19.17 3.09 -1.44
N ALA B 10 -19.02 2.43 -0.33
CA ALA B 10 -19.16 0.94 -0.33
C ALA B 10 -20.64 0.55 -0.31
N SER B 11 -21.44 1.27 0.43
CA SER B 11 -22.90 0.95 0.50
C SER B 11 -23.70 2.20 0.84
N THR B 12 -24.96 2.04 1.15
CA THR B 12 -25.80 3.23 1.48
C THR B 12 -26.70 2.93 2.69
N PRO B 13 -26.09 2.65 3.82
CA PRO B 13 -26.86 2.34 5.04
C PRO B 13 -27.51 3.61 5.60
N ASP B 14 -28.10 3.55 6.76
CA ASP B 14 -28.75 4.75 7.34
C ASP B 14 -28.66 4.74 8.86
N SER B 15 -27.62 4.15 9.40
CA SER B 15 -27.47 4.10 10.88
C SER B 15 -26.16 3.41 11.26
N PRO B 16 -26.01 2.17 10.86
CA PRO B 16 -24.77 1.40 11.19
C PRO B 16 -23.60 1.92 10.35
N SER B 17 -22.73 2.70 10.93
CA SER B 17 -21.57 3.22 10.16
C SER B 17 -20.34 2.33 10.38
N HIS B 18 -19.66 1.99 9.33
CA HIS B 18 -18.46 1.11 9.47
C HIS B 18 -17.18 1.95 9.41
N LEU B 19 -16.36 1.90 10.43
CA LEU B 19 -15.11 2.69 10.42
C LEU B 19 -13.95 1.88 11.03
N PRO B 20 -13.44 0.96 10.25
CA PRO B 20 -12.31 0.12 10.74
C PRO B 20 -11.01 0.93 10.79
N PRO B 21 -10.00 0.34 11.39
CA PRO B 21 -8.69 1.03 11.50
C PRO B 21 -7.99 1.10 10.14
N ASP B 22 -6.79 1.60 10.10
CA ASP B 22 -6.07 1.69 8.80
C ASP B 22 -5.43 0.34 8.44
N SER B 23 -6.22 -0.69 8.39
CA SER B 23 -5.66 -2.04 8.04
C SER B 23 -5.58 -2.18 6.52
N TRP B 24 -4.91 -1.28 5.85
CA TRP B 24 -4.80 -1.35 4.37
C TRP B 24 -4.45 -2.77 3.91
N ALA B 25 -3.24 -3.21 4.17
CA ALA B 25 -2.84 -4.58 3.74
C ALA B 25 -3.92 -5.61 4.09
N THR B 26 -4.42 -5.58 5.29
CA THR B 26 -5.48 -6.55 5.66
C THR B 26 -6.69 -6.37 4.72
N LEU B 27 -6.96 -5.16 4.34
CA LEU B 27 -8.10 -4.91 3.43
C LEU B 27 -7.73 -5.33 2.00
N LEU B 28 -6.47 -5.25 1.68
CA LEU B 28 -6.01 -5.64 0.31
C LEU B 28 -5.94 -7.16 0.21
N ALA B 29 -5.61 -7.83 1.28
CA ALA B 29 -5.55 -9.32 1.23
C ALA B 29 -6.95 -9.89 1.12
N GLN B 30 -7.88 -9.33 1.85
CA GLN B 30 -9.29 -9.84 1.78
C GLN B 30 -9.98 -9.30 0.52
N TRP B 31 -9.72 -8.06 0.17
CA TRP B 31 -10.35 -7.49 -1.05
C TRP B 31 -9.91 -8.28 -2.29
N ALA B 32 -8.63 -8.34 -2.53
CA ALA B 32 -8.13 -9.09 -3.72
C ALA B 32 -8.74 -10.49 -3.75
N ASP B 33 -9.03 -11.04 -2.61
CA ASP B 33 -9.62 -12.41 -2.57
C ASP B 33 -11.12 -12.33 -2.88
N ARG B 34 -11.81 -11.39 -2.28
CA ARG B 34 -13.27 -11.27 -2.55
C ARG B 34 -13.52 -10.93 -4.03
N ALA B 35 -12.68 -10.10 -4.59
CA ALA B 35 -12.86 -9.74 -6.03
C ALA B 35 -12.51 -10.94 -6.91
N LEU B 36 -11.51 -11.70 -6.53
CA LEU B 36 -11.13 -12.88 -7.33
C LEU B 36 -12.31 -13.83 -7.49
N ARG B 37 -13.04 -14.06 -6.42
CA ARG B 37 -14.22 -14.98 -6.50
C ARG B 37 -15.45 -14.22 -6.99
N SER B 38 -15.35 -13.58 -8.13
CA SER B 38 -16.53 -12.83 -8.66
C SER B 38 -16.23 -12.29 -10.06
N GLY B 39 -15.56 -11.17 -10.15
CA GLY B 39 -15.23 -10.60 -11.49
C GLY B 39 -14.05 -9.65 -11.36
N HIS B 40 -13.00 -10.07 -10.68
CA HIS B 40 -11.82 -9.19 -10.52
C HIS B 40 -11.29 -8.74 -11.88
N GLN B 41 -10.62 -7.62 -11.92
CA GLN B 41 -10.09 -7.13 -13.23
C GLN B 41 -8.90 -6.19 -12.98
N ASN B 42 -9.15 -4.98 -12.55
CA ASN B 42 -8.04 -4.04 -12.28
C ASN B 42 -7.56 -4.16 -10.83
N LEU B 43 -7.18 -5.35 -10.42
CA LEU B 43 -6.72 -5.53 -9.01
C LEU B 43 -5.50 -4.64 -8.73
N LEU B 44 -4.33 -5.08 -9.11
CA LEU B 44 -3.11 -4.25 -8.86
C LEU B 44 -3.27 -2.84 -9.43
N SER B 45 -4.08 -2.69 -10.45
CA SER B 45 -4.28 -1.35 -11.06
C SER B 45 -5.14 -0.47 -10.14
N GLU B 46 -5.83 -1.05 -9.19
CA GLU B 46 -6.69 -0.24 -8.29
C GLU B 46 -5.85 0.36 -7.15
N ALA B 47 -5.14 -0.46 -6.43
CA ALA B 47 -4.30 0.07 -5.32
C ALA B 47 -3.04 0.73 -5.86
N GLN B 48 -2.69 0.46 -7.09
CA GLN B 48 -1.46 1.07 -7.67
C GLN B 48 -1.48 2.60 -7.50
N PRO B 49 -2.51 3.23 -8.01
CA PRO B 49 -2.61 4.71 -7.90
C PRO B 49 -2.86 5.12 -6.44
N GLU B 50 -3.34 4.21 -5.63
CA GLU B 50 -3.60 4.56 -4.21
C GLU B 50 -2.26 4.82 -3.49
N LEU B 51 -1.37 3.87 -3.53
CA LEU B 51 -0.06 4.07 -2.85
C LEU B 51 0.67 5.26 -3.48
N GLU B 52 0.70 5.34 -4.79
CA GLU B 52 1.39 6.47 -5.45
C GLU B 52 0.75 7.79 -5.02
N ARG B 53 -0.56 7.83 -4.92
CA ARG B 53 -1.23 9.10 -4.51
C ARG B 53 -0.88 9.45 -3.05
N THR B 54 -0.80 8.47 -2.19
CA THR B 54 -0.47 8.75 -0.77
C THR B 54 0.99 9.20 -0.64
N LEU B 55 1.86 8.65 -1.46
CA LEU B 55 3.30 9.04 -1.37
C LEU B 55 3.53 10.37 -2.10
N LEU B 56 3.08 10.49 -3.32
CA LEU B 56 3.28 11.76 -4.07
C LEU B 56 2.75 12.95 -3.25
N THR B 57 1.63 12.79 -2.60
CA THR B 57 1.07 13.90 -1.79
C THR B 57 1.95 14.15 -0.57
N THR B 58 2.41 13.11 0.07
CA THR B 58 3.28 13.29 1.27
C THR B 58 4.55 14.06 0.88
N ALA B 59 5.35 13.49 0.04
CA ALA B 59 6.59 14.19 -0.39
C ALA B 59 6.24 15.55 -0.99
N LEU B 60 5.14 15.63 -1.69
CA LEU B 60 4.74 16.94 -2.27
C LEU B 60 4.49 17.94 -1.15
N ARG B 61 3.92 17.51 -0.06
CA ARG B 61 3.67 18.46 1.08
C ARG B 61 4.97 19.17 1.42
N HIS B 62 6.06 18.47 1.42
CA HIS B 62 7.37 19.12 1.71
C HIS B 62 7.59 20.24 0.69
N THR B 63 7.04 20.09 -0.49
CA THR B 63 7.16 21.12 -1.54
C THR B 63 5.78 21.45 -2.09
N GLN B 64 4.85 21.75 -1.21
CA GLN B 64 3.44 22.08 -1.62
C GLN B 64 3.40 22.91 -2.91
N GLY B 65 2.70 22.44 -3.91
CA GLY B 65 2.62 23.21 -5.19
C GLY B 65 3.77 22.80 -6.10
N HIS B 66 4.97 22.78 -5.60
CA HIS B 66 6.13 22.40 -6.45
C HIS B 66 6.06 20.90 -6.80
N LYS B 67 5.07 20.49 -7.55
CA LYS B 67 4.96 19.05 -7.92
C LYS B 67 6.25 18.57 -8.56
N GLN B 68 7.02 19.47 -9.11
CA GLN B 68 8.30 19.06 -9.75
C GLN B 68 9.31 18.64 -8.68
N GLU B 69 9.31 19.30 -7.56
CA GLU B 69 10.28 18.92 -6.48
C GLU B 69 10.03 17.48 -6.04
N ALA B 70 8.79 17.07 -5.98
CA ALA B 70 8.48 15.67 -5.56
C ALA B 70 9.30 14.69 -6.40
N ALA B 71 9.71 15.09 -7.57
CA ALA B 71 10.51 14.18 -8.44
C ALA B 71 11.75 13.71 -7.68
N ARG B 72 12.73 14.57 -7.55
CA ARG B 72 13.97 14.17 -6.82
C ARG B 72 13.62 13.60 -5.44
N LEU B 73 12.57 14.09 -4.84
CA LEU B 73 12.17 13.56 -3.51
C LEU B 73 11.84 12.07 -3.59
N LEU B 74 11.43 11.62 -4.76
CA LEU B 74 11.11 10.17 -4.92
C LEU B 74 12.03 9.53 -5.96
N GLY B 75 13.15 10.13 -6.22
CA GLY B 75 14.08 9.56 -7.24
C GLY B 75 13.40 9.54 -8.61
N TRP B 76 12.42 10.38 -8.81
CA TRP B 76 11.72 10.41 -10.12
C TRP B 76 12.13 11.66 -10.91
N GLY B 77 11.59 11.82 -12.08
CA GLY B 77 11.94 13.02 -12.91
C GLY B 77 10.65 13.78 -13.22
N ALA B 78 10.64 14.58 -14.25
CA ALA B 78 9.41 15.34 -14.60
C ALA B 78 8.54 14.50 -15.54
N ALA B 79 9.17 13.72 -16.39
CA ALA B 79 8.38 12.87 -17.33
C ALA B 79 7.68 11.76 -16.54
N THR B 80 8.32 11.25 -15.53
CA THR B 80 7.70 10.15 -14.72
C THR B 80 6.58 10.74 -13.85
N LEU B 81 6.90 11.74 -13.06
CA LEU B 81 5.87 12.35 -12.18
C LEU B 81 4.66 12.77 -13.02
N THR B 82 4.87 13.06 -14.28
CA THR B 82 3.73 13.48 -15.15
C THR B 82 3.11 12.25 -15.82
N ALA B 83 3.92 11.43 -16.43
CA ALA B 83 3.38 10.21 -17.11
C ALA B 83 2.74 9.28 -16.08
N LYS B 84 3.26 9.26 -14.88
CA LYS B 84 2.68 8.37 -13.84
C LYS B 84 1.35 8.94 -13.33
N LEU B 85 1.15 10.21 -13.49
CA LEU B 85 -0.13 10.84 -13.02
C LEU B 85 -1.30 10.25 -13.79
N LYS B 86 -1.22 10.22 -15.10
CA LYS B 86 -2.34 9.66 -15.90
C LYS B 86 -2.20 8.15 -16.03
N GLU B 87 -1.00 7.66 -16.13
CA GLU B 87 -0.79 6.18 -16.26
C GLU B 87 -1.50 5.46 -15.12
N LEU B 88 -1.15 5.76 -13.90
CA LEU B 88 -1.79 5.08 -12.74
C LEU B 88 -3.29 5.38 -12.72
N GLY B 89 -3.68 6.53 -13.19
CA GLY B 89 -5.13 6.89 -13.21
C GLY B 89 -5.82 6.15 -14.36
N MET B 90 -5.09 5.79 -15.37
CA MET B 90 -5.72 5.06 -16.52
C MET B 90 -5.66 3.55 -16.28
N GLU B 91 -4.49 2.99 -16.24
CA GLU B 91 -4.36 1.52 -16.02
C GLU B 91 -2.94 1.17 -15.58
N MET A 1 1.36 -6.73 28.53
CA MET A 1 1.48 -7.48 29.81
C MET A 1 0.43 -8.58 29.87
N ASP A 2 0.62 -9.64 29.12
CA ASP A 2 -0.37 -10.75 29.13
C ASP A 2 0.19 -11.93 29.92
N LEU A 3 -0.56 -12.43 30.88
CA LEU A 3 -0.08 -13.58 31.69
C LEU A 3 0.25 -14.78 30.79
N PRO A 4 -0.73 -15.21 30.02
CA PRO A 4 -0.53 -16.37 29.12
C PRO A 4 0.34 -15.96 27.93
N GLY A 5 0.80 -16.91 27.16
CA GLY A 5 1.66 -16.59 25.99
C GLY A 5 3.12 -16.64 26.41
N GLU A 6 3.74 -17.78 26.34
CA GLU A 6 5.17 -17.89 26.74
C GLU A 6 6.07 -17.94 25.51
N LEU A 7 5.70 -18.71 24.52
CA LEU A 7 6.54 -18.80 23.29
C LEU A 7 5.67 -19.07 22.06
N PHE A 8 5.05 -20.21 22.00
CA PHE A 8 4.19 -20.52 20.82
C PHE A 8 3.10 -21.54 21.21
N GLU A 9 2.05 -21.07 21.83
CA GLU A 9 0.96 -22.01 22.24
C GLU A 9 0.09 -22.36 21.03
N ALA A 10 -0.58 -21.39 20.46
CA ALA A 10 -1.45 -21.67 19.28
C ALA A 10 -0.89 -20.96 18.04
N SER A 11 -0.56 -19.72 18.16
CA SER A 11 0.00 -18.98 16.98
C SER A 11 0.60 -17.65 17.42
N THR A 12 1.71 -17.68 18.10
CA THR A 12 2.35 -16.41 18.57
C THR A 12 3.87 -16.49 18.37
N PRO A 13 4.45 -15.40 17.92
CA PRO A 13 5.91 -15.36 17.70
C PRO A 13 6.67 -15.31 19.04
N ASP A 14 7.97 -15.29 18.99
CA ASP A 14 8.75 -15.23 20.26
C ASP A 14 9.82 -14.14 20.18
N SER A 15 9.64 -13.20 19.28
CA SER A 15 10.64 -12.10 19.14
C SER A 15 10.05 -10.95 18.32
N PRO A 16 9.31 -10.10 18.98
CA PRO A 16 8.68 -8.95 18.28
C PRO A 16 9.73 -7.90 17.92
N SER A 17 9.68 -7.36 16.73
CA SER A 17 10.66 -6.33 16.32
C SER A 17 10.02 -4.95 16.32
N HIS A 18 8.83 -4.83 15.78
CA HIS A 18 8.15 -3.51 15.75
C HIS A 18 6.66 -3.69 15.47
N LEU A 19 6.05 -4.69 16.06
CA LEU A 19 4.59 -4.94 15.84
C LEU A 19 4.31 -5.14 14.34
N PRO A 20 3.16 -5.71 14.05
CA PRO A 20 2.78 -5.96 12.63
C PRO A 20 2.40 -4.64 11.94
N PRO A 21 2.73 -4.54 10.68
CA PRO A 21 2.42 -3.31 9.91
C PRO A 21 0.93 -3.25 9.60
N ASP A 22 0.11 -3.15 10.61
CA ASP A 22 -1.37 -3.09 10.37
C ASP A 22 -1.75 -1.72 9.79
N SER A 23 -1.20 -0.67 10.33
CA SER A 23 -1.52 0.69 9.80
C SER A 23 -0.55 1.06 8.68
N TRP A 24 -0.53 0.28 7.62
CA TRP A 24 0.38 0.56 6.49
C TRP A 24 0.38 2.05 6.11
N ALA A 25 -0.68 2.54 5.54
CA ALA A 25 -0.73 3.98 5.15
C ALA A 25 -0.28 4.87 6.31
N THR A 26 -0.81 4.64 7.49
CA THR A 26 -0.38 5.47 8.65
C THR A 26 1.13 5.31 8.86
N LEU A 27 1.65 4.15 8.59
CA LEU A 27 3.11 3.92 8.75
C LEU A 27 3.86 4.55 7.57
N LEU A 28 3.19 4.73 6.47
CA LEU A 28 3.85 5.34 5.27
C LEU A 28 3.81 6.86 5.38
N ALA A 29 2.78 7.40 5.96
CA ALA A 29 2.68 8.87 6.10
C ALA A 29 3.63 9.34 7.21
N GLN A 30 3.81 8.53 8.22
CA GLN A 30 4.72 8.91 9.33
C GLN A 30 6.17 8.59 8.96
N TRP A 31 6.39 7.48 8.31
CA TRP A 31 7.77 7.10 7.91
C TRP A 31 8.32 8.11 6.91
N ALA A 32 7.62 8.32 5.82
CA ALA A 32 8.11 9.29 4.80
C ALA A 32 8.33 10.67 5.44
N ASP A 33 7.66 10.93 6.53
CA ASP A 33 7.83 12.26 7.20
C ASP A 33 9.09 12.26 8.06
N ARG A 34 9.27 11.27 8.89
CA ARG A 34 10.50 11.22 9.74
C ARG A 34 11.75 11.24 8.87
N ALA A 35 11.66 10.70 7.68
CA ALA A 35 12.85 10.69 6.79
C ALA A 35 12.99 12.03 6.06
N LEU A 36 11.88 12.65 5.72
CA LEU A 36 11.95 13.95 5.01
C LEU A 36 12.63 15.01 5.89
N ARG A 37 12.47 14.90 7.18
CA ARG A 37 13.11 15.90 8.09
C ARG A 37 14.56 15.52 8.39
N SER A 38 14.91 14.28 8.21
CA SER A 38 16.31 13.86 8.50
C SER A 38 16.93 13.18 7.26
N GLY A 39 16.81 13.79 6.12
CA GLY A 39 17.40 13.18 4.90
C GLY A 39 16.59 11.95 4.50
N HIS A 40 15.73 12.08 3.53
CA HIS A 40 14.91 10.91 3.09
C HIS A 40 15.64 10.13 1.99
N GLN A 41 15.05 9.07 1.52
CA GLN A 41 15.70 8.26 0.44
C GLN A 41 14.63 7.62 -0.43
N ASN A 42 14.91 6.47 -0.99
CA ASN A 42 13.90 5.80 -1.86
C ASN A 42 12.57 5.66 -1.12
N LEU A 43 11.68 6.59 -1.30
CA LEU A 43 10.37 6.52 -0.60
C LEU A 43 9.36 5.69 -1.41
N LEU A 44 8.98 6.17 -2.56
CA LEU A 44 8.00 5.41 -3.39
C LEU A 44 8.62 4.12 -3.91
N SER A 45 9.91 4.09 -4.07
CA SER A 45 10.57 2.85 -4.58
C SER A 45 10.65 1.78 -3.48
N GLU A 46 10.40 2.15 -2.26
CA GLU A 46 10.47 1.15 -1.15
C GLU A 46 9.10 0.47 -0.95
N ALA A 47 8.04 1.24 -0.96
CA ALA A 47 6.68 0.64 -0.76
C ALA A 47 6.10 0.18 -2.09
N GLN A 48 6.62 0.68 -3.19
CA GLN A 48 6.10 0.26 -4.52
C GLN A 48 6.06 -1.26 -4.65
N PRO A 49 7.20 -1.88 -4.46
CA PRO A 49 7.28 -3.37 -4.57
C PRO A 49 6.54 -4.02 -3.41
N GLU A 50 6.38 -3.33 -2.33
CA GLU A 50 5.65 -3.92 -1.16
C GLU A 50 4.18 -4.14 -1.55
N LEU A 51 3.61 -3.23 -2.29
CA LEU A 51 2.19 -3.39 -2.70
C LEU A 51 2.09 -4.47 -3.79
N GLU A 52 2.95 -4.42 -4.77
CA GLU A 52 2.90 -5.42 -5.86
C GLU A 52 3.21 -6.83 -5.31
N ARG A 53 4.05 -6.91 -4.31
CA ARG A 53 4.38 -8.24 -3.73
C ARG A 53 3.17 -8.84 -3.03
N THR A 54 2.62 -8.16 -2.07
CA THR A 54 1.43 -8.70 -1.34
C THR A 54 0.34 -9.12 -2.34
N LEU A 55 -0.08 -8.22 -3.18
CA LEU A 55 -1.14 -8.59 -4.18
C LEU A 55 -0.69 -9.77 -5.03
N LEU A 56 0.52 -9.74 -5.51
CA LEU A 56 1.01 -10.87 -6.36
C LEU A 56 0.96 -12.18 -5.57
N THR A 57 1.66 -12.26 -4.46
CA THR A 57 1.65 -13.51 -3.66
C THR A 57 0.21 -13.92 -3.33
N THR A 58 -0.65 -12.97 -3.09
CA THR A 58 -2.06 -13.31 -2.77
C THR A 58 -2.72 -14.04 -3.93
N ALA A 59 -2.99 -13.34 -5.01
CA ALA A 59 -3.63 -14.01 -6.18
C ALA A 59 -2.81 -15.24 -6.59
N LEU A 60 -1.51 -15.17 -6.48
CA LEU A 60 -0.69 -16.36 -6.84
C LEU A 60 -1.04 -17.51 -5.90
N ARG A 61 -1.27 -17.22 -4.65
CA ARG A 61 -1.63 -18.31 -3.69
C ARG A 61 -2.77 -19.14 -4.27
N HIS A 62 -3.73 -18.49 -4.86
CA HIS A 62 -4.86 -19.25 -5.48
C HIS A 62 -4.29 -20.18 -6.56
N THR A 63 -3.20 -19.80 -7.14
CA THR A 63 -2.56 -20.64 -8.19
C THR A 63 -1.08 -20.83 -7.82
N GLN A 64 -0.82 -21.16 -6.57
CA GLN A 64 0.59 -21.32 -6.09
C GLN A 64 1.47 -22.03 -7.13
N GLY A 65 2.59 -21.45 -7.46
CA GLY A 65 3.50 -22.08 -8.46
C GLY A 65 3.12 -21.60 -9.86
N HIS A 66 1.86 -21.66 -10.20
CA HIS A 66 1.43 -21.21 -11.56
C HIS A 66 1.42 -19.69 -11.64
N LYS A 67 2.57 -19.07 -11.55
CA LYS A 67 2.63 -17.58 -11.63
C LYS A 67 1.91 -17.09 -12.89
N GLN A 68 1.90 -17.89 -13.93
CA GLN A 68 1.21 -17.47 -15.18
C GLN A 68 -0.26 -17.16 -14.91
N GLU A 69 -0.95 -18.08 -14.28
CA GLU A 69 -2.40 -17.84 -13.98
C GLU A 69 -2.57 -16.49 -13.28
N ALA A 70 -1.68 -16.15 -12.38
CA ALA A 70 -1.79 -14.84 -11.68
C ALA A 70 -1.93 -13.70 -12.68
N ALA A 71 -1.46 -13.91 -13.89
CA ALA A 71 -1.57 -12.84 -14.93
C ALA A 71 -3.02 -12.38 -15.06
N ARG A 72 -3.86 -13.20 -15.63
CA ARG A 72 -5.29 -12.81 -15.79
C ARG A 72 -5.89 -12.44 -14.43
N LEU A 73 -5.50 -13.12 -13.40
CA LEU A 73 -6.05 -12.82 -12.05
C LEU A 73 -5.81 -11.34 -11.70
N LEU A 74 -4.77 -10.76 -12.23
CA LEU A 74 -4.48 -9.33 -11.93
C LEU A 74 -4.64 -8.47 -13.19
N GLY A 75 -5.27 -9.00 -14.21
CA GLY A 75 -5.45 -8.21 -15.47
C GLY A 75 -4.08 -7.74 -15.96
N TRP A 76 -3.08 -8.55 -15.82
CA TRP A 76 -1.72 -8.16 -16.27
C TRP A 76 -1.33 -8.92 -17.54
N GLY A 77 -1.18 -10.21 -17.44
CA GLY A 77 -0.79 -11.02 -18.63
C GLY A 77 0.54 -11.72 -18.34
N ALA A 78 1.18 -12.27 -19.33
CA ALA A 78 2.47 -12.96 -19.09
C ALA A 78 3.63 -11.97 -19.25
N ALA A 79 3.49 -11.03 -20.13
CA ALA A 79 4.58 -10.02 -20.34
C ALA A 79 4.67 -9.09 -19.13
N THR A 80 3.56 -8.54 -18.72
CA THR A 80 3.58 -7.62 -17.54
C THR A 80 4.10 -8.36 -16.30
N LEU A 81 3.48 -9.47 -15.98
CA LEU A 81 3.94 -10.24 -14.78
C LEU A 81 5.45 -10.46 -14.82
N THR A 82 6.01 -10.59 -15.99
CA THR A 82 7.47 -10.80 -16.11
C THR A 82 8.21 -9.46 -16.16
N ALA A 83 7.77 -8.58 -17.01
CA ALA A 83 8.44 -7.24 -17.10
C ALA A 83 8.22 -6.44 -15.82
N LYS A 84 7.24 -6.80 -15.04
CA LYS A 84 6.98 -6.06 -13.78
C LYS A 84 7.84 -6.62 -12.63
N LEU A 85 8.31 -7.83 -12.78
CA LEU A 85 9.16 -8.44 -11.71
C LEU A 85 10.48 -7.68 -11.58
N LYS A 86 11.08 -7.31 -12.68
CA LYS A 86 12.37 -6.57 -12.61
C LYS A 86 12.11 -5.06 -12.57
N GLU A 87 10.98 -4.63 -13.03
CA GLU A 87 10.67 -3.17 -13.03
C GLU A 87 10.82 -2.61 -11.61
N LEU A 88 10.14 -3.18 -10.66
CA LEU A 88 10.25 -2.68 -9.26
C LEU A 88 11.67 -2.88 -8.73
N GLY A 89 12.45 -3.72 -9.35
CA GLY A 89 13.84 -3.94 -8.87
C GLY A 89 14.77 -2.88 -9.47
N MET A 90 14.43 -2.35 -10.61
CA MET A 90 15.29 -1.32 -11.24
C MET A 90 14.69 0.08 -11.04
N GLU A 91 13.39 0.15 -10.90
CA GLU A 91 12.74 1.48 -10.70
C GLU A 91 11.40 1.31 -9.98
N MET B 1 -21.03 3.18 20.22
CA MET B 1 -22.05 3.77 21.14
C MET B 1 -21.38 4.81 22.05
N ASP B 2 -21.04 5.95 21.51
CA ASP B 2 -20.40 7.00 22.34
C ASP B 2 -21.41 8.12 22.67
N LEU B 3 -21.56 8.44 23.93
CA LEU B 3 -22.52 9.51 24.31
C LEU B 3 -22.18 10.83 23.60
N PRO B 4 -20.97 11.29 23.79
CA PRO B 4 -20.54 12.56 23.15
C PRO B 4 -20.33 12.35 21.64
N GLY B 5 -20.18 13.42 20.90
CA GLY B 5 -19.98 13.29 19.44
C GLY B 5 -21.33 13.35 18.73
N GLU B 6 -21.78 14.53 18.39
CA GLU B 6 -23.09 14.66 17.71
C GLU B 6 -22.89 14.92 16.21
N LEU B 7 -21.98 15.78 15.86
CA LEU B 7 -21.74 16.06 14.41
C LEU B 7 -20.28 16.43 14.17
N PHE B 8 -19.85 17.55 14.69
CA PHE B 8 -18.42 17.96 14.49
C PHE B 8 -17.97 18.85 15.66
N GLU B 9 -17.60 18.27 16.76
CA GLU B 9 -17.14 19.08 17.92
C GLU B 9 -15.70 19.54 17.71
N ALA B 10 -14.79 18.61 17.65
CA ALA B 10 -13.36 19.00 17.44
C ALA B 10 -12.87 18.49 16.08
N SER B 11 -13.11 17.24 15.78
CA SER B 11 -12.68 16.69 14.46
C SER B 11 -13.35 15.34 14.20
N THR B 12 -14.62 15.35 13.92
CA THR B 12 -15.33 14.07 13.65
C THR B 12 -16.29 14.25 12.47
N PRO B 13 -16.36 13.25 11.61
CA PRO B 13 -17.25 13.33 10.44
C PRO B 13 -18.70 13.14 10.86
N ASP B 14 -19.63 13.19 9.93
CA ASP B 14 -21.06 13.02 10.29
C ASP B 14 -21.71 12.00 9.35
N SER B 15 -20.93 11.17 8.71
CA SER B 15 -21.49 10.15 7.78
C SER B 15 -20.44 9.08 7.46
N PRO B 16 -20.32 8.12 8.35
CA PRO B 16 -19.33 7.04 8.14
C PRO B 16 -19.79 6.09 7.02
N SER B 17 -18.89 5.70 6.15
CA SER B 17 -19.28 4.78 5.04
C SER B 17 -18.74 3.37 5.31
N HIS B 18 -17.51 3.28 5.73
CA HIS B 18 -16.93 1.93 6.02
C HIS B 18 -15.67 2.07 6.87
N LEU B 19 -15.69 2.95 7.83
CA LEU B 19 -14.50 3.15 8.71
C LEU B 19 -13.27 3.52 7.87
N PRO B 20 -12.28 4.07 8.53
CA PRO B 20 -11.03 4.47 7.82
C PRO B 20 -10.21 3.23 7.42
N PRO B 21 -9.58 3.31 6.27
CA PRO B 21 -8.75 2.17 5.79
C PRO B 21 -7.46 2.06 6.59
N ASP B 22 -7.56 1.81 7.87
CA ASP B 22 -6.33 1.69 8.71
C ASP B 22 -5.59 0.40 8.39
N SER B 23 -6.31 -0.68 8.26
CA SER B 23 -5.65 -1.98 7.94
C SER B 23 -5.55 -2.16 6.42
N TRP B 24 -4.87 -1.26 5.76
CA TRP B 24 -4.73 -1.35 4.27
C TRP B 24 -4.40 -2.78 3.83
N ALA B 25 -3.21 -3.25 4.10
CA ALA B 25 -2.83 -4.63 3.67
C ALA B 25 -3.93 -5.63 4.08
N THR B 26 -4.37 -5.58 5.30
CA THR B 26 -5.44 -6.52 5.73
C THR B 26 -6.67 -6.32 4.86
N LEU B 27 -6.92 -5.10 4.45
CA LEU B 27 -8.10 -4.82 3.59
C LEU B 27 -7.79 -5.26 2.15
N LEU B 28 -6.54 -5.33 1.80
CA LEU B 28 -6.16 -5.75 0.43
C LEU B 28 -6.13 -7.27 0.34
N ALA B 29 -5.75 -7.93 1.39
CA ALA B 29 -5.72 -9.42 1.37
C ALA B 29 -7.14 -9.97 1.45
N GLN B 30 -8.00 -9.28 2.15
CA GLN B 30 -9.41 -9.76 2.26
C GLN B 30 -10.22 -9.31 1.03
N TRP B 31 -9.98 -8.13 0.56
CA TRP B 31 -10.72 -7.63 -0.63
C TRP B 31 -10.36 -8.48 -1.85
N ALA B 32 -9.10 -8.58 -2.18
CA ALA B 32 -8.70 -9.39 -3.35
C ALA B 32 -9.22 -10.83 -3.21
N ASP B 33 -9.49 -11.26 -2.01
CA ASP B 33 -10.01 -12.65 -1.82
C ASP B 33 -11.51 -12.69 -2.09
N ARG B 34 -12.26 -11.80 -1.50
CA ARG B 34 -13.74 -11.80 -1.73
C ARG B 34 -14.04 -11.65 -3.21
N ALA B 35 -13.19 -10.98 -3.93
CA ALA B 35 -13.42 -10.78 -5.39
C ALA B 35 -12.95 -12.02 -6.17
N LEU B 36 -11.89 -12.64 -5.73
CA LEU B 36 -11.39 -13.85 -6.45
C LEU B 36 -12.43 -14.96 -6.42
N ARG B 37 -13.22 -15.02 -5.37
CA ARG B 37 -14.25 -16.09 -5.29
C ARG B 37 -15.52 -15.68 -6.04
N SER B 38 -15.72 -14.41 -6.24
CA SER B 38 -16.95 -13.94 -6.96
C SER B 38 -16.57 -13.10 -8.16
N GLY B 39 -15.67 -13.56 -8.99
CA GLY B 39 -15.28 -12.77 -10.19
C GLY B 39 -14.48 -11.55 -9.76
N HIS B 40 -13.17 -11.60 -9.88
CA HIS B 40 -12.35 -10.44 -9.47
C HIS B 40 -12.14 -9.49 -10.65
N GLN B 41 -11.45 -8.39 -10.45
CA GLN B 41 -11.22 -7.44 -11.56
C GLN B 41 -9.87 -6.74 -11.38
N ASN B 42 -9.75 -5.52 -11.82
CA ASN B 42 -8.45 -4.79 -11.65
C ASN B 42 -8.01 -4.82 -10.19
N LEU B 43 -7.19 -5.77 -9.82
CA LEU B 43 -6.74 -5.86 -8.41
C LEU B 43 -5.50 -4.99 -8.19
N LEU B 44 -4.40 -5.34 -8.80
CA LEU B 44 -3.16 -4.54 -8.62
C LEU B 44 -3.32 -3.15 -9.26
N SER B 45 -4.13 -3.04 -10.27
CA SER B 45 -4.32 -1.72 -10.92
C SER B 45 -5.19 -0.79 -10.06
N GLU B 46 -5.83 -1.32 -9.06
CA GLU B 46 -6.69 -0.47 -8.19
C GLU B 46 -5.88 0.10 -7.02
N ALA B 47 -5.07 -0.70 -6.39
CA ALA B 47 -4.26 -0.20 -5.24
C ALA B 47 -2.95 0.40 -5.74
N GLN B 48 -2.53 0.06 -6.93
CA GLN B 48 -1.25 0.61 -7.47
C GLN B 48 -1.22 2.14 -7.35
N PRO B 49 -2.21 2.79 -7.92
CA PRO B 49 -2.26 4.27 -7.86
C PRO B 49 -2.56 4.75 -6.44
N GLU B 50 -3.16 3.91 -5.65
CA GLU B 50 -3.47 4.32 -4.24
C GLU B 50 -2.16 4.52 -3.48
N LEU B 51 -1.20 3.67 -3.72
CA LEU B 51 0.12 3.81 -3.02
C LEU B 51 0.89 5.00 -3.59
N GLU B 52 0.94 5.11 -4.89
CA GLU B 52 1.68 6.25 -5.51
C GLU B 52 1.01 7.58 -5.15
N ARG B 53 -0.29 7.59 -5.01
CA ARG B 53 -0.99 8.85 -4.66
C ARG B 53 -0.64 9.30 -3.25
N THR B 54 -0.87 8.46 -2.27
CA THR B 54 -0.54 8.84 -0.86
C THR B 54 0.91 9.34 -0.77
N LEU B 55 1.85 8.54 -1.18
CA LEU B 55 3.28 8.96 -1.12
C LEU B 55 3.48 10.26 -1.88
N LEU B 56 2.94 10.35 -3.07
CA LEU B 56 3.11 11.61 -3.87
C LEU B 56 2.54 12.81 -3.11
N THR B 57 1.28 12.79 -2.80
CA THR B 57 0.67 13.92 -2.06
C THR B 57 1.45 14.22 -0.78
N THR B 58 1.96 13.20 -0.13
CA THR B 58 2.73 13.42 1.12
C THR B 58 3.98 14.26 0.82
N ALA B 59 4.95 13.69 0.17
CA ALA B 59 6.19 14.47 -0.15
C ALA B 59 5.82 15.78 -0.84
N LEU B 60 4.82 15.76 -1.68
CA LEU B 60 4.41 17.02 -2.35
C LEU B 60 3.97 18.03 -1.30
N ARG B 61 3.28 17.58 -0.28
CA ARG B 61 2.82 18.52 0.78
C ARG B 61 4.00 19.35 1.26
N HIS B 62 5.14 18.74 1.43
CA HIS B 62 6.34 19.50 1.87
C HIS B 62 6.63 20.59 0.83
N THR B 63 6.27 20.34 -0.40
CA THR B 63 6.48 21.34 -1.49
C THR B 63 5.15 21.56 -2.22
N GLN B 64 4.09 21.73 -1.48
CA GLN B 64 2.74 21.92 -2.08
C GLN B 64 2.78 22.79 -3.33
N GLY B 65 2.24 22.31 -4.41
CA GLY B 65 2.23 23.10 -5.67
C GLY B 65 3.51 22.80 -6.48
N HIS B 66 4.64 22.82 -5.83
CA HIS B 66 5.91 22.53 -6.57
C HIS B 66 6.04 21.02 -6.80
N LYS B 67 5.19 20.46 -7.61
CA LYS B 67 5.27 19.00 -7.89
C LYS B 67 6.69 18.63 -8.35
N GLN B 68 7.37 19.54 -8.99
CA GLN B 68 8.75 19.27 -9.46
C GLN B 68 9.63 18.85 -8.28
N GLU B 69 9.67 19.64 -7.25
CA GLU B 69 10.51 19.29 -6.06
C GLU B 69 10.22 17.86 -5.61
N ALA B 70 8.97 17.46 -5.63
CA ALA B 70 8.63 16.07 -5.22
C ALA B 70 9.48 15.06 -5.99
N ALA B 71 9.97 15.43 -7.13
CA ALA B 71 10.81 14.50 -7.93
C ALA B 71 11.97 13.98 -7.09
N ARG B 72 12.94 14.82 -6.81
CA ARG B 72 14.10 14.38 -5.99
C ARG B 72 13.61 13.82 -4.65
N LEU B 73 12.57 14.39 -4.10
CA LEU B 73 12.05 13.88 -2.80
C LEU B 73 11.71 12.40 -2.90
N LEU B 74 11.36 11.94 -4.07
CA LEU B 74 11.02 10.49 -4.23
C LEU B 74 12.05 9.79 -5.13
N GLY B 75 13.18 10.41 -5.35
CA GLY B 75 14.21 9.77 -6.22
C GLY B 75 13.59 9.44 -7.58
N TRP B 76 12.73 10.29 -8.07
CA TRP B 76 12.07 10.03 -9.38
C TRP B 76 12.64 10.96 -10.46
N GLY B 77 12.40 12.23 -10.33
CA GLY B 77 12.90 13.19 -11.34
C GLY B 77 11.71 13.92 -11.96
N ALA B 78 11.90 14.62 -13.04
CA ALA B 78 10.76 15.34 -13.68
C ALA B 78 10.10 14.43 -14.71
N ALA B 79 10.86 13.60 -15.37
CA ALA B 79 10.26 12.70 -16.40
C ALA B 79 9.41 11.63 -15.71
N THR B 80 9.94 10.96 -14.72
CA THR B 80 9.16 9.91 -14.01
C THR B 80 7.90 10.52 -13.39
N LEU B 81 8.06 11.54 -12.60
CA LEU B 81 6.87 12.19 -11.96
C LEU B 81 5.79 12.49 -13.01
N THR B 82 6.20 12.79 -14.21
CA THR B 82 5.21 13.09 -15.28
C THR B 82 4.78 11.81 -15.99
N ALA B 83 5.73 11.01 -16.41
CA ALA B 83 5.38 9.74 -17.11
C ALA B 83 4.69 8.77 -16.14
N LYS B 84 4.83 8.98 -14.86
CA LYS B 84 4.18 8.06 -13.87
C LYS B 84 2.75 8.53 -13.59
N LEU B 85 2.45 9.77 -13.86
CA LEU B 85 1.07 10.28 -13.60
C LEU B 85 0.07 9.58 -14.52
N LYS B 86 0.41 9.38 -15.76
CA LYS B 86 -0.53 8.71 -16.71
C LYS B 86 -0.31 7.20 -16.69
N GLU B 87 0.87 6.77 -16.29
CA GLU B 87 1.16 5.31 -16.24
C GLU B 87 0.09 4.58 -15.41
N LEU B 88 -0.11 5.00 -14.19
CA LEU B 88 -1.13 4.33 -13.34
C LEU B 88 -2.53 4.53 -13.92
N GLY B 89 -2.69 5.49 -14.79
CA GLY B 89 -4.04 5.72 -15.39
C GLY B 89 -4.25 4.79 -16.58
N MET B 90 -3.19 4.39 -17.23
CA MET B 90 -3.32 3.48 -18.40
C MET B 90 -2.96 2.05 -18.01
N GLU B 91 -2.12 1.89 -17.04
CA GLU B 91 -1.72 0.51 -16.60
C GLU B 91 -1.26 0.53 -15.15
N MET A 1 -8.84 4.06 34.66
CA MET A 1 -8.21 3.55 35.91
C MET A 1 -6.91 4.32 36.20
N ASP A 2 -6.62 4.57 37.44
CA ASP A 2 -5.38 5.31 37.79
C ASP A 2 -4.38 4.38 38.49
N LEU A 3 -3.35 3.97 37.80
CA LEU A 3 -2.35 3.06 38.42
C LEU A 3 -1.79 3.70 39.70
N PRO A 4 -1.44 2.87 40.66
CA PRO A 4 -0.88 3.37 41.93
C PRO A 4 0.55 3.87 41.72
N GLY A 5 1.37 3.09 41.09
CA GLY A 5 2.78 3.52 40.85
C GLY A 5 3.38 2.72 39.69
N GLU A 6 3.66 1.47 39.90
CA GLU A 6 4.25 0.64 38.82
C GLU A 6 5.50 1.32 38.25
N LEU A 7 6.16 0.69 37.31
CA LEU A 7 7.37 1.31 36.72
C LEU A 7 7.48 0.92 35.24
N PHE A 8 8.54 1.33 34.58
CA PHE A 8 8.69 0.99 33.14
C PHE A 8 9.92 0.10 32.94
N GLU A 9 9.83 -1.15 33.30
CA GLU A 9 10.99 -2.07 33.13
C GLU A 9 10.82 -2.90 31.85
N ALA A 10 9.72 -3.58 31.71
CA ALA A 10 9.49 -4.40 30.49
C ALA A 10 8.00 -4.71 30.35
N SER A 11 7.49 -4.68 29.14
CA SER A 11 6.05 -4.98 28.93
C SER A 11 5.83 -5.68 27.59
N THR A 12 5.16 -6.79 27.58
CA THR A 12 4.90 -7.51 26.30
C THR A 12 3.46 -8.00 26.25
N PRO A 13 2.54 -7.07 26.34
CA PRO A 13 1.10 -7.42 26.31
C PRO A 13 0.68 -7.83 24.89
N ASP A 14 -0.55 -8.24 24.72
CA ASP A 14 -1.02 -8.65 23.36
C ASP A 14 -1.73 -7.49 22.67
N SER A 15 -1.25 -6.29 22.86
CA SER A 15 -1.90 -5.11 22.20
C SER A 15 -1.88 -5.28 20.67
N PRO A 16 -0.71 -5.43 20.13
CA PRO A 16 -0.58 -5.60 18.66
C PRO A 16 -1.04 -7.00 18.24
N SER A 17 -1.59 -7.12 17.06
CA SER A 17 -2.07 -8.46 16.61
C SER A 17 -1.02 -9.12 15.71
N HIS A 18 -0.15 -8.35 15.12
CA HIS A 18 0.90 -8.94 14.24
C HIS A 18 2.23 -8.21 14.43
N LEU A 19 3.31 -8.81 14.02
CA LEU A 19 4.64 -8.16 14.16
C LEU A 19 4.65 -6.78 13.49
N PRO A 20 4.32 -6.76 12.21
CA PRO A 20 4.31 -5.49 11.46
C PRO A 20 3.11 -4.63 11.88
N PRO A 21 3.21 -3.35 11.63
CA PRO A 21 2.11 -2.40 11.99
C PRO A 21 0.92 -2.59 11.05
N ASP A 22 -0.27 -2.67 11.59
CA ASP A 22 -1.47 -2.84 10.72
C ASP A 22 -1.86 -1.51 10.07
N SER A 23 -1.31 -0.42 10.55
CA SER A 23 -1.66 0.91 9.95
C SER A 23 -0.69 1.24 8.81
N TRP A 24 -0.68 0.43 7.78
CA TRP A 24 0.24 0.69 6.64
C TRP A 24 0.28 2.17 6.25
N ALA A 25 -0.79 2.69 5.70
CA ALA A 25 -0.80 4.13 5.29
C ALA A 25 -0.29 5.00 6.44
N THR A 26 -0.77 4.78 7.64
CA THR A 26 -0.29 5.60 8.78
C THR A 26 1.22 5.43 8.92
N LEU A 27 1.72 4.26 8.64
CA LEU A 27 3.18 4.01 8.74
C LEU A 27 3.89 4.64 7.53
N LEU A 28 3.20 4.77 6.43
CA LEU A 28 3.82 5.37 5.21
C LEU A 28 3.81 6.90 5.32
N ALA A 29 2.79 7.44 5.92
CA ALA A 29 2.73 8.92 6.05
C ALA A 29 3.75 9.41 7.09
N GLN A 30 3.91 8.67 8.16
CA GLN A 30 4.89 9.07 9.20
C GLN A 30 6.31 8.66 8.77
N TRP A 31 6.43 7.57 8.07
CA TRP A 31 7.77 7.13 7.61
C TRP A 31 8.32 8.10 6.57
N ALA A 32 7.61 8.31 5.50
CA ALA A 32 8.09 9.24 4.45
C ALA A 32 8.39 10.61 5.06
N ASP A 33 7.71 10.95 6.13
CA ASP A 33 7.96 12.27 6.78
C ASP A 33 9.19 12.18 7.69
N ARG A 34 9.26 11.17 8.50
CA ARG A 34 10.43 11.03 9.42
C ARG A 34 11.72 10.93 8.59
N ALA A 35 11.65 10.33 7.43
CA ALA A 35 12.85 10.20 6.58
C ALA A 35 13.14 11.54 5.87
N LEU A 36 12.12 12.19 5.38
CA LEU A 36 12.32 13.48 4.68
C LEU A 36 13.13 14.44 5.55
N ARG A 37 12.83 14.48 6.82
CA ARG A 37 13.59 15.40 7.73
C ARG A 37 14.90 14.76 8.20
N SER A 38 15.27 13.64 7.61
CA SER A 38 16.54 12.97 8.04
C SER A 38 17.13 12.17 6.88
N GLY A 39 17.47 12.81 5.80
CA GLY A 39 18.05 12.08 4.64
C GLY A 39 17.11 10.95 4.24
N HIS A 40 16.13 11.24 3.43
CA HIS A 40 15.17 10.18 2.99
C HIS A 40 15.72 9.40 1.80
N GLN A 41 15.78 8.11 1.89
CA GLN A 41 16.31 7.29 0.77
C GLN A 41 15.17 6.97 -0.21
N ASN A 42 15.30 5.92 -0.97
CA ASN A 42 14.22 5.56 -1.94
C ASN A 42 12.88 5.44 -1.21
N LEU A 43 11.99 6.38 -1.40
CA LEU A 43 10.68 6.32 -0.71
C LEU A 43 9.69 5.47 -1.52
N LEU A 44 9.09 6.04 -2.53
CA LEU A 44 8.11 5.27 -3.35
C LEU A 44 8.74 3.96 -3.83
N SER A 45 10.05 3.92 -3.92
CA SER A 45 10.71 2.67 -4.40
C SER A 45 10.70 1.60 -3.29
N GLU A 46 10.48 2.00 -2.07
CA GLU A 46 10.46 1.00 -0.95
C GLU A 46 9.07 0.38 -0.83
N ALA A 47 8.04 1.18 -0.88
CA ALA A 47 6.65 0.63 -0.76
C ALA A 47 6.15 0.13 -2.11
N GLN A 48 6.81 0.48 -3.18
CA GLN A 48 6.37 0.02 -4.52
C GLN A 48 6.31 -1.51 -4.59
N PRO A 49 7.43 -2.14 -4.30
CA PRO A 49 7.49 -3.62 -4.33
C PRO A 49 6.68 -4.23 -3.19
N GLU A 50 6.41 -3.45 -2.17
CA GLU A 50 5.62 -3.98 -1.02
C GLU A 50 4.19 -4.27 -1.48
N LEU A 51 3.56 -3.33 -2.13
CA LEU A 51 2.17 -3.56 -2.62
C LEU A 51 2.17 -4.61 -3.73
N GLU A 52 3.12 -4.54 -4.62
CA GLU A 52 3.19 -5.53 -5.73
C GLU A 52 3.37 -6.94 -5.15
N ARG A 53 4.08 -7.04 -4.06
CA ARG A 53 4.30 -8.37 -3.44
C ARG A 53 3.02 -8.86 -2.75
N THR A 54 2.41 -8.02 -1.96
CA THR A 54 1.16 -8.43 -1.27
C THR A 54 0.12 -8.91 -2.29
N LEU A 55 -0.13 -8.12 -3.30
CA LEU A 55 -1.13 -8.53 -4.32
C LEU A 55 -0.61 -9.75 -5.10
N LEU A 56 0.62 -9.70 -5.55
CA LEU A 56 1.18 -10.85 -6.32
C LEU A 56 1.03 -12.14 -5.51
N THR A 57 1.25 -12.09 -4.23
CA THR A 57 1.13 -13.31 -3.39
C THR A 57 -0.35 -13.70 -3.22
N THR A 58 -1.19 -12.73 -3.00
CA THR A 58 -2.64 -13.05 -2.82
C THR A 58 -3.18 -13.72 -4.09
N ALA A 59 -3.22 -13.01 -5.18
CA ALA A 59 -3.74 -13.62 -6.44
C ALA A 59 -2.99 -14.92 -6.73
N LEU A 60 -1.70 -14.94 -6.51
CA LEU A 60 -0.95 -16.20 -6.77
C LEU A 60 -1.50 -17.32 -5.89
N ARG A 61 -1.86 -17.00 -4.67
CA ARG A 61 -2.42 -18.05 -3.77
C ARG A 61 -3.55 -18.79 -4.50
N HIS A 62 -4.35 -18.07 -5.23
CA HIS A 62 -5.44 -18.73 -5.99
C HIS A 62 -4.83 -19.72 -6.97
N THR A 63 -3.66 -19.41 -7.46
CA THR A 63 -2.96 -20.32 -8.42
C THR A 63 -1.55 -20.60 -7.88
N GLN A 64 -1.45 -20.95 -6.63
CA GLN A 64 -0.11 -21.22 -6.00
C GLN A 64 0.81 -22.01 -6.94
N GLY A 65 1.97 -21.48 -7.22
CA GLY A 65 2.93 -22.20 -8.11
C GLY A 65 2.69 -21.80 -9.57
N HIS A 66 1.46 -21.72 -9.99
CA HIS A 66 1.18 -21.33 -11.40
C HIS A 66 1.91 -20.04 -11.75
N LYS A 67 1.77 -19.03 -10.93
CA LYS A 67 2.46 -17.72 -11.20
C LYS A 67 1.90 -17.08 -12.47
N GLN A 68 2.15 -17.66 -13.61
CA GLN A 68 1.63 -17.08 -14.88
C GLN A 68 0.13 -16.80 -14.76
N GLU A 69 -0.60 -17.66 -14.11
CA GLU A 69 -2.06 -17.45 -13.95
C GLU A 69 -2.31 -16.09 -13.30
N ALA A 70 -1.50 -15.71 -12.35
CA ALA A 70 -1.68 -14.40 -11.68
C ALA A 70 -1.75 -13.28 -12.73
N ALA A 71 -1.19 -13.52 -13.88
CA ALA A 71 -1.22 -12.48 -14.95
C ALA A 71 -2.66 -12.01 -15.18
N ARG A 72 -3.50 -12.87 -15.68
CA ARG A 72 -4.92 -12.49 -15.94
C ARG A 72 -5.58 -12.06 -14.62
N LEU A 73 -5.26 -12.73 -13.54
CA LEU A 73 -5.89 -12.37 -12.24
C LEU A 73 -5.63 -10.90 -11.92
N LEU A 74 -4.56 -10.34 -12.42
CA LEU A 74 -4.27 -8.91 -12.14
C LEU A 74 -4.34 -8.09 -13.45
N GLY A 75 -4.94 -8.64 -14.47
CA GLY A 75 -5.02 -7.90 -15.76
C GLY A 75 -3.63 -7.45 -16.19
N TRP A 76 -2.65 -8.29 -15.98
CA TRP A 76 -1.25 -7.92 -16.37
C TRP A 76 -0.82 -8.70 -17.62
N GLY A 77 -0.52 -9.96 -17.46
CA GLY A 77 -0.07 -10.78 -18.62
C GLY A 77 1.20 -11.53 -18.22
N ALA A 78 1.85 -12.17 -19.15
CA ALA A 78 3.10 -12.90 -18.81
C ALA A 78 4.30 -11.98 -18.96
N ALA A 79 4.26 -11.09 -19.92
CA ALA A 79 5.40 -10.16 -20.12
C ALA A 79 5.46 -9.15 -18.97
N THR A 80 4.32 -8.69 -18.52
CA THR A 80 4.30 -7.71 -17.40
C THR A 80 4.70 -8.41 -16.09
N LEU A 81 4.07 -9.51 -15.78
CA LEU A 81 4.41 -10.23 -14.53
C LEU A 81 5.93 -10.47 -14.45
N THR A 82 6.58 -10.51 -15.58
CA THR A 82 8.05 -10.73 -15.58
C THR A 82 8.78 -9.39 -15.53
N ALA A 83 8.42 -8.48 -16.38
CA ALA A 83 9.08 -7.14 -16.38
C ALA A 83 8.82 -6.44 -15.04
N LYS A 84 7.67 -6.63 -14.47
CA LYS A 84 7.37 -5.97 -13.17
C LYS A 84 8.24 -6.58 -12.06
N LEU A 85 8.70 -7.79 -12.24
CA LEU A 85 9.54 -8.42 -11.20
C LEU A 85 10.89 -7.70 -11.10
N LYS A 86 11.48 -7.34 -12.22
CA LYS A 86 12.79 -6.64 -12.18
C LYS A 86 12.58 -5.12 -12.13
N GLU A 87 11.42 -4.66 -12.53
CA GLU A 87 11.16 -3.20 -12.50
C GLU A 87 11.26 -2.65 -11.08
N LEU A 88 10.81 -3.40 -10.11
CA LEU A 88 10.88 -2.93 -8.70
C LEU A 88 12.33 -2.83 -8.23
N GLY A 89 13.22 -3.54 -8.87
CA GLY A 89 14.65 -3.47 -8.46
C GLY A 89 15.44 -2.64 -9.47
N MET A 90 15.03 -2.66 -10.70
CA MET A 90 15.76 -1.87 -11.74
C MET A 90 15.67 -0.37 -11.44
N GLU A 91 14.65 0.03 -10.73
CA GLU A 91 14.50 1.47 -10.40
C GLU A 91 14.77 1.71 -8.91
N MET B 1 -17.40 -8.77 30.26
CA MET B 1 -18.75 -8.39 30.78
C MET B 1 -19.84 -9.13 30.00
N ASP B 2 -20.91 -9.51 30.65
CA ASP B 2 -22.00 -10.23 29.94
C ASP B 2 -23.24 -9.35 29.88
N LEU B 3 -23.53 -8.80 28.72
CA LEU B 3 -24.74 -7.94 28.58
C LEU B 3 -26.00 -8.69 29.02
N PRO B 4 -26.94 -7.97 29.56
CA PRO B 4 -28.20 -8.60 30.02
C PRO B 4 -29.07 -9.01 28.82
N GLY B 5 -29.26 -8.11 27.89
CA GLY B 5 -30.09 -8.44 26.70
C GLY B 5 -29.76 -7.47 25.56
N GLU B 6 -30.17 -6.24 25.68
CA GLU B 6 -29.88 -5.25 24.60
C GLU B 6 -30.35 -5.79 23.24
N LEU B 7 -30.21 -5.02 22.21
CA LEU B 7 -30.64 -5.49 20.85
C LEU B 7 -29.72 -4.93 19.78
N PHE B 8 -30.01 -5.19 18.54
CA PHE B 8 -29.14 -4.67 17.44
C PHE B 8 -29.94 -3.71 16.56
N GLU B 9 -30.17 -2.51 17.03
CA GLU B 9 -30.94 -1.52 16.22
C GLU B 9 -29.98 -0.55 15.54
N ALA B 10 -29.12 0.07 16.29
CA ALA B 10 -28.15 1.03 15.68
C ALA B 10 -26.99 1.29 16.64
N SER B 11 -25.80 1.39 16.13
CA SER B 11 -24.62 1.64 17.02
C SER B 11 -23.57 2.48 16.30
N THR B 12 -23.14 3.55 16.89
CA THR B 12 -22.11 4.42 16.25
C THR B 12 -21.05 4.83 17.28
N PRO B 13 -20.41 3.86 17.86
CA PRO B 13 -19.36 4.14 18.88
C PRO B 13 -18.11 4.71 18.21
N ASP B 14 -17.12 5.05 18.99
CA ASP B 14 -15.87 5.61 18.39
C ASP B 14 -14.82 4.51 18.25
N SER B 15 -15.23 3.32 17.91
CA SER B 15 -14.24 2.21 17.74
C SER B 15 -13.21 2.57 16.67
N PRO B 16 -13.69 2.84 15.48
CA PRO B 16 -12.78 3.20 14.36
C PRO B 16 -12.22 4.62 14.57
N SER B 17 -11.02 4.86 14.12
CA SER B 17 -10.43 6.22 14.30
C SER B 17 -10.61 7.04 13.02
N HIS B 18 -10.78 6.38 11.90
CA HIS B 18 -10.96 7.13 10.62
C HIS B 18 -12.00 6.45 9.75
N LEU B 19 -12.53 7.14 8.78
CA LEU B 19 -13.56 6.55 7.88
C LEU B 19 -13.02 5.26 7.23
N PRO B 20 -11.91 5.40 6.54
CA PRO B 20 -11.32 4.22 5.86
C PRO B 20 -10.69 3.26 6.88
N PRO B 21 -10.53 2.02 6.47
CA PRO B 21 -9.94 1.00 7.37
C PRO B 21 -8.45 1.23 7.54
N ASP B 22 -7.96 1.19 8.76
CA ASP B 22 -6.51 1.41 9.01
C ASP B 22 -5.71 0.15 8.64
N SER B 23 -6.37 -0.96 8.47
CA SER B 23 -5.65 -2.22 8.12
C SER B 23 -5.53 -2.36 6.60
N TRP B 24 -4.88 -1.43 5.95
CA TRP B 24 -4.73 -1.49 4.47
C TRP B 24 -4.42 -2.91 3.98
N ALA B 25 -3.23 -3.41 4.27
CA ALA B 25 -2.88 -4.78 3.81
C ALA B 25 -3.99 -5.77 4.16
N THR B 26 -4.49 -5.73 5.37
CA THR B 26 -5.59 -6.65 5.75
C THR B 26 -6.78 -6.43 4.83
N LEU B 27 -7.00 -5.21 4.42
CA LEU B 27 -8.13 -4.91 3.52
C LEU B 27 -7.78 -5.35 2.09
N LEU B 28 -6.51 -5.36 1.77
CA LEU B 28 -6.10 -5.78 0.40
C LEU B 28 -6.08 -7.30 0.29
N ALA B 29 -5.73 -7.98 1.35
CA ALA B 29 -5.70 -9.46 1.31
C ALA B 29 -7.13 -10.01 1.29
N GLN B 30 -8.03 -9.41 2.02
CA GLN B 30 -9.44 -9.89 2.04
C GLN B 30 -10.18 -9.36 0.81
N TRP B 31 -9.83 -8.19 0.36
CA TRP B 31 -10.51 -7.62 -0.84
C TRP B 31 -10.14 -8.44 -2.09
N ALA B 32 -8.86 -8.53 -2.37
CA ALA B 32 -8.43 -9.31 -3.57
C ALA B 32 -9.00 -10.73 -3.51
N ASP B 33 -9.25 -11.22 -2.33
CA ASP B 33 -9.81 -12.60 -2.20
C ASP B 33 -11.32 -12.57 -2.40
N ARG B 34 -11.99 -11.66 -1.74
CA ARG B 34 -13.47 -11.57 -1.88
C ARG B 34 -13.83 -11.31 -3.35
N ALA B 35 -13.01 -10.57 -4.04
CA ALA B 35 -13.30 -10.29 -5.48
C ALA B 35 -12.94 -11.50 -6.35
N LEU B 36 -11.84 -12.13 -6.06
CA LEU B 36 -11.44 -13.32 -6.86
C LEU B 36 -12.57 -14.34 -6.92
N ARG B 37 -13.24 -14.55 -5.82
CA ARG B 37 -14.36 -15.54 -5.80
C ARG B 37 -15.66 -14.90 -6.30
N SER B 38 -15.59 -13.70 -6.84
CA SER B 38 -16.82 -13.03 -7.33
C SER B 38 -16.48 -12.06 -8.46
N GLY B 39 -15.95 -12.55 -9.55
CA GLY B 39 -15.61 -11.65 -10.69
C GLY B 39 -14.70 -10.51 -10.18
N HIS B 40 -13.42 -10.76 -10.11
CA HIS B 40 -12.50 -9.70 -9.63
C HIS B 40 -12.10 -8.75 -10.77
N GLN B 41 -12.28 -7.48 -10.57
CA GLN B 41 -11.91 -6.50 -11.64
C GLN B 41 -10.43 -6.12 -11.51
N ASN B 42 -10.05 -4.98 -12.00
CA ASN B 42 -8.63 -4.57 -11.91
C ASN B 42 -8.18 -4.60 -10.45
N LEU B 43 -7.36 -5.55 -10.08
CA LEU B 43 -6.88 -5.64 -8.68
C LEU B 43 -5.67 -4.75 -8.46
N LEU B 44 -4.50 -5.22 -8.83
CA LEU B 44 -3.27 -4.40 -8.64
C LEU B 44 -3.45 -3.01 -9.27
N SER B 45 -4.33 -2.89 -10.22
CA SER B 45 -4.55 -1.56 -10.86
C SER B 45 -5.35 -0.64 -9.93
N GLU B 46 -6.02 -1.20 -8.97
CA GLU B 46 -6.83 -0.35 -8.03
C GLU B 46 -5.94 0.18 -6.89
N ALA B 47 -5.12 -0.66 -6.33
CA ALA B 47 -4.24 -0.19 -5.21
C ALA B 47 -2.96 0.43 -5.76
N GLN B 48 -2.69 0.26 -7.02
CA GLN B 48 -1.45 0.86 -7.62
C GLN B 48 -1.46 2.39 -7.43
N PRO B 49 -2.49 3.03 -7.93
CA PRO B 49 -2.57 4.51 -7.81
C PRO B 49 -2.82 4.92 -6.35
N GLU B 50 -3.30 4.01 -5.54
CA GLU B 50 -3.54 4.36 -4.11
C GLU B 50 -2.21 4.63 -3.41
N LEU B 51 -1.26 3.75 -3.56
CA LEU B 51 0.06 3.96 -2.91
C LEU B 51 0.79 5.14 -3.58
N GLU B 52 0.72 5.23 -4.88
CA GLU B 52 1.39 6.35 -5.59
C GLU B 52 0.78 7.68 -5.14
N ARG B 53 -0.49 7.69 -4.83
CA ARG B 53 -1.15 8.95 -4.38
C ARG B 53 -0.73 9.28 -2.95
N THR B 54 -0.79 8.32 -2.06
CA THR B 54 -0.39 8.58 -0.65
C THR B 54 1.03 9.13 -0.60
N LEU B 55 1.96 8.46 -1.24
CA LEU B 55 3.37 8.94 -1.23
C LEU B 55 3.47 10.27 -1.99
N LEU B 56 2.91 10.34 -3.16
CA LEU B 56 2.96 11.59 -3.95
C LEU B 56 2.45 12.77 -3.12
N THR B 57 1.41 12.57 -2.37
CA THR B 57 0.86 13.68 -1.53
C THR B 57 1.79 13.96 -0.35
N THR B 58 2.29 12.93 0.28
CA THR B 58 3.19 13.15 1.45
C THR B 58 4.43 13.94 1.00
N ALA B 59 5.24 13.38 0.16
CA ALA B 59 6.45 14.12 -0.30
C ALA B 59 6.05 15.48 -0.86
N LEU B 60 4.97 15.53 -1.59
CA LEU B 60 4.54 16.85 -2.15
C LEU B 60 4.28 17.82 -1.00
N ARG B 61 3.70 17.35 0.08
CA ARG B 61 3.43 18.25 1.23
C ARG B 61 4.70 19.01 1.59
N HIS B 62 5.83 18.35 1.53
CA HIS B 62 7.12 19.04 1.84
C HIS B 62 7.30 20.18 0.83
N THR B 63 6.81 19.99 -0.36
CA THR B 63 6.92 21.04 -1.41
C THR B 63 5.53 21.32 -1.98
N GLN B 64 4.57 21.52 -1.11
CA GLN B 64 3.16 21.77 -1.56
C GLN B 64 3.10 22.71 -2.76
N GLY B 65 2.49 22.29 -3.82
CA GLY B 65 2.38 23.16 -5.04
C GLY B 65 3.58 22.92 -5.96
N HIS B 66 4.76 22.84 -5.41
CA HIS B 66 5.96 22.63 -6.27
C HIS B 66 5.73 21.42 -7.19
N LYS B 67 5.32 20.31 -6.64
CA LYS B 67 5.07 19.08 -7.47
C LYS B 67 6.39 18.57 -8.06
N GLN B 68 6.97 19.32 -8.97
CA GLN B 68 8.25 18.87 -9.59
C GLN B 68 9.26 18.50 -8.50
N GLU B 69 9.30 19.24 -7.43
CA GLU B 69 10.25 18.93 -6.33
C GLU B 69 10.05 17.49 -5.86
N ALA B 70 8.82 17.04 -5.80
CA ALA B 70 8.56 15.65 -5.36
C ALA B 70 9.39 14.66 -6.19
N ALA B 71 9.77 15.08 -7.37
CA ALA B 71 10.59 14.17 -8.23
C ALA B 71 11.81 13.66 -7.46
N ARG B 72 12.72 14.54 -7.13
CA ARG B 72 13.93 14.11 -6.37
C ARG B 72 13.53 13.50 -5.03
N LEU B 73 12.51 14.05 -4.41
CA LEU B 73 12.08 13.49 -3.09
C LEU B 73 11.75 12.00 -3.22
N LEU B 74 11.35 11.57 -4.40
CA LEU B 74 11.03 10.13 -4.57
C LEU B 74 12.02 9.48 -5.56
N GLY B 75 13.13 10.12 -5.81
CA GLY B 75 14.12 9.54 -6.75
C GLY B 75 13.43 9.23 -8.08
N TRP B 76 12.54 10.07 -8.51
CA TRP B 76 11.82 9.83 -9.79
C TRP B 76 12.34 10.78 -10.88
N GLY B 77 11.95 12.02 -10.82
CA GLY B 77 12.39 13.00 -11.85
C GLY B 77 11.15 13.76 -12.36
N ALA B 78 11.30 14.54 -13.39
CA ALA B 78 10.12 15.29 -13.92
C ALA B 78 9.41 14.45 -14.97
N ALA B 79 10.15 13.69 -15.74
CA ALA B 79 9.50 12.85 -16.79
C ALA B 79 8.72 11.71 -16.13
N THR B 80 9.26 11.14 -15.08
CA THR B 80 8.55 10.03 -14.39
C THR B 80 7.32 10.57 -13.65
N LEU B 81 7.50 11.59 -12.85
CA LEU B 81 6.35 12.18 -12.11
C LEU B 81 5.19 12.48 -13.08
N THR B 82 5.50 12.70 -14.32
CA THR B 82 4.43 12.99 -15.32
C THR B 82 3.94 11.68 -15.95
N ALA B 83 4.84 10.87 -16.42
CA ALA B 83 4.42 9.57 -17.04
C ALA B 83 3.71 8.69 -16.01
N LYS B 84 4.14 8.75 -14.77
CA LYS B 84 3.50 7.93 -13.71
C LYS B 84 2.07 8.43 -13.45
N LEU B 85 1.81 9.67 -13.75
CA LEU B 85 0.44 10.22 -13.52
C LEU B 85 -0.56 9.56 -14.47
N LYS B 86 -0.19 9.38 -15.72
CA LYS B 86 -1.12 8.74 -16.69
C LYS B 86 -0.93 7.22 -16.69
N GLU B 87 0.19 6.75 -16.23
CA GLU B 87 0.45 5.28 -16.22
C GLU B 87 -0.59 4.57 -15.34
N LEU B 88 -0.97 5.17 -14.24
CA LEU B 88 -1.97 4.52 -13.34
C LEU B 88 -3.33 4.44 -14.03
N GLY B 89 -3.56 5.27 -15.01
CA GLY B 89 -4.89 5.23 -15.72
C GLY B 89 -4.71 4.57 -17.09
N MET B 90 -3.56 4.72 -17.68
CA MET B 90 -3.33 4.10 -19.02
C MET B 90 -3.39 2.57 -18.93
N GLU B 91 -3.13 2.04 -17.76
CA GLU B 91 -3.18 0.55 -17.61
C GLU B 91 -4.38 0.15 -16.76
N MET A 1 7.75 9.38 38.97
CA MET A 1 7.61 8.70 37.65
C MET A 1 6.68 7.50 37.77
N ASP A 2 6.69 6.83 38.90
CA ASP A 2 5.80 5.64 39.07
C ASP A 2 4.55 6.04 39.86
N LEU A 3 4.13 7.27 39.75
CA LEU A 3 2.92 7.72 40.49
C LEU A 3 1.78 8.08 39.51
N PRO A 4 0.88 7.14 39.32
CA PRO A 4 -0.26 7.38 38.39
C PRO A 4 -1.25 8.36 39.01
N GLY A 5 -1.79 9.26 38.22
CA GLY A 5 -2.76 10.24 38.76
C GLY A 5 -3.92 10.41 37.78
N GLU A 6 -3.67 11.01 36.65
CA GLU A 6 -4.76 11.21 35.65
C GLU A 6 -4.21 11.07 34.22
N LEU A 7 -4.27 9.89 33.67
CA LEU A 7 -3.74 9.70 32.28
C LEU A 7 -4.90 9.56 31.29
N PHE A 8 -4.62 9.57 30.02
CA PHE A 8 -5.71 9.42 29.02
C PHE A 8 -5.41 8.26 28.06
N GLU A 9 -4.67 7.28 28.53
CA GLU A 9 -4.34 6.12 27.65
C GLU A 9 -3.75 6.61 26.32
N ALA A 10 -2.52 7.02 26.33
CA ALA A 10 -1.89 7.49 25.07
C ALA A 10 -0.49 6.88 24.92
N SER A 11 -0.39 5.78 24.22
CA SER A 11 0.94 5.14 24.03
C SER A 11 1.15 4.79 22.55
N THR A 12 2.25 4.14 22.24
CA THR A 12 2.51 3.77 20.81
C THR A 12 2.50 2.25 20.65
N PRO A 13 1.35 1.70 20.35
CA PRO A 13 1.22 0.24 20.16
C PRO A 13 1.87 -0.19 18.84
N ASP A 14 3.17 -0.25 18.80
CA ASP A 14 3.87 -0.66 17.55
C ASP A 14 4.62 -1.98 17.77
N SER A 15 4.53 -2.89 16.84
CA SER A 15 5.25 -4.19 17.00
C SER A 15 5.11 -5.04 15.72
N PRO A 16 6.14 -5.78 15.42
CA PRO A 16 6.12 -6.64 14.20
C PRO A 16 5.19 -7.83 14.41
N SER A 17 4.02 -7.81 13.82
CA SER A 17 3.07 -8.95 13.98
C SER A 17 1.89 -8.79 13.03
N HIS A 18 1.19 -9.85 12.74
CA HIS A 18 0.03 -9.75 11.82
C HIS A 18 -1.29 -9.81 12.61
N LEU A 19 -1.24 -10.27 13.83
CA LEU A 19 -2.48 -10.34 14.65
C LEU A 19 -3.20 -8.99 14.65
N PRO A 20 -2.51 -7.96 15.07
CA PRO A 20 -3.10 -6.61 15.11
C PRO A 20 -3.25 -6.04 13.71
N PRO A 21 -4.06 -5.02 13.58
CA PRO A 21 -4.27 -4.38 12.25
C PRO A 21 -3.04 -3.57 11.84
N ASP A 22 -2.51 -3.84 10.67
CA ASP A 22 -1.32 -3.09 10.21
C ASP A 22 -1.72 -1.71 9.68
N SER A 23 -1.28 -0.67 10.33
CA SER A 23 -1.63 0.71 9.86
C SER A 23 -0.73 1.10 8.70
N TRP A 24 -0.76 0.33 7.63
CA TRP A 24 0.10 0.64 6.45
C TRP A 24 0.07 2.13 6.10
N ALA A 25 -1.02 2.63 5.58
CA ALA A 25 -1.08 4.08 5.22
C ALA A 25 -0.56 4.94 6.36
N THR A 26 -1.05 4.73 7.56
CA THR A 26 -0.57 5.54 8.71
C THR A 26 0.96 5.38 8.83
N LEU A 27 1.45 4.19 8.55
CA LEU A 27 2.92 3.97 8.63
C LEU A 27 3.62 4.62 7.43
N LEU A 28 2.91 4.76 6.34
CA LEU A 28 3.52 5.36 5.12
C LEU A 28 3.51 6.89 5.25
N ALA A 29 2.53 7.43 5.92
CA ALA A 29 2.47 8.91 6.08
C ALA A 29 3.52 9.37 7.09
N GLN A 30 3.72 8.61 8.14
CA GLN A 30 4.74 8.99 9.16
C GLN A 30 6.13 8.57 8.69
N TRP A 31 6.24 7.46 8.02
CA TRP A 31 7.56 6.99 7.52
C TRP A 31 8.10 7.97 6.47
N ALA A 32 7.36 8.19 5.43
CA ALA A 32 7.83 9.13 4.37
C ALA A 32 8.20 10.48 4.99
N ASP A 33 7.59 10.80 6.11
CA ASP A 33 7.91 12.11 6.78
C ASP A 33 9.18 11.97 7.62
N ARG A 34 9.27 10.94 8.41
CA ARG A 34 10.50 10.75 9.25
C ARG A 34 11.73 10.73 8.35
N ALA A 35 11.60 10.21 7.16
CA ALA A 35 12.75 10.17 6.23
C ALA A 35 13.01 11.56 5.63
N LEU A 36 11.97 12.23 5.22
CA LEU A 36 12.15 13.59 4.64
C LEU A 36 12.90 14.49 5.62
N ARG A 37 12.74 14.27 6.90
CA ARG A 37 13.44 15.11 7.91
C ARG A 37 14.81 14.50 8.26
N SER A 38 15.26 13.55 7.48
CA SER A 38 16.59 12.93 7.79
C SER A 38 17.06 12.09 6.61
N GLY A 39 17.37 12.73 5.50
CA GLY A 39 17.84 11.96 4.30
C GLY A 39 16.81 10.88 3.95
N HIS A 40 15.79 11.24 3.21
CA HIS A 40 14.77 10.23 2.83
C HIS A 40 15.31 9.33 1.71
N GLN A 41 15.27 8.04 1.92
CA GLN A 41 15.77 7.10 0.89
C GLN A 41 14.69 6.83 -0.16
N ASN A 42 14.85 5.81 -0.96
CA ASN A 42 13.83 5.50 -1.99
C ASN A 42 12.45 5.38 -1.34
N LEU A 43 11.69 6.45 -1.35
CA LEU A 43 10.33 6.41 -0.73
C LEU A 43 9.39 5.57 -1.58
N LEU A 44 8.98 6.08 -2.71
CA LEU A 44 8.05 5.30 -3.58
C LEU A 44 8.69 4.01 -4.06
N SER A 45 9.99 3.98 -4.18
CA SER A 45 10.68 2.76 -4.65
C SER A 45 10.70 1.68 -3.55
N GLU A 46 10.44 2.07 -2.32
CA GLU A 46 10.46 1.06 -1.22
C GLU A 46 9.07 0.43 -1.05
N ALA A 47 8.04 1.24 -0.96
CA ALA A 47 6.67 0.67 -0.80
C ALA A 47 6.16 0.11 -2.13
N GLN A 48 6.77 0.48 -3.22
CA GLN A 48 6.32 -0.03 -4.54
C GLN A 48 6.31 -1.57 -4.55
N PRO A 49 7.45 -2.15 -4.28
CA PRO A 49 7.55 -3.64 -4.26
C PRO A 49 6.79 -4.20 -3.06
N GLU A 50 6.56 -3.41 -2.06
CA GLU A 50 5.81 -3.91 -0.86
C GLU A 50 4.37 -4.21 -1.25
N LEU A 51 3.73 -3.31 -1.95
CA LEU A 51 2.32 -3.54 -2.36
C LEU A 51 2.27 -4.62 -3.44
N GLU A 52 3.25 -4.65 -4.30
CA GLU A 52 3.27 -5.68 -5.38
C GLU A 52 3.52 -7.07 -4.78
N ARG A 53 4.42 -7.16 -3.85
CA ARG A 53 4.72 -8.49 -3.22
C ARG A 53 3.45 -9.06 -2.56
N THR A 54 2.79 -8.28 -1.75
CA THR A 54 1.57 -8.79 -1.07
C THR A 54 0.54 -9.25 -2.10
N LEU A 55 0.03 -8.34 -2.90
CA LEU A 55 -0.98 -8.73 -3.93
C LEU A 55 -0.47 -9.90 -4.78
N LEU A 56 0.77 -9.84 -5.20
CA LEU A 56 1.32 -10.94 -6.04
C LEU A 56 1.08 -12.30 -5.38
N THR A 57 1.61 -12.49 -4.20
CA THR A 57 1.41 -13.79 -3.49
C THR A 57 -0.08 -14.06 -3.28
N THR A 58 -0.86 -13.04 -3.07
CA THR A 58 -2.32 -13.25 -2.86
C THR A 58 -2.94 -13.88 -4.10
N ALA A 59 -2.99 -13.17 -5.19
CA ALA A 59 -3.59 -13.74 -6.43
C ALA A 59 -2.91 -15.07 -6.76
N LEU A 60 -1.62 -15.16 -6.58
CA LEU A 60 -0.92 -16.44 -6.87
C LEU A 60 -1.50 -17.53 -5.97
N ARG A 61 -1.81 -17.21 -4.74
CA ARG A 61 -2.39 -18.25 -3.83
C ARG A 61 -3.57 -18.93 -4.53
N HIS A 62 -4.35 -18.18 -5.26
CA HIS A 62 -5.49 -18.78 -6.00
C HIS A 62 -4.94 -19.80 -7.00
N THR A 63 -3.75 -19.56 -7.48
CA THR A 63 -3.10 -20.49 -8.45
C THR A 63 -1.69 -20.82 -7.93
N GLN A 64 -1.58 -21.18 -6.69
CA GLN A 64 -0.26 -21.49 -6.08
C GLN A 64 0.61 -22.33 -7.03
N GLY A 65 1.79 -21.86 -7.32
CA GLY A 65 2.70 -22.62 -8.21
C GLY A 65 2.50 -22.20 -9.67
N HIS A 66 1.26 -22.13 -10.11
CA HIS A 66 1.00 -21.75 -11.53
C HIS A 66 1.73 -20.44 -11.86
N LYS A 67 1.57 -19.42 -11.06
CA LYS A 67 2.25 -18.10 -11.32
C LYS A 67 1.71 -17.47 -12.61
N GLN A 68 1.94 -18.08 -13.73
CA GLN A 68 1.44 -17.52 -15.02
C GLN A 68 -0.04 -17.16 -14.89
N GLU A 69 -0.82 -17.98 -14.25
CA GLU A 69 -2.27 -17.69 -14.09
C GLU A 69 -2.44 -16.32 -13.44
N ALA A 70 -1.59 -15.98 -12.51
CA ALA A 70 -1.70 -14.66 -11.83
C ALA A 70 -1.74 -13.54 -12.88
N ALA A 71 -1.24 -13.79 -14.05
CA ALA A 71 -1.24 -12.75 -15.10
C ALA A 71 -2.68 -12.27 -15.36
N ARG A 72 -3.52 -13.14 -15.85
CA ARG A 72 -4.92 -12.75 -16.12
C ARG A 72 -5.62 -12.32 -14.82
N LEU A 73 -5.31 -12.98 -13.74
CA LEU A 73 -5.94 -12.60 -12.43
C LEU A 73 -5.71 -11.12 -12.14
N LEU A 74 -4.57 -10.61 -12.52
CA LEU A 74 -4.28 -9.17 -12.25
C LEU A 74 -4.36 -8.36 -13.55
N GLY A 75 -4.89 -8.92 -14.60
CA GLY A 75 -4.98 -8.17 -15.89
C GLY A 75 -3.58 -7.67 -16.28
N TRP A 76 -2.60 -8.51 -16.17
CA TRP A 76 -1.21 -8.09 -16.54
C TRP A 76 -0.73 -8.83 -17.78
N GLY A 77 -0.56 -10.12 -17.68
CA GLY A 77 -0.09 -10.91 -18.85
C GLY A 77 1.21 -11.62 -18.49
N ALA A 78 1.90 -12.17 -19.44
CA ALA A 78 3.18 -12.87 -19.14
C ALA A 78 4.35 -11.89 -19.23
N ALA A 79 4.23 -10.90 -20.08
CA ALA A 79 5.33 -9.90 -20.22
C ALA A 79 5.36 -8.99 -18.99
N THR A 80 4.21 -8.64 -18.47
CA THR A 80 4.17 -7.76 -17.28
C THR A 80 4.60 -8.56 -16.03
N LEU A 81 3.99 -9.68 -15.81
CA LEU A 81 4.36 -10.50 -14.61
C LEU A 81 5.86 -10.75 -14.60
N THR A 82 6.49 -10.71 -15.74
CA THR A 82 7.96 -10.94 -15.79
C THR A 82 8.70 -9.61 -15.63
N ALA A 83 8.39 -8.65 -16.46
CA ALA A 83 9.07 -7.33 -16.36
C ALA A 83 8.77 -6.69 -15.00
N LYS A 84 7.63 -6.97 -14.45
CA LYS A 84 7.28 -6.37 -13.12
C LYS A 84 8.08 -7.05 -12.01
N LEU A 85 8.51 -8.27 -12.24
CA LEU A 85 9.29 -8.98 -11.19
C LEU A 85 10.69 -8.35 -11.05
N LYS A 86 11.35 -8.09 -12.14
CA LYS A 86 12.71 -7.49 -12.07
C LYS A 86 12.61 -5.96 -12.02
N GLU A 87 11.49 -5.41 -12.43
CA GLU A 87 11.34 -3.93 -12.41
C GLU A 87 11.66 -3.37 -11.02
N LEU A 88 10.98 -3.84 -10.01
CA LEU A 88 11.26 -3.34 -8.63
C LEU A 88 12.72 -3.60 -8.26
N GLY A 89 13.31 -4.61 -8.82
CA GLY A 89 14.74 -4.91 -8.50
C GLY A 89 15.65 -3.92 -9.22
N MET A 90 15.32 -3.56 -10.42
CA MET A 90 16.17 -2.60 -11.18
C MET A 90 16.01 -1.19 -10.61
N GLU A 91 14.87 -0.89 -10.05
CA GLU A 91 14.66 0.47 -9.47
C GLU A 91 13.60 0.42 -8.37
N MET B 1 -32.05 -13.76 21.21
CA MET B 1 -31.09 -12.91 20.44
C MET B 1 -30.55 -11.79 21.33
N ASP B 2 -31.37 -11.28 22.21
CA ASP B 2 -30.91 -10.17 23.10
C ASP B 2 -30.53 -10.72 24.47
N LEU B 3 -30.09 -11.95 24.53
CA LEU B 3 -29.70 -12.55 25.85
C LEU B 3 -28.20 -12.83 25.88
N PRO B 4 -27.45 -11.93 26.48
CA PRO B 4 -25.99 -12.10 26.58
C PRO B 4 -25.65 -13.21 27.59
N GLY B 5 -24.67 -14.01 27.28
CA GLY B 5 -24.29 -15.12 28.21
C GLY B 5 -22.77 -15.22 28.30
N GLU B 6 -22.14 -15.65 27.24
CA GLU B 6 -20.65 -15.78 27.26
C GLU B 6 -20.07 -15.45 25.89
N LEU B 7 -19.70 -14.21 25.68
CA LEU B 7 -19.13 -13.82 24.35
C LEU B 7 -17.62 -13.62 24.47
N PHE B 8 -16.94 -13.45 23.37
CA PHE B 8 -15.46 -13.24 23.42
C PHE B 8 -15.09 -11.96 22.68
N GLU B 9 -15.98 -11.01 22.63
CA GLU B 9 -15.67 -9.73 21.92
C GLU B 9 -15.16 -10.01 20.51
N ALA B 10 -16.03 -10.36 19.60
CA ALA B 10 -15.60 -10.65 18.21
C ALA B 10 -16.53 -9.95 17.21
N SER B 11 -16.17 -8.76 16.78
CA SER B 11 -17.03 -8.04 15.81
C SER B 11 -16.19 -7.50 14.65
N THR B 12 -16.78 -6.76 13.76
CA THR B 12 -16.01 -6.20 12.61
C THR B 12 -15.96 -4.68 12.68
N PRO B 13 -14.95 -4.16 13.34
CA PRO B 13 -14.80 -2.69 13.47
C PRO B 13 -14.38 -2.07 12.14
N ASP B 14 -15.30 -1.93 11.21
CA ASP B 14 -14.95 -1.33 9.89
C ASP B 14 -15.71 -0.03 9.70
N SER B 15 -15.05 1.00 9.21
CA SER B 15 -15.74 2.30 8.99
C SER B 15 -14.81 3.28 8.28
N PRO B 16 -15.38 4.12 7.45
CA PRO B 16 -14.56 5.12 6.72
C PRO B 16 -14.09 6.23 7.65
N SER B 17 -12.84 6.22 8.03
CA SER B 17 -12.32 7.28 8.94
C SER B 17 -10.80 7.17 9.06
N HIS B 18 -10.16 8.23 9.47
CA HIS B 18 -8.68 8.19 9.61
C HIS B 18 -8.28 8.07 11.09
N LEU B 19 -9.18 8.39 11.98
CA LEU B 19 -8.86 8.30 13.43
C LEU B 19 -8.27 6.92 13.77
N PRO B 20 -9.01 5.88 13.45
CA PRO B 20 -8.54 4.51 13.74
C PRO B 20 -7.43 4.11 12.76
N PRO B 21 -6.71 3.07 13.10
CA PRO B 21 -5.61 2.59 12.23
C PRO B 21 -6.17 1.91 10.97
N ASP B 22 -5.76 2.35 9.81
CA ASP B 22 -6.26 1.73 8.55
C ASP B 22 -5.54 0.40 8.29
N SER B 23 -6.26 -0.69 8.31
CA SER B 23 -5.61 -2.01 8.06
C SER B 23 -5.43 -2.21 6.55
N TRP B 24 -4.71 -1.32 5.92
CA TRP B 24 -4.49 -1.43 4.44
C TRP B 24 -4.17 -2.87 4.03
N ALA B 25 -2.99 -3.35 4.35
CA ALA B 25 -2.62 -4.74 3.96
C ALA B 25 -3.74 -5.72 4.31
N THR B 26 -4.23 -5.69 5.52
CA THR B 26 -5.34 -6.61 5.90
C THR B 26 -6.52 -6.38 4.96
N LEU B 27 -6.74 -5.16 4.55
CA LEU B 27 -7.87 -4.87 3.64
C LEU B 27 -7.51 -5.32 2.21
N LEU B 28 -6.24 -5.36 1.91
CA LEU B 28 -5.81 -5.78 0.54
C LEU B 28 -5.81 -7.31 0.45
N ALA B 29 -5.55 -7.98 1.53
CA ALA B 29 -5.54 -9.47 1.51
C ALA B 29 -6.97 -9.99 1.44
N GLN B 30 -7.88 -9.35 2.14
CA GLN B 30 -9.30 -9.82 2.11
C GLN B 30 -10.00 -9.27 0.87
N TRP B 31 -9.66 -8.07 0.46
CA TRP B 31 -10.31 -7.49 -0.75
C TRP B 31 -9.92 -8.29 -1.99
N ALA B 32 -8.65 -8.42 -2.25
CA ALA B 32 -8.21 -9.20 -3.44
C ALA B 32 -8.83 -10.60 -3.42
N ASP B 33 -9.17 -11.08 -2.25
CA ASP B 33 -9.78 -12.43 -2.16
C ASP B 33 -11.29 -12.35 -2.42
N ARG B 34 -11.95 -11.42 -1.79
CA ARG B 34 -13.42 -11.27 -2.01
C ARG B 34 -13.70 -11.08 -3.50
N ALA B 35 -12.79 -10.43 -4.19
CA ALA B 35 -12.99 -10.20 -5.65
C ALA B 35 -12.70 -11.49 -6.42
N LEU B 36 -11.63 -12.16 -6.08
CA LEU B 36 -11.29 -13.42 -6.79
C LEU B 36 -12.46 -14.40 -6.73
N ARG B 37 -13.23 -14.35 -5.67
CA ARG B 37 -14.39 -15.27 -5.55
C ARG B 37 -15.66 -14.64 -6.16
N SER B 38 -15.50 -13.58 -6.91
CA SER B 38 -16.70 -12.94 -7.53
C SER B 38 -16.26 -11.93 -8.61
N GLY B 39 -15.68 -12.40 -9.68
CA GLY B 39 -15.25 -11.48 -10.76
C GLY B 39 -14.30 -10.42 -10.17
N HIS B 40 -13.05 -10.73 -10.04
CA HIS B 40 -12.09 -9.74 -9.48
C HIS B 40 -11.75 -8.68 -10.52
N GLN B 41 -11.93 -7.43 -10.19
CA GLN B 41 -11.63 -6.34 -11.16
C GLN B 41 -10.14 -6.00 -11.12
N ASN B 42 -9.76 -4.88 -11.68
CA ASN B 42 -8.31 -4.49 -11.66
C ASN B 42 -7.77 -4.54 -10.24
N LEU B 43 -7.18 -5.63 -9.85
CA LEU B 43 -6.62 -5.74 -8.47
C LEU B 43 -5.40 -4.84 -8.31
N LEU B 44 -4.29 -5.22 -8.89
CA LEU B 44 -3.05 -4.41 -8.78
C LEU B 44 -3.26 -3.02 -9.40
N SER B 45 -4.12 -2.92 -10.38
CA SER B 45 -4.35 -1.60 -11.03
C SER B 45 -5.18 -0.68 -10.12
N GLU B 46 -5.82 -1.22 -9.13
CA GLU B 46 -6.64 -0.37 -8.22
C GLU B 46 -5.79 0.16 -7.07
N ALA B 47 -5.08 -0.70 -6.40
CA ALA B 47 -4.23 -0.23 -5.27
C ALA B 47 -2.97 0.47 -5.79
N GLN B 48 -2.63 0.26 -7.03
CA GLN B 48 -1.42 0.92 -7.61
C GLN B 48 -1.48 2.44 -7.41
N PRO B 49 -2.53 3.05 -7.93
CA PRO B 49 -2.68 4.52 -7.80
C PRO B 49 -2.99 4.89 -6.35
N GLU B 50 -3.48 3.97 -5.58
CA GLU B 50 -3.79 4.27 -4.15
C GLU B 50 -2.49 4.55 -3.39
N LEU B 51 -1.51 3.70 -3.55
CA LEU B 51 -0.21 3.91 -2.84
C LEU B 51 0.51 5.12 -3.44
N GLU B 52 0.40 5.31 -4.73
CA GLU B 52 1.07 6.46 -5.38
C GLU B 52 0.42 7.77 -4.95
N ARG B 53 -0.90 7.80 -4.90
CA ARG B 53 -1.60 9.05 -4.50
C ARG B 53 -1.17 9.48 -3.08
N THR B 54 -1.23 8.57 -2.14
CA THR B 54 -0.83 8.92 -0.75
C THR B 54 0.61 9.45 -0.72
N LEU B 55 1.56 8.63 -1.05
CA LEU B 55 2.98 9.09 -1.03
C LEU B 55 3.14 10.38 -1.84
N LEU B 56 2.55 10.44 -3.00
CA LEU B 56 2.67 11.66 -3.85
C LEU B 56 2.31 12.91 -3.04
N THR B 57 1.11 12.99 -2.54
CA THR B 57 0.71 14.18 -1.75
C THR B 57 1.62 14.34 -0.53
N THR B 58 2.09 13.26 0.03
CA THR B 58 2.98 13.36 1.22
C THR B 58 4.26 14.11 0.85
N ALA B 59 5.09 13.53 0.01
CA ALA B 59 6.35 14.23 -0.38
C ALA B 59 6.02 15.63 -0.92
N LEU B 60 4.95 15.75 -1.67
CA LEU B 60 4.59 17.10 -2.19
C LEU B 60 4.33 18.04 -1.02
N ARG B 61 3.72 17.56 0.02
CA ARG B 61 3.46 18.44 1.20
C ARG B 61 4.77 19.15 1.60
N HIS B 62 5.86 18.45 1.53
CA HIS B 62 7.17 19.08 1.88
C HIS B 62 7.41 20.24 0.90
N THR B 63 6.90 20.12 -0.29
CA THR B 63 7.06 21.20 -1.31
C THR B 63 5.67 21.54 -1.88
N GLN B 64 4.71 21.74 -1.01
CA GLN B 64 3.32 22.04 -1.46
C GLN B 64 3.30 23.04 -2.62
N GLY B 65 2.68 22.66 -3.72
CA GLY B 65 2.60 23.58 -4.89
C GLY B 65 3.78 23.33 -5.83
N HIS B 66 4.98 23.25 -5.31
CA HIS B 66 6.16 23.03 -6.18
C HIS B 66 5.93 21.82 -7.09
N LYS B 67 5.55 20.70 -6.53
CA LYS B 67 5.30 19.47 -7.35
C LYS B 67 6.62 18.97 -7.97
N GLN B 68 7.19 19.73 -8.86
CA GLN B 68 8.47 19.30 -9.50
C GLN B 68 9.48 18.85 -8.43
N GLU B 69 9.55 19.56 -7.33
CA GLU B 69 10.49 19.16 -6.26
C GLU B 69 10.24 17.71 -5.84
N ALA B 70 8.99 17.31 -5.81
CA ALA B 70 8.68 15.91 -5.41
C ALA B 70 9.49 14.92 -6.26
N ALA B 71 9.91 15.35 -7.43
CA ALA B 71 10.70 14.44 -8.30
C ALA B 71 11.93 13.93 -7.55
N ARG B 72 12.83 14.82 -7.21
CA ARG B 72 14.06 14.38 -6.47
C ARG B 72 13.68 13.76 -5.13
N LEU B 73 12.67 14.30 -4.48
CA LEU B 73 12.25 13.73 -3.17
C LEU B 73 11.96 12.24 -3.31
N LEU B 74 11.42 11.83 -4.42
CA LEU B 74 11.10 10.38 -4.62
C LEU B 74 12.09 9.74 -5.59
N GLY B 75 13.17 10.41 -5.90
CA GLY B 75 14.16 9.82 -6.85
C GLY B 75 13.45 9.44 -8.16
N TRP B 76 12.63 10.31 -8.65
CA TRP B 76 11.90 10.01 -9.92
C TRP B 76 12.38 10.93 -11.05
N GLY B 77 12.13 12.19 -10.93
CA GLY B 77 12.55 13.15 -12.00
C GLY B 77 11.33 13.87 -12.55
N ALA B 78 11.48 14.58 -13.63
CA ALA B 78 10.29 15.29 -14.21
C ALA B 78 9.58 14.39 -15.21
N ALA B 79 10.29 13.51 -15.85
CA ALA B 79 9.65 12.59 -16.84
C ALA B 79 8.82 11.55 -16.10
N THR B 80 9.31 11.08 -14.98
CA THR B 80 8.54 10.05 -14.21
C THR B 80 7.34 10.71 -13.52
N LEU B 81 7.57 11.77 -12.79
CA LEU B 81 6.43 12.45 -12.10
C LEU B 81 5.32 12.78 -13.10
N THR B 82 5.67 12.90 -14.35
CA THR B 82 4.63 13.21 -15.37
C THR B 82 4.06 11.91 -15.94
N ALA B 83 4.90 11.05 -16.44
CA ALA B 83 4.40 9.76 -17.00
C ALA B 83 3.71 8.95 -15.91
N LYS B 84 4.14 9.08 -14.69
CA LYS B 84 3.51 8.31 -13.58
C LYS B 84 2.12 8.89 -13.25
N LEU B 85 1.91 10.14 -13.56
CA LEU B 85 0.58 10.76 -13.27
C LEU B 85 -0.49 10.20 -14.21
N LYS B 86 -0.19 10.11 -15.47
CA LYS B 86 -1.19 9.56 -16.44
C LYS B 86 -1.08 8.05 -16.52
N GLU B 87 0.04 7.50 -16.12
CA GLU B 87 0.22 6.01 -16.18
C GLU B 87 -0.96 5.31 -15.49
N LEU B 88 -1.19 5.62 -14.24
CA LEU B 88 -2.32 4.96 -13.51
C LEU B 88 -3.64 5.23 -14.22
N GLY B 89 -3.74 6.35 -14.91
CA GLY B 89 -5.00 6.68 -15.62
C GLY B 89 -5.11 5.83 -16.89
N MET B 90 -4.02 5.61 -17.57
CA MET B 90 -4.06 4.79 -18.81
C MET B 90 -4.27 3.30 -18.47
N GLU B 91 -3.82 2.89 -17.32
CA GLU B 91 -4.00 1.46 -16.93
C GLU B 91 -4.00 1.33 -15.41
N MET A 1 -33.53 -4.76 8.58
CA MET A 1 -34.98 -4.55 8.28
C MET A 1 -35.73 -4.16 9.56
N ASP A 2 -35.84 -5.07 10.49
CA ASP A 2 -36.55 -4.75 11.76
C ASP A 2 -35.60 -4.86 12.95
N LEU A 3 -34.80 -5.89 12.98
CA LEU A 3 -33.84 -6.06 14.10
C LEU A 3 -34.58 -5.98 15.44
N PRO A 4 -35.50 -6.90 15.64
CA PRO A 4 -36.29 -6.92 16.89
C PRO A 4 -35.43 -7.46 18.05
N GLY A 5 -36.00 -7.56 19.22
CA GLY A 5 -35.20 -8.07 20.38
C GLY A 5 -36.09 -8.08 21.63
N GLU A 6 -36.25 -9.22 22.25
CA GLU A 6 -37.08 -9.30 23.48
C GLU A 6 -36.20 -9.49 24.71
N LEU A 7 -35.79 -8.42 25.33
CA LEU A 7 -34.92 -8.55 26.54
C LEU A 7 -34.87 -7.21 27.29
N PHE A 8 -34.22 -7.18 28.41
CA PHE A 8 -34.13 -5.92 29.19
C PHE A 8 -32.66 -5.46 29.30
N GLU A 9 -32.29 -4.46 28.53
CA GLU A 9 -30.89 -3.97 28.58
C GLU A 9 -30.78 -2.62 27.87
N ALA A 10 -30.46 -1.58 28.59
CA ALA A 10 -30.34 -0.24 27.95
C ALA A 10 -28.94 0.32 28.18
N SER A 11 -27.92 -0.43 27.84
CA SER A 11 -26.52 0.07 28.05
C SER A 11 -26.03 0.77 26.77
N THR A 12 -26.19 2.07 26.70
CA THR A 12 -25.74 2.84 25.49
C THR A 12 -26.12 2.11 24.19
N PRO A 13 -27.39 2.00 23.95
CA PRO A 13 -27.87 1.31 22.73
C PRO A 13 -27.62 2.17 21.49
N ASP A 14 -27.79 3.46 21.60
CA ASP A 14 -27.55 4.35 20.43
C ASP A 14 -26.24 5.12 20.61
N SER A 15 -25.37 5.06 19.64
CA SER A 15 -24.08 5.79 19.75
C SER A 15 -23.72 6.45 18.42
N PRO A 16 -22.85 7.45 18.49
CA PRO A 16 -22.43 8.16 17.26
C PRO A 16 -21.50 7.29 16.42
N SER A 17 -21.50 7.47 15.13
CA SER A 17 -20.60 6.65 14.26
C SER A 17 -19.19 7.25 14.24
N HIS A 18 -18.19 6.42 14.13
CA HIS A 18 -16.79 6.94 14.13
C HIS A 18 -16.22 6.91 12.69
N LEU A 19 -15.02 7.37 12.52
CA LEU A 19 -14.41 7.37 11.16
C LEU A 19 -12.88 7.46 11.26
N PRO A 20 -12.27 6.41 11.74
CA PRO A 20 -10.80 6.39 11.88
C PRO A 20 -10.10 6.27 10.52
N PRO A 21 -8.96 6.91 10.39
CA PRO A 21 -8.21 6.86 9.11
C PRO A 21 -7.52 5.51 8.96
N ASP A 22 -7.04 5.19 7.78
CA ASP A 22 -6.35 3.88 7.58
C ASP A 22 -5.03 3.85 8.35
N SER A 23 -4.55 2.69 8.68
CA SER A 23 -3.26 2.60 9.43
C SER A 23 -2.07 2.80 8.48
N TRP A 24 -2.01 2.02 7.43
CA TRP A 24 -0.88 2.15 6.47
C TRP A 24 -0.61 3.60 6.11
N ALA A 25 -1.55 4.28 5.50
CA ALA A 25 -1.35 5.71 5.12
C ALA A 25 -0.73 6.49 6.27
N THR A 26 -1.29 6.38 7.45
CA THR A 26 -0.72 7.12 8.61
C THR A 26 0.74 6.75 8.79
N LEU A 27 1.07 5.50 8.57
CA LEU A 27 2.49 5.06 8.71
C LEU A 27 3.31 5.56 7.52
N LEU A 28 2.68 5.73 6.39
CA LEU A 28 3.41 6.22 5.19
C LEU A 28 3.62 7.73 5.28
N ALA A 29 2.70 8.43 5.88
CA ALA A 29 2.85 9.91 6.01
C ALA A 29 3.92 10.23 7.05
N GLN A 30 3.99 9.47 8.10
CA GLN A 30 5.00 9.73 9.16
C GLN A 30 6.34 9.11 8.74
N TRP A 31 6.31 7.98 8.08
CA TRP A 31 7.57 7.33 7.64
C TRP A 31 8.27 8.21 6.58
N ALA A 32 7.56 8.55 5.53
CA ALA A 32 8.17 9.39 4.47
C ALA A 32 8.68 10.71 5.06
N ASP A 33 8.02 11.21 6.06
CA ASP A 33 8.48 12.50 6.68
C ASP A 33 9.70 12.24 7.57
N ARG A 34 9.67 11.20 8.35
CA ARG A 34 10.82 10.89 9.24
C ARG A 34 12.09 10.75 8.39
N ALA A 35 11.94 10.26 7.19
CA ALA A 35 13.12 10.10 6.30
C ALA A 35 13.51 11.43 5.68
N LEU A 36 12.53 12.22 5.30
CA LEU A 36 12.82 13.55 4.70
C LEU A 36 13.48 14.48 5.72
N ARG A 37 13.34 14.17 6.99
CA ARG A 37 13.96 15.04 8.03
C ARG A 37 15.48 14.84 8.06
N SER A 38 15.94 13.67 7.71
CA SER A 38 17.41 13.42 7.72
C SER A 38 17.90 13.07 6.32
N GLY A 39 17.61 11.88 5.85
CA GLY A 39 18.06 11.48 4.49
C GLY A 39 17.05 10.51 3.89
N HIS A 40 15.92 11.00 3.45
CA HIS A 40 14.89 10.11 2.86
C HIS A 40 15.49 9.30 1.71
N GLN A 41 15.71 8.03 1.92
CA GLN A 41 16.29 7.18 0.84
C GLN A 41 15.20 6.76 -0.14
N ASN A 42 15.35 5.62 -0.76
CA ASN A 42 14.31 5.15 -1.72
C ASN A 42 12.93 5.13 -1.05
N LEU A 43 12.16 6.18 -1.24
CA LEU A 43 10.81 6.22 -0.61
C LEU A 43 9.83 5.34 -1.39
N LEU A 44 9.29 5.85 -2.46
CA LEU A 44 8.33 5.04 -3.27
C LEU A 44 8.97 3.71 -3.68
N SER A 45 10.26 3.70 -3.84
CA SER A 45 10.95 2.44 -4.25
C SER A 45 10.90 1.40 -3.11
N GLU A 46 10.58 1.83 -1.91
CA GLU A 46 10.52 0.87 -0.77
C GLU A 46 9.13 0.24 -0.67
N ALA A 47 8.10 1.04 -0.62
CA ALA A 47 6.72 0.50 -0.52
C ALA A 47 6.26 -0.05 -1.88
N GLN A 48 6.91 0.35 -2.94
CA GLN A 48 6.51 -0.14 -4.29
C GLN A 48 6.39 -1.68 -4.31
N PRO A 49 7.48 -2.34 -3.98
CA PRO A 49 7.48 -3.82 -3.98
C PRO A 49 6.62 -4.37 -2.84
N GLU A 50 6.36 -3.57 -1.84
CA GLU A 50 5.52 -4.06 -0.71
C GLU A 50 4.09 -4.31 -1.19
N LEU A 51 3.49 -3.35 -1.84
CA LEU A 51 2.09 -3.54 -2.33
C LEU A 51 2.07 -4.59 -3.45
N GLU A 52 3.00 -4.51 -4.36
CA GLU A 52 3.03 -5.52 -5.47
C GLU A 52 3.20 -6.93 -4.91
N ARG A 53 3.92 -7.07 -3.83
CA ARG A 53 4.14 -8.42 -3.25
C ARG A 53 2.83 -8.97 -2.66
N THR A 54 2.21 -8.23 -1.77
CA THR A 54 0.94 -8.72 -1.16
C THR A 54 -0.05 -9.14 -2.26
N LEU A 55 -0.31 -8.29 -3.21
CA LEU A 55 -1.26 -8.64 -4.30
C LEU A 55 -0.71 -9.79 -5.14
N LEU A 56 0.52 -9.70 -5.58
CA LEU A 56 1.11 -10.79 -6.40
C LEU A 56 0.93 -12.14 -5.69
N THR A 57 1.32 -12.22 -4.44
CA THR A 57 1.18 -13.51 -3.71
C THR A 57 -0.30 -13.90 -3.59
N THR A 58 -1.14 -12.95 -3.24
CA THR A 58 -2.59 -13.28 -3.12
C THR A 58 -3.13 -13.81 -4.44
N ALA A 59 -3.13 -13.00 -5.47
CA ALA A 59 -3.62 -13.47 -6.79
C ALA A 59 -2.92 -14.76 -7.19
N LEU A 60 -1.63 -14.84 -6.96
CA LEU A 60 -0.91 -16.09 -7.33
C LEU A 60 -1.52 -17.27 -6.57
N ARG A 61 -1.91 -17.06 -5.34
CA ARG A 61 -2.53 -18.18 -4.56
C ARG A 61 -3.65 -18.81 -5.38
N HIS A 62 -4.44 -17.99 -6.02
CA HIS A 62 -5.55 -18.53 -6.86
C HIS A 62 -4.94 -19.44 -7.94
N THR A 63 -3.72 -19.16 -8.33
CA THR A 63 -3.04 -19.99 -9.35
C THR A 63 -1.64 -20.36 -8.85
N GLN A 64 -1.55 -20.86 -7.65
CA GLN A 64 -0.23 -21.22 -7.05
C GLN A 64 0.69 -21.88 -8.07
N GLY A 65 1.90 -21.38 -8.20
CA GLY A 65 2.85 -21.98 -9.17
C GLY A 65 2.69 -21.30 -10.53
N HIS A 66 1.47 -21.17 -10.99
CA HIS A 66 1.24 -20.52 -12.31
C HIS A 66 1.41 -19.00 -12.20
N LYS A 67 2.60 -18.56 -11.86
CA LYS A 67 2.83 -17.08 -11.75
C LYS A 67 2.35 -16.37 -13.02
N GLN A 68 2.37 -17.06 -14.13
CA GLN A 68 1.91 -16.43 -15.40
C GLN A 68 0.41 -16.13 -15.35
N GLU A 69 -0.36 -17.02 -14.79
CA GLU A 69 -1.83 -16.79 -14.71
C GLU A 69 -2.11 -15.45 -14.00
N ALA A 70 -1.39 -15.16 -12.97
CA ALA A 70 -1.63 -13.88 -12.24
C ALA A 70 -1.61 -12.70 -13.20
N ALA A 71 -0.98 -12.86 -14.34
CA ALA A 71 -0.93 -11.74 -15.32
C ALA A 71 -2.35 -11.33 -15.72
N ARG A 72 -3.09 -12.20 -16.33
CA ARG A 72 -4.49 -11.86 -16.74
C ARG A 72 -5.36 -11.63 -15.51
N LEU A 73 -5.08 -12.30 -14.43
CA LEU A 73 -5.89 -12.11 -13.19
C LEU A 73 -5.76 -10.68 -12.67
N LEU A 74 -4.65 -10.05 -12.93
CA LEU A 74 -4.46 -8.66 -12.45
C LEU A 74 -4.52 -7.66 -13.62
N GLY A 75 -4.97 -8.11 -14.77
CA GLY A 75 -5.05 -7.19 -15.93
C GLY A 75 -3.66 -6.61 -16.23
N TRP A 76 -2.65 -7.43 -16.13
CA TRP A 76 -1.26 -6.93 -16.39
C TRP A 76 -0.71 -7.56 -17.67
N GLY A 77 -0.28 -8.80 -17.59
CA GLY A 77 0.28 -9.47 -18.80
C GLY A 77 1.61 -10.12 -18.44
N ALA A 78 2.35 -10.58 -19.42
CA ALA A 78 3.66 -11.22 -19.11
C ALA A 78 4.77 -10.17 -19.07
N ALA A 79 4.61 -9.11 -19.82
CA ALA A 79 5.65 -8.04 -19.82
C ALA A 79 5.62 -7.29 -18.49
N THR A 80 4.45 -7.06 -17.96
CA THR A 80 4.35 -6.32 -16.66
C THR A 80 4.78 -7.24 -15.51
N LEU A 81 4.18 -8.39 -15.40
CA LEU A 81 4.55 -9.34 -14.30
C LEU A 81 6.07 -9.57 -14.31
N THR A 82 6.68 -9.49 -15.47
CA THR A 82 8.15 -9.69 -15.54
C THR A 82 8.88 -8.35 -15.37
N ALA A 83 8.49 -7.35 -16.09
CA ALA A 83 9.16 -6.02 -15.96
C ALA A 83 9.00 -5.50 -14.53
N LYS A 84 7.87 -5.72 -13.93
CA LYS A 84 7.65 -5.24 -12.53
C LYS A 84 8.58 -5.99 -11.58
N LEU A 85 8.92 -7.21 -11.90
CA LEU A 85 9.83 -7.98 -11.00
C LEU A 85 11.20 -7.30 -10.92
N LYS A 86 11.64 -6.70 -11.99
CA LYS A 86 12.97 -6.03 -11.98
C LYS A 86 12.80 -4.56 -11.56
N GLU A 87 11.82 -3.89 -12.10
CA GLU A 87 11.60 -2.46 -11.74
C GLU A 87 11.51 -2.31 -10.21
N LEU A 88 10.73 -3.13 -9.58
CA LEU A 88 10.60 -3.03 -8.10
C LEU A 88 11.96 -3.25 -7.42
N GLY A 89 12.83 -3.98 -8.06
CA GLY A 89 14.17 -4.23 -7.46
C GLY A 89 15.05 -2.99 -7.63
N MET A 90 14.92 -2.31 -8.73
CA MET A 90 15.75 -1.09 -8.96
C MET A 90 15.29 -0.39 -10.25
N GLU A 91 15.40 -1.06 -11.36
CA GLU A 91 14.99 -0.44 -12.65
C GLU A 91 14.46 -1.50 -13.61
N MET B 1 17.99 1.96 29.88
CA MET B 1 19.25 1.72 30.65
C MET B 1 18.93 1.13 32.02
N ASP B 2 18.33 1.90 32.88
CA ASP B 2 17.98 1.39 34.23
C ASP B 2 16.46 1.41 34.43
N LEU B 3 15.82 2.47 34.03
CA LEU B 3 14.34 2.55 34.19
C LEU B 3 13.96 2.26 35.64
N PRO B 4 14.43 3.09 36.54
CA PRO B 4 14.12 2.93 37.97
C PRO B 4 12.69 3.35 38.27
N GLY B 5 12.28 3.28 39.51
CA GLY B 5 10.88 3.68 39.85
C GLY B 5 10.64 3.49 41.35
N GLU B 6 10.28 4.54 42.04
CA GLU B 6 10.04 4.42 43.51
C GLU B 6 8.53 4.51 43.79
N LEU B 7 7.86 3.38 43.83
CA LEU B 7 6.40 3.40 44.10
C LEU B 7 5.91 1.99 44.42
N PHE B 8 4.66 1.85 44.77
CA PHE B 8 4.12 0.50 45.10
C PHE B 8 3.02 0.11 44.12
N GLU B 9 3.33 -0.76 43.19
CA GLU B 9 2.30 -1.18 42.19
C GLU B 9 2.78 -2.42 41.44
N ALA B 10 2.11 -3.53 41.60
CA ALA B 10 2.53 -4.78 40.90
C ALA B 10 1.38 -5.30 40.02
N SER B 11 0.85 -4.45 39.17
CA SER B 11 -0.27 -4.90 38.29
C SER B 11 0.29 -5.42 36.95
N THR B 12 0.53 -6.71 36.86
CA THR B 12 1.07 -7.29 35.59
C THR B 12 2.20 -6.41 35.01
N PRO B 13 3.29 -6.35 35.74
CA PRO B 13 4.45 -5.54 35.29
C PRO B 13 5.16 -6.22 34.12
N ASP B 14 5.27 -7.52 34.16
CA ASP B 14 5.95 -8.25 33.05
C ASP B 14 4.93 -8.96 32.17
N SER B 15 4.96 -8.74 30.89
CA SER B 15 3.98 -9.42 29.98
C SER B 15 4.68 -9.90 28.70
N PRO B 16 4.07 -10.83 28.03
CA PRO B 16 4.64 -11.38 26.78
C PRO B 16 4.51 -10.35 25.64
N SER B 17 5.41 -10.38 24.69
CA SER B 17 5.33 -9.41 23.57
C SER B 17 4.35 -9.92 22.50
N HIS B 18 3.65 -9.04 21.83
CA HIS B 18 2.69 -9.49 20.79
C HIS B 18 3.27 -9.25 19.40
N LEU B 19 2.54 -9.62 18.37
CA LEU B 19 3.05 -9.42 16.98
C LEU B 19 1.88 -9.45 15.99
N PRO B 20 1.06 -8.44 16.03
CA PRO B 20 -0.11 -8.36 15.12
C PRO B 20 0.33 -8.03 13.69
N PRO B 21 -0.38 -8.60 12.73
CA PRO B 21 -0.04 -8.34 11.31
C PRO B 21 -0.51 -6.95 10.89
N ASP B 22 -0.05 -6.47 9.76
CA ASP B 22 -0.47 -5.11 9.30
C ASP B 22 -1.95 -5.11 8.94
N SER B 23 -2.59 -3.98 8.99
CA SER B 23 -4.04 -3.92 8.64
C SER B 23 -4.23 -3.93 7.13
N TRP B 24 -3.58 -3.02 6.43
CA TRP B 24 -3.73 -2.98 4.94
C TRP B 24 -3.61 -4.36 4.32
N ALA B 25 -2.47 -5.00 4.46
CA ALA B 25 -2.29 -6.36 3.86
C ALA B 25 -3.49 -7.26 4.17
N THR B 26 -3.90 -7.31 5.40
CA THR B 26 -5.07 -8.17 5.74
C THR B 26 -6.28 -7.74 4.89
N LEU B 27 -6.42 -6.46 4.67
CA LEU B 27 -7.56 -5.97 3.85
C LEU B 27 -7.31 -6.28 2.36
N LEU B 28 -6.07 -6.34 1.98
CA LEU B 28 -5.73 -6.64 0.56
C LEU B 28 -5.87 -8.14 0.29
N ALA B 29 -5.58 -8.95 1.27
CA ALA B 29 -5.71 -10.43 1.06
C ALA B 29 -7.18 -10.82 1.04
N GLN B 30 -7.99 -10.19 1.84
CA GLN B 30 -9.45 -10.52 1.85
C GLN B 30 -10.16 -9.80 0.70
N TRP B 31 -9.73 -8.60 0.40
CA TRP B 31 -10.38 -7.84 -0.71
C TRP B 31 -10.10 -8.54 -2.05
N ALA B 32 -8.85 -8.79 -2.34
CA ALA B 32 -8.50 -9.45 -3.63
C ALA B 32 -9.21 -10.81 -3.73
N ASP B 33 -9.41 -11.47 -2.63
CA ASP B 33 -10.10 -12.78 -2.67
C ASP B 33 -11.61 -12.59 -2.84
N ARG B 34 -12.18 -11.65 -2.13
CA ARG B 34 -13.64 -11.40 -2.27
C ARG B 34 -13.97 -11.08 -3.73
N ALA B 35 -13.05 -10.46 -4.42
CA ALA B 35 -13.31 -10.12 -5.85
C ALA B 35 -13.08 -11.37 -6.72
N LEU B 36 -12.08 -12.14 -6.41
CA LEU B 36 -11.81 -13.37 -7.21
C LEU B 36 -12.94 -14.38 -7.05
N ARG B 37 -13.73 -14.24 -6.02
CA ARG B 37 -14.85 -15.20 -5.81
C ARG B 37 -15.97 -14.93 -6.82
N SER B 38 -16.13 -13.70 -7.23
CA SER B 38 -17.21 -13.38 -8.21
C SER B 38 -16.60 -12.84 -9.51
N GLY B 39 -16.15 -11.61 -9.49
CA GLY B 39 -15.54 -11.03 -10.72
C GLY B 39 -14.44 -10.04 -10.33
N HIS B 40 -13.31 -10.53 -9.92
CA HIS B 40 -12.20 -9.63 -9.51
C HIS B 40 -11.88 -8.65 -10.65
N GLN B 41 -12.24 -7.41 -10.50
CA GLN B 41 -11.96 -6.41 -11.56
C GLN B 41 -10.52 -5.91 -11.44
N ASN B 42 -10.25 -4.70 -11.85
CA ASN B 42 -8.86 -4.17 -11.76
C ASN B 42 -8.33 -4.30 -10.34
N LEU B 43 -7.60 -5.35 -10.06
CA LEU B 43 -7.06 -5.54 -8.68
C LEU B 43 -5.85 -4.61 -8.45
N LEU B 44 -4.70 -5.02 -8.90
CA LEU B 44 -3.49 -4.16 -8.71
C LEU B 44 -3.73 -2.76 -9.28
N SER B 45 -4.56 -2.66 -10.28
CA SER B 45 -4.83 -1.34 -10.89
C SER B 45 -5.64 -0.46 -9.92
N GLU B 46 -6.21 -1.04 -8.91
CA GLU B 46 -7.01 -0.23 -7.93
C GLU B 46 -6.10 0.31 -6.81
N ALA B 47 -5.36 -0.55 -6.18
CA ALA B 47 -4.46 -0.09 -5.09
C ALA B 47 -3.21 0.59 -5.66
N GLN B 48 -2.93 0.37 -6.92
CA GLN B 48 -1.73 1.01 -7.53
C GLN B 48 -1.71 2.52 -7.28
N PRO B 49 -2.75 3.19 -7.71
CA PRO B 49 -2.84 4.66 -7.53
C PRO B 49 -3.02 5.02 -6.04
N GLU B 50 -3.49 4.09 -5.26
CA GLU B 50 -3.69 4.39 -3.82
C GLU B 50 -2.34 4.62 -3.13
N LEU B 51 -1.40 3.72 -3.30
CA LEU B 51 -0.07 3.90 -2.67
C LEU B 51 0.66 5.08 -3.31
N GLU B 52 0.63 5.17 -4.62
CA GLU B 52 1.33 6.30 -5.29
C GLU B 52 0.74 7.64 -4.84
N ARG B 53 -0.54 7.69 -4.56
CA ARG B 53 -1.16 8.95 -4.12
C ARG B 53 -0.65 9.36 -2.73
N THR B 54 -0.78 8.49 -1.76
CA THR B 54 -0.31 8.83 -0.40
C THR B 54 1.13 9.34 -0.44
N LEU B 55 2.02 8.59 -1.04
CA LEU B 55 3.44 9.03 -1.11
C LEU B 55 3.57 10.31 -1.94
N LEU B 56 3.00 10.33 -3.11
CA LEU B 56 3.09 11.55 -3.98
C LEU B 56 2.65 12.79 -3.19
N THR B 57 1.51 12.73 -2.55
CA THR B 57 1.03 13.91 -1.77
C THR B 57 2.00 14.19 -0.62
N THR B 58 2.41 13.18 0.10
CA THR B 58 3.35 13.41 1.23
C THR B 58 4.64 14.08 0.72
N ALA B 59 5.38 13.40 -0.12
CA ALA B 59 6.64 14.01 -0.65
C ALA B 59 6.33 15.37 -1.26
N LEU B 60 5.24 15.49 -1.98
CA LEU B 60 4.91 16.81 -2.58
C LEU B 60 4.78 17.86 -1.47
N ARG B 61 4.20 17.48 -0.36
CA ARG B 61 4.05 18.45 0.76
C ARG B 61 5.41 19.13 1.04
N HIS B 62 6.46 18.35 1.03
CA HIS B 62 7.81 18.94 1.26
C HIS B 62 8.07 20.00 0.18
N THR B 63 7.47 19.84 -0.96
CA THR B 63 7.65 20.83 -2.06
C THR B 63 6.28 21.20 -2.62
N GLN B 64 5.35 21.54 -1.76
CA GLN B 64 3.97 21.89 -2.21
C GLN B 64 3.97 22.72 -3.49
N GLY B 65 3.22 22.31 -4.48
CA GLY B 65 3.18 23.07 -5.76
C GLY B 65 4.28 22.56 -6.69
N HIS B 66 5.47 22.42 -6.20
CA HIS B 66 6.59 21.93 -7.06
C HIS B 66 6.46 20.42 -7.29
N LYS B 67 5.41 19.99 -7.93
CA LYS B 67 5.22 18.53 -8.18
C LYS B 67 6.49 17.96 -8.85
N GLN B 68 7.21 18.78 -9.56
CA GLN B 68 8.44 18.29 -10.24
C GLN B 68 9.50 17.91 -9.20
N GLU B 69 9.63 18.69 -8.16
CA GLU B 69 10.64 18.38 -7.11
C GLU B 69 10.43 16.96 -6.58
N ALA B 70 9.20 16.57 -6.37
CA ALA B 70 8.93 15.19 -5.86
C ALA B 70 9.66 14.15 -6.70
N ALA B 71 9.97 14.48 -7.93
CA ALA B 71 10.68 13.50 -8.80
C ALA B 71 11.99 13.06 -8.15
N ARG B 72 12.90 13.97 -7.96
CA ARG B 72 14.20 13.61 -7.33
C ARG B 72 14.00 13.18 -5.88
N LEU B 73 13.01 13.73 -5.23
CA LEU B 73 12.76 13.36 -3.80
C LEU B 73 12.37 11.88 -3.71
N LEU B 74 11.79 11.34 -4.74
CA LEU B 74 11.39 9.90 -4.70
C LEU B 74 12.29 9.06 -5.62
N GLY B 75 13.39 9.61 -6.06
CA GLY B 75 14.30 8.85 -6.96
C GLY B 75 13.52 8.39 -8.20
N TRP B 76 12.68 9.23 -8.73
CA TRP B 76 11.89 8.84 -9.93
C TRP B 76 12.35 9.65 -11.14
N GLY B 77 11.92 10.89 -11.23
CA GLY B 77 12.31 11.73 -12.40
C GLY B 77 11.07 12.41 -12.97
N ALA B 78 11.19 13.02 -14.12
CA ALA B 78 10.01 13.69 -14.73
C ALA B 78 9.24 12.69 -15.59
N ALA B 79 9.92 11.73 -16.16
CA ALA B 79 9.23 10.72 -17.01
C ALA B 79 8.37 9.80 -16.13
N THR B 80 8.86 9.45 -14.98
CA THR B 80 8.07 8.56 -14.08
C THR B 80 6.92 9.35 -13.44
N LEU B 81 7.21 10.45 -12.80
CA LEU B 81 6.14 11.26 -12.17
C LEU B 81 5.05 11.57 -13.19
N THR B 82 5.40 11.66 -14.44
CA THR B 82 4.38 11.95 -15.49
C THR B 82 3.80 10.64 -16.03
N ALA B 83 4.64 9.72 -16.40
CA ALA B 83 4.14 8.42 -16.94
C ALA B 83 3.29 7.71 -15.87
N LYS B 84 3.67 7.81 -14.63
CA LYS B 84 2.89 7.15 -13.56
C LYS B 84 1.52 7.80 -13.42
N LEU B 85 1.43 9.07 -13.74
CA LEU B 85 0.12 9.77 -13.63
C LEU B 85 -0.89 9.16 -14.60
N LYS B 86 -0.43 8.73 -15.75
CA LYS B 86 -1.37 8.11 -16.74
C LYS B 86 -1.47 6.60 -16.51
N GLU B 87 -0.35 5.96 -16.30
CA GLU B 87 -0.37 4.48 -16.07
C GLU B 87 -1.35 4.14 -14.94
N LEU B 88 -1.27 4.84 -13.84
CA LEU B 88 -2.19 4.55 -12.71
C LEU B 88 -3.64 4.76 -13.14
N GLY B 89 -3.87 5.60 -14.11
CA GLY B 89 -5.27 5.84 -14.57
C GLY B 89 -5.71 4.68 -15.46
N MET B 90 -4.83 4.13 -16.24
CA MET B 90 -5.20 2.99 -17.13
C MET B 90 -3.96 2.43 -17.83
N GLU B 91 -3.30 3.24 -18.60
CA GLU B 91 -2.08 2.76 -19.31
C GLU B 91 -1.09 3.92 -19.50
N MET A 1 15.37 3.43 27.03
CA MET A 1 15.04 3.81 28.44
C MET A 1 13.84 4.75 28.47
N ASP A 2 12.69 4.27 28.10
CA ASP A 2 11.48 5.14 28.11
C ASP A 2 10.22 4.31 27.82
N LEU A 3 9.70 3.64 28.81
CA LEU A 3 8.48 2.81 28.60
C LEU A 3 8.72 1.83 27.44
N PRO A 4 9.74 1.01 27.57
CA PRO A 4 10.06 0.03 26.51
C PRO A 4 9.04 -1.11 26.52
N GLY A 5 8.98 -1.88 25.46
CA GLY A 5 8.00 -2.99 25.40
C GLY A 5 6.71 -2.50 24.75
N GLU A 6 6.72 -2.30 23.47
CA GLU A 6 5.49 -1.82 22.77
C GLU A 6 5.26 -2.60 21.47
N LEU A 7 4.38 -3.57 21.50
CA LEU A 7 4.13 -4.37 20.26
C LEU A 7 2.68 -4.86 20.25
N PHE A 8 2.02 -4.76 19.13
CA PHE A 8 0.60 -5.24 19.05
C PHE A 8 0.53 -6.57 18.31
N GLU A 9 0.77 -7.66 18.99
CA GLU A 9 0.73 -8.98 18.33
C GLU A 9 -0.66 -9.25 17.74
N ALA A 10 -0.89 -8.82 16.53
CA ALA A 10 -2.23 -9.04 15.91
C ALA A 10 -2.26 -10.37 15.15
N SER A 11 -1.12 -10.80 14.66
CA SER A 11 -1.08 -12.09 13.92
C SER A 11 0.27 -12.79 14.15
N THR A 12 0.31 -13.71 15.06
CA THR A 12 1.59 -14.43 15.34
C THR A 12 1.31 -15.79 15.98
N PRO A 13 0.55 -16.61 15.30
CA PRO A 13 0.22 -17.95 15.83
C PRO A 13 1.43 -18.88 15.76
N ASP A 14 2.15 -18.84 14.66
CA ASP A 14 3.35 -19.72 14.52
C ASP A 14 4.62 -18.87 14.36
N SER A 15 4.90 -18.03 15.31
CA SER A 15 6.13 -17.17 15.21
C SER A 15 6.49 -16.58 16.58
N PRO A 16 7.75 -16.27 16.76
CA PRO A 16 8.21 -15.70 18.04
C PRO A 16 7.74 -14.24 18.17
N SER A 17 7.80 -13.50 17.11
CA SER A 17 7.35 -12.07 17.18
C SER A 17 7.06 -11.54 15.77
N HIS A 18 5.84 -11.15 15.52
CA HIS A 18 5.48 -10.62 14.17
C HIS A 18 4.81 -9.25 14.29
N LEU A 19 5.48 -8.21 13.86
CA LEU A 19 4.88 -6.86 13.96
C LEU A 19 4.56 -6.32 12.56
N PRO A 20 3.44 -6.72 12.03
CA PRO A 20 3.02 -6.27 10.68
C PRO A 20 2.59 -4.81 10.71
N PRO A 21 2.74 -4.13 9.59
CA PRO A 21 2.35 -2.71 9.51
C PRO A 21 0.83 -2.57 9.51
N ASP A 22 0.22 -2.54 10.66
CA ASP A 22 -1.27 -2.40 10.72
C ASP A 22 -1.69 -1.06 10.11
N SER A 23 -1.18 0.02 10.63
CA SER A 23 -1.55 1.36 10.08
C SER A 23 -0.63 1.71 8.92
N TRP A 24 -0.65 0.93 7.87
CA TRP A 24 0.22 1.19 6.69
C TRP A 24 0.28 2.68 6.34
N ALA A 25 -0.79 3.23 5.85
CA ALA A 25 -0.78 4.69 5.48
C ALA A 25 -0.20 5.52 6.62
N THR A 26 -0.69 5.34 7.81
CA THR A 26 -0.14 6.12 8.96
C THR A 26 1.37 5.86 9.06
N LEU A 27 1.78 4.67 8.77
CA LEU A 27 3.24 4.34 8.84
C LEU A 27 3.95 4.95 7.64
N LEU A 28 3.25 5.19 6.57
CA LEU A 28 3.87 5.77 5.36
C LEU A 28 3.95 7.30 5.49
N ALA A 29 2.96 7.91 6.07
CA ALA A 29 2.99 9.38 6.24
C ALA A 29 4.06 9.77 7.25
N GLN A 30 4.21 9.00 8.29
CA GLN A 30 5.25 9.31 9.31
C GLN A 30 6.63 8.84 8.82
N TRP A 31 6.68 7.72 8.16
CA TRP A 31 7.98 7.21 7.65
C TRP A 31 8.53 8.17 6.58
N ALA A 32 7.75 8.47 5.58
CA ALA A 32 8.22 9.40 4.52
C ALA A 32 8.71 10.71 5.14
N ASP A 33 8.14 11.10 6.24
CA ASP A 33 8.58 12.37 6.90
C ASP A 33 9.86 12.11 7.71
N ARG A 34 9.87 11.08 8.51
CA ARG A 34 11.08 10.77 9.31
C ARG A 34 12.29 10.63 8.39
N ALA A 35 12.09 10.03 7.24
CA ALA A 35 13.22 9.87 6.28
C ALA A 35 13.58 11.23 5.68
N LEU A 36 12.59 12.01 5.35
CA LEU A 36 12.86 13.37 4.76
C LEU A 36 13.82 14.14 5.67
N ARG A 37 13.72 13.93 6.96
CA ARG A 37 14.63 14.67 7.90
C ARG A 37 16.00 14.00 7.94
N SER A 38 16.08 12.75 7.58
CA SER A 38 17.38 12.04 7.60
C SER A 38 17.87 11.78 6.17
N GLY A 39 17.73 12.74 5.30
CA GLY A 39 18.18 12.54 3.89
C GLY A 39 17.37 11.41 3.25
N HIS A 40 16.21 11.70 2.76
CA HIS A 40 15.38 10.63 2.12
C HIS A 40 16.03 10.15 0.83
N GLN A 41 15.50 9.12 0.23
CA GLN A 41 16.09 8.60 -1.03
C GLN A 41 15.10 7.64 -1.71
N ASN A 42 15.06 6.41 -1.28
CA ASN A 42 14.10 5.44 -1.90
C ASN A 42 12.76 5.48 -1.17
N LEU A 43 11.94 6.45 -1.46
CA LEU A 43 10.62 6.55 -0.79
C LEU A 43 9.56 5.71 -1.53
N LEU A 44 9.37 5.98 -2.79
CA LEU A 44 8.34 5.21 -3.55
C LEU A 44 8.93 3.89 -4.04
N SER A 45 10.22 3.83 -4.24
CA SER A 45 10.85 2.56 -4.72
C SER A 45 10.84 1.50 -3.62
N GLU A 46 10.61 1.89 -2.40
CA GLU A 46 10.60 0.90 -1.28
C GLU A 46 9.20 0.31 -1.10
N ALA A 47 8.20 1.15 -0.99
CA ALA A 47 6.81 0.64 -0.81
C ALA A 47 6.25 0.13 -2.15
N GLN A 48 6.84 0.51 -3.24
CA GLN A 48 6.35 0.04 -4.56
C GLN A 48 6.20 -1.48 -4.59
N PRO A 49 7.28 -2.18 -4.32
CA PRO A 49 7.25 -3.66 -4.32
C PRO A 49 6.42 -4.19 -3.16
N GLU A 50 6.24 -3.39 -2.13
CA GLU A 50 5.42 -3.85 -0.97
C GLU A 50 3.97 -4.11 -1.43
N LEU A 51 3.43 -3.19 -2.18
CA LEU A 51 2.03 -3.37 -2.67
C LEU A 51 2.00 -4.46 -3.74
N GLU A 52 2.91 -4.44 -4.67
CA GLU A 52 2.93 -5.48 -5.74
C GLU A 52 3.20 -6.86 -5.13
N ARG A 53 3.73 -6.91 -3.93
CA ARG A 53 4.01 -8.23 -3.30
C ARG A 53 2.74 -8.80 -2.67
N THR A 54 2.16 -8.10 -1.72
CA THR A 54 0.92 -8.61 -1.07
C THR A 54 -0.15 -8.93 -2.12
N LEU A 55 -0.06 -8.32 -3.27
CA LEU A 55 -1.08 -8.59 -4.33
C LEU A 55 -0.65 -9.77 -5.20
N LEU A 56 0.61 -9.86 -5.51
CA LEU A 56 1.08 -11.01 -6.36
C LEU A 56 0.96 -12.32 -5.60
N THR A 57 1.36 -12.34 -4.35
CA THR A 57 1.26 -13.61 -3.56
C THR A 57 -0.20 -14.03 -3.43
N THR A 58 -1.06 -13.14 -3.04
CA THR A 58 -2.50 -13.50 -2.89
C THR A 58 -3.03 -14.09 -4.20
N ALA A 59 -3.04 -13.31 -5.25
CA ALA A 59 -3.55 -13.84 -6.55
C ALA A 59 -2.84 -15.14 -6.90
N LEU A 60 -1.54 -15.20 -6.72
CA LEU A 60 -0.81 -16.46 -7.03
C LEU A 60 -1.41 -17.61 -6.22
N ARG A 61 -1.78 -17.36 -4.99
CA ARG A 61 -2.38 -18.43 -4.16
C ARG A 61 -3.52 -19.10 -4.93
N HIS A 62 -4.31 -18.32 -5.61
CA HIS A 62 -5.43 -18.90 -6.41
C HIS A 62 -4.83 -19.90 -7.42
N THR A 63 -3.61 -19.65 -7.82
CA THR A 63 -2.93 -20.55 -8.79
C THR A 63 -1.54 -20.88 -8.26
N GLN A 64 -1.45 -21.32 -7.02
CA GLN A 64 -0.13 -21.64 -6.40
C GLN A 64 0.80 -22.36 -7.38
N GLY A 65 1.99 -21.86 -7.54
CA GLY A 65 2.96 -22.50 -8.47
C GLY A 65 2.79 -21.90 -9.87
N HIS A 66 1.59 -21.80 -10.34
CA HIS A 66 1.37 -21.21 -11.70
C HIS A 66 1.47 -19.70 -11.66
N LYS A 67 2.64 -19.17 -11.38
CA LYS A 67 2.80 -17.70 -11.34
C LYS A 67 2.26 -17.06 -12.62
N GLN A 68 2.25 -17.81 -13.69
CA GLN A 68 1.74 -17.25 -14.98
C GLN A 68 0.25 -16.91 -14.84
N GLU A 69 -0.52 -17.80 -14.28
CA GLU A 69 -1.98 -17.52 -14.12
C GLU A 69 -2.19 -16.18 -13.43
N ALA A 70 -1.34 -15.85 -12.50
CA ALA A 70 -1.49 -14.55 -11.78
C ALA A 70 -1.55 -13.41 -12.80
N ALA A 71 -0.99 -13.61 -13.97
CA ALA A 71 -1.01 -12.53 -15.00
C ALA A 71 -2.44 -12.08 -15.24
N ARG A 72 -3.23 -12.88 -15.89
CA ARG A 72 -4.65 -12.50 -16.15
C ARG A 72 -5.35 -12.21 -14.83
N LEU A 73 -5.00 -12.92 -13.79
CA LEU A 73 -5.64 -12.70 -12.47
C LEU A 73 -5.43 -11.25 -12.02
N LEU A 74 -4.45 -10.59 -12.55
CA LEU A 74 -4.19 -9.17 -12.17
C LEU A 74 -4.22 -8.26 -13.41
N GLY A 75 -4.75 -8.74 -14.50
CA GLY A 75 -4.80 -7.90 -15.73
C GLY A 75 -3.39 -7.41 -16.06
N TRP A 76 -2.42 -8.26 -15.93
CA TRP A 76 -1.02 -7.84 -16.22
C TRP A 76 -0.48 -8.58 -17.45
N GLY A 77 -0.32 -9.86 -17.35
CA GLY A 77 0.21 -10.64 -18.52
C GLY A 77 1.49 -11.35 -18.10
N ALA A 78 2.23 -11.88 -19.04
CA ALA A 78 3.49 -12.58 -18.68
C ALA A 78 4.66 -11.60 -18.72
N ALA A 79 4.68 -10.72 -19.69
CA ALA A 79 5.79 -9.73 -19.78
C ALA A 79 5.76 -8.80 -18.56
N THR A 80 4.59 -8.44 -18.13
CA THR A 80 4.49 -7.54 -16.94
C THR A 80 4.88 -8.31 -15.67
N LEU A 81 4.24 -9.42 -15.42
CA LEU A 81 4.58 -10.22 -14.21
C LEU A 81 6.09 -10.47 -14.14
N THR A 82 6.74 -10.55 -15.27
CA THR A 82 8.20 -10.79 -15.28
C THR A 82 8.95 -9.46 -15.28
N ALA A 83 8.57 -8.54 -16.12
CA ALA A 83 9.26 -7.22 -16.16
C ALA A 83 9.11 -6.50 -14.82
N LYS A 84 7.95 -6.59 -14.23
CA LYS A 84 7.73 -5.91 -12.91
C LYS A 84 8.63 -6.55 -11.84
N LEU A 85 9.01 -7.78 -12.04
CA LEU A 85 9.88 -8.46 -11.03
C LEU A 85 11.22 -7.73 -10.91
N LYS A 86 11.86 -7.45 -12.01
CA LYS A 86 13.17 -6.73 -11.95
C LYS A 86 12.95 -5.23 -11.91
N GLU A 87 11.84 -4.76 -12.42
CA GLU A 87 11.56 -3.29 -12.41
C GLU A 87 11.41 -2.78 -10.97
N LEU A 88 10.64 -3.47 -10.17
CA LEU A 88 10.46 -3.02 -8.76
C LEU A 88 11.80 -2.99 -8.04
N GLY A 89 12.64 -3.96 -8.28
CA GLY A 89 13.97 -3.99 -7.60
C GLY A 89 15.06 -3.61 -8.60
N MET A 90 14.71 -2.88 -9.63
CA MET A 90 15.72 -2.48 -10.65
C MET A 90 16.84 -1.68 -9.98
N GLU A 91 16.53 -0.99 -8.91
CA GLU A 91 17.58 -0.19 -8.21
C GLU A 91 18.28 0.74 -9.20
N MET B 1 -29.60 -6.01 8.17
CA MET B 1 -30.32 -6.58 9.34
C MET B 1 -29.42 -7.58 10.08
N ASP B 2 -28.36 -7.11 10.68
CA ASP B 2 -27.45 -8.03 11.42
C ASP B 2 -26.39 -7.22 12.18
N LEU B 3 -26.74 -6.71 13.33
CA LEU B 3 -25.75 -5.92 14.12
C LEU B 3 -25.17 -4.80 13.26
N PRO B 4 -26.05 -3.96 12.74
CA PRO B 4 -25.60 -2.83 11.90
C PRO B 4 -24.92 -1.75 12.74
N GLY B 5 -24.18 -0.87 12.12
CA GLY B 5 -23.50 0.20 12.89
C GLY B 5 -22.09 -0.27 13.27
N GLU B 6 -21.20 -0.31 12.32
CA GLU B 6 -19.81 -0.76 12.62
C GLU B 6 -18.79 0.17 11.95
N LEU B 7 -18.21 1.07 12.70
CA LEU B 7 -17.21 2.01 12.10
C LEU B 7 -16.19 2.44 13.15
N PHE B 8 -14.93 2.44 12.80
CA PHE B 8 -13.89 2.85 13.78
C PHE B 8 -13.39 4.26 13.46
N GLU B 9 -14.09 5.26 13.91
CA GLU B 9 -13.66 6.67 13.63
C GLU B 9 -12.28 6.92 14.22
N ALA B 10 -11.25 6.63 13.47
CA ALA B 10 -9.87 6.87 13.98
C ALA B 10 -9.40 8.27 13.62
N SER B 11 -9.89 8.82 12.55
CA SER B 11 -9.48 10.19 12.14
C SER B 11 -10.64 10.92 11.47
N THR B 12 -11.35 11.73 12.20
CA THR B 12 -12.49 12.48 11.59
C THR B 12 -12.82 13.72 12.42
N PRO B 13 -11.83 14.58 12.56
CA PRO B 13 -12.04 15.83 13.34
C PRO B 13 -12.91 16.82 12.55
N ASP B 14 -12.67 16.95 11.28
CA ASP B 14 -13.48 17.89 10.46
C ASP B 14 -14.23 17.13 9.36
N SER B 15 -15.06 16.21 9.73
CA SER B 15 -15.82 15.43 8.71
C SER B 15 -17.00 14.70 9.36
N PRO B 16 -18.01 14.42 8.57
CA PRO B 16 -19.20 13.71 9.10
C PRO B 16 -18.89 12.24 9.33
N SER B 17 -18.16 11.63 8.44
CA SER B 17 -17.81 10.19 8.62
C SER B 17 -16.59 9.83 7.76
N HIS B 18 -15.52 9.41 8.38
CA HIS B 18 -14.31 9.04 7.60
C HIS B 18 -13.84 7.63 7.98
N LEU B 19 -13.97 6.68 7.09
CA LEU B 19 -13.53 5.30 7.40
C LEU B 19 -12.30 4.92 6.56
N PRO B 20 -11.14 5.34 7.02
CA PRO B 20 -9.89 5.05 6.28
C PRO B 20 -9.53 3.56 6.43
N PRO B 21 -8.82 3.04 5.45
CA PRO B 21 -8.42 1.62 5.47
C PRO B 21 -7.30 1.40 6.52
N ASP B 22 -7.67 1.20 7.75
CA ASP B 22 -6.63 0.98 8.80
C ASP B 22 -5.84 -0.29 8.50
N SER B 23 -6.51 -1.40 8.37
CA SER B 23 -5.79 -2.67 8.08
C SER B 23 -5.64 -2.84 6.57
N TRP B 24 -4.94 -1.93 5.94
CA TRP B 24 -4.74 -2.00 4.47
C TRP B 24 -4.45 -3.42 3.99
N ALA B 25 -3.31 -3.97 4.31
CA ALA B 25 -2.99 -5.37 3.86
C ALA B 25 -4.16 -6.30 4.17
N THR B 26 -4.64 -6.30 5.38
CA THR B 26 -5.78 -7.19 5.72
C THR B 26 -6.96 -6.87 4.79
N LEU B 27 -7.12 -5.62 4.43
CA LEU B 27 -8.23 -5.24 3.51
C LEU B 27 -7.88 -5.65 2.09
N LEU B 28 -6.62 -5.79 1.80
CA LEU B 28 -6.20 -6.19 0.42
C LEU B 28 -6.28 -7.71 0.28
N ALA B 29 -5.93 -8.44 1.30
CA ALA B 29 -5.98 -9.92 1.21
C ALA B 29 -7.45 -10.37 1.15
N GLN B 30 -8.32 -9.73 1.88
CA GLN B 30 -9.75 -10.11 1.84
C GLN B 30 -10.43 -9.53 0.60
N TRP B 31 -10.08 -8.32 0.24
CA TRP B 31 -10.68 -7.70 -0.97
C TRP B 31 -10.29 -8.49 -2.23
N ALA B 32 -9.02 -8.70 -2.43
CA ALA B 32 -8.57 -9.47 -3.63
C ALA B 32 -9.30 -10.81 -3.69
N ASP B 33 -9.62 -11.37 -2.56
CA ASP B 33 -10.33 -12.69 -2.55
C ASP B 33 -11.82 -12.46 -2.83
N ARG B 34 -12.44 -11.55 -2.14
CA ARG B 34 -13.88 -11.28 -2.37
C ARG B 34 -14.12 -10.96 -3.85
N ALA B 35 -13.22 -10.25 -4.45
CA ALA B 35 -13.38 -9.91 -5.90
C ALA B 35 -13.14 -11.17 -6.75
N LEU B 36 -12.16 -11.95 -6.39
CA LEU B 36 -11.88 -13.20 -7.16
C LEU B 36 -13.16 -14.04 -7.27
N ARG B 37 -13.99 -14.00 -6.27
CA ARG B 37 -15.25 -14.80 -6.32
C ARG B 37 -16.30 -14.07 -7.16
N SER B 38 -16.18 -12.79 -7.31
CA SER B 38 -17.18 -12.02 -8.12
C SER B 38 -16.54 -11.57 -9.44
N GLY B 39 -15.78 -12.41 -10.07
CA GLY B 39 -15.15 -12.02 -11.36
C GLY B 39 -14.19 -10.86 -11.12
N HIS B 40 -12.99 -11.13 -10.70
CA HIS B 40 -12.01 -10.04 -10.44
C HIS B 40 -11.61 -9.37 -11.76
N GLN B 41 -10.86 -8.30 -11.68
CA GLN B 41 -10.44 -7.59 -12.92
C GLN B 41 -9.31 -6.62 -12.61
N ASN B 42 -9.63 -5.45 -12.12
CA ASN B 42 -8.57 -4.46 -11.78
C ASN B 42 -8.11 -4.66 -10.34
N LEU B 43 -7.26 -5.62 -10.10
CA LEU B 43 -6.77 -5.87 -8.71
C LEU B 43 -5.54 -5.00 -8.41
N LEU B 44 -4.52 -5.12 -9.19
CA LEU B 44 -3.29 -4.31 -8.94
C LEU B 44 -3.44 -2.91 -9.54
N SER B 45 -4.23 -2.77 -10.55
CA SER B 45 -4.42 -1.42 -11.18
C SER B 45 -5.23 -0.50 -10.26
N GLU B 46 -5.89 -1.05 -9.27
CA GLU B 46 -6.70 -0.21 -8.35
C GLU B 46 -5.84 0.29 -7.18
N ALA B 47 -5.16 -0.62 -6.51
CA ALA B 47 -4.31 -0.20 -5.36
C ALA B 47 -3.01 0.45 -5.86
N GLN B 48 -2.66 0.24 -7.10
CA GLN B 48 -1.42 0.84 -7.64
C GLN B 48 -1.37 2.35 -7.36
N PRO B 49 -2.36 3.06 -7.84
CA PRO B 49 -2.41 4.53 -7.64
C PRO B 49 -2.64 4.86 -6.16
N GLU B 50 -3.19 3.94 -5.41
CA GLU B 50 -3.42 4.21 -3.96
C GLU B 50 -2.08 4.44 -3.26
N LEU B 51 -1.11 3.61 -3.52
CA LEU B 51 0.22 3.77 -2.88
C LEU B 51 0.92 5.00 -3.48
N GLU B 52 0.91 5.13 -4.78
CA GLU B 52 1.57 6.29 -5.42
C GLU B 52 0.89 7.59 -5.00
N ARG B 53 -0.32 7.52 -4.52
CA ARG B 53 -1.03 8.76 -4.10
C ARG B 53 -0.58 9.19 -2.70
N THR B 54 -0.77 8.35 -1.71
CA THR B 54 -0.36 8.72 -0.32
C THR B 54 1.12 9.11 -0.29
N LEU B 55 1.88 8.66 -1.25
CA LEU B 55 3.33 8.99 -1.26
C LEU B 55 3.56 10.31 -2.02
N LEU B 56 2.87 10.51 -3.12
CA LEU B 56 3.07 11.76 -3.90
C LEU B 56 2.55 12.96 -3.11
N THR B 57 1.41 12.85 -2.49
CA THR B 57 0.86 13.99 -1.71
C THR B 57 1.80 14.32 -0.55
N THR B 58 2.20 13.35 0.21
CA THR B 58 3.11 13.61 1.35
C THR B 58 4.37 14.34 0.87
N ALA B 59 5.14 13.70 0.03
CA ALA B 59 6.38 14.36 -0.48
C ALA B 59 6.04 15.74 -1.06
N LEU B 60 4.98 15.83 -1.82
CA LEU B 60 4.60 17.15 -2.39
C LEU B 60 4.41 18.15 -1.26
N ARG B 61 3.85 17.74 -0.16
CA ARG B 61 3.64 18.67 0.99
C ARG B 61 4.97 19.38 1.30
N HIS B 62 6.05 18.64 1.28
CA HIS B 62 7.38 19.27 1.54
C HIS B 62 7.59 20.40 0.53
N THR B 63 7.00 20.28 -0.62
CA THR B 63 7.13 21.33 -1.66
C THR B 63 5.75 21.65 -2.22
N GLN B 64 4.81 21.94 -1.34
CA GLN B 64 3.41 22.24 -1.77
C GLN B 64 3.38 23.12 -3.03
N GLY B 65 2.65 22.70 -4.03
CA GLY B 65 2.57 23.50 -5.29
C GLY B 65 3.69 23.08 -6.23
N HIS B 66 4.89 22.97 -5.75
CA HIS B 66 6.02 22.56 -6.63
C HIS B 66 5.99 21.05 -6.87
N LYS B 67 4.99 20.56 -7.54
CA LYS B 67 4.92 19.09 -7.80
C LYS B 67 6.23 18.60 -8.41
N GLN B 68 6.93 19.46 -9.09
CA GLN B 68 8.23 19.05 -9.72
C GLN B 68 9.22 18.63 -8.63
N GLU B 69 9.34 19.40 -7.58
CA GLU B 69 10.30 19.03 -6.51
C GLU B 69 10.04 17.61 -6.03
N ALA B 70 8.79 17.20 -5.99
CA ALA B 70 8.48 15.81 -5.54
C ALA B 70 9.27 14.80 -6.37
N ALA B 71 9.67 15.19 -7.56
CA ALA B 71 10.46 14.25 -8.41
C ALA B 71 11.69 13.75 -7.65
N ARG B 72 12.66 14.60 -7.46
CA ARG B 72 13.88 14.18 -6.72
C ARG B 72 13.48 13.69 -5.31
N LEU B 73 12.47 14.29 -4.75
CA LEU B 73 12.03 13.87 -3.39
C LEU B 73 11.66 12.38 -3.38
N LEU B 74 11.35 11.84 -4.54
CA LEU B 74 10.97 10.40 -4.61
C LEU B 74 11.89 9.65 -5.57
N GLY B 75 13.00 10.25 -5.93
CA GLY B 75 13.93 9.56 -6.88
C GLY B 75 13.17 9.17 -8.15
N TRP B 76 12.33 10.05 -8.62
CA TRP B 76 11.54 9.75 -9.85
C TRP B 76 11.98 10.66 -11.01
N GLY B 77 11.72 11.93 -10.89
CA GLY B 77 12.11 12.87 -11.99
C GLY B 77 10.86 13.58 -12.49
N ALA B 78 10.95 14.26 -13.61
CA ALA B 78 9.76 14.97 -14.14
C ALA B 78 8.99 14.05 -15.10
N ALA B 79 9.70 13.31 -15.92
CA ALA B 79 9.01 12.40 -16.87
C ALA B 79 8.24 11.33 -16.09
N THR B 80 8.80 10.85 -15.01
CA THR B 80 8.10 9.80 -14.21
C THR B 80 6.90 10.43 -13.49
N LEU B 81 7.13 11.47 -12.73
CA LEU B 81 6.01 12.14 -12.00
C LEU B 81 4.87 12.44 -12.97
N THR B 82 5.18 12.70 -14.21
CA THR B 82 4.11 13.01 -15.21
C THR B 82 3.63 11.73 -15.89
N ALA B 83 4.54 10.90 -16.34
CA ALA B 83 4.14 9.64 -17.00
C ALA B 83 3.36 8.75 -16.03
N LYS B 84 3.78 8.70 -14.80
CA LYS B 84 3.05 7.86 -13.80
C LYS B 84 1.65 8.40 -13.57
N LEU B 85 1.43 9.67 -13.83
CA LEU B 85 0.08 10.25 -13.63
C LEU B 85 -0.93 9.57 -14.55
N LYS B 86 -0.62 9.47 -15.82
CA LYS B 86 -1.57 8.82 -16.77
C LYS B 86 -1.36 7.30 -16.78
N GLU B 87 -0.18 6.85 -16.42
CA GLU B 87 0.08 5.39 -16.42
C GLU B 87 -0.77 4.69 -15.36
N LEU B 88 -0.80 5.23 -14.17
CA LEU B 88 -1.62 4.61 -13.09
C LEU B 88 -3.10 4.55 -13.51
N GLY B 89 -3.58 5.58 -14.14
CA GLY B 89 -5.01 5.58 -14.57
C GLY B 89 -5.08 5.39 -16.09
N MET B 90 -4.08 4.78 -16.66
CA MET B 90 -4.09 4.56 -18.14
C MET B 90 -5.31 3.73 -18.54
N GLU B 91 -5.79 2.91 -17.65
CA GLU B 91 -6.99 2.07 -17.98
C GLU B 91 -6.77 1.31 -19.28
N MET A 1 2.47 -6.83 29.14
CA MET A 1 2.70 -7.32 30.53
C MET A 1 3.78 -6.50 31.22
N ASP A 2 3.92 -6.62 32.51
CA ASP A 2 4.97 -5.85 33.24
C ASP A 2 5.91 -6.79 33.98
N LEU A 3 5.37 -7.81 34.61
CA LEU A 3 6.25 -8.77 35.36
C LEU A 3 5.43 -10.00 35.78
N PRO A 4 5.54 -11.05 34.99
CA PRO A 4 4.79 -12.29 35.31
C PRO A 4 5.43 -13.00 36.50
N GLY A 5 4.71 -13.90 37.12
CA GLY A 5 5.28 -14.63 38.30
C GLY A 5 4.62 -14.14 39.59
N GLU A 6 5.39 -13.85 40.59
CA GLU A 6 4.80 -13.36 41.88
C GLU A 6 5.54 -12.12 42.35
N LEU A 7 5.46 -11.83 43.63
CA LEU A 7 6.16 -10.61 44.16
C LEU A 7 5.77 -9.38 43.35
N PHE A 8 6.42 -8.27 43.58
CA PHE A 8 6.08 -7.04 42.81
C PHE A 8 7.27 -6.08 42.81
N GLU A 9 8.22 -6.28 41.94
CA GLU A 9 9.40 -5.38 41.89
C GLU A 9 9.27 -4.39 40.74
N ALA A 10 8.12 -3.79 40.59
CA ALA A 10 7.92 -2.80 39.49
C ALA A 10 8.79 -1.56 39.71
N SER A 11 9.27 -0.97 38.65
CA SER A 11 10.12 0.24 38.80
C SER A 11 9.98 1.14 37.57
N THR A 12 10.34 0.64 36.41
CA THR A 12 10.21 1.47 35.18
C THR A 12 9.14 0.87 34.26
N PRO A 13 8.48 1.74 33.53
CA PRO A 13 7.41 1.29 32.61
C PRO A 13 8.01 0.58 31.39
N ASP A 14 7.28 -0.32 30.79
CA ASP A 14 7.81 -1.04 29.60
C ASP A 14 6.68 -1.28 28.58
N SER A 15 6.92 -2.12 27.62
CA SER A 15 5.88 -2.40 26.59
C SER A 15 5.89 -3.89 26.22
N PRO A 16 4.77 -4.35 25.70
CA PRO A 16 4.67 -5.78 25.30
C PRO A 16 5.49 -6.03 24.03
N SER A 17 5.70 -5.01 23.24
CA SER A 17 6.49 -5.20 21.99
C SER A 17 5.92 -6.36 21.17
N HIS A 18 4.83 -6.14 20.48
CA HIS A 18 4.24 -7.23 19.66
C HIS A 18 3.08 -6.70 18.82
N LEU A 19 3.35 -6.22 17.64
CA LEU A 19 2.25 -5.68 16.78
C LEU A 19 2.68 -5.72 15.31
N PRO A 20 1.92 -6.43 14.51
CA PRO A 20 2.25 -6.52 13.06
C PRO A 20 1.95 -5.20 12.35
N PRO A 21 2.50 -5.05 11.17
CA PRO A 21 2.29 -3.80 10.40
C PRO A 21 0.86 -3.75 9.86
N ASP A 22 -0.12 -3.67 10.73
CA ASP A 22 -1.52 -3.61 10.27
C ASP A 22 -1.86 -2.20 9.77
N SER A 23 -1.27 -1.20 10.36
CA SER A 23 -1.55 0.19 9.91
C SER A 23 -0.60 0.58 8.78
N TRP A 24 -0.59 -0.17 7.70
CA TRP A 24 0.31 0.14 6.57
C TRP A 24 0.28 1.63 6.21
N ALA A 25 -0.81 2.11 5.66
CA ALA A 25 -0.89 3.55 5.27
C ALA A 25 -0.40 4.44 6.42
N THR A 26 -0.92 4.24 7.60
CA THR A 26 -0.45 5.07 8.75
C THR A 26 1.06 4.94 8.90
N LEU A 27 1.59 3.78 8.60
CA LEU A 27 3.06 3.58 8.71
C LEU A 27 3.75 4.22 7.51
N LEU A 28 3.05 4.38 6.42
CA LEU A 28 3.67 5.00 5.22
C LEU A 28 3.59 6.52 5.32
N ALA A 29 2.56 7.04 5.91
CA ALA A 29 2.43 8.52 6.05
C ALA A 29 3.45 9.02 7.08
N GLN A 30 3.62 8.32 8.16
CA GLN A 30 4.60 8.76 9.19
C GLN A 30 6.02 8.40 8.76
N TRP A 31 6.19 7.29 8.09
CA TRP A 31 7.55 6.89 7.64
C TRP A 31 8.06 7.89 6.59
N ALA A 32 7.34 8.04 5.51
CA ALA A 32 7.79 9.01 4.46
C ALA A 32 8.06 10.39 5.08
N ASP A 33 7.40 10.69 6.16
CA ASP A 33 7.62 12.01 6.82
C ASP A 33 8.93 12.00 7.61
N ARG A 34 9.11 11.03 8.46
CA ARG A 34 10.36 10.97 9.26
C ARG A 34 11.57 10.93 8.34
N ALA A 35 11.46 10.25 7.23
CA ALA A 35 12.60 10.17 6.28
C ALA A 35 12.76 11.51 5.56
N LEU A 36 11.68 12.19 5.31
CA LEU A 36 11.77 13.51 4.62
C LEU A 36 12.63 14.48 5.44
N ARG A 37 12.46 14.48 6.74
CA ARG A 37 13.27 15.39 7.60
C ARG A 37 14.58 14.71 8.02
N SER A 38 15.20 13.99 7.14
CA SER A 38 16.48 13.30 7.51
C SER A 38 17.25 12.91 6.24
N GLY A 39 16.81 11.90 5.55
CA GLY A 39 17.52 11.49 4.30
C GLY A 39 16.60 10.61 3.46
N HIS A 40 15.47 11.13 3.07
CA HIS A 40 14.53 10.32 2.24
C HIS A 40 15.15 9.99 0.89
N GLN A 41 14.76 8.89 0.29
CA GLN A 41 15.33 8.51 -1.03
C GLN A 41 14.42 7.48 -1.71
N ASN A 42 14.32 6.30 -1.16
CA ASN A 42 13.45 5.27 -1.79
C ASN A 42 12.04 5.34 -1.21
N LEU A 43 11.50 6.53 -1.09
CA LEU A 43 10.14 6.68 -0.53
C LEU A 43 9.15 5.73 -1.22
N LEU A 44 9.00 5.85 -2.51
CA LEU A 44 8.05 4.95 -3.23
C LEU A 44 8.76 3.66 -3.69
N SER A 45 10.04 3.72 -3.91
CA SER A 45 10.78 2.51 -4.36
C SER A 45 10.71 1.40 -3.31
N GLU A 46 10.34 1.74 -2.10
CA GLU A 46 10.26 0.69 -1.03
C GLU A 46 8.87 0.08 -0.97
N ALA A 47 7.85 0.89 -0.84
CA ALA A 47 6.46 0.34 -0.78
C ALA A 47 6.02 -0.14 -2.15
N GLN A 48 6.65 0.31 -3.19
CA GLN A 48 6.25 -0.14 -4.56
C GLN A 48 6.26 -1.67 -4.65
N PRO A 49 7.40 -2.26 -4.39
CA PRO A 49 7.51 -3.74 -4.45
C PRO A 49 6.72 -4.38 -3.30
N GLU A 50 6.61 -3.70 -2.19
CA GLU A 50 5.85 -4.28 -1.04
C GLU A 50 4.40 -4.57 -1.45
N LEU A 51 3.70 -3.56 -1.91
CA LEU A 51 2.29 -3.78 -2.33
C LEU A 51 2.23 -4.80 -3.47
N GLU A 52 3.08 -4.64 -4.46
CA GLU A 52 3.07 -5.60 -5.60
C GLU A 52 3.28 -7.04 -5.09
N ARG A 53 4.15 -7.22 -4.15
CA ARG A 53 4.39 -8.59 -3.62
C ARG A 53 3.17 -9.06 -2.82
N THR A 54 2.70 -8.26 -1.91
CA THR A 54 1.52 -8.66 -1.11
C THR A 54 0.35 -9.04 -2.03
N LEU A 55 0.33 -8.51 -3.22
CA LEU A 55 -0.77 -8.83 -4.17
C LEU A 55 -0.38 -10.05 -5.01
N LEU A 56 0.77 -10.03 -5.61
CA LEU A 56 1.20 -11.19 -6.46
C LEU A 56 1.16 -12.48 -5.64
N THR A 57 1.65 -12.46 -4.44
CA THR A 57 1.62 -13.69 -3.60
C THR A 57 0.18 -14.09 -3.30
N THR A 58 -0.66 -13.16 -3.00
CA THR A 58 -2.08 -13.49 -2.70
C THR A 58 -2.71 -14.16 -3.93
N ALA A 59 -2.85 -13.43 -5.01
CA ALA A 59 -3.46 -14.04 -6.23
C ALA A 59 -2.71 -15.33 -6.59
N LEU A 60 -1.41 -15.32 -6.52
CA LEU A 60 -0.64 -16.56 -6.85
C LEU A 60 -1.12 -17.68 -5.94
N ARG A 61 -1.42 -17.39 -4.70
CA ARG A 61 -1.91 -18.45 -3.78
C ARG A 61 -3.06 -19.21 -4.44
N HIS A 62 -3.91 -18.50 -5.13
CA HIS A 62 -5.04 -19.18 -5.83
C HIS A 62 -4.46 -20.18 -6.83
N THR A 63 -3.30 -19.88 -7.34
CA THR A 63 -2.63 -20.80 -8.32
C THR A 63 -1.19 -21.02 -7.87
N GLN A 64 -0.99 -21.34 -6.61
CA GLN A 64 0.38 -21.56 -6.07
C GLN A 64 1.26 -22.34 -7.04
N GLY A 65 2.39 -21.78 -7.41
CA GLY A 65 3.31 -22.48 -8.35
C GLY A 65 2.97 -22.07 -9.78
N HIS A 66 1.71 -21.99 -10.12
CA HIS A 66 1.32 -21.60 -11.50
C HIS A 66 2.01 -20.29 -11.88
N LYS A 67 1.80 -19.26 -11.10
CA LYS A 67 2.43 -17.92 -11.40
C LYS A 67 1.83 -17.33 -12.68
N GLN A 68 2.00 -17.99 -13.79
CA GLN A 68 1.44 -17.47 -15.07
C GLN A 68 -0.05 -17.15 -14.90
N GLU A 69 -0.80 -18.04 -14.32
CA GLU A 69 -2.25 -17.79 -14.14
C GLU A 69 -2.46 -16.47 -13.39
N ALA A 70 -1.61 -16.18 -12.44
CA ALA A 70 -1.76 -14.92 -11.67
C ALA A 70 -1.78 -13.71 -12.63
N ALA A 71 -1.25 -13.89 -13.81
CA ALA A 71 -1.24 -12.76 -14.79
C ALA A 71 -2.66 -12.24 -15.00
N ARG A 72 -3.52 -13.05 -15.54
CA ARG A 72 -4.93 -12.60 -15.78
C ARG A 72 -5.59 -12.23 -14.45
N LEU A 73 -5.24 -12.90 -13.38
CA LEU A 73 -5.84 -12.58 -12.07
C LEU A 73 -5.64 -11.11 -11.71
N LEU A 74 -4.51 -10.56 -12.07
CA LEU A 74 -4.24 -9.12 -11.76
C LEU A 74 -4.34 -8.28 -13.04
N GLY A 75 -4.96 -8.80 -14.06
CA GLY A 75 -5.08 -8.02 -15.33
C GLY A 75 -3.69 -7.58 -15.79
N TRP A 76 -2.75 -8.48 -15.76
CA TRP A 76 -1.37 -8.11 -16.19
C TRP A 76 -1.00 -8.83 -17.49
N GLY A 77 -0.76 -10.10 -17.42
CA GLY A 77 -0.37 -10.86 -18.65
C GLY A 77 1.01 -11.49 -18.42
N ALA A 78 1.58 -12.10 -19.42
CA ALA A 78 2.93 -12.71 -19.23
C ALA A 78 4.01 -11.64 -19.44
N ALA A 79 3.69 -10.57 -20.13
CA ALA A 79 4.70 -9.51 -20.35
C ALA A 79 4.77 -8.60 -19.11
N THR A 80 3.68 -8.46 -18.41
CA THR A 80 3.68 -7.60 -17.20
C THR A 80 4.22 -8.39 -16.00
N LEU A 81 3.62 -9.52 -15.71
CA LEU A 81 4.11 -10.35 -14.56
C LEU A 81 5.63 -10.55 -14.67
N THR A 82 6.15 -10.55 -15.88
CA THR A 82 7.61 -10.74 -16.06
C THR A 82 8.33 -9.38 -16.07
N ALA A 83 7.92 -8.49 -16.94
CA ALA A 83 8.58 -7.15 -16.99
C ALA A 83 8.37 -6.42 -15.67
N LYS A 84 7.22 -6.54 -15.08
CA LYS A 84 6.95 -5.85 -13.79
C LYS A 84 7.76 -6.50 -12.67
N LEU A 85 8.16 -7.73 -12.84
CA LEU A 85 8.96 -8.41 -11.78
C LEU A 85 10.32 -7.72 -11.62
N LYS A 86 10.94 -7.36 -12.70
CA LYS A 86 12.27 -6.69 -12.61
C LYS A 86 12.10 -5.17 -12.51
N GLU A 87 10.95 -4.66 -12.86
CA GLU A 87 10.73 -3.19 -12.80
C GLU A 87 10.86 -2.69 -11.35
N LEU A 88 10.35 -3.43 -10.41
CA LEU A 88 10.44 -2.99 -8.99
C LEU A 88 11.90 -3.05 -8.50
N GLY A 89 12.72 -3.82 -9.15
CA GLY A 89 14.14 -3.91 -8.72
C GLY A 89 14.97 -2.86 -9.44
N MET A 90 14.54 -2.45 -10.61
CA MET A 90 15.31 -1.41 -11.35
C MET A 90 14.75 -0.03 -11.07
N GLU A 91 13.50 0.05 -10.68
CA GLU A 91 12.90 1.38 -10.39
C GLU A 91 12.39 1.43 -8.94
N MET B 1 -22.24 3.25 19.91
CA MET B 1 -23.39 3.58 20.81
C MET B 1 -24.62 2.73 20.44
N ASP B 2 -25.60 2.70 21.29
CA ASP B 2 -26.82 1.89 20.99
C ASP B 2 -28.06 2.79 20.98
N LEU B 3 -28.17 3.69 21.92
CA LEU B 3 -29.35 4.59 21.97
C LEU B 3 -29.12 5.72 22.98
N PRO B 4 -28.71 6.86 22.50
CA PRO B 4 -28.45 8.02 23.39
C PRO B 4 -29.77 8.61 23.89
N GLY B 5 -29.73 9.38 24.94
CA GLY B 5 -30.98 9.99 25.48
C GLY B 5 -31.37 9.30 26.79
N GLU B 6 -32.60 8.93 26.93
CA GLU B 6 -33.04 8.26 28.19
C GLU B 6 -33.84 7.00 27.87
N LEU B 7 -34.64 6.55 28.79
CA LEU B 7 -35.46 5.32 28.54
C LEU B 7 -34.55 4.18 28.07
N PHE B 8 -35.13 3.09 27.65
CA PHE B 8 -34.29 1.94 27.18
C PHE B 8 -35.11 1.04 26.24
N GLU B 9 -35.20 1.41 24.99
CA GLU B 9 -35.98 0.58 24.02
C GLU B 9 -35.03 -0.26 23.17
N ALA B 10 -34.07 -0.90 23.79
CA ALA B 10 -33.12 -1.74 23.01
C ALA B 10 -33.84 -2.95 22.41
N SER B 11 -33.42 -3.38 21.26
CA SER B 11 -34.09 -4.56 20.62
C SER B 11 -33.08 -5.30 19.72
N THR B 12 -32.58 -4.64 18.72
CA THR B 12 -31.59 -5.32 17.81
C THR B 12 -30.21 -4.67 17.98
N PRO B 13 -29.18 -5.48 17.80
CA PRO B 13 -27.79 -4.96 17.94
C PRO B 13 -27.42 -4.09 16.76
N ASP B 14 -26.52 -3.16 16.94
CA ASP B 14 -26.13 -2.26 15.82
C ASP B 14 -24.63 -1.95 15.90
N SER B 15 -24.17 -0.99 15.15
CA SER B 15 -22.72 -0.64 15.18
C SER B 15 -22.55 0.87 15.10
N PRO B 16 -21.40 1.34 15.55
CA PRO B 16 -21.12 2.80 15.52
C PRO B 16 -20.85 3.25 14.09
N SER B 17 -20.41 2.36 13.24
CA SER B 17 -20.12 2.74 11.83
C SER B 17 -19.20 3.96 11.78
N HIS B 18 -17.93 3.77 12.01
CA HIS B 18 -16.99 4.93 11.98
C HIS B 18 -15.55 4.43 12.13
N LEU B 19 -14.90 4.12 11.04
CA LEU B 19 -13.49 3.64 11.11
C LEU B 19 -12.78 3.88 9.77
N PRO B 20 -11.72 4.66 9.81
CA PRO B 20 -10.96 4.95 8.56
C PRO B 20 -10.20 3.71 8.09
N PRO B 21 -9.76 3.73 6.86
CA PRO B 21 -9.01 2.58 6.30
C PRO B 21 -7.60 2.53 6.90
N ASP B 22 -7.50 2.28 8.18
CA ASP B 22 -6.16 2.21 8.82
C ASP B 22 -5.51 0.86 8.51
N SER B 23 -6.29 -0.17 8.40
CA SER B 23 -5.71 -1.51 8.10
C SER B 23 -5.59 -1.71 6.59
N TRP B 24 -4.89 -0.83 5.91
CA TRP B 24 -4.75 -0.95 4.44
C TRP B 24 -4.41 -2.38 4.02
N ALA B 25 -3.22 -2.83 4.31
CA ALA B 25 -2.83 -4.23 3.91
C ALA B 25 -3.93 -5.23 4.28
N THR B 26 -4.37 -5.20 5.51
CA THR B 26 -5.46 -6.15 5.90
C THR B 26 -6.66 -5.95 4.97
N LEU B 27 -6.89 -4.75 4.54
CA LEU B 27 -8.03 -4.47 3.63
C LEU B 27 -7.68 -4.93 2.21
N LEU B 28 -6.42 -4.99 1.91
CA LEU B 28 -5.99 -5.42 0.54
C LEU B 28 -5.93 -6.95 0.47
N ALA B 29 -5.58 -7.59 1.55
CA ALA B 29 -5.50 -9.08 1.55
C ALA B 29 -6.92 -9.66 1.51
N GLN B 30 -7.84 -9.08 2.25
CA GLN B 30 -9.22 -9.60 2.25
C GLN B 30 -9.97 -9.11 1.01
N TRP B 31 -9.68 -7.92 0.56
CA TRP B 31 -10.38 -7.39 -0.66
C TRP B 31 -9.97 -8.23 -1.88
N ALA B 32 -8.70 -8.29 -2.17
CA ALA B 32 -8.25 -9.08 -3.35
C ALA B 32 -8.80 -10.51 -3.26
N ASP B 33 -9.06 -10.98 -2.08
CA ASP B 33 -9.60 -12.37 -1.93
C ASP B 33 -11.09 -12.38 -2.27
N ARG B 34 -11.87 -11.51 -1.66
CA ARG B 34 -13.32 -11.49 -1.95
C ARG B 34 -13.57 -11.27 -3.44
N ALA B 35 -12.74 -10.47 -4.07
CA ALA B 35 -12.92 -10.21 -5.52
C ALA B 35 -12.47 -11.45 -6.32
N LEU B 36 -11.48 -12.15 -5.82
CA LEU B 36 -11.00 -13.36 -6.55
C LEU B 36 -12.14 -14.37 -6.68
N ARG B 37 -12.92 -14.54 -5.64
CA ARG B 37 -14.05 -15.51 -5.70
C ARG B 37 -15.32 -14.82 -6.21
N SER B 38 -15.19 -13.96 -7.18
CA SER B 38 -16.41 -13.27 -7.72
C SER B 38 -16.11 -12.69 -9.10
N GLY B 39 -15.36 -11.62 -9.17
CA GLY B 39 -15.05 -11.01 -10.49
C GLY B 39 -13.84 -10.09 -10.34
N HIS B 40 -12.72 -10.61 -9.90
CA HIS B 40 -11.51 -9.76 -9.74
C HIS B 40 -11.04 -9.22 -11.10
N GLN B 41 -10.40 -8.09 -11.11
CA GLN B 41 -9.92 -7.51 -12.39
C GLN B 41 -8.84 -6.46 -12.12
N ASN B 42 -9.21 -5.36 -11.53
CA ASN B 42 -8.20 -4.29 -11.24
C ASN B 42 -7.58 -4.53 -9.85
N LEU B 43 -7.22 -5.74 -9.56
CA LEU B 43 -6.61 -6.04 -8.23
C LEU B 43 -5.47 -5.06 -7.92
N LEU B 44 -4.46 -5.01 -8.75
CA LEU B 44 -3.33 -4.08 -8.50
C LEU B 44 -3.58 -2.72 -9.15
N SER B 45 -4.36 -2.69 -10.20
CA SER B 45 -4.63 -1.40 -10.88
C SER B 45 -5.37 -0.43 -9.93
N GLU B 46 -5.92 -0.93 -8.87
CA GLU B 46 -6.66 -0.03 -7.92
C GLU B 46 -5.71 0.50 -6.84
N ALA B 47 -5.04 -0.38 -6.15
CA ALA B 47 -4.11 0.09 -5.07
C ALA B 47 -2.86 0.72 -5.68
N GLN B 48 -2.57 0.43 -6.92
CA GLN B 48 -1.36 1.02 -7.57
C GLN B 48 -1.38 2.55 -7.43
N PRO B 49 -2.42 3.16 -7.96
CA PRO B 49 -2.53 4.65 -7.89
C PRO B 49 -2.79 5.09 -6.46
N GLU B 50 -3.43 4.28 -5.67
CA GLU B 50 -3.71 4.67 -4.26
C GLU B 50 -2.39 4.92 -3.52
N LEU B 51 -1.53 3.96 -3.48
CA LEU B 51 -0.23 4.15 -2.78
C LEU B 51 0.56 5.30 -3.43
N GLU B 52 0.63 5.31 -4.72
CA GLU B 52 1.39 6.40 -5.42
C GLU B 52 0.81 7.77 -5.02
N ARG B 53 -0.48 7.88 -4.93
CA ARG B 53 -1.09 9.19 -4.55
C ARG B 53 -0.78 9.49 -3.08
N THR B 54 -1.03 8.56 -2.20
CA THR B 54 -0.75 8.80 -0.76
C THR B 54 0.71 9.23 -0.57
N LEU B 55 1.57 8.84 -1.47
CA LEU B 55 3.01 9.23 -1.34
C LEU B 55 3.26 10.56 -2.06
N LEU B 56 2.83 10.68 -3.29
CA LEU B 56 3.04 11.95 -4.04
C LEU B 56 2.45 13.13 -3.26
N THR B 57 1.26 12.98 -2.76
CA THR B 57 0.63 14.09 -1.98
C THR B 57 1.46 14.39 -0.73
N THR B 58 1.90 13.36 -0.05
CA THR B 58 2.71 13.59 1.19
C THR B 58 3.98 14.37 0.84
N ALA B 59 4.86 13.79 0.07
CA ALA B 59 6.11 14.51 -0.30
C ALA B 59 5.76 15.87 -0.91
N LEU B 60 4.77 15.91 -1.76
CA LEU B 60 4.39 17.22 -2.36
C LEU B 60 4.04 18.20 -1.24
N ARG B 61 3.43 17.73 -0.19
CA ARG B 61 3.08 18.64 0.93
C ARG B 61 4.33 19.42 1.35
N HIS B 62 5.46 18.76 1.37
CA HIS B 62 6.73 19.46 1.73
C HIS B 62 6.95 20.61 0.74
N THR B 63 6.48 20.44 -0.46
CA THR B 63 6.62 21.49 -1.50
C THR B 63 5.26 21.75 -2.16
N GLN B 64 4.24 21.92 -1.35
CA GLN B 64 2.86 22.14 -1.88
C GLN B 64 2.86 23.08 -3.09
N GLY B 65 2.33 22.63 -4.19
CA GLY B 65 2.28 23.49 -5.41
C GLY B 65 3.53 23.24 -6.25
N HIS B 66 4.68 23.14 -5.62
CA HIS B 66 5.92 22.90 -6.39
C HIS B 66 5.77 21.68 -7.30
N LYS B 67 5.43 20.54 -6.73
CA LYS B 67 5.24 19.30 -7.55
C LYS B 67 6.59 18.84 -8.12
N GLN B 68 7.21 19.64 -8.95
CA GLN B 68 8.51 19.26 -9.55
C GLN B 68 9.49 18.83 -8.44
N GLU B 69 9.59 19.62 -7.40
CA GLU B 69 10.52 19.26 -6.29
C GLU B 69 10.21 17.85 -5.78
N ALA B 70 8.96 17.49 -5.72
CA ALA B 70 8.59 16.13 -5.23
C ALA B 70 9.33 15.06 -6.06
N ALA B 71 9.76 15.41 -7.24
CA ALA B 71 10.49 14.41 -8.08
C ALA B 71 11.68 13.84 -7.32
N ARG B 72 12.64 14.68 -7.00
CA ARG B 72 13.84 14.19 -6.26
C ARG B 72 13.42 13.63 -4.90
N LEU B 73 12.39 14.16 -4.31
CA LEU B 73 11.94 13.67 -2.98
C LEU B 73 11.62 12.17 -3.06
N LEU B 74 11.08 11.73 -4.16
CA LEU B 74 10.74 10.28 -4.31
C LEU B 74 11.73 9.60 -5.26
N GLY B 75 12.87 10.21 -5.49
CA GLY B 75 13.87 9.59 -6.40
C GLY B 75 13.20 9.28 -7.74
N TRP B 76 12.47 10.21 -8.27
CA TRP B 76 11.77 9.99 -9.57
C TRP B 76 12.36 10.87 -10.67
N GLY B 77 12.09 12.14 -10.62
CA GLY B 77 12.61 13.07 -11.67
C GLY B 77 11.44 13.72 -12.38
N ALA B 78 11.68 14.48 -13.41
CA ALA B 78 10.55 15.13 -14.13
C ALA B 78 9.96 14.16 -15.16
N ALA B 79 10.73 13.18 -15.56
CA ALA B 79 10.20 12.20 -16.54
C ALA B 79 9.34 11.15 -15.83
N THR B 80 9.65 10.86 -14.59
CA THR B 80 8.84 9.86 -13.84
C THR B 80 7.60 10.52 -13.27
N LEU B 81 7.77 11.57 -12.50
CA LEU B 81 6.58 12.27 -11.92
C LEU B 81 5.56 12.57 -13.03
N THR B 82 6.02 12.74 -14.24
CA THR B 82 5.07 13.03 -15.36
C THR B 82 4.63 11.72 -16.02
N ALA B 83 5.57 10.93 -16.48
CA ALA B 83 5.20 9.64 -17.14
C ALA B 83 4.47 8.73 -16.15
N LYS B 84 4.89 8.73 -14.91
CA LYS B 84 4.22 7.87 -13.90
C LYS B 84 2.83 8.41 -13.57
N LEU B 85 2.61 9.68 -13.82
CA LEU B 85 1.27 10.26 -13.53
C LEU B 85 0.21 9.64 -14.44
N LYS B 86 0.52 9.43 -15.68
CA LYS B 86 -0.47 8.83 -16.62
C LYS B 86 -0.33 7.30 -16.63
N GLU B 87 0.75 6.79 -16.14
CA GLU B 87 0.94 5.31 -16.13
C GLU B 87 -0.12 4.64 -15.25
N LEU B 88 -0.45 5.23 -14.13
CA LEU B 88 -1.47 4.62 -13.24
C LEU B 88 -2.85 4.69 -13.89
N GLY B 89 -3.04 5.59 -14.82
CA GLY B 89 -4.37 5.70 -15.49
C GLY B 89 -4.41 4.78 -16.70
N MET B 90 -3.29 4.50 -17.30
CA MET B 90 -3.26 3.61 -18.49
C MET B 90 -2.99 2.16 -18.07
N GLU B 91 -2.36 1.97 -16.94
CA GLU B 91 -2.06 0.58 -16.48
C GLU B 91 -2.68 0.34 -15.10
N MET A 1 37.05 -6.20 19.36
CA MET A 1 35.66 -5.64 19.44
C MET A 1 34.66 -6.60 18.78
N ASP A 2 34.73 -7.85 19.13
CA ASP A 2 33.79 -8.84 18.52
C ASP A 2 32.86 -9.41 19.59
N LEU A 3 33.28 -9.39 20.83
CA LEU A 3 32.42 -9.93 21.93
C LEU A 3 31.32 -8.92 22.28
N PRO A 4 30.36 -9.38 23.04
CA PRO A 4 29.24 -8.50 23.46
C PRO A 4 29.71 -7.49 24.51
N GLY A 5 30.59 -7.90 25.39
CA GLY A 5 31.09 -6.97 26.43
C GLY A 5 30.21 -7.08 27.68
N GLU A 6 28.95 -6.78 27.56
CA GLU A 6 28.05 -6.87 28.74
C GLU A 6 26.58 -6.95 28.28
N LEU A 7 25.71 -7.40 29.14
CA LEU A 7 24.27 -7.50 28.76
C LEU A 7 23.46 -6.37 29.41
N PHE A 8 24.07 -5.23 29.61
CA PHE A 8 23.33 -4.10 30.24
C PHE A 8 22.09 -3.75 29.42
N GLU A 9 22.25 -3.55 28.14
CA GLU A 9 21.08 -3.20 27.29
C GLU A 9 20.14 -4.41 27.19
N ALA A 10 18.94 -4.19 26.70
CA ALA A 10 17.97 -5.31 26.58
C ALA A 10 17.36 -5.34 25.17
N SER A 11 17.10 -6.50 24.65
CA SER A 11 16.51 -6.58 23.28
C SER A 11 17.33 -5.75 22.29
N THR A 12 16.72 -5.31 21.22
CA THR A 12 17.47 -4.50 20.22
C THR A 12 16.85 -3.10 20.10
N PRO A 13 17.69 -2.11 19.96
CA PRO A 13 17.19 -0.72 19.83
C PRO A 13 16.58 -0.50 18.44
N ASP A 14 15.40 -1.03 18.22
CA ASP A 14 14.75 -0.85 16.89
C ASP A 14 13.58 0.12 17.00
N SER A 15 13.12 0.63 15.88
CA SER A 15 11.98 1.59 15.92
C SER A 15 10.75 0.94 16.56
N PRO A 16 10.31 -0.16 16.00
CA PRO A 16 9.13 -0.88 16.54
C PRO A 16 9.49 -1.60 17.85
N SER A 17 8.63 -1.52 18.83
CA SER A 17 8.91 -2.20 20.13
C SER A 17 7.96 -3.39 20.31
N HIS A 18 6.70 -3.20 20.01
CA HIS A 18 5.73 -4.31 20.16
C HIS A 18 4.46 -4.01 19.37
N LEU A 19 4.58 -3.31 18.28
CA LEU A 19 3.38 -2.97 17.47
C LEU A 19 3.56 -3.48 16.03
N PRO A 20 2.66 -4.34 15.59
CA PRO A 20 2.74 -4.89 14.22
C PRO A 20 2.36 -3.82 13.20
N PRO A 21 2.98 -3.88 12.04
CA PRO A 21 2.71 -2.89 10.98
C PRO A 21 1.32 -3.13 10.35
N ASP A 22 0.28 -2.98 11.12
CA ASP A 22 -1.08 -3.21 10.57
C ASP A 22 -1.58 -1.95 9.85
N SER A 23 -1.21 -0.80 10.33
CA SER A 23 -1.65 0.46 9.67
C SER A 23 -0.63 0.86 8.60
N TRP A 24 -0.46 0.03 7.61
CA TRP A 24 0.53 0.32 6.52
C TRP A 24 0.46 1.79 6.08
N ALA A 25 -0.60 2.20 5.45
CA ALA A 25 -0.70 3.62 5.00
C ALA A 25 -0.31 4.58 6.14
N THR A 26 -0.84 4.35 7.31
CA THR A 26 -0.47 5.24 8.46
C THR A 26 1.03 5.17 8.69
N LEU A 27 1.59 3.99 8.63
CA LEU A 27 3.06 3.84 8.83
C LEU A 27 3.81 4.47 7.66
N LEU A 28 3.19 4.54 6.52
CA LEU A 28 3.85 5.14 5.33
C LEU A 28 3.78 6.66 5.40
N ALA A 29 2.67 7.20 5.83
CA ALA A 29 2.55 8.68 5.94
C ALA A 29 3.60 9.21 6.93
N GLN A 30 3.78 8.54 8.02
CA GLN A 30 4.79 9.00 9.02
C GLN A 30 6.19 8.59 8.58
N TRP A 31 6.35 7.37 8.13
CA TRP A 31 7.70 6.92 7.67
C TRP A 31 8.24 7.87 6.61
N ALA A 32 7.52 8.07 5.54
CA ALA A 32 8.00 8.99 4.47
C ALA A 32 8.39 10.34 5.07
N ASP A 33 7.77 10.72 6.16
CA ASP A 33 8.11 12.01 6.80
C ASP A 33 9.42 11.87 7.58
N ARG A 34 9.54 10.84 8.37
CA ARG A 34 10.79 10.65 9.15
C ARG A 34 12.00 10.62 8.21
N ALA A 35 11.83 10.08 7.04
CA ALA A 35 12.96 10.03 6.07
C ALA A 35 13.20 11.42 5.48
N LEU A 36 12.15 12.16 5.25
CA LEU A 36 12.31 13.53 4.67
C LEU A 36 12.98 14.45 5.69
N ARG A 37 12.92 14.11 6.94
CA ARG A 37 13.56 14.98 7.98
C ARG A 37 15.03 14.60 8.16
N SER A 38 15.58 13.81 7.27
CA SER A 38 17.02 13.42 7.40
C SER A 38 17.49 12.70 6.14
N GLY A 39 17.57 13.38 5.04
CA GLY A 39 18.02 12.73 3.79
C GLY A 39 17.15 11.51 3.51
N HIS A 40 16.08 11.68 2.78
CA HIS A 40 15.18 10.52 2.48
C HIS A 40 15.80 9.64 1.40
N GLN A 41 15.64 8.35 1.50
CA GLN A 41 16.21 7.43 0.49
C GLN A 41 15.10 6.93 -0.45
N ASN A 42 15.22 5.72 -0.93
CA ASN A 42 14.16 5.19 -1.83
C ASN A 42 12.80 5.22 -1.14
N LEU A 43 12.08 6.29 -1.28
CA LEU A 43 10.75 6.40 -0.61
C LEU A 43 9.71 5.54 -1.35
N LEU A 44 9.18 6.04 -2.43
CA LEU A 44 8.17 5.26 -3.19
C LEU A 44 8.77 3.96 -3.71
N SER A 45 10.05 3.95 -3.99
CA SER A 45 10.69 2.72 -4.51
C SER A 45 10.69 1.61 -3.44
N GLU A 46 10.42 1.95 -2.21
CA GLU A 46 10.41 0.92 -1.15
C GLU A 46 9.02 0.30 -0.99
N ALA A 47 8.02 1.11 -0.78
CA ALA A 47 6.64 0.57 -0.62
C ALA A 47 6.06 0.15 -1.98
N GLN A 48 6.66 0.59 -3.06
CA GLN A 48 6.13 0.22 -4.41
C GLN A 48 6.09 -1.30 -4.57
N PRO A 49 7.21 -1.95 -4.41
CA PRO A 49 7.27 -3.42 -4.56
C PRO A 49 6.52 -4.10 -3.41
N GLU A 50 6.39 -3.45 -2.29
CA GLU A 50 5.64 -4.05 -1.16
C GLU A 50 4.19 -4.28 -1.57
N LEU A 51 3.60 -3.32 -2.22
CA LEU A 51 2.18 -3.47 -2.66
C LEU A 51 2.10 -4.53 -3.77
N GLU A 52 2.98 -4.45 -4.73
CA GLU A 52 2.95 -5.44 -5.85
C GLU A 52 3.19 -6.85 -5.31
N ARG A 53 3.98 -6.98 -4.28
CA ARG A 53 4.25 -8.33 -3.70
C ARG A 53 3.04 -8.82 -2.91
N THR A 54 2.49 -7.98 -2.06
CA THR A 54 1.31 -8.40 -1.26
C THR A 54 0.21 -8.94 -2.17
N LEU A 55 -0.09 -8.25 -3.23
CA LEU A 55 -1.15 -8.72 -4.15
C LEU A 55 -0.64 -9.89 -5.01
N LEU A 56 0.52 -9.74 -5.59
CA LEU A 56 1.08 -10.83 -6.44
C LEU A 56 1.09 -12.15 -5.65
N THR A 57 1.43 -12.11 -4.40
CA THR A 57 1.46 -13.36 -3.59
C THR A 57 0.03 -13.80 -3.26
N THR A 58 -0.84 -12.87 -3.00
CA THR A 58 -2.26 -13.24 -2.67
C THR A 58 -2.92 -13.86 -3.91
N ALA A 59 -3.04 -13.12 -4.97
CA ALA A 59 -3.68 -13.68 -6.19
C ALA A 59 -2.97 -14.98 -6.60
N LEU A 60 -1.68 -15.04 -6.43
CA LEU A 60 -0.96 -16.29 -6.81
C LEU A 60 -1.48 -17.45 -5.94
N ARG A 61 -1.74 -17.20 -4.69
CA ARG A 61 -2.26 -18.28 -3.80
C ARG A 61 -3.45 -18.96 -4.48
N HIS A 62 -4.28 -18.19 -5.13
CA HIS A 62 -5.45 -18.78 -5.84
C HIS A 62 -4.91 -19.78 -6.86
N THR A 63 -3.75 -19.51 -7.38
CA THR A 63 -3.12 -20.43 -8.38
C THR A 63 -1.69 -20.75 -7.93
N GLN A 64 -1.56 -21.20 -6.70
CA GLN A 64 -0.21 -21.52 -6.14
C GLN A 64 0.68 -22.23 -7.16
N GLY A 65 1.85 -21.71 -7.41
CA GLY A 65 2.77 -22.34 -8.39
C GLY A 65 2.48 -21.81 -9.79
N HIS A 66 1.23 -21.78 -10.18
CA HIS A 66 0.89 -21.26 -11.54
C HIS A 66 1.04 -19.74 -11.56
N LYS A 67 2.22 -19.24 -11.32
CA LYS A 67 2.42 -17.77 -11.34
C LYS A 67 1.89 -17.16 -12.64
N GLN A 68 1.80 -17.96 -13.68
CA GLN A 68 1.29 -17.43 -14.98
C GLN A 68 -0.19 -17.03 -14.85
N GLU A 69 -0.99 -17.88 -14.28
CA GLU A 69 -2.43 -17.54 -14.13
C GLU A 69 -2.59 -16.19 -13.42
N ALA A 70 -1.71 -15.90 -12.49
CA ALA A 70 -1.80 -14.60 -11.78
C ALA A 70 -1.85 -13.45 -12.79
N ALA A 71 -1.33 -13.68 -13.97
CA ALA A 71 -1.33 -12.62 -15.02
C ALA A 71 -2.77 -12.12 -15.24
N ARG A 72 -3.59 -12.91 -15.87
CA ARG A 72 -4.98 -12.49 -16.13
C ARG A 72 -5.71 -12.22 -14.81
N LEU A 73 -5.32 -12.90 -13.77
CA LEU A 73 -5.98 -12.68 -12.44
C LEU A 73 -5.78 -11.23 -11.98
N LEU A 74 -4.80 -10.56 -12.51
CA LEU A 74 -4.55 -9.15 -12.09
C LEU A 74 -4.57 -8.23 -13.31
N GLY A 75 -5.13 -8.68 -14.41
CA GLY A 75 -5.16 -7.82 -15.63
C GLY A 75 -3.75 -7.39 -16.00
N TRP A 76 -2.80 -8.28 -15.90
CA TRP A 76 -1.40 -7.93 -16.24
C TRP A 76 -0.93 -8.69 -17.48
N GLY A 77 -0.63 -9.95 -17.33
CA GLY A 77 -0.16 -10.76 -18.49
C GLY A 77 1.09 -11.54 -18.09
N ALA A 78 1.79 -12.10 -19.04
CA ALA A 78 3.01 -12.87 -18.70
C ALA A 78 4.23 -11.95 -18.72
N ALA A 79 4.28 -11.05 -19.66
CA ALA A 79 5.44 -10.12 -19.73
C ALA A 79 5.42 -9.18 -18.51
N THR A 80 4.29 -8.58 -18.23
CA THR A 80 4.22 -7.66 -17.06
C THR A 80 4.59 -8.42 -15.78
N LEU A 81 3.98 -9.56 -15.56
CA LEU A 81 4.30 -10.36 -14.35
C LEU A 81 5.81 -10.58 -14.25
N THR A 82 6.48 -10.69 -15.35
CA THR A 82 7.96 -10.91 -15.32
C THR A 82 8.69 -9.57 -15.33
N ALA A 83 8.35 -8.70 -16.25
CA ALA A 83 9.02 -7.37 -16.29
C ALA A 83 8.78 -6.61 -15.00
N LYS A 84 7.59 -6.68 -14.47
CA LYS A 84 7.28 -5.97 -13.21
C LYS A 84 8.12 -6.53 -12.06
N LEU A 85 8.57 -7.75 -12.18
CA LEU A 85 9.39 -8.34 -11.09
C LEU A 85 10.68 -7.55 -10.91
N LYS A 86 11.46 -7.43 -11.94
CA LYS A 86 12.75 -6.67 -11.83
C LYS A 86 12.50 -5.17 -12.00
N GLU A 87 11.41 -4.80 -12.63
CA GLU A 87 11.13 -3.35 -12.82
C GLU A 87 11.12 -2.63 -11.47
N LEU A 88 10.44 -3.17 -10.50
CA LEU A 88 10.39 -2.51 -9.16
C LEU A 88 11.82 -2.25 -8.65
N GLY A 89 12.77 -2.99 -9.13
CA GLY A 89 14.18 -2.79 -8.67
C GLY A 89 14.79 -1.60 -9.43
N MET A 90 14.32 -1.33 -10.61
CA MET A 90 14.89 -0.20 -11.39
C MET A 90 13.99 1.03 -11.28
N GLU A 91 12.70 0.82 -11.20
CA GLU A 91 11.76 1.98 -11.09
C GLU A 91 10.49 1.55 -10.36
N MET B 1 -40.40 5.61 -11.04
CA MET B 1 -39.43 4.97 -10.10
C MET B 1 -38.31 5.95 -9.76
N ASP B 2 -38.64 7.16 -9.40
CA ASP B 2 -37.60 8.17 -9.06
C ASP B 2 -37.70 8.55 -7.59
N LEU B 3 -38.86 8.39 -7.00
CA LEU B 3 -39.01 8.75 -5.56
C LEU B 3 -38.43 7.65 -4.67
N PRO B 4 -38.28 7.96 -3.40
CA PRO B 4 -37.71 6.97 -2.45
C PRO B 4 -38.74 5.87 -2.16
N GLY B 5 -39.99 6.21 -2.09
CA GLY B 5 -41.03 5.18 -1.80
C GLY B 5 -41.27 5.09 -0.29
N GLU B 6 -40.26 4.75 0.45
CA GLU B 6 -40.43 4.64 1.93
C GLU B 6 -39.06 4.72 2.62
N LEU B 7 -39.04 5.00 3.89
CA LEU B 7 -37.74 5.07 4.63
C LEU B 7 -37.56 3.83 5.51
N PHE B 8 -38.07 2.71 5.10
CA PHE B 8 -37.93 1.48 5.91
C PHE B 8 -36.45 1.17 6.14
N GLU B 9 -35.67 1.14 5.10
CA GLU B 9 -34.22 0.84 5.25
C GLU B 9 -33.52 1.99 5.99
N ALA B 10 -32.32 1.78 6.44
CA ALA B 10 -31.59 2.86 7.16
C ALA B 10 -30.18 3.02 6.59
N SER B 11 -29.68 4.23 6.54
CA SER B 11 -28.32 4.45 5.99
C SER B 11 -28.19 3.80 4.61
N THR B 12 -26.99 3.47 4.21
CA THR B 12 -26.80 2.83 2.88
C THR B 12 -26.20 1.43 3.05
N PRO B 13 -26.66 0.50 2.24
CA PRO B 13 -26.13 -0.89 2.32
C PRO B 13 -24.73 -0.96 1.73
N ASP B 14 -23.75 -0.48 2.45
CA ASP B 14 -22.35 -0.51 1.93
C ASP B 14 -21.53 -1.56 2.69
N SER B 15 -20.40 -1.94 2.16
CA SER B 15 -19.56 -2.96 2.85
C SER B 15 -19.15 -2.45 4.25
N PRO B 16 -18.50 -1.31 4.28
CA PRO B 16 -18.06 -0.73 5.57
C PRO B 16 -19.26 -0.16 6.35
N SER B 17 -19.30 -0.40 7.63
CA SER B 17 -20.44 0.11 8.44
C SER B 17 -19.94 1.22 9.38
N HIS B 18 -18.83 1.02 10.01
CA HIS B 18 -18.27 2.05 10.94
C HIS B 18 -16.79 1.78 11.21
N LEU B 19 -16.10 1.23 10.26
CA LEU B 19 -14.65 0.93 10.46
C LEU B 19 -13.81 1.63 9.38
N PRO B 20 -12.91 2.48 9.80
CA PRO B 20 -12.05 3.21 8.85
C PRO B 20 -11.01 2.25 8.24
N PRO B 21 -10.67 2.49 6.99
CA PRO B 21 -9.67 1.63 6.31
C PRO B 21 -8.27 1.88 6.85
N ASP B 22 -8.03 1.58 8.09
CA ASP B 22 -6.68 1.80 8.68
C ASP B 22 -5.77 0.63 8.34
N SER B 23 -6.30 -0.56 8.29
CA SER B 23 -5.48 -1.75 7.96
C SER B 23 -5.45 -1.96 6.44
N TRP B 24 -4.93 -1.00 5.72
CA TRP B 24 -4.86 -1.11 4.23
C TRP B 24 -4.44 -2.51 3.78
N ALA B 25 -3.22 -2.89 4.02
CA ALA B 25 -2.76 -4.26 3.59
C ALA B 25 -3.78 -5.31 4.02
N THR B 26 -4.23 -5.27 5.24
CA THR B 26 -5.24 -6.27 5.69
C THR B 26 -6.49 -6.15 4.82
N LEU B 27 -6.91 -4.94 4.54
CA LEU B 27 -8.11 -4.75 3.69
C LEU B 27 -7.82 -5.19 2.25
N LEU B 28 -6.57 -5.15 1.87
CA LEU B 28 -6.19 -5.56 0.49
C LEU B 28 -6.11 -7.08 0.40
N ALA B 29 -5.59 -7.72 1.41
CA ALA B 29 -5.51 -9.21 1.37
C ALA B 29 -6.91 -9.81 1.28
N GLN B 30 -7.84 -9.28 2.02
CA GLN B 30 -9.23 -9.81 1.99
C GLN B 30 -9.96 -9.27 0.75
N TRP B 31 -9.82 -8.00 0.47
CA TRP B 31 -10.50 -7.42 -0.72
C TRP B 31 -10.11 -8.21 -1.98
N ALA B 32 -8.84 -8.30 -2.26
CA ALA B 32 -8.40 -9.06 -3.47
C ALA B 32 -9.04 -10.45 -3.49
N ASP B 33 -9.31 -10.99 -2.33
CA ASP B 33 -9.94 -12.34 -2.27
C ASP B 33 -11.44 -12.24 -2.60
N ARG B 34 -12.12 -11.30 -2.00
CA ARG B 34 -13.57 -11.15 -2.29
C ARG B 34 -13.79 -10.95 -3.78
N ALA B 35 -12.89 -10.27 -4.43
CA ALA B 35 -13.04 -10.04 -5.90
C ALA B 35 -12.72 -11.33 -6.65
N LEU B 36 -11.77 -12.09 -6.18
CA LEU B 36 -11.42 -13.37 -6.87
C LEU B 36 -12.56 -14.37 -6.74
N ARG B 37 -13.41 -14.20 -5.75
CA ARG B 37 -14.54 -15.15 -5.57
C ARG B 37 -15.75 -14.72 -6.40
N SER B 38 -15.56 -13.81 -7.32
CA SER B 38 -16.71 -13.36 -8.17
C SER B 38 -16.22 -12.46 -9.30
N GLY B 39 -15.48 -13.00 -10.23
CA GLY B 39 -14.96 -12.17 -11.36
C GLY B 39 -14.20 -10.97 -10.80
N HIS B 40 -12.92 -11.11 -10.59
CA HIS B 40 -12.13 -9.97 -10.04
C HIS B 40 -11.87 -8.93 -11.14
N GLN B 41 -11.89 -7.67 -10.78
CA GLN B 41 -11.65 -6.61 -11.79
C GLN B 41 -10.23 -6.05 -11.62
N ASN B 42 -10.04 -4.78 -11.89
CA ASN B 42 -8.68 -4.19 -11.75
C ASN B 42 -8.18 -4.39 -10.31
N LEU B 43 -7.50 -5.47 -10.04
CA LEU B 43 -7.00 -5.71 -8.66
C LEU B 43 -5.79 -4.83 -8.36
N LEU B 44 -4.64 -5.22 -8.84
CA LEU B 44 -3.42 -4.41 -8.58
C LEU B 44 -3.55 -3.02 -9.21
N SER B 45 -4.29 -2.91 -10.28
CA SER B 45 -4.45 -1.59 -10.95
C SER B 45 -5.24 -0.63 -10.06
N GLU B 46 -5.89 -1.13 -9.03
CA GLU B 46 -6.67 -0.23 -8.13
C GLU B 46 -5.80 0.28 -6.98
N ALA B 47 -5.18 -0.60 -6.25
CA ALA B 47 -4.33 -0.16 -5.12
C ALA B 47 -2.99 0.40 -5.62
N GLN B 48 -2.65 0.13 -6.86
CA GLN B 48 -1.37 0.63 -7.41
C GLN B 48 -1.29 2.17 -7.29
N PRO B 49 -2.25 2.84 -7.89
CA PRO B 49 -2.27 4.32 -7.85
C PRO B 49 -2.55 4.82 -6.42
N GLU B 50 -3.19 4.02 -5.63
CA GLU B 50 -3.48 4.45 -4.23
C GLU B 50 -2.15 4.66 -3.48
N LEU B 51 -1.23 3.74 -3.65
CA LEU B 51 0.10 3.89 -2.97
C LEU B 51 0.87 5.05 -3.57
N GLU B 52 0.90 5.15 -4.87
CA GLU B 52 1.63 6.26 -5.53
C GLU B 52 1.02 7.61 -5.13
N ARG B 53 -0.27 7.65 -4.93
CA ARG B 53 -0.92 8.93 -4.53
C ARG B 53 -0.63 9.26 -3.07
N THR B 54 -0.77 8.30 -2.20
CA THR B 54 -0.50 8.55 -0.76
C THR B 54 0.90 9.15 -0.57
N LEU B 55 1.88 8.57 -1.21
CA LEU B 55 3.27 9.11 -1.07
C LEU B 55 3.43 10.38 -1.89
N LEU B 56 3.00 10.36 -3.12
CA LEU B 56 3.13 11.59 -3.98
C LEU B 56 2.51 12.80 -3.26
N THR B 57 1.40 12.62 -2.62
CA THR B 57 0.76 13.76 -1.89
C THR B 57 1.55 14.07 -0.61
N THR B 58 2.04 13.08 0.06
CA THR B 58 2.82 13.33 1.31
C THR B 58 4.12 14.07 0.97
N ALA B 59 4.97 13.46 0.20
CA ALA B 59 6.25 14.14 -0.16
C ALA B 59 5.96 15.51 -0.77
N LEU B 60 4.91 15.63 -1.54
CA LEU B 60 4.59 16.95 -2.15
C LEU B 60 4.30 17.95 -1.04
N ARG B 61 3.64 17.53 0.01
CA ARG B 61 3.35 18.47 1.13
C ARG B 61 4.63 19.17 1.56
N HIS B 62 5.73 18.44 1.58
CA HIS B 62 7.02 19.06 1.95
C HIS B 62 7.31 20.21 0.97
N THR B 63 6.84 20.07 -0.23
CA THR B 63 7.03 21.12 -1.26
C THR B 63 5.67 21.46 -1.87
N GLN B 64 4.69 21.75 -1.05
CA GLN B 64 3.32 22.07 -1.54
C GLN B 64 3.35 22.96 -2.79
N GLY B 65 2.70 22.52 -3.84
CA GLY B 65 2.69 23.33 -5.09
C GLY B 65 3.89 22.96 -5.95
N HIS B 66 5.06 22.91 -5.38
CA HIS B 66 6.26 22.55 -6.18
C HIS B 66 6.26 21.05 -6.48
N LYS B 67 5.27 20.58 -7.19
CA LYS B 67 5.20 19.14 -7.53
C LYS B 67 6.52 18.67 -8.16
N GLN B 68 7.26 19.59 -8.74
CA GLN B 68 8.55 19.20 -9.38
C GLN B 68 9.55 18.71 -8.32
N GLU B 69 9.70 19.45 -7.25
CA GLU B 69 10.64 19.02 -6.18
C GLU B 69 10.34 17.58 -5.75
N ALA B 70 9.08 17.22 -5.72
CA ALA B 70 8.71 15.83 -5.32
C ALA B 70 9.50 14.83 -6.16
N ALA B 71 9.93 15.22 -7.32
CA ALA B 71 10.71 14.31 -8.19
C ALA B 71 11.92 13.76 -7.44
N ARG B 72 12.92 14.60 -7.22
CA ARG B 72 14.13 14.13 -6.47
C ARG B 72 13.74 13.66 -5.07
N LEU B 73 12.71 14.22 -4.52
CA LEU B 73 12.28 13.81 -3.15
C LEU B 73 11.89 12.33 -3.12
N LEU B 74 11.58 11.79 -4.27
CA LEU B 74 11.18 10.34 -4.32
C LEU B 74 12.09 9.58 -5.30
N GLY B 75 13.22 10.14 -5.64
CA GLY B 75 14.14 9.44 -6.58
C GLY B 75 13.39 9.12 -7.87
N TRP B 76 12.60 10.05 -8.35
CA TRP B 76 11.83 9.81 -9.60
C TRP B 76 12.33 10.74 -10.72
N GLY B 77 11.93 11.99 -10.66
CA GLY B 77 12.37 12.95 -11.72
C GLY B 77 11.15 13.75 -12.20
N ALA B 78 11.27 14.45 -13.28
CA ALA B 78 10.11 15.24 -13.79
C ALA B 78 9.30 14.39 -14.76
N ALA B 79 9.95 13.61 -15.57
CA ALA B 79 9.21 12.76 -16.54
C ALA B 79 8.42 11.67 -15.78
N THR B 80 9.08 10.99 -14.88
CA THR B 80 8.37 9.94 -14.10
C THR B 80 7.18 10.55 -13.36
N LEU B 81 7.41 11.61 -12.64
CA LEU B 81 6.31 12.27 -11.90
C LEU B 81 5.13 12.55 -12.84
N THR B 82 5.40 12.83 -14.08
CA THR B 82 4.31 13.12 -15.04
C THR B 82 3.85 11.83 -15.72
N ALA B 83 4.77 11.07 -16.24
CA ALA B 83 4.39 9.80 -16.92
C ALA B 83 3.71 8.86 -15.92
N LYS B 84 4.21 8.81 -14.71
CA LYS B 84 3.59 7.92 -13.69
C LYS B 84 2.16 8.38 -13.38
N LEU B 85 1.86 9.63 -13.63
CA LEU B 85 0.48 10.13 -13.35
C LEU B 85 -0.55 9.39 -14.21
N LYS B 86 -0.38 9.43 -15.50
CA LYS B 86 -1.35 8.73 -16.39
C LYS B 86 -0.98 7.25 -16.53
N GLU B 87 0.26 6.91 -16.28
CA GLU B 87 0.67 5.49 -16.41
C GLU B 87 -0.22 4.59 -15.53
N LEU B 88 -0.43 4.98 -14.30
CA LEU B 88 -1.28 4.15 -13.40
C LEU B 88 -2.64 3.90 -14.05
N GLY B 89 -3.04 4.75 -14.96
CA GLY B 89 -4.37 4.56 -15.62
C GLY B 89 -4.23 3.52 -16.73
N MET B 90 -3.06 3.37 -17.29
CA MET B 90 -2.87 2.37 -18.38
C MET B 90 -2.23 1.09 -17.82
N GLU B 91 -1.36 1.23 -16.86
CA GLU B 91 -0.71 0.02 -16.27
C GLU B 91 -0.32 0.28 -14.82
N MET A 1 -7.67 25.59 1.01
CA MET A 1 -8.34 24.46 1.71
C MET A 1 -8.66 24.85 3.15
N ASP A 2 -9.88 25.23 3.43
CA ASP A 2 -10.24 25.63 4.82
C ASP A 2 -11.04 24.50 5.48
N LEU A 3 -10.73 24.17 6.71
CA LEU A 3 -11.47 23.09 7.41
C LEU A 3 -11.31 23.25 8.93
N PRO A 4 -12.40 23.08 9.65
CA PRO A 4 -12.37 23.21 11.13
C PRO A 4 -11.69 21.99 11.75
N GLY A 5 -12.00 20.82 11.28
CA GLY A 5 -11.37 19.60 11.84
C GLY A 5 -12.45 18.54 12.09
N GLU A 6 -12.89 18.39 13.32
CA GLU A 6 -13.94 17.38 13.61
C GLU A 6 -15.21 17.70 12.83
N LEU A 7 -15.63 16.82 11.96
CA LEU A 7 -16.87 17.08 11.17
C LEU A 7 -18.01 16.19 11.67
N PHE A 8 -18.42 16.36 12.90
CA PHE A 8 -19.54 15.53 13.43
C PHE A 8 -20.88 16.21 13.17
N GLU A 9 -21.80 15.52 12.56
CA GLU A 9 -23.14 16.13 12.27
C GLU A 9 -24.24 15.09 12.46
N ALA A 10 -25.14 15.33 13.38
CA ALA A 10 -26.25 14.35 13.62
C ALA A 10 -25.68 12.94 13.80
N SER A 11 -25.25 12.61 14.99
CA SER A 11 -24.69 11.25 15.22
C SER A 11 -24.63 10.95 16.72
N THR A 12 -24.54 9.71 17.08
CA THR A 12 -24.46 9.35 18.54
C THR A 12 -23.33 8.34 18.77
N PRO A 13 -22.25 8.80 19.34
CA PRO A 13 -21.09 7.91 19.62
C PRO A 13 -21.42 6.95 20.76
N ASP A 14 -21.50 5.68 20.47
CA ASP A 14 -21.82 4.69 21.54
C ASP A 14 -21.29 3.30 21.15
N SER A 15 -21.50 2.89 19.93
CA SER A 15 -21.01 1.56 19.50
C SER A 15 -20.96 1.47 17.97
N PRO A 16 -20.21 2.36 17.37
CA PRO A 16 -20.10 2.36 15.89
C PRO A 16 -19.23 1.20 15.42
N SER A 17 -19.67 -0.01 15.65
CA SER A 17 -18.86 -1.19 15.21
C SER A 17 -17.43 -1.09 15.74
N HIS A 18 -16.57 -1.97 15.33
CA HIS A 18 -15.16 -1.92 15.79
C HIS A 18 -14.21 -2.25 14.64
N LEU A 19 -14.51 -1.78 13.46
CA LEU A 19 -13.64 -2.06 12.29
C LEU A 19 -12.24 -1.47 12.53
N PRO A 20 -11.24 -2.13 12.01
CA PRO A 20 -9.84 -1.65 12.18
C PRO A 20 -9.59 -0.43 11.27
N PRO A 21 -9.04 0.61 11.85
CA PRO A 21 -8.76 1.85 11.07
C PRO A 21 -7.59 1.62 10.13
N ASP A 22 -7.40 2.52 9.20
CA ASP A 22 -6.27 2.36 8.23
C ASP A 22 -4.95 2.82 8.86
N SER A 23 -4.17 1.89 9.36
CA SER A 23 -2.88 2.27 10.00
C SER A 23 -1.82 2.53 8.93
N TRP A 24 -1.85 1.77 7.85
CA TRP A 24 -0.84 1.96 6.77
C TRP A 24 -0.70 3.43 6.40
N ALA A 25 -1.73 4.04 5.89
CA ALA A 25 -1.64 5.49 5.50
C ALA A 25 -0.99 6.30 6.62
N THR A 26 -1.30 5.99 7.85
CA THR A 26 -0.66 6.75 8.97
C THR A 26 0.84 6.46 8.97
N LEU A 27 1.20 5.21 8.92
CA LEU A 27 2.64 4.83 8.89
C LEU A 27 3.27 5.38 7.61
N LEU A 28 2.47 5.64 6.61
CA LEU A 28 2.98 6.15 5.32
C LEU A 28 3.19 7.67 5.39
N ALA A 29 2.22 8.39 5.87
CA ALA A 29 2.38 9.87 5.96
C ALA A 29 3.38 10.22 7.07
N GLN A 30 3.53 9.34 8.03
CA GLN A 30 4.49 9.61 9.14
C GLN A 30 5.89 9.15 8.73
N TRP A 31 5.99 8.09 7.99
CA TRP A 31 7.32 7.59 7.55
C TRP A 31 8.00 8.63 6.66
N ALA A 32 7.31 9.11 5.66
CA ALA A 32 7.91 10.13 4.75
C ALA A 32 8.43 11.32 5.57
N ASP A 33 7.72 11.68 6.61
CA ASP A 33 8.17 12.82 7.45
C ASP A 33 9.38 12.41 8.30
N ARG A 34 9.32 11.24 8.87
CA ARG A 34 10.46 10.76 9.71
C ARG A 34 11.72 10.64 8.86
N ALA A 35 11.58 10.27 7.61
CA ALA A 35 12.76 10.13 6.73
C ALA A 35 13.18 11.51 6.21
N LEU A 36 12.27 12.44 6.14
CA LEU A 36 12.64 13.80 5.64
C LEU A 36 13.53 14.51 6.65
N ARG A 37 13.27 14.34 7.92
CA ARG A 37 14.11 15.01 8.95
C ARG A 37 15.56 14.51 8.85
N SER A 38 15.77 13.36 8.30
CA SER A 38 17.16 12.82 8.17
C SER A 38 17.62 12.88 6.71
N GLY A 39 17.23 11.91 5.92
CA GLY A 39 17.64 11.91 4.49
C GLY A 39 16.95 10.76 3.76
N HIS A 40 15.78 10.98 3.25
CA HIS A 40 15.06 9.90 2.53
C HIS A 40 15.74 9.58 1.20
N GLN A 41 15.52 8.42 0.66
CA GLN A 41 16.14 8.04 -0.63
C GLN A 41 15.18 7.19 -1.45
N ASN A 42 15.04 5.93 -1.10
CA ASN A 42 14.11 5.05 -1.86
C ASN A 42 12.71 5.12 -1.25
N LEU A 43 12.09 6.27 -1.29
CA LEU A 43 10.73 6.40 -0.71
C LEU A 43 9.72 5.57 -1.49
N LEU A 44 9.24 6.06 -2.61
CA LEU A 44 8.25 5.30 -3.41
C LEU A 44 8.82 3.93 -3.81
N SER A 45 10.12 3.84 -3.96
CA SER A 45 10.72 2.54 -4.37
C SER A 45 10.69 1.54 -3.21
N GLU A 46 10.34 1.98 -2.03
CA GLU A 46 10.30 1.04 -0.87
C GLU A 46 8.91 0.41 -0.74
N ALA A 47 7.87 1.20 -0.78
CA ALA A 47 6.50 0.65 -0.65
C ALA A 47 6.00 0.11 -1.99
N GLN A 48 6.65 0.46 -3.06
CA GLN A 48 6.20 -0.04 -4.40
C GLN A 48 6.13 -1.58 -4.42
N PRO A 49 7.24 -2.21 -4.11
CA PRO A 49 7.29 -3.69 -4.10
C PRO A 49 6.44 -4.26 -2.96
N GLU A 50 6.05 -3.45 -2.02
CA GLU A 50 5.21 -3.97 -0.89
C GLU A 50 3.77 -4.18 -1.37
N LEU A 51 3.24 -3.25 -2.10
CA LEU A 51 1.85 -3.40 -2.60
C LEU A 51 1.81 -4.44 -3.73
N GLU A 52 2.82 -4.46 -4.55
CA GLU A 52 2.85 -5.45 -5.67
C GLU A 52 2.95 -6.87 -5.13
N ARG A 53 3.68 -7.05 -4.05
CA ARG A 53 3.83 -8.42 -3.47
C ARG A 53 2.50 -8.88 -2.86
N THR A 54 1.94 -8.10 -1.98
CA THR A 54 0.65 -8.50 -1.33
C THR A 54 -0.38 -8.89 -2.39
N LEU A 55 -0.31 -8.30 -3.56
CA LEU A 55 -1.30 -8.64 -4.63
C LEU A 55 -0.78 -9.81 -5.48
N LEU A 56 0.36 -9.67 -6.07
CA LEU A 56 0.91 -10.77 -6.92
C LEU A 56 0.89 -12.10 -6.15
N THR A 57 1.35 -12.09 -4.93
CA THR A 57 1.35 -13.36 -4.14
C THR A 57 -0.07 -13.88 -3.96
N THR A 58 -0.95 -13.06 -3.47
CA THR A 58 -2.37 -13.51 -3.26
C THR A 58 -2.93 -14.10 -4.57
N ALA A 59 -3.00 -13.31 -5.60
CA ALA A 59 -3.54 -13.83 -6.89
C ALA A 59 -2.79 -15.10 -7.30
N LEU A 60 -1.50 -15.13 -7.12
CA LEU A 60 -0.74 -16.35 -7.50
C LEU A 60 -1.26 -17.55 -6.71
N ARG A 61 -1.59 -17.36 -5.45
CA ARG A 61 -2.11 -18.50 -4.65
C ARG A 61 -3.27 -19.15 -5.39
N HIS A 62 -4.12 -18.36 -5.99
CA HIS A 62 -5.26 -18.96 -6.76
C HIS A 62 -4.67 -19.87 -7.84
N THR A 63 -3.48 -19.59 -8.27
CA THR A 63 -2.81 -20.43 -9.31
C THR A 63 -1.40 -20.78 -8.83
N GLN A 64 -1.29 -21.29 -7.63
CA GLN A 64 0.05 -21.66 -7.05
C GLN A 64 0.99 -22.25 -8.11
N GLY A 65 2.15 -21.68 -8.27
CA GLY A 65 3.12 -22.20 -9.27
C GLY A 65 2.86 -21.55 -10.62
N HIS A 66 1.62 -21.52 -11.06
CA HIS A 66 1.32 -20.90 -12.37
C HIS A 66 1.42 -19.37 -12.27
N LYS A 67 2.61 -18.86 -12.16
CA LYS A 67 2.78 -17.38 -12.05
C LYS A 67 2.19 -16.69 -13.29
N GLN A 68 2.05 -17.41 -14.37
CA GLN A 68 1.48 -16.79 -15.60
C GLN A 68 -0.01 -16.47 -15.40
N GLU A 69 -0.76 -17.39 -14.87
CA GLU A 69 -2.22 -17.13 -14.65
C GLU A 69 -2.41 -15.82 -13.88
N ALA A 70 -1.51 -15.51 -12.98
CA ALA A 70 -1.64 -14.24 -12.21
C ALA A 70 -1.72 -13.05 -13.18
N ALA A 71 -1.23 -13.22 -14.38
CA ALA A 71 -1.28 -12.09 -15.36
C ALA A 71 -2.72 -11.63 -15.57
N ARG A 72 -3.55 -12.49 -16.10
CA ARG A 72 -4.97 -12.11 -16.34
C ARG A 72 -5.65 -11.77 -15.00
N LEU A 73 -5.40 -12.53 -13.98
CA LEU A 73 -6.03 -12.25 -12.66
C LEU A 73 -5.77 -10.80 -12.25
N LEU A 74 -4.73 -10.20 -12.76
CA LEU A 74 -4.43 -8.79 -12.39
C LEU A 74 -4.53 -7.88 -13.63
N GLY A 75 -5.08 -8.37 -14.69
CA GLY A 75 -5.19 -7.53 -15.93
C GLY A 75 -3.80 -7.01 -16.32
N TRP A 76 -2.80 -7.83 -16.17
CA TRP A 76 -1.42 -7.40 -16.52
C TRP A 76 -0.95 -8.10 -17.80
N GLY A 77 -0.57 -9.34 -17.70
CA GLY A 77 -0.09 -10.09 -18.89
C GLY A 77 1.20 -10.83 -18.54
N ALA A 78 1.93 -11.29 -19.51
CA ALA A 78 3.20 -12.01 -19.20
C ALA A 78 4.36 -11.01 -19.18
N ALA A 79 4.38 -10.08 -20.10
CA ALA A 79 5.47 -9.08 -20.13
C ALA A 79 5.40 -8.20 -18.87
N THR A 80 4.22 -7.81 -18.49
CA THR A 80 4.08 -6.96 -17.26
C THR A 80 4.50 -7.76 -16.02
N LEU A 81 3.93 -8.93 -15.85
CA LEU A 81 4.30 -9.76 -14.67
C LEU A 81 5.82 -9.91 -14.58
N THR A 82 6.49 -9.90 -15.69
CA THR A 82 7.98 -10.04 -15.68
C THR A 82 8.64 -8.66 -15.59
N ALA A 83 8.21 -7.74 -16.41
CA ALA A 83 8.82 -6.38 -16.37
C ALA A 83 8.58 -5.73 -15.01
N LYS A 84 7.43 -5.92 -14.44
CA LYS A 84 7.13 -5.31 -13.11
C LYS A 84 7.95 -5.99 -12.03
N LEU A 85 8.45 -7.17 -12.29
CA LEU A 85 9.26 -7.88 -11.26
C LEU A 85 10.61 -7.18 -11.06
N LYS A 86 11.36 -6.98 -12.11
CA LYS A 86 12.67 -6.30 -11.98
C LYS A 86 12.49 -4.80 -11.79
N GLU A 87 11.39 -4.26 -12.24
CA GLU A 87 11.14 -2.80 -12.08
C GLU A 87 11.20 -2.40 -10.61
N LEU A 88 10.79 -3.28 -9.73
CA LEU A 88 10.81 -2.95 -8.28
C LEU A 88 12.26 -2.96 -7.76
N GLY A 89 13.15 -3.62 -8.44
CA GLY A 89 14.56 -3.67 -7.98
C GLY A 89 15.47 -3.13 -9.09
N MET A 90 14.96 -2.30 -9.95
CA MET A 90 15.81 -1.75 -11.05
C MET A 90 16.55 -0.51 -10.56
N GLU A 91 15.98 0.21 -9.63
CA GLU A 91 16.66 1.44 -9.11
C GLU A 91 17.03 2.36 -10.26
N MET B 1 6.11 -25.87 2.84
CA MET B 1 6.06 -24.87 3.94
C MET B 1 5.31 -25.45 5.15
N ASP B 2 6.01 -25.93 6.13
CA ASP B 2 5.33 -26.51 7.32
C ASP B 2 5.39 -25.52 8.49
N LEU B 3 4.31 -25.33 9.18
CA LEU B 3 4.29 -24.39 10.33
C LEU B 3 3.15 -24.72 11.29
N PRO B 4 3.43 -24.69 12.57
CA PRO B 4 2.39 -25.01 13.58
C PRO B 4 1.41 -23.84 13.72
N GLY B 5 1.90 -22.64 13.73
CA GLY B 5 0.99 -21.46 13.85
C GLY B 5 1.54 -20.50 14.91
N GLU B 6 1.01 -20.53 16.10
CA GLU B 6 1.50 -19.62 17.17
C GLU B 6 2.98 -19.90 17.45
N LEU B 7 3.84 -18.94 17.24
CA LEU B 7 5.29 -19.16 17.49
C LEU B 7 5.73 -18.40 18.74
N PHE B 8 5.18 -18.74 19.88
CA PHE B 8 5.57 -18.05 21.14
C PHE B 8 6.76 -18.75 21.79
N GLU B 9 7.81 -18.04 22.08
CA GLU B 9 8.99 -18.67 22.72
C GLU B 9 9.61 -17.73 23.75
N ALA B 10 9.63 -18.12 25.00
CA ALA B 10 10.22 -17.24 26.05
C ALA B 10 9.61 -15.83 25.97
N SER B 11 8.47 -15.63 26.56
CA SER B 11 7.83 -14.29 26.51
C SER B 11 6.73 -14.17 27.56
N THR B 12 6.35 -12.98 27.92
CA THR B 12 5.28 -12.80 28.94
C THR B 12 4.25 -11.77 28.46
N PRO B 13 3.11 -12.25 28.05
CA PRO B 13 2.03 -11.34 27.56
C PRO B 13 1.43 -10.55 28.73
N ASP B 14 1.63 -9.26 28.73
CA ASP B 14 1.07 -8.42 29.84
C ASP B 14 0.88 -6.98 29.37
N SER B 15 1.86 -6.43 28.70
CA SER B 15 1.73 -5.03 28.22
C SER B 15 2.75 -4.74 27.11
N PRO B 16 2.67 -5.51 26.05
CA PRO B 16 3.61 -5.34 24.91
C PRO B 16 3.25 -4.07 24.12
N SER B 17 3.35 -2.93 24.74
CA SER B 17 3.00 -1.66 24.03
C SER B 17 1.62 -1.76 23.40
N HIS B 18 1.25 -0.78 22.61
CA HIS B 18 -0.10 -0.82 21.96
C HIS B 18 0.00 -0.31 20.53
N LEU B 19 1.07 -0.64 19.84
CA LEU B 19 1.22 -0.17 18.43
C LEU B 19 0.08 -0.72 17.57
N PRO B 20 -0.32 0.05 16.58
CA PRO B 20 -1.40 -0.37 15.68
C PRO B 20 -0.91 -1.46 14.71
N PRO B 21 -1.65 -2.54 14.61
CA PRO B 21 -1.25 -3.65 13.72
C PRO B 21 -1.45 -3.24 12.25
N ASP B 22 -0.91 -4.01 11.34
CA ASP B 22 -1.06 -3.68 9.89
C ASP B 22 -2.42 -4.14 9.39
N SER B 23 -3.37 -3.25 9.32
CA SER B 23 -4.73 -3.64 8.82
C SER B 23 -4.73 -3.71 7.30
N TRP B 24 -4.01 -2.82 6.65
CA TRP B 24 -3.97 -2.82 5.15
C TRP B 24 -3.76 -4.23 4.61
N ALA B 25 -2.62 -4.82 4.88
CA ALA B 25 -2.34 -6.21 4.37
C ALA B 25 -3.55 -7.12 4.61
N THR B 26 -4.19 -6.99 5.74
CA THR B 26 -5.39 -7.84 6.00
C THR B 26 -6.48 -7.48 5.00
N LEU B 27 -6.77 -6.22 4.88
CA LEU B 27 -7.81 -5.77 3.91
C LEU B 27 -7.35 -6.11 2.48
N LEU B 28 -6.07 -6.29 2.31
CA LEU B 28 -5.52 -6.62 0.96
C LEU B 28 -5.64 -8.11 0.67
N ALA B 29 -5.24 -8.94 1.59
CA ALA B 29 -5.34 -10.41 1.37
C ALA B 29 -6.82 -10.84 1.43
N GLN B 30 -7.63 -10.08 2.12
CA GLN B 30 -9.08 -10.44 2.20
C GLN B 30 -9.83 -9.86 1.00
N TRP B 31 -9.43 -8.71 0.54
CA TRP B 31 -10.13 -8.10 -0.64
C TRP B 31 -9.94 -8.99 -1.87
N ALA B 32 -8.73 -9.37 -2.16
CA ALA B 32 -8.48 -10.24 -3.34
C ALA B 32 -9.35 -11.49 -3.27
N ASP B 33 -9.54 -12.01 -2.09
CA ASP B 33 -10.39 -13.23 -1.95
C ASP B 33 -11.87 -12.85 -2.11
N ARG B 34 -12.29 -11.76 -1.53
CA ARG B 34 -13.71 -11.35 -1.66
C ARG B 34 -14.04 -11.05 -3.12
N ALA B 35 -13.09 -10.54 -3.86
CA ALA B 35 -13.34 -10.23 -5.30
C ALA B 35 -13.22 -11.52 -6.13
N LEU B 36 -12.47 -12.47 -5.67
CA LEU B 36 -12.31 -13.73 -6.43
C LEU B 36 -13.62 -14.52 -6.43
N ARG B 37 -14.32 -14.53 -5.33
CA ARG B 37 -15.61 -15.28 -5.26
C ARG B 37 -16.60 -14.71 -6.27
N SER B 38 -16.44 -13.47 -6.66
CA SER B 38 -17.37 -12.86 -7.64
C SER B 38 -16.69 -12.71 -9.00
N GLY B 39 -15.92 -11.68 -9.17
CA GLY B 39 -15.22 -11.47 -10.48
C GLY B 39 -14.28 -10.27 -10.38
N HIS B 40 -13.07 -10.49 -9.96
CA HIS B 40 -12.11 -9.37 -9.84
C HIS B 40 -11.70 -8.85 -11.22
N GLN B 41 -11.22 -7.64 -11.30
CA GLN B 41 -10.79 -7.08 -12.61
C GLN B 41 -9.57 -6.17 -12.43
N ASN B 42 -9.78 -4.99 -11.92
CA ASN B 42 -8.63 -4.06 -11.70
C ASN B 42 -8.04 -4.28 -10.31
N LEU B 43 -7.51 -5.44 -10.06
CA LEU B 43 -6.91 -5.72 -8.72
C LEU B 43 -5.69 -4.84 -8.48
N LEU B 44 -4.57 -5.22 -9.00
CA LEU B 44 -3.33 -4.41 -8.79
C LEU B 44 -3.52 -2.98 -9.31
N SER B 45 -4.36 -2.80 -10.29
CA SER B 45 -4.58 -1.43 -10.83
C SER B 45 -5.41 -0.58 -9.86
N GLU B 46 -5.95 -1.18 -8.83
CA GLU B 46 -6.78 -0.40 -7.86
C GLU B 46 -5.89 0.14 -6.73
N ALA B 47 -5.08 -0.70 -6.15
CA ALA B 47 -4.20 -0.24 -5.03
C ALA B 47 -2.94 0.44 -5.57
N GLN B 48 -2.64 0.26 -6.82
CA GLN B 48 -1.42 0.90 -7.41
C GLN B 48 -1.44 2.42 -7.18
N PRO B 49 -2.49 3.07 -7.65
CA PRO B 49 -2.60 4.54 -7.49
C PRO B 49 -2.81 4.92 -6.02
N GLU B 50 -3.12 3.97 -5.19
CA GLU B 50 -3.34 4.30 -3.74
C GLU B 50 -1.99 4.51 -3.06
N LEU B 51 -1.04 3.64 -3.32
CA LEU B 51 0.30 3.78 -2.70
C LEU B 51 1.05 4.95 -3.35
N GLU B 52 0.90 5.12 -4.63
CA GLU B 52 1.60 6.24 -5.33
C GLU B 52 1.07 7.60 -4.83
N ARG B 53 -0.21 7.68 -4.55
CA ARG B 53 -0.79 8.96 -4.06
C ARG B 53 -0.28 9.28 -2.66
N THR B 54 -0.44 8.38 -1.74
CA THR B 54 0.03 8.63 -0.35
C THR B 54 1.49 9.09 -0.33
N LEU B 55 2.26 8.66 -1.29
CA LEU B 55 3.69 9.08 -1.32
C LEU B 55 3.86 10.36 -2.13
N LEU B 56 3.44 10.36 -3.37
CA LEU B 56 3.58 11.58 -4.21
C LEU B 56 3.00 12.80 -3.49
N THR B 57 1.83 12.67 -2.93
CA THR B 57 1.21 13.82 -2.21
C THR B 57 2.09 14.25 -1.03
N THR B 58 2.43 13.33 -0.17
CA THR B 58 3.28 13.68 1.00
C THR B 58 4.55 14.39 0.54
N ALA B 59 5.35 13.74 -0.25
CA ALA B 59 6.61 14.38 -0.73
C ALA B 59 6.29 15.73 -1.39
N LEU B 60 5.24 15.80 -2.14
CA LEU B 60 4.88 17.11 -2.79
C LEU B 60 4.66 18.17 -1.71
N ARG B 61 4.03 17.80 -0.62
CA ARG B 61 3.80 18.79 0.46
C ARG B 61 5.12 19.49 0.81
N HIS B 62 6.19 18.74 0.89
CA HIS B 62 7.50 19.37 1.19
C HIS B 62 7.79 20.44 0.13
N THR B 63 7.24 20.27 -1.04
CA THR B 63 7.44 21.26 -2.14
C THR B 63 6.07 21.62 -2.73
N GLN B 64 5.13 21.99 -1.88
CA GLN B 64 3.75 22.35 -2.36
C GLN B 64 3.78 23.12 -3.68
N GLY B 65 3.07 22.63 -4.67
CA GLY B 65 3.05 23.32 -5.98
C GLY B 65 4.21 22.83 -6.86
N HIS B 66 5.39 22.78 -6.31
CA HIS B 66 6.56 22.31 -7.11
C HIS B 66 6.48 20.80 -7.30
N LYS B 67 5.58 20.34 -8.11
CA LYS B 67 5.46 18.86 -8.33
C LYS B 67 6.77 18.30 -8.88
N GLN B 68 7.59 19.14 -9.47
CA GLN B 68 8.88 18.66 -10.03
C GLN B 68 9.82 18.24 -8.90
N GLU B 69 9.96 19.04 -7.89
CA GLU B 69 10.86 18.69 -6.76
C GLU B 69 10.54 17.28 -6.24
N ALA B 70 9.29 16.91 -6.27
CA ALA B 70 8.91 15.55 -5.78
C ALA B 70 9.68 14.49 -6.56
N ALA B 71 10.16 14.82 -7.73
CA ALA B 71 10.93 13.83 -8.54
C ALA B 71 12.14 13.33 -7.74
N ARG B 72 13.06 14.21 -7.44
CA ARG B 72 14.27 13.78 -6.68
C ARG B 72 13.86 13.25 -5.30
N LEU B 73 12.92 13.89 -4.65
CA LEU B 73 12.49 13.41 -3.31
C LEU B 73 12.09 11.94 -3.38
N LEU B 74 11.72 11.46 -4.54
CA LEU B 74 11.32 10.03 -4.65
C LEU B 74 12.28 9.28 -5.58
N GLY B 75 13.41 9.87 -5.90
CA GLY B 75 14.38 9.18 -6.80
C GLY B 75 13.67 8.79 -8.11
N TRP B 76 12.81 9.64 -8.59
CA TRP B 76 12.08 9.33 -9.85
C TRP B 76 12.59 10.20 -11.00
N GLY B 77 12.17 11.44 -11.03
CA GLY B 77 12.62 12.35 -12.13
C GLY B 77 11.41 13.09 -12.68
N ALA B 78 11.52 13.72 -13.81
CA ALA B 78 10.36 14.45 -14.39
C ALA B 78 9.57 13.51 -15.30
N ALA B 79 10.24 12.71 -16.07
CA ALA B 79 9.51 11.78 -16.97
C ALA B 79 8.74 10.75 -16.14
N THR B 80 9.34 10.25 -15.09
CA THR B 80 8.65 9.25 -14.24
C THR B 80 7.46 9.91 -13.54
N LEU B 81 7.67 11.02 -12.88
CA LEU B 81 6.55 11.71 -12.18
C LEU B 81 5.39 11.93 -13.16
N THR B 82 5.68 12.10 -14.42
CA THR B 82 4.59 12.30 -15.42
C THR B 82 4.12 10.96 -15.98
N ALA B 83 5.04 10.13 -16.39
CA ALA B 83 4.64 8.80 -16.95
C ALA B 83 3.90 7.97 -15.90
N LYS B 84 4.34 8.03 -14.67
CA LYS B 84 3.67 7.25 -13.60
C LYS B 84 2.28 7.84 -13.31
N LEU B 85 2.04 9.06 -13.70
CA LEU B 85 0.71 9.68 -13.43
C LEU B 85 -0.36 9.02 -14.31
N LYS B 86 -0.16 9.00 -15.60
CA LYS B 86 -1.17 8.37 -16.50
C LYS B 86 -1.08 6.85 -16.43
N GLU B 87 0.05 6.32 -16.05
CA GLU B 87 0.18 4.84 -15.96
C GLU B 87 -0.86 4.26 -14.99
N LEU B 88 -1.22 5.01 -13.98
CA LEU B 88 -2.22 4.49 -13.00
C LEU B 88 -3.62 4.51 -13.63
N GLY B 89 -3.81 5.30 -14.65
CA GLY B 89 -5.15 5.36 -15.29
C GLY B 89 -5.03 5.01 -16.78
N MET B 90 -4.01 4.27 -17.14
CA MET B 90 -3.84 3.90 -18.57
C MET B 90 -4.65 2.64 -18.89
N GLU B 91 -4.85 1.79 -17.93
CA GLU B 91 -5.63 0.54 -18.17
C GLU B 91 -5.06 -0.21 -19.37
N MET A 1 -0.19 -24.79 38.31
CA MET A 1 -1.37 -24.17 37.65
C MET A 1 -1.51 -22.70 38.08
N ASP A 2 -2.04 -21.88 37.22
CA ASP A 2 -2.21 -20.44 37.57
C ASP A 2 -3.22 -19.78 36.63
N LEU A 3 -3.69 -18.61 36.97
CA LEU A 3 -4.68 -17.92 36.09
C LEU A 3 -4.51 -16.40 36.20
N PRO A 4 -5.05 -15.70 35.23
CA PRO A 4 -4.95 -14.22 35.21
C PRO A 4 -5.84 -13.60 36.29
N GLY A 5 -5.29 -12.78 37.14
CA GLY A 5 -6.11 -12.14 38.21
C GLY A 5 -5.21 -11.77 39.39
N GLU A 6 -4.63 -12.74 40.04
CA GLU A 6 -3.75 -12.44 41.20
C GLU A 6 -2.37 -12.01 40.72
N LEU A 7 -1.94 -12.50 39.58
CA LEU A 7 -0.60 -12.13 39.04
C LEU A 7 0.50 -12.56 40.01
N PHE A 8 0.76 -11.76 41.03
CA PHE A 8 1.83 -12.13 42.01
C PHE A 8 3.13 -12.46 41.27
N GLU A 9 3.92 -11.47 40.96
CA GLU A 9 5.20 -11.72 40.24
C GLU A 9 4.93 -12.51 38.96
N ALA A 10 5.96 -13.06 38.37
CA ALA A 10 5.76 -13.84 37.10
C ALA A 10 6.84 -14.91 36.97
N SER A 11 6.72 -15.77 35.99
CA SER A 11 7.74 -16.84 35.81
C SER A 11 7.85 -17.21 34.33
N THR A 12 6.85 -17.88 33.81
CA THR A 12 6.89 -18.28 32.36
C THR A 12 6.72 -17.05 31.46
N PRO A 13 5.64 -16.34 31.66
CA PRO A 13 5.37 -15.13 30.83
C PRO A 13 6.30 -13.99 31.22
N ASP A 14 6.67 -13.16 30.28
CA ASP A 14 7.59 -12.03 30.59
C ASP A 14 7.62 -11.03 29.43
N SER A 15 6.52 -10.88 28.74
CA SER A 15 6.49 -9.92 27.59
C SER A 15 5.05 -9.42 27.35
N PRO A 16 4.55 -8.67 28.29
CA PRO A 16 3.17 -8.13 28.18
C PRO A 16 3.13 -7.01 27.14
N SER A 17 2.31 -7.14 26.13
CA SER A 17 2.22 -6.09 25.09
C SER A 17 1.04 -6.35 24.15
N HIS A 18 0.93 -5.59 23.10
CA HIS A 18 -0.20 -5.81 22.14
C HIS A 18 0.34 -6.34 20.80
N LEU A 19 -0.48 -6.33 19.79
CA LEU A 19 -0.01 -6.83 18.46
C LEU A 19 0.31 -5.66 17.53
N PRO A 20 1.11 -5.93 16.53
CA PRO A 20 1.50 -4.87 15.57
C PRO A 20 0.31 -4.53 14.66
N PRO A 21 -0.20 -3.31 14.78
CA PRO A 21 -1.35 -2.89 13.96
C PRO A 21 -0.93 -2.68 12.51
N ASP A 22 -1.71 -3.17 11.58
CA ASP A 22 -1.35 -3.00 10.14
C ASP A 22 -1.72 -1.59 9.67
N SER A 23 -1.09 -0.60 10.22
CA SER A 23 -1.40 0.80 9.79
C SER A 23 -0.54 1.18 8.59
N TRP A 24 -0.67 0.46 7.50
CA TRP A 24 0.14 0.76 6.29
C TRP A 24 0.18 2.25 5.99
N ALA A 25 -0.92 2.83 5.57
CA ALA A 25 -0.93 4.30 5.26
C ALA A 25 -0.29 5.09 6.40
N THR A 26 -0.67 4.82 7.62
CA THR A 26 -0.07 5.56 8.76
C THR A 26 1.44 5.29 8.80
N LEU A 27 1.84 4.09 8.47
CA LEU A 27 3.29 3.77 8.47
C LEU A 27 3.96 4.40 7.23
N LEU A 28 3.18 4.69 6.22
CA LEU A 28 3.75 5.31 4.99
C LEU A 28 3.86 6.83 5.17
N ALA A 29 2.88 7.43 5.77
CA ALA A 29 2.93 8.91 5.98
C ALA A 29 4.03 9.24 7.00
N GLN A 30 4.20 8.42 8.00
CA GLN A 30 5.24 8.68 9.02
C GLN A 30 6.62 8.24 8.49
N TRP A 31 6.65 7.15 7.77
CA TRP A 31 7.95 6.67 7.20
C TRP A 31 8.48 7.71 6.20
N ALA A 32 7.76 7.96 5.15
CA ALA A 32 8.22 8.96 4.15
C ALA A 32 8.55 10.28 4.83
N ASP A 33 7.94 10.55 5.95
CA ASP A 33 8.23 11.83 6.67
C ASP A 33 9.54 11.71 7.45
N ARG A 34 9.73 10.63 8.16
CA ARG A 34 10.98 10.45 8.94
C ARG A 34 12.19 10.50 7.99
N ALA A 35 12.06 9.93 6.83
CA ALA A 35 13.19 9.94 5.86
C ALA A 35 13.38 11.35 5.29
N LEU A 36 12.31 12.03 5.00
CA LEU A 36 12.42 13.41 4.45
C LEU A 36 13.13 14.33 5.46
N ARG A 37 12.79 14.20 6.71
CA ARG A 37 13.43 15.05 7.75
C ARG A 37 14.90 14.67 7.91
N SER A 38 15.28 13.48 7.49
CA SER A 38 16.69 13.06 7.62
C SER A 38 17.23 12.58 6.27
N GLY A 39 17.11 13.39 5.26
CA GLY A 39 17.60 12.99 3.91
C GLY A 39 16.88 11.71 3.47
N HIS A 40 15.73 11.83 2.89
CA HIS A 40 14.99 10.63 2.43
C HIS A 40 15.81 9.85 1.41
N GLN A 41 15.23 8.84 0.80
CA GLN A 41 15.99 8.04 -0.20
C GLN A 41 15.00 7.39 -1.18
N ASN A 42 15.31 6.22 -1.67
CA ASN A 42 14.37 5.54 -2.62
C ASN A 42 13.02 5.28 -1.93
N LEU A 43 12.15 6.26 -1.94
CA LEU A 43 10.83 6.08 -1.29
C LEU A 43 9.93 5.18 -2.14
N LEU A 44 9.36 5.72 -3.19
CA LEU A 44 8.46 4.91 -4.06
C LEU A 44 9.12 3.59 -4.44
N SER A 45 10.42 3.55 -4.51
CA SER A 45 11.12 2.28 -4.88
C SER A 45 11.08 1.29 -3.73
N GLU A 46 10.81 1.74 -2.54
CA GLU A 46 10.77 0.79 -1.38
C GLU A 46 9.37 0.19 -1.22
N ALA A 47 8.35 1.02 -1.21
CA ALA A 47 6.96 0.48 -1.06
C ALA A 47 6.48 -0.12 -2.37
N GLN A 48 7.09 0.23 -3.46
CA GLN A 48 6.66 -0.33 -4.78
C GLN A 48 6.56 -1.86 -4.72
N PRO A 49 7.67 -2.50 -4.40
CA PRO A 49 7.68 -3.98 -4.32
C PRO A 49 6.83 -4.47 -3.14
N GLU A 50 6.69 -3.66 -2.13
CA GLU A 50 5.88 -4.08 -0.95
C GLU A 50 4.42 -4.33 -1.38
N LEU A 51 3.81 -3.38 -2.02
CA LEU A 51 2.40 -3.58 -2.47
C LEU A 51 2.32 -4.67 -3.55
N GLU A 52 3.24 -4.66 -4.48
CA GLU A 52 3.22 -5.70 -5.54
C GLU A 52 3.44 -7.09 -4.95
N ARG A 53 4.11 -7.18 -3.84
CA ARG A 53 4.37 -8.52 -3.23
C ARG A 53 3.10 -9.04 -2.57
N THR A 54 2.56 -8.32 -1.62
CA THR A 54 1.32 -8.79 -0.93
C THR A 54 0.26 -9.21 -1.95
N LEU A 55 0.03 -8.40 -2.95
CA LEU A 55 -0.99 -8.76 -3.98
C LEU A 55 -0.54 -9.98 -4.79
N LEU A 56 0.73 -10.04 -5.12
CA LEU A 56 1.23 -11.21 -5.90
C LEU A 56 0.99 -12.51 -5.13
N THR A 57 1.32 -12.53 -3.86
CA THR A 57 1.10 -13.76 -3.07
C THR A 57 -0.39 -14.08 -2.96
N THR A 58 -1.20 -13.08 -2.74
CA THR A 58 -2.67 -13.32 -2.62
C THR A 58 -3.19 -13.94 -3.92
N ALA A 59 -3.12 -13.24 -5.01
CA ALA A 59 -3.61 -13.82 -6.30
C ALA A 59 -2.93 -15.16 -6.56
N LEU A 60 -1.66 -15.27 -6.28
CA LEU A 60 -0.97 -16.57 -6.51
C LEU A 60 -1.63 -17.64 -5.65
N ARG A 61 -2.02 -17.29 -4.45
CA ARG A 61 -2.68 -18.29 -3.57
C ARG A 61 -3.83 -18.97 -4.33
N HIS A 62 -4.54 -18.21 -5.13
CA HIS A 62 -5.64 -18.81 -5.92
C HIS A 62 -5.05 -19.85 -6.88
N THR A 63 -3.82 -19.64 -7.27
CA THR A 63 -3.14 -20.59 -8.19
C THR A 63 -1.76 -20.94 -7.61
N GLN A 64 -1.72 -21.29 -6.34
CA GLN A 64 -0.43 -21.63 -5.68
C GLN A 64 0.47 -22.49 -6.58
N GLY A 65 1.65 -22.02 -6.84
CA GLY A 65 2.59 -22.79 -7.72
C GLY A 65 2.39 -22.38 -9.17
N HIS A 66 1.17 -22.22 -9.60
CA HIS A 66 0.92 -21.82 -11.01
C HIS A 66 1.73 -20.57 -11.35
N LYS A 67 1.68 -19.57 -10.50
CA LYS A 67 2.44 -18.30 -10.76
C LYS A 67 1.94 -17.61 -12.03
N GLN A 68 2.24 -18.15 -13.17
CA GLN A 68 1.78 -17.53 -14.45
C GLN A 68 0.29 -17.19 -14.38
N GLU A 69 -0.49 -18.05 -13.78
CA GLU A 69 -1.95 -17.77 -13.68
C GLU A 69 -2.18 -16.39 -13.07
N ALA A 70 -1.38 -16.01 -12.11
CA ALA A 70 -1.54 -14.68 -11.48
C ALA A 70 -1.51 -13.59 -12.56
N ALA A 71 -0.92 -13.89 -13.69
CA ALA A 71 -0.86 -12.89 -14.79
C ALA A 71 -2.26 -12.35 -15.11
N ARG A 72 -3.11 -13.21 -15.64
CA ARG A 72 -4.49 -12.76 -15.98
C ARG A 72 -5.24 -12.32 -14.72
N LEU A 73 -5.02 -12.99 -13.62
CA LEU A 73 -5.72 -12.61 -12.37
C LEU A 73 -5.42 -11.16 -12.01
N LEU A 74 -4.31 -10.65 -12.44
CA LEU A 74 -3.96 -9.23 -12.12
C LEU A 74 -3.89 -8.39 -13.39
N GLY A 75 -4.42 -8.87 -14.48
CA GLY A 75 -4.38 -8.10 -15.74
C GLY A 75 -2.93 -7.70 -16.05
N TRP A 76 -2.01 -8.61 -15.83
CA TRP A 76 -0.59 -8.31 -16.09
C TRP A 76 -0.08 -9.09 -17.31
N GLY A 77 -0.06 -10.39 -17.23
CA GLY A 77 0.42 -11.21 -18.37
C GLY A 77 1.70 -11.94 -17.96
N ALA A 78 2.35 -12.60 -18.88
CA ALA A 78 3.60 -13.33 -18.53
C ALA A 78 4.79 -12.38 -18.65
N ALA A 79 4.73 -11.43 -19.55
CA ALA A 79 5.85 -10.48 -19.71
C ALA A 79 5.93 -9.56 -18.49
N THR A 80 4.80 -9.14 -17.98
CA THR A 80 4.81 -8.25 -16.79
C THR A 80 5.20 -9.05 -15.55
N LEU A 81 4.55 -10.15 -15.32
CA LEU A 81 4.89 -10.98 -14.12
C LEU A 81 6.39 -11.31 -14.13
N THR A 82 6.99 -11.36 -15.30
CA THR A 82 8.44 -11.67 -15.37
C THR A 82 9.26 -10.37 -15.32
N ALA A 83 8.93 -9.42 -16.15
CA ALA A 83 9.67 -8.13 -16.14
C ALA A 83 9.51 -7.44 -14.79
N LYS A 84 8.36 -7.57 -14.19
CA LYS A 84 8.14 -6.93 -12.85
C LYS A 84 8.99 -7.62 -11.80
N LEU A 85 9.37 -8.85 -12.03
CA LEU A 85 10.21 -9.57 -11.03
C LEU A 85 11.56 -8.86 -10.88
N LYS A 86 12.20 -8.52 -11.97
CA LYS A 86 13.52 -7.84 -11.87
C LYS A 86 13.32 -6.32 -11.82
N GLU A 87 12.23 -5.84 -12.33
CA GLU A 87 11.97 -4.37 -12.30
C GLU A 87 11.96 -3.86 -10.86
N LEU A 88 11.01 -4.29 -10.07
CA LEU A 88 10.94 -3.83 -8.66
C LEU A 88 12.30 -4.04 -7.96
N GLY A 89 12.97 -5.10 -8.30
CA GLY A 89 14.30 -5.37 -7.65
C GLY A 89 15.33 -4.37 -8.18
N MET A 90 15.12 -3.83 -9.35
CA MET A 90 16.08 -2.86 -9.91
C MET A 90 15.65 -1.43 -9.58
N GLU A 91 14.52 -1.03 -10.09
CA GLU A 91 14.02 0.36 -9.80
C GLU A 91 12.50 0.36 -9.65
N MET B 1 -27.62 19.79 30.46
CA MET B 1 -26.28 19.20 30.73
C MET B 1 -26.41 17.69 30.95
N ASP B 2 -25.39 16.95 30.60
CA ASP B 2 -25.43 15.47 30.79
C ASP B 2 -24.03 14.89 30.74
N LEU B 3 -23.87 13.66 31.16
CA LEU B 3 -22.51 13.04 31.13
C LEU B 3 -22.63 11.52 30.90
N PRO B 4 -21.52 10.92 30.50
CA PRO B 4 -21.52 9.47 30.23
C PRO B 4 -21.59 8.68 31.54
N GLY B 5 -22.53 7.78 31.66
CA GLY B 5 -22.65 6.99 32.91
C GLY B 5 -24.09 6.51 33.08
N GLU B 6 -25.01 7.41 33.28
CA GLU B 6 -26.44 7.01 33.45
C GLU B 6 -27.08 6.73 32.09
N LEU B 7 -26.61 7.37 31.05
CA LEU B 7 -27.20 7.14 29.69
C LEU B 7 -28.68 7.49 29.68
N PHE B 8 -29.53 6.60 30.12
CA PHE B 8 -30.99 6.89 30.13
C PHE B 8 -31.44 7.37 28.74
N GLU B 9 -31.74 6.46 27.86
CA GLU B 9 -32.17 6.87 26.48
C GLU B 9 -31.14 7.79 25.85
N ALA B 10 -31.49 8.47 24.79
CA ALA B 10 -30.52 9.38 24.13
C ALA B 10 -31.26 10.52 23.42
N SER B 11 -30.54 11.48 22.90
CA SER B 11 -31.20 12.61 22.20
C SER B 11 -30.28 13.18 21.13
N THR B 12 -29.23 13.85 21.52
CA THR B 12 -28.29 14.43 20.52
C THR B 12 -27.47 13.32 19.85
N PRO B 13 -26.79 12.53 20.66
CA PRO B 13 -25.96 11.44 20.10
C PRO B 13 -26.85 10.29 19.59
N ASP B 14 -26.42 9.61 18.56
CA ASP B 14 -27.23 8.49 18.01
C ASP B 14 -26.41 7.66 17.03
N SER B 15 -25.13 7.53 17.28
CA SER B 15 -24.27 6.72 16.37
C SER B 15 -23.05 6.19 17.13
N PRO B 16 -23.30 5.30 18.06
CA PRO B 16 -22.19 4.71 18.86
C PRO B 16 -21.39 3.72 18.01
N SER B 17 -20.11 3.95 17.88
CA SER B 17 -19.28 3.01 17.07
C SER B 17 -17.79 3.34 17.25
N HIS B 18 -16.94 2.72 16.48
CA HIS B 18 -15.47 2.99 16.61
C HIS B 18 -14.96 3.71 15.36
N LEU B 19 -13.67 3.79 15.19
CA LEU B 19 -13.11 4.47 13.99
C LEU B 19 -12.65 3.44 12.96
N PRO B 20 -12.54 3.87 11.73
CA PRO B 20 -12.10 2.96 10.64
C PRO B 20 -10.59 2.67 10.78
N PRO B 21 -10.27 1.43 11.07
CA PRO B 21 -8.84 1.06 11.23
C PRO B 21 -8.12 1.05 9.87
N ASP B 22 -6.95 1.61 9.81
CA ASP B 22 -6.20 1.65 8.53
C ASP B 22 -5.53 0.29 8.26
N SER B 23 -6.31 -0.74 8.10
CA SER B 23 -5.72 -2.09 7.85
C SER B 23 -5.49 -2.27 6.34
N TRP B 24 -4.69 -1.43 5.75
CA TRP B 24 -4.42 -1.53 4.29
C TRP B 24 -4.16 -2.98 3.86
N ALA B 25 -3.05 -3.55 4.25
CA ALA B 25 -2.75 -4.96 3.85
C ALA B 25 -3.97 -5.85 4.13
N THR B 26 -4.54 -5.76 5.30
CA THR B 26 -5.74 -6.60 5.60
C THR B 26 -6.86 -6.26 4.61
N LEU B 27 -6.98 -5.01 4.25
CA LEU B 27 -8.04 -4.62 3.29
C LEU B 27 -7.64 -5.06 1.87
N LEU B 28 -6.36 -5.26 1.65
CA LEU B 28 -5.89 -5.70 0.31
C LEU B 28 -6.02 -7.21 0.17
N ALA B 29 -5.70 -7.94 1.20
CA ALA B 29 -5.81 -9.43 1.12
C ALA B 29 -7.28 -9.83 1.05
N GLN B 30 -8.13 -9.12 1.75
CA GLN B 30 -9.58 -9.46 1.71
C GLN B 30 -10.22 -8.88 0.44
N TRP B 31 -9.81 -7.72 0.04
CA TRP B 31 -10.37 -7.11 -1.20
C TRP B 31 -10.02 -7.98 -2.41
N ALA B 32 -8.75 -8.14 -2.68
CA ALA B 32 -8.34 -8.98 -3.85
C ALA B 32 -8.98 -10.36 -3.75
N ASP B 33 -9.31 -10.80 -2.57
CA ASP B 33 -9.94 -12.14 -2.41
C ASP B 33 -11.44 -12.06 -2.75
N ARG B 34 -12.11 -11.06 -2.24
CA ARG B 34 -13.58 -10.93 -2.54
C ARG B 34 -13.78 -10.79 -4.04
N ALA B 35 -12.92 -10.09 -4.71
CA ALA B 35 -13.05 -9.92 -6.18
C ALA B 35 -12.73 -11.24 -6.90
N LEU B 36 -11.72 -11.93 -6.44
CA LEU B 36 -11.36 -13.23 -7.09
C LEU B 36 -12.51 -14.22 -6.96
N ARG B 37 -13.15 -14.26 -5.83
CA ARG B 37 -14.29 -15.21 -5.64
C ARG B 37 -15.48 -14.77 -6.50
N SER B 38 -15.51 -13.54 -6.89
CA SER B 38 -16.64 -13.06 -7.74
C SER B 38 -16.11 -12.38 -9.01
N GLY B 39 -15.29 -13.07 -9.75
CA GLY B 39 -14.74 -12.48 -11.00
C GLY B 39 -13.97 -11.19 -10.66
N HIS B 40 -12.73 -11.30 -10.30
CA HIS B 40 -11.94 -10.09 -9.94
C HIS B 40 -11.87 -9.14 -11.15
N GLN B 41 -11.09 -8.11 -11.05
CA GLN B 41 -10.97 -7.15 -12.19
C GLN B 41 -9.62 -6.43 -12.13
N ASN B 42 -9.56 -5.19 -12.53
CA ASN B 42 -8.28 -4.44 -12.49
C ASN B 42 -7.79 -4.34 -11.03
N LEU B 43 -7.10 -5.35 -10.56
CA LEU B 43 -6.61 -5.32 -9.15
C LEU B 43 -5.41 -4.37 -9.02
N LEU B 44 -4.26 -4.80 -9.44
CA LEU B 44 -3.05 -3.94 -9.34
C LEU B 44 -3.31 -2.54 -9.90
N SER B 45 -4.21 -2.44 -10.84
CA SER B 45 -4.52 -1.10 -11.44
C SER B 45 -5.34 -0.25 -10.47
N GLU B 46 -5.95 -0.86 -9.49
CA GLU B 46 -6.77 -0.07 -8.52
C GLU B 46 -5.89 0.43 -7.37
N ALA B 47 -5.13 -0.44 -6.75
CA ALA B 47 -4.27 0.01 -5.62
C ALA B 47 -3.03 0.74 -6.15
N GLN B 48 -2.70 0.56 -7.39
CA GLN B 48 -1.51 1.25 -7.96
C GLN B 48 -1.56 2.76 -7.66
N PRO B 49 -2.61 3.41 -8.12
CA PRO B 49 -2.75 4.87 -7.89
C PRO B 49 -2.98 5.16 -6.40
N GLU B 50 -3.53 4.23 -5.67
CA GLU B 50 -3.78 4.46 -4.23
C GLU B 50 -2.45 4.69 -3.50
N LEU B 51 -1.52 3.80 -3.64
CA LEU B 51 -0.20 3.98 -2.97
C LEU B 51 0.54 5.19 -3.54
N GLU B 52 0.52 5.34 -4.84
CA GLU B 52 1.23 6.50 -5.46
C GLU B 52 0.58 7.82 -5.03
N ARG B 53 -0.68 7.80 -4.68
CA ARG B 53 -1.35 9.05 -4.25
C ARG B 53 -0.92 9.44 -2.83
N THR B 54 -1.14 8.58 -1.89
CA THR B 54 -0.76 8.89 -0.47
C THR B 54 0.70 9.38 -0.42
N LEU B 55 1.59 8.70 -1.07
CA LEU B 55 3.02 9.12 -1.06
C LEU B 55 3.18 10.46 -1.79
N LEU B 56 2.51 10.63 -2.89
CA LEU B 56 2.63 11.91 -3.64
C LEU B 56 2.20 13.08 -2.76
N THR B 57 1.09 12.96 -2.09
CA THR B 57 0.63 14.07 -1.22
C THR B 57 1.61 14.30 -0.07
N THR B 58 2.10 13.23 0.52
CA THR B 58 3.07 13.39 1.64
C THR B 58 4.31 14.15 1.17
N ALA B 59 5.03 13.60 0.24
CA ALA B 59 6.26 14.29 -0.27
C ALA B 59 5.87 15.69 -0.75
N LEU B 60 4.76 15.83 -1.42
CA LEU B 60 4.36 17.18 -1.89
C LEU B 60 4.18 18.11 -0.69
N ARG B 61 3.66 17.59 0.39
CA ARG B 61 3.47 18.44 1.60
C ARG B 61 4.78 19.14 1.93
N HIS B 62 5.89 18.46 1.77
CA HIS B 62 7.20 19.10 2.04
C HIS B 62 7.38 20.26 1.07
N THR B 63 6.78 20.18 -0.09
CA THR B 63 6.88 21.27 -1.09
C THR B 63 5.47 21.62 -1.58
N GLN B 64 4.55 21.81 -0.67
CA GLN B 64 3.13 22.12 -1.05
C GLN B 64 3.07 23.13 -2.20
N GLY B 65 2.43 22.75 -3.28
CA GLY B 65 2.31 23.68 -4.44
C GLY B 65 3.48 23.44 -5.39
N HIS B 66 4.67 23.29 -4.87
CA HIS B 66 5.85 23.05 -5.76
C HIS B 66 5.56 21.88 -6.71
N LYS B 67 5.06 20.79 -6.20
CA LYS B 67 4.75 19.61 -7.06
C LYS B 67 6.03 19.05 -7.70
N GLN B 68 6.58 19.74 -8.67
CA GLN B 68 7.82 19.27 -9.34
C GLN B 68 8.86 18.85 -8.29
N GLU B 69 8.98 19.59 -7.22
CA GLU B 69 9.97 19.22 -6.17
C GLU B 69 9.77 17.76 -5.75
N ALA B 70 8.56 17.31 -5.67
CA ALA B 70 8.31 15.90 -5.28
C ALA B 70 9.09 14.96 -6.20
N ALA B 71 9.43 15.42 -7.37
CA ALA B 71 10.20 14.56 -8.32
C ALA B 71 11.46 14.02 -7.65
N ARG B 72 12.38 14.88 -7.33
CA ARG B 72 13.64 14.41 -6.67
C ARG B 72 13.33 13.79 -5.31
N LEU B 73 12.38 14.33 -4.60
CA LEU B 73 12.04 13.76 -3.27
C LEU B 73 11.64 12.28 -3.40
N LEU B 74 11.16 11.89 -4.54
CA LEU B 74 10.76 10.46 -4.73
C LEU B 74 11.63 9.79 -5.79
N GLY B 75 12.75 10.38 -6.13
CA GLY B 75 13.63 9.77 -7.16
C GLY B 75 12.82 9.49 -8.43
N TRP B 76 11.96 10.41 -8.79
CA TRP B 76 11.13 10.21 -10.01
C TRP B 76 11.58 11.16 -11.13
N GLY B 77 11.43 12.44 -10.92
CA GLY B 77 11.83 13.42 -11.96
C GLY B 77 10.59 14.15 -12.47
N ALA B 78 10.73 14.95 -13.48
CA ALA B 78 9.54 15.69 -14.01
C ALA B 78 8.81 14.83 -15.04
N ALA B 79 9.54 14.01 -15.74
CA ALA B 79 8.90 13.12 -16.77
C ALA B 79 8.03 12.07 -16.06
N THR B 80 8.52 11.53 -14.97
CA THR B 80 7.73 10.50 -14.25
C THR B 80 6.55 11.16 -13.53
N LEU B 81 6.79 12.20 -12.78
CA LEU B 81 5.68 12.89 -12.07
C LEU B 81 4.60 13.29 -13.06
N THR B 82 4.97 13.52 -14.30
CA THR B 82 3.96 13.90 -15.33
C THR B 82 3.40 12.65 -16.00
N ALA B 83 4.26 11.80 -16.49
CA ALA B 83 3.78 10.56 -17.16
C ALA B 83 3.00 9.70 -16.17
N LYS B 84 3.40 9.68 -14.93
CA LYS B 84 2.68 8.87 -13.92
C LYS B 84 1.29 9.47 -13.67
N LEU B 85 1.12 10.73 -13.95
CA LEU B 85 -0.21 11.36 -13.73
C LEU B 85 -1.26 10.72 -14.64
N LYS B 86 -0.95 10.54 -15.89
CA LYS B 86 -1.92 9.92 -16.82
C LYS B 86 -1.75 8.40 -16.83
N GLU B 87 -0.58 7.93 -16.49
CA GLU B 87 -0.34 6.46 -16.48
C GLU B 87 -1.29 5.77 -15.51
N LEU B 88 -1.18 6.06 -14.25
CA LEU B 88 -2.09 5.42 -13.25
C LEU B 88 -3.55 5.62 -13.67
N GLY B 89 -3.86 6.74 -14.25
CA GLY B 89 -5.28 7.00 -14.68
C GLY B 89 -5.61 6.12 -15.88
N MET B 90 -4.61 5.72 -16.63
CA MET B 90 -4.88 4.87 -17.83
C MET B 90 -4.72 3.40 -17.47
N GLU B 91 -3.54 2.99 -17.08
CA GLU B 91 -3.32 1.57 -16.71
C GLU B 91 -2.32 1.47 -15.56
N MET A 1 -10.89 -2.28 59.41
CA MET A 1 -10.27 -3.10 60.48
C MET A 1 -10.63 -4.58 60.28
N ASP A 2 -9.65 -5.43 60.19
CA ASP A 2 -9.94 -6.89 60.00
C ASP A 2 -10.86 -7.09 58.79
N LEU A 3 -10.61 -6.37 57.72
CA LEU A 3 -11.47 -6.53 56.52
C LEU A 3 -10.60 -6.75 55.27
N PRO A 4 -10.38 -8.01 54.95
CA PRO A 4 -9.55 -8.34 53.77
C PRO A 4 -10.32 -8.07 52.48
N GLY A 5 -9.79 -7.23 51.63
CA GLY A 5 -10.50 -6.92 50.36
C GLY A 5 -9.65 -7.41 49.17
N GLU A 6 -9.63 -6.66 48.10
CA GLU A 6 -8.83 -7.09 46.91
C GLU A 6 -8.15 -5.89 46.28
N LEU A 7 -7.00 -5.50 46.76
CA LEU A 7 -6.29 -4.33 46.18
C LEU A 7 -4.91 -4.75 45.67
N PHE A 8 -4.87 -5.74 44.81
CA PHE A 8 -3.55 -6.20 44.27
C PHE A 8 -3.32 -5.60 42.88
N GLU A 9 -2.25 -4.88 42.70
CA GLU A 9 -1.97 -4.28 41.37
C GLU A 9 -1.04 -5.20 40.56
N ALA A 10 -1.29 -5.34 39.28
CA ALA A 10 -0.43 -6.23 38.45
C ALA A 10 0.78 -5.45 37.92
N SER A 11 1.78 -6.14 37.45
CA SER A 11 2.99 -5.45 36.92
C SER A 11 3.09 -5.64 35.41
N THR A 12 4.27 -5.64 34.87
CA THR A 12 4.43 -5.82 33.39
C THR A 12 3.55 -4.81 32.64
N PRO A 13 4.05 -3.60 32.52
CA PRO A 13 3.29 -2.54 31.81
C PRO A 13 3.31 -2.80 30.30
N ASP A 14 4.36 -3.36 29.79
CA ASP A 14 4.43 -3.63 28.33
C ASP A 14 3.97 -5.06 28.03
N SER A 15 2.81 -5.21 27.45
CA SER A 15 2.30 -6.57 27.14
C SER A 15 1.07 -6.47 26.23
N PRO A 16 1.31 -6.21 24.96
CA PRO A 16 0.20 -6.10 23.98
C PRO A 16 -0.40 -7.47 23.68
N SER A 17 -1.41 -7.85 24.42
CA SER A 17 -2.05 -9.17 24.18
C SER A 17 -2.96 -9.11 22.95
N HIS A 18 -3.57 -7.97 22.72
CA HIS A 18 -4.47 -7.84 21.54
C HIS A 18 -3.66 -7.86 20.25
N LEU A 19 -4.31 -7.98 19.13
CA LEU A 19 -3.57 -8.00 17.83
C LEU A 19 -4.13 -6.93 16.89
N PRO A 20 -3.50 -5.78 16.90
CA PRO A 20 -3.95 -4.66 16.03
C PRO A 20 -3.60 -4.96 14.56
N PRO A 21 -4.44 -4.47 13.68
CA PRO A 21 -4.20 -4.69 12.23
C PRO A 21 -3.02 -3.85 11.74
N ASP A 22 -2.40 -4.25 10.66
CA ASP A 22 -1.24 -3.47 10.15
C ASP A 22 -1.68 -2.10 9.65
N SER A 23 -1.20 -1.05 10.24
CA SER A 23 -1.60 0.32 9.80
C SER A 23 -0.66 0.79 8.68
N TRP A 24 -0.62 0.08 7.59
CA TRP A 24 0.28 0.46 6.46
C TRP A 24 0.19 1.96 6.16
N ALA A 25 -0.93 2.43 5.68
CA ALA A 25 -1.06 3.88 5.35
C ALA A 25 -0.51 4.76 6.49
N THR A 26 -0.83 4.43 7.72
CA THR A 26 -0.30 5.25 8.84
C THR A 26 1.23 5.17 8.84
N LEU A 27 1.75 3.99 8.63
CA LEU A 27 3.24 3.82 8.59
C LEU A 27 3.78 4.46 7.30
N LEU A 28 2.93 4.63 6.33
CA LEU A 28 3.37 5.22 5.04
C LEU A 28 3.37 6.75 5.11
N ALA A 29 2.34 7.33 5.66
CA ALA A 29 2.30 8.82 5.75
C ALA A 29 3.25 9.29 6.85
N GLN A 30 3.58 8.44 7.77
CA GLN A 30 4.51 8.82 8.87
C GLN A 30 5.96 8.52 8.46
N TRP A 31 6.17 7.47 7.70
CA TRP A 31 7.56 7.13 7.27
C TRP A 31 8.09 8.20 6.32
N ALA A 32 7.33 8.55 5.32
CA ALA A 32 7.81 9.58 4.35
C ALA A 32 8.15 10.87 5.09
N ASP A 33 7.43 11.19 6.13
CA ASP A 33 7.72 12.43 6.89
C ASP A 33 8.97 12.24 7.77
N ARG A 34 9.04 11.14 8.47
CA ARG A 34 10.22 10.88 9.33
C ARG A 34 11.50 10.88 8.48
N ALA A 35 11.41 10.41 7.27
CA ALA A 35 12.61 10.38 6.39
C ALA A 35 12.88 11.78 5.83
N LEU A 36 11.85 12.47 5.41
CA LEU A 36 12.02 13.83 4.85
C LEU A 36 12.87 14.70 5.80
N ARG A 37 12.54 14.71 7.06
CA ARG A 37 13.32 15.54 8.02
C ARG A 37 14.69 14.89 8.30
N SER A 38 14.82 13.62 8.02
CA SER A 38 16.12 12.94 8.26
C SER A 38 16.73 12.45 6.94
N GLY A 39 16.86 13.33 5.98
CA GLY A 39 17.44 12.91 4.67
C GLY A 39 16.64 11.75 4.10
N HIS A 40 15.67 12.03 3.28
CA HIS A 40 14.84 10.94 2.69
C HIS A 40 15.62 10.21 1.58
N GLN A 41 14.98 9.31 0.90
CA GLN A 41 15.67 8.57 -0.19
C GLN A 41 14.63 7.87 -1.08
N ASN A 42 14.97 6.73 -1.64
CA ASN A 42 13.99 6.02 -2.51
C ASN A 42 12.76 5.61 -1.71
N LEU A 43 11.84 6.50 -1.51
CA LEU A 43 10.62 6.16 -0.73
C LEU A 43 9.69 5.26 -1.54
N LEU A 44 9.22 5.74 -2.66
CA LEU A 44 8.31 4.91 -3.50
C LEU A 44 9.04 3.66 -4.02
N SER A 45 10.31 3.77 -4.29
CA SER A 45 11.07 2.59 -4.80
C SER A 45 11.08 1.47 -3.75
N GLU A 46 10.84 1.78 -2.51
CA GLU A 46 10.84 0.74 -1.46
C GLU A 46 9.44 0.13 -1.30
N ALA A 47 8.44 0.96 -1.18
CA ALA A 47 7.06 0.42 -1.01
C ALA A 47 6.48 -0.04 -2.36
N GLN A 48 7.16 0.25 -3.44
CA GLN A 48 6.64 -0.18 -4.77
C GLN A 48 6.41 -1.70 -4.80
N PRO A 49 7.45 -2.46 -4.53
CA PRO A 49 7.32 -3.93 -4.55
C PRO A 49 6.46 -4.43 -3.38
N GLU A 50 6.41 -3.67 -2.32
CA GLU A 50 5.58 -4.10 -1.16
C GLU A 50 4.12 -4.25 -1.59
N LEU A 51 3.63 -3.33 -2.38
CA LEU A 51 2.22 -3.40 -2.84
C LEU A 51 2.10 -4.48 -3.93
N GLU A 52 2.97 -4.44 -4.91
CA GLU A 52 2.90 -5.46 -5.99
C GLU A 52 2.94 -6.87 -5.39
N ARG A 53 3.52 -7.01 -4.23
CA ARG A 53 3.58 -8.35 -3.59
C ARG A 53 2.29 -8.63 -2.80
N THR A 54 1.70 -7.62 -2.24
CA THR A 54 0.45 -7.82 -1.47
C THR A 54 -0.64 -8.41 -2.39
N LEU A 55 -0.68 -7.97 -3.62
CA LEU A 55 -1.70 -8.50 -4.56
C LEU A 55 -1.16 -9.73 -5.29
N LEU A 56 0.05 -9.64 -5.79
CA LEU A 56 0.64 -10.80 -6.52
C LEU A 56 0.67 -12.03 -5.61
N THR A 57 1.09 -11.87 -4.39
CA THR A 57 1.14 -13.02 -3.45
C THR A 57 -0.27 -13.54 -3.17
N THR A 58 -1.16 -12.69 -2.75
CA THR A 58 -2.55 -13.14 -2.46
C THR A 58 -3.13 -13.84 -3.68
N ALA A 59 -3.32 -13.13 -4.76
CA ALA A 59 -3.88 -13.77 -5.99
C ALA A 59 -3.08 -15.02 -6.35
N LEU A 60 -1.77 -14.97 -6.20
CA LEU A 60 -0.96 -16.18 -6.51
C LEU A 60 -1.40 -17.33 -5.60
N ARG A 61 -1.72 -17.05 -4.37
CA ARG A 61 -2.18 -18.13 -3.45
C ARG A 61 -3.28 -18.93 -4.12
N HIS A 62 -4.19 -18.26 -4.79
CA HIS A 62 -5.28 -18.97 -5.51
C HIS A 62 -4.64 -19.95 -6.50
N THR A 63 -3.48 -19.60 -6.99
CA THR A 63 -2.76 -20.49 -7.95
C THR A 63 -1.35 -20.74 -7.41
N GLN A 64 -1.26 -21.13 -6.16
CA GLN A 64 0.07 -21.39 -5.51
C GLN A 64 1.06 -22.07 -6.48
N GLY A 65 2.14 -21.41 -6.77
CA GLY A 65 3.15 -22.00 -7.70
C GLY A 65 2.87 -21.57 -9.14
N HIS A 66 1.62 -21.44 -9.49
CA HIS A 66 1.29 -21.03 -10.88
C HIS A 66 1.36 -19.50 -11.02
N LYS A 67 2.54 -18.96 -10.91
CA LYS A 67 2.68 -17.47 -11.04
C LYS A 67 2.06 -17.01 -12.36
N GLN A 68 2.00 -17.86 -13.33
CA GLN A 68 1.40 -17.47 -14.65
C GLN A 68 -0.07 -17.13 -14.47
N GLU A 69 -0.83 -18.01 -13.86
CA GLU A 69 -2.28 -17.74 -13.65
C GLU A 69 -2.46 -16.36 -13.00
N ALA A 70 -1.55 -15.97 -12.16
CA ALA A 70 -1.67 -14.64 -11.50
C ALA A 70 -1.74 -13.54 -12.56
N ALA A 71 -1.31 -13.81 -13.75
CA ALA A 71 -1.35 -12.78 -14.82
C ALA A 71 -2.81 -12.31 -15.05
N ARG A 72 -3.64 -13.17 -15.56
CA ARG A 72 -5.06 -12.78 -15.80
C ARG A 72 -5.72 -12.35 -14.48
N LEU A 73 -5.30 -12.94 -13.39
CA LEU A 73 -5.91 -12.58 -12.08
C LEU A 73 -5.63 -11.11 -11.75
N LEU A 74 -4.59 -10.55 -12.30
CA LEU A 74 -4.27 -9.12 -12.01
C LEU A 74 -4.36 -8.28 -13.29
N GLY A 75 -5.06 -8.76 -14.28
CA GLY A 75 -5.18 -7.99 -15.55
C GLY A 75 -3.80 -7.80 -16.18
N TRP A 76 -2.88 -8.68 -15.88
CA TRP A 76 -1.50 -8.56 -16.45
C TRP A 76 -1.28 -9.64 -17.51
N GLY A 77 -0.09 -9.73 -18.02
CA GLY A 77 0.20 -10.78 -19.05
C GLY A 77 1.38 -11.62 -18.57
N ALA A 78 2.08 -12.27 -19.45
CA ALA A 78 3.24 -13.10 -19.03
C ALA A 78 4.51 -12.24 -19.06
N ALA A 79 4.65 -11.41 -20.06
CA ALA A 79 5.86 -10.55 -20.14
C ALA A 79 5.83 -9.52 -19.01
N THR A 80 4.66 -9.07 -18.64
CA THR A 80 4.55 -8.08 -17.54
C THR A 80 4.84 -8.76 -16.20
N LEU A 81 4.10 -9.78 -15.88
CA LEU A 81 4.34 -10.50 -14.59
C LEU A 81 5.81 -10.85 -14.43
N THR A 82 6.50 -11.12 -15.50
CA THR A 82 7.95 -11.46 -15.40
C THR A 82 8.79 -10.18 -15.47
N ALA A 83 8.48 -9.30 -16.38
CA ALA A 83 9.26 -8.04 -16.50
C ALA A 83 9.10 -7.20 -15.24
N LYS A 84 7.95 -7.26 -14.61
CA LYS A 84 7.73 -6.46 -13.37
C LYS A 84 8.54 -7.04 -12.21
N LEU A 85 8.91 -8.28 -12.31
CA LEU A 85 9.71 -8.91 -11.21
C LEU A 85 11.09 -8.24 -11.11
N LYS A 86 11.70 -7.96 -12.23
CA LYS A 86 13.04 -7.32 -12.20
C LYS A 86 12.90 -5.80 -12.13
N GLU A 87 11.81 -5.26 -12.61
CA GLU A 87 11.61 -3.78 -12.56
C GLU A 87 11.56 -3.30 -11.11
N LEU A 88 10.76 -3.93 -10.29
CA LEU A 88 10.67 -3.50 -8.86
C LEU A 88 12.06 -3.53 -8.21
N GLY A 89 12.95 -4.32 -8.74
CA GLY A 89 14.32 -4.39 -8.15
C GLY A 89 15.35 -3.89 -9.16
N MET A 90 14.95 -3.03 -10.06
CA MET A 90 15.91 -2.52 -11.07
C MET A 90 16.96 -1.62 -10.41
N GLU A 91 16.65 -1.10 -9.26
CA GLU A 91 17.63 -0.22 -8.55
C GLU A 91 17.89 -0.73 -7.13
N MET B 1 -33.35 -5.69 50.08
CA MET B 1 -34.58 -4.97 50.53
C MET B 1 -34.26 -3.51 50.82
N ASP B 2 -34.94 -2.60 50.18
CA ASP B 2 -34.67 -1.15 50.42
C ASP B 2 -33.18 -0.85 50.23
N LEU B 3 -32.58 -1.41 49.21
CA LEU B 3 -31.14 -1.15 48.96
C LEU B 3 -30.91 -0.72 47.50
N PRO B 4 -30.93 0.57 47.27
CA PRO B 4 -30.72 1.09 45.90
C PRO B 4 -29.26 0.93 45.49
N GLY B 5 -29.01 0.24 44.41
CA GLY B 5 -27.60 0.06 43.95
C GLY B 5 -27.42 0.73 42.60
N GLU B 6 -26.66 0.13 41.72
CA GLU B 6 -26.43 0.74 40.37
C GLU B 6 -26.42 -0.35 39.29
N LEU B 7 -27.56 -0.73 38.80
CA LEU B 7 -27.62 -1.78 37.75
C LEU B 7 -28.27 -1.23 36.48
N PHE B 8 -27.76 -0.15 35.97
CA PHE B 8 -28.36 0.44 34.73
C PHE B 8 -27.53 0.04 33.51
N GLU B 9 -28.15 -0.60 32.55
CA GLU B 9 -27.40 -1.01 31.32
C GLU B 9 -27.55 0.05 30.23
N ALA B 10 -26.50 0.33 29.51
CA ALA B 10 -26.60 1.36 28.44
C ALA B 10 -27.06 0.72 27.11
N SER B 11 -27.49 1.51 26.18
CA SER B 11 -27.95 0.95 24.88
C SER B 11 -26.98 1.33 23.76
N THR B 12 -27.47 1.45 22.55
CA THR B 12 -26.58 1.84 21.42
C THR B 12 -25.37 0.88 21.37
N PRO B 13 -25.58 -0.28 20.79
CA PRO B 13 -24.50 -1.28 20.67
C PRO B 13 -23.47 -0.84 19.62
N ASP B 14 -23.92 -0.16 18.60
CA ASP B 14 -22.97 0.29 17.54
C ASP B 14 -22.50 1.72 17.83
N SER B 15 -21.27 1.88 18.25
CA SER B 15 -20.75 3.24 18.54
C SER B 15 -19.23 3.19 18.73
N PRO B 16 -18.52 3.12 17.63
CA PRO B 16 -17.04 3.07 17.68
C PRO B 16 -16.47 4.43 18.07
N SER B 17 -16.26 4.66 19.33
CA SER B 17 -15.70 5.98 19.77
C SER B 17 -14.18 6.01 19.52
N HIS B 18 -13.53 4.90 19.64
CA HIS B 18 -12.06 4.86 19.40
C HIS B 18 -11.76 5.09 17.92
N LEU B 19 -10.52 5.31 17.58
CA LEU B 19 -10.15 5.54 16.15
C LEU B 19 -9.05 4.56 15.73
N PRO B 20 -9.45 3.45 15.17
CA PRO B 20 -8.48 2.44 14.72
C PRO B 20 -7.73 2.92 13.47
N PRO B 21 -6.49 2.51 13.35
CA PRO B 21 -5.66 2.92 12.19
C PRO B 21 -6.14 2.20 10.92
N ASP B 22 -5.86 2.76 9.78
CA ASP B 22 -6.30 2.11 8.51
C ASP B 22 -5.55 0.79 8.29
N SER B 23 -6.27 -0.30 8.25
CA SER B 23 -5.60 -1.63 8.04
C SER B 23 -5.49 -1.90 6.53
N TRP B 24 -4.80 -1.06 5.82
CA TRP B 24 -4.64 -1.26 4.35
C TRP B 24 -4.31 -2.70 4.01
N ALA B 25 -3.13 -3.16 4.39
CA ALA B 25 -2.74 -4.57 4.06
C ALA B 25 -3.88 -5.55 4.38
N THR B 26 -4.51 -5.40 5.51
CA THR B 26 -5.64 -6.32 5.84
C THR B 26 -6.74 -6.16 4.80
N LEU B 27 -7.03 -4.94 4.43
CA LEU B 27 -8.08 -4.69 3.40
C LEU B 27 -7.55 -5.14 2.03
N LEU B 28 -6.26 -5.23 1.89
CA LEU B 28 -5.64 -5.64 0.60
C LEU B 28 -5.62 -7.15 0.47
N ALA B 29 -5.22 -7.86 1.50
CA ALA B 29 -5.19 -9.35 1.41
C ALA B 29 -6.61 -9.89 1.46
N GLN B 30 -7.53 -9.14 2.01
CA GLN B 30 -8.94 -9.62 2.09
C GLN B 30 -9.72 -9.19 0.84
N TRP B 31 -9.39 -8.06 0.29
CA TRP B 31 -10.12 -7.59 -0.93
C TRP B 31 -9.79 -8.50 -2.12
N ALA B 32 -8.52 -8.76 -2.35
CA ALA B 32 -8.15 -9.64 -3.50
C ALA B 32 -8.85 -11.00 -3.37
N ASP B 33 -9.02 -11.48 -2.17
CA ASP B 33 -9.70 -12.79 -1.98
C ASP B 33 -11.21 -12.64 -2.19
N ARG B 34 -11.80 -11.63 -1.61
CA ARG B 34 -13.27 -11.44 -1.79
C ARG B 34 -13.61 -11.26 -3.27
N ALA B 35 -12.73 -10.65 -4.00
CA ALA B 35 -12.99 -10.45 -5.47
C ALA B 35 -12.72 -11.75 -6.23
N LEU B 36 -11.65 -12.43 -5.89
CA LEU B 36 -11.33 -13.70 -6.58
C LEU B 36 -12.55 -14.63 -6.61
N ARG B 37 -13.17 -14.83 -5.48
CA ARG B 37 -14.36 -15.72 -5.45
C ARG B 37 -15.57 -15.05 -6.11
N SER B 38 -15.53 -13.75 -6.24
CA SER B 38 -16.68 -13.04 -6.87
C SER B 38 -16.23 -12.36 -8.18
N GLY B 39 -15.61 -13.10 -9.06
CA GLY B 39 -15.15 -12.50 -10.34
C GLY B 39 -14.23 -11.31 -10.04
N HIS B 40 -12.95 -11.54 -10.01
CA HIS B 40 -12.00 -10.43 -9.71
C HIS B 40 -11.83 -9.53 -10.95
N GLN B 41 -10.95 -8.58 -10.88
CA GLN B 41 -10.73 -7.67 -12.04
C GLN B 41 -9.39 -6.93 -11.87
N ASN B 42 -9.32 -5.72 -12.35
CA ASN B 42 -8.04 -4.94 -12.22
C ASN B 42 -7.73 -4.70 -10.74
N LEU B 43 -7.16 -5.67 -10.08
CA LEU B 43 -6.83 -5.49 -8.62
C LEU B 43 -5.66 -4.53 -8.46
N LEU B 44 -4.52 -4.89 -8.98
CA LEU B 44 -3.32 -4.01 -8.84
C LEU B 44 -3.55 -2.68 -9.56
N SER B 45 -4.28 -2.68 -10.64
CA SER B 45 -4.53 -1.42 -11.39
C SER B 45 -5.31 -0.43 -10.52
N GLU B 46 -5.98 -0.92 -9.51
CA GLU B 46 -6.77 0.00 -8.62
C GLU B 46 -5.91 0.50 -7.46
N ALA B 47 -5.22 -0.37 -6.79
CA ALA B 47 -4.36 0.06 -5.65
C ALA B 47 -3.04 0.65 -6.16
N GLN B 48 -2.77 0.55 -7.42
CA GLN B 48 -1.50 1.11 -7.96
C GLN B 48 -1.38 2.61 -7.64
N PRO B 49 -2.36 3.37 -8.07
CA PRO B 49 -2.33 4.83 -7.81
C PRO B 49 -2.55 5.13 -6.33
N GLU B 50 -3.20 4.25 -5.62
CA GLU B 50 -3.43 4.49 -4.16
C GLU B 50 -2.08 4.61 -3.45
N LEU B 51 -1.15 3.77 -3.78
CA LEU B 51 0.20 3.84 -3.13
C LEU B 51 0.98 5.02 -3.69
N GLU B 52 1.03 5.16 -4.99
CA GLU B 52 1.77 6.30 -5.59
C GLU B 52 1.26 7.63 -5.01
N ARG B 53 0.04 7.65 -4.57
CA ARG B 53 -0.52 8.91 -3.98
C ARG B 53 -0.15 9.02 -2.51
N THR B 54 -0.06 7.91 -1.82
CA THR B 54 0.31 7.95 -0.37
C THR B 54 1.68 8.60 -0.21
N LEU B 55 2.58 8.32 -1.11
CA LEU B 55 3.95 8.91 -1.00
C LEU B 55 4.00 10.25 -1.75
N LEU B 56 3.48 10.28 -2.96
CA LEU B 56 3.50 11.55 -3.73
C LEU B 56 2.78 12.65 -2.95
N THR B 57 1.65 12.36 -2.39
CA THR B 57 0.91 13.39 -1.62
C THR B 57 1.71 13.80 -0.38
N THR B 58 2.09 12.85 0.43
CA THR B 58 2.88 13.20 1.66
C THR B 58 4.12 14.02 1.27
N ALA B 59 5.02 13.44 0.54
CA ALA B 59 6.25 14.19 0.14
C ALA B 59 5.85 15.52 -0.52
N LEU B 60 4.81 15.52 -1.31
CA LEU B 60 4.38 16.79 -1.95
C LEU B 60 4.01 17.80 -0.86
N ARG B 61 3.41 17.34 0.21
CA ARG B 61 3.04 18.28 1.30
C ARG B 61 4.27 19.11 1.70
N HIS B 62 5.41 18.48 1.76
CA HIS B 62 6.65 19.22 2.10
C HIS B 62 6.83 20.35 1.07
N THR B 63 6.36 20.12 -0.13
CA THR B 63 6.46 21.15 -1.20
C THR B 63 5.06 21.41 -1.76
N GLN B 64 4.10 21.64 -0.88
CA GLN B 64 2.68 21.88 -1.31
C GLN B 64 2.60 22.73 -2.59
N GLY B 65 2.06 22.17 -3.64
CA GLY B 65 1.93 22.92 -4.91
C GLY B 65 3.16 22.66 -5.79
N HIS B 66 4.31 22.52 -5.20
CA HIS B 66 5.54 22.26 -6.01
C HIS B 66 5.65 20.77 -6.35
N LYS B 67 4.76 20.27 -7.16
CA LYS B 67 4.82 18.83 -7.53
C LYS B 67 6.21 18.49 -8.10
N GLN B 68 6.88 19.47 -8.65
CA GLN B 68 8.24 19.20 -9.21
C GLN B 68 9.20 18.78 -8.11
N GLU B 69 9.27 19.53 -7.05
CA GLU B 69 10.19 19.16 -5.92
C GLU B 69 9.95 17.71 -5.51
N ALA B 70 8.72 17.26 -5.58
CA ALA B 70 8.42 15.85 -5.20
C ALA B 70 9.25 14.89 -6.04
N ALA B 71 9.76 15.34 -7.16
CA ALA B 71 10.59 14.44 -8.02
C ALA B 71 11.80 13.94 -7.24
N ARG B 72 12.72 14.81 -6.92
CA ARG B 72 13.93 14.38 -6.15
C ARG B 72 13.51 13.76 -4.81
N LEU B 73 12.43 14.23 -4.25
CA LEU B 73 11.97 13.67 -2.94
C LEU B 73 11.62 12.19 -3.08
N LEU B 74 11.28 11.75 -4.27
CA LEU B 74 10.93 10.32 -4.46
C LEU B 74 11.91 9.64 -5.42
N GLY B 75 13.08 10.21 -5.57
CA GLY B 75 14.09 9.58 -6.49
C GLY B 75 13.53 9.56 -7.91
N TRP B 76 12.61 10.43 -8.23
CA TRP B 76 12.03 10.46 -9.60
C TRP B 76 12.54 11.67 -10.37
N GLY B 77 12.04 11.89 -11.54
CA GLY B 77 12.48 13.06 -12.35
C GLY B 77 11.25 13.90 -12.72
N ALA B 78 11.34 14.69 -13.76
CA ALA B 78 10.16 15.52 -14.16
C ALA B 78 9.32 14.74 -15.16
N ALA B 79 9.95 14.04 -16.07
CA ALA B 79 9.17 13.25 -17.07
C ALA B 79 8.47 12.10 -16.37
N THR B 80 9.08 11.54 -15.36
CA THR B 80 8.44 10.42 -14.63
C THR B 80 7.27 10.94 -13.79
N LEU B 81 7.53 11.88 -12.92
CA LEU B 81 6.44 12.44 -12.07
C LEU B 81 5.24 12.83 -12.94
N THR B 82 5.48 13.27 -14.14
CA THR B 82 4.35 13.67 -15.03
C THR B 82 3.85 12.46 -15.82
N ALA B 83 4.75 11.69 -16.36
CA ALA B 83 4.33 10.49 -17.14
C ALA B 83 3.62 9.48 -16.23
N LYS B 84 4.02 9.42 -14.99
CA LYS B 84 3.36 8.46 -14.05
C LYS B 84 1.94 8.93 -13.72
N LEU B 85 1.67 10.20 -13.89
CA LEU B 85 0.30 10.71 -13.58
C LEU B 85 -0.72 10.11 -14.55
N LYS B 86 -0.36 10.00 -15.80
CA LYS B 86 -1.32 9.43 -16.79
C LYS B 86 -1.21 7.91 -16.83
N GLU B 87 -0.06 7.38 -16.48
CA GLU B 87 0.13 5.90 -16.50
C GLU B 87 -0.82 5.24 -15.50
N LEU B 88 -0.84 5.72 -14.28
CA LEU B 88 -1.74 5.11 -13.25
C LEU B 88 -3.19 5.13 -13.74
N GLY B 89 -3.51 6.03 -14.63
CA GLY B 89 -4.91 6.09 -15.15
C GLY B 89 -4.91 5.78 -16.65
N MET B 90 -3.98 5.01 -17.11
CA MET B 90 -3.93 4.68 -18.56
C MET B 90 -5.11 3.76 -18.92
N GLU B 91 -5.66 3.08 -17.96
CA GLU B 91 -6.81 2.17 -18.25
C GLU B 91 -8.00 2.52 -17.35
N MET A 1 -0.32 -32.78 53.43
CA MET A 1 0.11 -33.27 52.09
C MET A 1 -0.81 -34.42 51.64
N ASP A 2 -2.07 -34.15 51.44
CA ASP A 2 -3.01 -35.21 50.99
C ASP A 2 -4.05 -34.63 50.04
N LEU A 3 -3.99 -35.02 48.79
CA LEU A 3 -4.99 -34.50 47.80
C LEU A 3 -4.98 -35.35 46.54
N PRO A 4 -6.05 -35.27 45.78
CA PRO A 4 -6.15 -36.06 44.53
C PRO A 4 -5.23 -35.48 43.45
N GLY A 5 -4.00 -35.89 43.43
CA GLY A 5 -3.05 -35.36 42.41
C GLY A 5 -3.19 -36.18 41.11
N GLU A 6 -3.73 -35.59 40.08
CA GLU A 6 -3.89 -36.33 38.80
C GLU A 6 -2.77 -35.96 37.82
N LEU A 7 -2.55 -34.70 37.62
CA LEU A 7 -1.47 -34.28 36.68
C LEU A 7 -0.09 -34.49 37.32
N PHE A 8 0.93 -34.56 36.52
CA PHE A 8 2.30 -34.76 37.08
C PHE A 8 3.31 -33.88 36.36
N GLU A 9 3.46 -34.06 35.07
CA GLU A 9 4.43 -33.22 34.31
C GLU A 9 3.74 -32.62 33.08
N ALA A 10 4.40 -31.72 32.40
CA ALA A 10 3.79 -31.09 31.20
C ALA A 10 4.86 -30.37 30.38
N SER A 11 5.52 -31.07 29.49
CA SER A 11 6.56 -30.42 28.66
C SER A 11 5.94 -29.82 27.38
N THR A 12 5.72 -28.54 27.37
CA THR A 12 5.12 -27.90 26.16
C THR A 12 5.57 -26.44 26.05
N PRO A 13 6.67 -26.23 25.37
CA PRO A 13 7.20 -24.85 25.20
C PRO A 13 6.33 -24.06 24.21
N ASP A 14 5.99 -22.85 24.55
CA ASP A 14 5.15 -22.02 23.63
C ASP A 14 6.03 -21.32 22.60
N SER A 15 5.58 -21.23 21.37
CA SER A 15 6.40 -20.55 20.33
C SER A 15 5.90 -19.12 20.11
N PRO A 16 6.83 -18.23 19.82
CA PRO A 16 6.47 -16.81 19.60
C PRO A 16 5.78 -16.66 18.23
N SER A 17 5.44 -15.45 17.88
CA SER A 17 4.75 -15.23 16.56
C SER A 17 5.10 -13.83 16.02
N HIS A 18 4.71 -13.55 14.81
CA HIS A 18 5.03 -12.21 14.23
C HIS A 18 3.90 -11.77 13.28
N LEU A 19 3.49 -10.53 13.37
CA LEU A 19 2.38 -10.05 12.49
C LEU A 19 2.84 -8.80 11.72
N PRO A 20 2.31 -8.63 10.54
CA PRO A 20 2.66 -7.45 9.70
C PRO A 20 2.03 -6.17 10.27
N PRO A 21 2.52 -5.05 9.81
CA PRO A 21 1.98 -3.75 10.28
C PRO A 21 0.59 -3.50 9.70
N ASP A 22 -0.43 -3.59 10.51
CA ASP A 22 -1.81 -3.37 10.01
C ASP A 22 -2.02 -1.90 9.64
N SER A 23 -1.42 -1.00 10.37
CA SER A 23 -1.59 0.46 10.08
C SER A 23 -0.70 0.87 8.91
N TRP A 24 -0.81 0.22 7.79
CA TRP A 24 0.04 0.58 6.62
C TRP A 24 -0.02 2.09 6.34
N ALA A 25 -1.14 2.57 5.88
CA ALA A 25 -1.27 4.03 5.57
C ALA A 25 -0.64 4.89 6.67
N THR A 26 -0.89 4.58 7.91
CA THR A 26 -0.28 5.38 9.00
C THR A 26 1.24 5.25 8.94
N LEU A 27 1.72 4.05 8.73
CA LEU A 27 3.19 3.84 8.62
C LEU A 27 3.70 4.47 7.32
N LEU A 28 2.81 4.66 6.37
CA LEU A 28 3.20 5.25 5.06
C LEU A 28 3.26 6.78 5.16
N ALA A 29 2.25 7.39 5.71
CA ALA A 29 2.25 8.88 5.81
C ALA A 29 3.28 9.32 6.87
N GLN A 30 3.60 8.45 7.79
CA GLN A 30 4.59 8.81 8.83
C GLN A 30 6.01 8.44 8.39
N TRP A 31 6.15 7.37 7.65
CA TRP A 31 7.51 6.97 7.19
C TRP A 31 8.07 8.02 6.23
N ALA A 32 7.26 8.52 5.33
CA ALA A 32 7.76 9.56 4.38
C ALA A 32 8.27 10.77 5.16
N ASP A 33 7.70 11.04 6.30
CA ASP A 33 8.16 12.21 7.11
C ASP A 33 9.45 11.86 7.85
N ARG A 34 9.48 10.73 8.51
CA ARG A 34 10.71 10.33 9.25
C ARG A 34 11.92 10.35 8.30
N ALA A 35 11.70 10.04 7.06
CA ALA A 35 12.82 10.04 6.08
C ALA A 35 13.16 11.47 5.68
N LEU A 36 12.17 12.30 5.49
CA LEU A 36 12.44 13.71 5.10
C LEU A 36 13.25 14.42 6.18
N ARG A 37 13.13 13.99 7.41
CA ARG A 37 13.89 14.65 8.51
C ARG A 37 15.35 14.15 8.52
N SER A 38 15.60 13.01 7.93
CA SER A 38 16.99 12.48 7.91
C SER A 38 17.56 12.54 6.49
N GLY A 39 16.95 11.84 5.57
CA GLY A 39 17.46 11.86 4.16
C GLY A 39 16.52 11.03 3.28
N HIS A 40 15.54 11.66 2.69
CA HIS A 40 14.58 10.92 1.81
C HIS A 40 15.24 10.59 0.47
N GLN A 41 14.88 9.48 -0.12
CA GLN A 41 15.47 9.11 -1.43
C GLN A 41 14.62 8.00 -2.09
N ASN A 42 14.78 6.78 -1.65
CA ASN A 42 13.98 5.67 -2.24
C ASN A 42 12.66 5.50 -1.48
N LEU A 43 11.78 6.46 -1.58
CA LEU A 43 10.49 6.35 -0.85
C LEU A 43 9.50 5.47 -1.63
N LEU A 44 8.92 6.01 -2.68
CA LEU A 44 7.95 5.21 -3.48
C LEU A 44 8.62 3.95 -4.01
N SER A 45 9.89 4.00 -4.28
CA SER A 45 10.60 2.80 -4.81
C SER A 45 10.66 1.69 -3.74
N GLU A 46 10.45 2.03 -2.50
CA GLU A 46 10.50 1.00 -1.43
C GLU A 46 9.13 0.34 -1.25
N ALA A 47 8.08 1.12 -1.21
CA ALA A 47 6.72 0.54 -1.04
C ALA A 47 6.14 0.11 -2.39
N GLN A 48 6.76 0.52 -3.47
CA GLN A 48 6.23 0.12 -4.82
C GLN A 48 6.04 -1.40 -4.90
N PRO A 49 7.12 -2.12 -4.69
CA PRO A 49 7.06 -3.60 -4.75
C PRO A 49 6.28 -4.15 -3.56
N GLU A 50 6.26 -3.42 -2.46
CA GLU A 50 5.51 -3.90 -1.27
C GLU A 50 4.03 -4.07 -1.61
N LEU A 51 3.46 -3.13 -2.33
CA LEU A 51 2.03 -3.25 -2.71
C LEU A 51 1.87 -4.31 -3.80
N GLU A 52 2.67 -4.24 -4.83
CA GLU A 52 2.57 -5.23 -5.93
C GLU A 52 2.65 -6.65 -5.37
N ARG A 53 3.37 -6.84 -4.29
CA ARG A 53 3.50 -8.20 -3.70
C ARG A 53 2.27 -8.51 -2.84
N THR A 54 1.74 -7.54 -2.15
CA THR A 54 0.54 -7.79 -1.30
C THR A 54 -0.58 -8.42 -2.14
N LEU A 55 -0.79 -7.92 -3.32
CA LEU A 55 -1.87 -8.47 -4.18
C LEU A 55 -1.33 -9.64 -5.02
N LEU A 56 -0.20 -9.46 -5.64
CA LEU A 56 0.38 -10.55 -6.48
C LEU A 56 0.51 -11.83 -5.65
N THR A 57 0.83 -11.70 -4.39
CA THR A 57 0.97 -12.91 -3.53
C THR A 57 -0.41 -13.54 -3.28
N THR A 58 -1.36 -12.75 -2.87
CA THR A 58 -2.73 -13.30 -2.61
C THR A 58 -3.24 -14.02 -3.85
N ALA A 59 -3.38 -13.32 -4.94
CA ALA A 59 -3.89 -13.97 -6.19
C ALA A 59 -3.00 -15.18 -6.52
N LEU A 60 -1.71 -15.06 -6.37
CA LEU A 60 -0.84 -16.22 -6.68
C LEU A 60 -1.23 -17.40 -5.79
N ARG A 61 -1.59 -17.15 -4.56
CA ARG A 61 -2.00 -18.26 -3.65
C ARG A 61 -3.06 -19.11 -4.36
N HIS A 62 -4.01 -18.48 -4.99
CA HIS A 62 -5.05 -19.24 -5.73
C HIS A 62 -4.36 -20.12 -6.78
N THR A 63 -3.22 -19.69 -7.24
CA THR A 63 -2.46 -20.48 -8.25
C THR A 63 -1.04 -20.70 -7.75
N GLN A 64 -0.89 -21.10 -6.51
CA GLN A 64 0.46 -21.33 -5.90
C GLN A 64 1.46 -21.92 -6.91
N GLY A 65 2.57 -21.26 -7.09
CA GLY A 65 3.59 -21.77 -8.06
C GLY A 65 3.30 -21.24 -9.46
N HIS A 66 2.08 -21.34 -9.90
CA HIS A 66 1.75 -20.84 -11.27
C HIS A 66 1.85 -19.31 -11.31
N LYS A 67 3.04 -18.79 -11.28
CA LYS A 67 3.22 -17.31 -11.32
C LYS A 67 2.57 -16.74 -12.59
N GLN A 68 2.35 -17.56 -13.59
CA GLN A 68 1.73 -17.06 -14.85
C GLN A 68 0.24 -16.81 -14.63
N GLU A 69 -0.45 -17.73 -14.02
CA GLU A 69 -1.91 -17.54 -13.79
C GLU A 69 -2.16 -16.19 -13.11
N ALA A 70 -1.31 -15.80 -12.20
CA ALA A 70 -1.51 -14.49 -11.52
C ALA A 70 -1.59 -13.37 -12.54
N ALA A 71 -1.08 -13.59 -13.73
CA ALA A 71 -1.13 -12.54 -14.78
C ALA A 71 -2.57 -12.10 -15.01
N ARG A 72 -3.40 -12.97 -15.53
CA ARG A 72 -4.82 -12.60 -15.77
C ARG A 72 -5.52 -12.27 -14.45
N LEU A 73 -5.19 -12.97 -13.40
CA LEU A 73 -5.83 -12.69 -12.08
C LEU A 73 -5.65 -11.21 -11.71
N LEU A 74 -4.67 -10.56 -12.28
CA LEU A 74 -4.44 -9.13 -11.96
C LEU A 74 -4.56 -8.27 -13.22
N GLY A 75 -5.16 -8.80 -14.26
CA GLY A 75 -5.29 -8.01 -15.52
C GLY A 75 -3.91 -7.51 -15.95
N TRP A 76 -2.88 -8.27 -15.68
CA TRP A 76 -1.51 -7.83 -16.06
C TRP A 76 -1.07 -8.53 -17.35
N GLY A 77 -0.75 -9.79 -17.26
CA GLY A 77 -0.30 -10.54 -18.47
C GLY A 77 1.04 -11.20 -18.17
N ALA A 78 1.70 -11.74 -19.16
CA ALA A 78 3.01 -12.40 -18.91
C ALA A 78 4.15 -11.39 -19.06
N ALA A 79 3.92 -10.34 -19.79
CA ALA A 79 4.98 -9.31 -19.97
C ALA A 79 5.05 -8.41 -18.73
N THR A 80 3.92 -7.99 -18.23
CA THR A 80 3.93 -7.12 -17.02
C THR A 80 4.43 -7.91 -15.80
N LEU A 81 3.84 -9.04 -15.55
CA LEU A 81 4.28 -9.87 -14.39
C LEU A 81 5.81 -10.07 -14.43
N THR A 82 6.36 -10.14 -15.61
CA THR A 82 7.84 -10.33 -15.73
C THR A 82 8.55 -8.98 -15.78
N ALA A 83 8.07 -8.10 -16.62
CA ALA A 83 8.71 -6.75 -16.73
C ALA A 83 8.62 -6.01 -15.39
N LYS A 84 7.52 -6.16 -14.70
CA LYS A 84 7.36 -5.46 -13.39
C LYS A 84 8.34 -6.04 -12.36
N LEU A 85 8.75 -7.27 -12.54
CA LEU A 85 9.70 -7.89 -11.58
C LEU A 85 11.02 -7.11 -11.58
N LYS A 86 11.48 -6.70 -12.73
CA LYS A 86 12.75 -5.93 -12.79
C LYS A 86 12.47 -4.43 -12.66
N GLU A 87 11.32 -4.00 -13.12
CA GLU A 87 11.00 -2.55 -13.03
C GLU A 87 10.85 -2.13 -11.55
N LEU A 88 10.08 -2.86 -10.81
CA LEU A 88 9.91 -2.53 -9.36
C LEU A 88 11.28 -2.46 -8.66
N GLY A 89 12.23 -3.20 -9.15
CA GLY A 89 13.58 -3.18 -8.52
C GLY A 89 14.34 -1.93 -9.00
N MET A 90 14.28 -1.64 -10.26
CA MET A 90 15.00 -0.44 -10.79
C MET A 90 16.48 -0.51 -10.41
N GLU A 91 16.98 -1.69 -10.17
CA GLU A 91 18.41 -1.84 -9.80
C GLU A 91 19.30 -1.75 -11.04
N MET B 1 -38.36 25.82 42.34
CA MET B 1 -37.77 26.49 41.14
C MET B 1 -36.85 27.64 41.59
N ASP B 2 -35.79 27.32 42.29
CA ASP B 2 -34.87 28.40 42.76
C ASP B 2 -33.42 27.90 42.73
N LEU B 3 -32.61 28.44 41.84
CA LEU B 3 -31.20 27.98 41.76
C LEU B 3 -30.37 29.00 40.97
N PRO B 4 -29.06 28.95 41.16
CA PRO B 4 -28.17 29.88 40.44
C PRO B 4 -28.05 29.49 38.96
N GLY B 5 -28.95 29.96 38.13
CA GLY B 5 -28.89 29.61 36.69
C GLY B 5 -27.94 30.57 35.97
N GLU B 6 -26.81 30.10 35.53
CA GLU B 6 -25.84 30.99 34.82
C GLU B 6 -25.96 30.80 33.31
N LEU B 7 -25.92 29.58 32.85
CA LEU B 7 -26.03 29.33 31.39
C LEU B 7 -27.47 29.53 30.91
N PHE B 8 -27.66 29.75 29.64
CA PHE B 8 -29.05 29.96 29.13
C PHE B 8 -29.23 29.22 27.80
N GLU B 9 -28.45 29.55 26.81
CA GLU B 9 -28.59 28.87 25.49
C GLU B 9 -27.20 28.40 25.01
N ALA B 10 -27.18 27.62 23.96
CA ALA B 10 -25.87 27.12 23.44
C ALA B 10 -26.03 26.56 22.03
N SER B 11 -25.92 27.39 21.04
CA SER B 11 -26.07 26.91 19.64
C SER B 11 -24.71 26.45 19.09
N THR B 12 -24.48 25.16 19.07
CA THR B 12 -23.18 24.65 18.55
C THR B 12 -23.35 23.23 17.99
N PRO B 13 -23.67 23.17 16.71
CA PRO B 13 -23.86 21.85 16.05
C PRO B 13 -22.51 21.15 15.85
N ASP B 14 -22.44 19.89 16.18
CA ASP B 14 -21.15 19.15 16.00
C ASP B 14 -21.04 18.63 14.57
N SER B 15 -19.87 18.66 14.00
CA SER B 15 -19.70 18.16 12.60
C SER B 15 -19.12 16.74 12.60
N PRO B 16 -19.55 15.95 11.66
CA PRO B 16 -19.06 14.55 11.57
C PRO B 16 -17.61 14.53 11.05
N SER B 17 -17.05 13.36 10.89
CA SER B 17 -15.64 13.27 10.39
C SER B 17 -15.45 11.98 9.59
N HIS B 18 -14.31 11.82 8.96
CA HIS B 18 -14.07 10.58 8.17
C HIS B 18 -12.58 10.21 8.23
N LEU B 19 -12.29 8.95 8.43
CA LEU B 19 -10.87 8.52 8.49
C LEU B 19 -10.59 7.41 7.47
N PRO B 20 -9.38 7.35 6.99
CA PRO B 20 -9.01 6.32 6.00
C PRO B 20 -8.88 4.95 6.67
N PRO B 21 -8.85 3.91 5.86
CA PRO B 21 -8.73 2.53 6.42
C PRO B 21 -7.31 2.29 6.93
N ASP B 22 -7.14 2.22 8.22
CA ASP B 22 -5.79 2.00 8.79
C ASP B 22 -5.31 0.58 8.50
N SER B 23 -6.20 -0.37 8.48
CA SER B 23 -5.79 -1.79 8.21
C SER B 23 -5.62 -2.02 6.71
N TRP B 24 -4.79 -1.23 6.07
CA TRP B 24 -4.57 -1.40 4.60
C TRP B 24 -4.27 -2.85 4.27
N ALA B 25 -3.11 -3.35 4.66
CA ALA B 25 -2.74 -4.76 4.33
C ALA B 25 -3.91 -5.71 4.58
N THR B 26 -4.60 -5.57 5.68
CA THR B 26 -5.76 -6.47 5.94
C THR B 26 -6.81 -6.25 4.84
N LEU B 27 -7.08 -5.01 4.52
CA LEU B 27 -8.06 -4.72 3.45
C LEU B 27 -7.50 -5.15 2.09
N LEU B 28 -6.20 -5.27 2.01
CA LEU B 28 -5.55 -5.67 0.75
C LEU B 28 -5.58 -7.19 0.58
N ALA B 29 -5.19 -7.93 1.59
CA ALA B 29 -5.21 -9.41 1.47
C ALA B 29 -6.65 -9.93 1.46
N GLN B 30 -7.56 -9.17 2.00
CA GLN B 30 -8.98 -9.60 2.01
C GLN B 30 -9.71 -9.11 0.76
N TRP B 31 -9.36 -7.95 0.28
CA TRP B 31 -10.03 -7.42 -0.95
C TRP B 31 -9.72 -8.32 -2.14
N ALA B 32 -8.50 -8.74 -2.28
CA ALA B 32 -8.15 -9.63 -3.44
C ALA B 32 -8.99 -10.90 -3.39
N ASP B 33 -9.35 -11.34 -2.21
CA ASP B 33 -10.18 -12.57 -2.09
C ASP B 33 -11.64 -12.25 -2.42
N ARG B 34 -12.18 -11.22 -1.83
CA ARG B 34 -13.60 -10.85 -2.11
C ARG B 34 -13.81 -10.69 -3.61
N ALA B 35 -12.81 -10.23 -4.31
CA ALA B 35 -12.94 -10.05 -5.79
C ALA B 35 -12.84 -11.41 -6.49
N LEU B 36 -11.95 -12.26 -6.04
CA LEU B 36 -11.81 -13.59 -6.68
C LEU B 36 -13.11 -14.40 -6.56
N ARG B 37 -13.89 -14.13 -5.54
CA ARG B 37 -15.17 -14.87 -5.37
C ARG B 37 -16.24 -14.31 -6.31
N SER B 38 -16.08 -13.10 -6.76
CA SER B 38 -17.09 -12.50 -7.67
C SER B 38 -16.51 -12.34 -9.08
N GLY B 39 -15.47 -11.57 -9.23
CA GLY B 39 -14.86 -11.39 -10.58
C GLY B 39 -13.61 -10.51 -10.45
N HIS B 40 -12.47 -11.11 -10.27
CA HIS B 40 -11.22 -10.31 -10.15
C HIS B 40 -10.77 -9.79 -11.52
N GLN B 41 -10.16 -8.63 -11.55
CA GLN B 41 -9.71 -8.07 -12.84
C GLN B 41 -8.70 -6.93 -12.59
N ASN B 42 -9.17 -5.77 -12.23
CA ASN B 42 -8.25 -4.64 -11.96
C ASN B 42 -7.83 -4.63 -10.49
N LEU B 43 -7.08 -5.61 -10.06
CA LEU B 43 -6.66 -5.66 -8.64
C LEU B 43 -5.45 -4.75 -8.41
N LEU B 44 -4.28 -5.17 -8.82
CA LEU B 44 -3.07 -4.33 -8.62
C LEU B 44 -3.24 -2.97 -9.30
N SER B 45 -3.98 -2.93 -10.38
CA SER B 45 -4.17 -1.63 -11.10
C SER B 45 -5.01 -0.68 -10.25
N GLU B 46 -5.70 -1.18 -9.25
CA GLU B 46 -6.53 -0.28 -8.40
C GLU B 46 -5.69 0.28 -7.24
N ALA B 47 -4.93 -0.56 -6.59
CA ALA B 47 -4.10 -0.07 -5.45
C ALA B 47 -2.77 0.50 -5.95
N GLN B 48 -2.45 0.26 -7.20
CA GLN B 48 -1.16 0.79 -7.74
C GLN B 48 -1.05 2.30 -7.49
N PRO B 49 -2.00 3.04 -7.99
CA PRO B 49 -1.99 4.51 -7.81
C PRO B 49 -2.28 4.87 -6.35
N GLU B 50 -2.98 4.01 -5.65
CA GLU B 50 -3.29 4.30 -4.22
C GLU B 50 -1.99 4.44 -3.42
N LEU B 51 -1.04 3.57 -3.65
CA LEU B 51 0.25 3.66 -2.93
C LEU B 51 1.08 4.83 -3.46
N GLU B 52 1.19 4.93 -4.76
CA GLU B 52 1.99 6.05 -5.34
C GLU B 52 1.47 7.39 -4.82
N ARG B 53 0.20 7.47 -4.53
CA ARG B 53 -0.37 8.76 -4.02
C ARG B 53 -0.09 8.90 -2.52
N THR B 54 -0.14 7.83 -1.79
CA THR B 54 0.12 7.92 -0.32
C THR B 54 1.47 8.57 -0.07
N LEU B 55 2.47 8.22 -0.83
CA LEU B 55 3.81 8.83 -0.63
C LEU B 55 3.95 10.11 -1.46
N LEU B 56 3.56 10.06 -2.70
CA LEU B 56 3.67 11.28 -3.56
C LEU B 56 2.95 12.46 -2.90
N THR B 57 1.85 12.19 -2.24
CA THR B 57 1.09 13.29 -1.57
C THR B 57 1.87 13.80 -0.36
N THR B 58 2.32 12.92 0.49
CA THR B 58 3.09 13.36 1.69
C THR B 58 4.29 14.20 1.25
N ALA B 59 5.19 13.64 0.48
CA ALA B 59 6.37 14.42 0.03
C ALA B 59 5.92 15.70 -0.67
N LEU B 60 4.88 15.63 -1.47
CA LEU B 60 4.40 16.87 -2.15
C LEU B 60 4.02 17.90 -1.09
N ARG B 61 3.44 17.48 0.00
CA ARG B 61 3.05 18.46 1.06
C ARG B 61 4.26 19.33 1.40
N HIS B 62 5.41 18.73 1.52
CA HIS B 62 6.64 19.52 1.81
C HIS B 62 6.83 20.56 0.70
N THR B 63 6.34 20.26 -0.48
CA THR B 63 6.46 21.20 -1.62
C THR B 63 5.06 21.42 -2.22
N GLN B 64 4.08 21.68 -1.39
CA GLN B 64 2.67 21.89 -1.87
C GLN B 64 2.63 22.65 -3.19
N GLY B 65 1.99 22.08 -4.17
CA GLY B 65 1.89 22.76 -5.50
C GLY B 65 3.09 22.39 -6.36
N HIS B 66 4.27 22.49 -5.82
CA HIS B 66 5.48 22.14 -6.63
C HIS B 66 5.52 20.63 -6.92
N LYS B 67 4.66 20.17 -7.79
CA LYS B 67 4.65 18.73 -8.12
C LYS B 67 6.02 18.28 -8.64
N GLN B 68 6.81 19.20 -9.10
CA GLN B 68 8.16 18.85 -9.63
C GLN B 68 9.11 18.50 -8.48
N GLU B 69 9.13 19.29 -7.45
CA GLU B 69 10.04 19.00 -6.30
C GLU B 69 9.82 17.57 -5.81
N ALA B 70 8.59 17.11 -5.80
CA ALA B 70 8.32 15.71 -5.34
C ALA B 70 9.16 14.73 -6.16
N ALA B 71 9.59 15.12 -7.34
CA ALA B 71 10.41 14.22 -8.17
C ALA B 71 11.63 13.73 -7.39
N ARG B 72 12.54 14.62 -7.08
CA ARG B 72 13.76 14.21 -6.32
C ARG B 72 13.35 13.68 -4.94
N LEU B 73 12.35 14.26 -4.33
CA LEU B 73 11.92 13.78 -3.00
C LEU B 73 11.62 12.29 -3.03
N LEU B 74 11.31 11.76 -4.19
CA LEU B 74 11.01 10.31 -4.30
C LEU B 74 12.01 9.62 -5.23
N GLY B 75 13.14 10.24 -5.48
CA GLY B 75 14.14 9.61 -6.39
C GLY B 75 13.47 9.22 -7.71
N TRP B 76 12.51 9.99 -8.13
CA TRP B 76 11.80 9.69 -9.40
C TRP B 76 12.33 10.55 -10.54
N GLY B 77 11.99 11.81 -10.54
CA GLY B 77 12.46 12.73 -11.63
C GLY B 77 11.24 13.41 -12.26
N ALA B 78 11.43 14.11 -13.34
CA ALA B 78 10.28 14.80 -13.99
C ALA B 78 9.61 13.87 -15.00
N ALA B 79 10.34 12.90 -15.50
CA ALA B 79 9.76 11.96 -16.49
C ALA B 79 8.89 10.92 -15.77
N THR B 80 9.38 10.39 -14.68
CA THR B 80 8.58 9.36 -13.93
C THR B 80 7.35 10.03 -13.32
N LEU B 81 7.54 11.10 -12.59
CA LEU B 81 6.37 11.79 -11.97
C LEU B 81 5.29 12.07 -13.02
N THR B 82 5.70 12.32 -14.24
CA THR B 82 4.71 12.59 -15.32
C THR B 82 4.31 11.29 -16.02
N ALA B 83 5.27 10.50 -16.40
CA ALA B 83 4.95 9.21 -17.08
C ALA B 83 4.13 8.31 -16.15
N LYS B 84 4.44 8.31 -14.89
CA LYS B 84 3.68 7.46 -13.93
C LYS B 84 2.23 7.95 -13.82
N LEU B 85 2.01 9.21 -14.05
CA LEU B 85 0.62 9.75 -13.96
C LEU B 85 -0.29 9.04 -14.97
N LYS B 86 0.19 8.81 -16.15
CA LYS B 86 -0.64 8.12 -17.18
C LYS B 86 -0.45 6.60 -17.08
N GLU B 87 0.71 6.16 -16.67
CA GLU B 87 0.95 4.69 -16.55
C GLU B 87 0.06 4.10 -15.47
N LEU B 88 0.05 4.70 -14.30
CA LEU B 88 -0.80 4.17 -13.19
C LEU B 88 -2.25 4.08 -13.66
N GLY B 89 -2.64 4.93 -14.58
CA GLY B 89 -4.05 4.90 -15.07
C GLY B 89 -4.21 3.76 -16.08
N MET B 90 -3.27 3.62 -16.97
CA MET B 90 -3.37 2.54 -17.99
C MET B 90 -4.70 2.64 -18.74
N GLU B 91 -5.28 3.81 -18.77
CA GLU B 91 -6.59 3.97 -19.47
C GLU B 91 -6.35 4.09 -20.98
N MET A 1 -30.04 8.33 44.54
CA MET A 1 -29.06 7.82 43.54
C MET A 1 -29.16 6.29 43.42
N ASP A 2 -29.93 5.81 42.48
CA ASP A 2 -30.08 4.34 42.32
C ASP A 2 -29.65 3.92 40.91
N LEU A 3 -30.03 4.67 39.92
CA LEU A 3 -29.65 4.31 38.51
C LEU A 3 -29.94 5.47 37.57
N PRO A 4 -29.00 6.37 37.47
CA PRO A 4 -29.17 7.54 36.57
C PRO A 4 -29.05 7.12 35.10
N GLY A 5 -30.04 7.43 34.31
CA GLY A 5 -29.99 7.05 32.87
C GLY A 5 -31.27 6.29 32.49
N GLU A 6 -31.97 6.76 31.50
CA GLU A 6 -33.23 6.07 31.09
C GLU A 6 -33.50 6.30 29.60
N LEU A 7 -33.77 7.52 29.22
CA LEU A 7 -34.04 7.80 27.78
C LEU A 7 -32.76 7.63 26.95
N PHE A 8 -32.88 7.63 25.65
CA PHE A 8 -31.68 7.47 24.79
C PHE A 8 -31.49 8.71 23.90
N GLU A 9 -31.35 9.87 24.49
CA GLU A 9 -31.17 11.10 23.68
C GLU A 9 -30.76 12.28 24.57
N ALA A 10 -30.40 13.38 23.98
CA ALA A 10 -29.99 14.57 24.79
C ALA A 10 -29.75 15.77 23.88
N SER A 11 -29.26 16.85 24.42
CA SER A 11 -28.99 18.05 23.60
C SER A 11 -27.68 17.90 22.82
N THR A 12 -27.73 18.01 21.52
CA THR A 12 -26.48 17.87 20.72
C THR A 12 -25.78 16.54 21.04
N PRO A 13 -26.14 15.51 20.30
CA PRO A 13 -25.54 14.18 20.52
C PRO A 13 -24.09 14.15 20.02
N ASP A 14 -23.28 13.29 20.56
CA ASP A 14 -21.86 13.20 20.11
C ASP A 14 -21.64 11.94 19.27
N SER A 15 -21.67 12.09 17.97
CA SER A 15 -21.46 10.90 17.09
C SER A 15 -20.76 11.33 15.79
N PRO A 16 -19.62 11.94 15.93
CA PRO A 16 -18.85 12.41 14.74
C PRO A 16 -18.22 11.22 14.02
N SER A 17 -18.95 10.55 13.19
CA SER A 17 -18.38 9.38 12.45
C SER A 17 -17.70 9.86 11.17
N HIS A 18 -16.55 9.32 10.86
CA HIS A 18 -15.83 9.75 9.62
C HIS A 18 -15.09 8.56 9.00
N LEU A 19 -14.29 8.82 8.00
CA LEU A 19 -13.54 7.72 7.35
C LEU A 19 -12.75 6.91 8.39
N PRO A 20 -12.46 5.67 8.07
CA PRO A 20 -11.70 4.80 9.00
C PRO A 20 -10.23 5.19 9.00
N PRO A 21 -9.60 5.04 10.14
CA PRO A 21 -8.16 5.39 10.28
C PRO A 21 -7.29 4.34 9.58
N ASP A 22 -6.87 4.60 8.37
CA ASP A 22 -6.02 3.62 7.64
C ASP A 22 -4.63 3.56 8.29
N SER A 23 -4.32 2.48 8.96
CA SER A 23 -2.99 2.37 9.61
C SER A 23 -1.87 2.59 8.59
N TRP A 24 -1.85 1.80 7.54
CA TRP A 24 -0.79 1.96 6.50
C TRP A 24 -0.57 3.43 6.13
N ALA A 25 -1.54 4.05 5.50
CA ALA A 25 -1.38 5.48 5.10
C ALA A 25 -0.82 6.32 6.26
N THR A 26 -1.33 6.12 7.45
CA THR A 26 -0.79 6.90 8.60
C THR A 26 0.69 6.58 8.78
N LEU A 27 1.06 5.34 8.60
CA LEU A 27 2.49 4.95 8.74
C LEU A 27 3.28 5.47 7.55
N LEU A 28 2.64 5.67 6.43
CA LEU A 28 3.36 6.17 5.22
C LEU A 28 3.50 7.69 5.29
N ALA A 29 2.52 8.37 5.83
CA ALA A 29 2.61 9.85 5.92
C ALA A 29 3.71 10.24 6.90
N GLN A 30 3.76 9.60 8.03
CA GLN A 30 4.81 9.93 9.04
C GLN A 30 6.16 9.36 8.59
N TRP A 31 6.15 8.19 8.00
CA TRP A 31 7.43 7.57 7.54
C TRP A 31 8.06 8.44 6.45
N ALA A 32 7.35 8.65 5.36
CA ALA A 32 7.90 9.49 4.27
C ALA A 32 8.33 10.84 4.81
N ASP A 33 7.79 11.26 5.92
CA ASP A 33 8.17 12.57 6.50
C ASP A 33 9.49 12.44 7.27
N ARG A 34 9.59 11.47 8.13
CA ARG A 34 10.84 11.28 8.91
C ARG A 34 12.03 11.07 7.97
N ALA A 35 11.78 10.52 6.81
CA ALA A 35 12.89 10.30 5.84
C ALA A 35 13.17 11.58 5.06
N LEU A 36 12.14 12.34 4.75
CA LEU A 36 12.36 13.60 3.99
C LEU A 36 13.25 14.56 4.80
N ARG A 37 12.95 14.73 6.06
CA ARG A 37 13.76 15.65 6.90
C ARG A 37 15.24 15.22 6.87
N SER A 38 15.50 13.98 6.56
CA SER A 38 16.91 13.50 6.51
C SER A 38 17.46 13.63 5.08
N GLY A 39 17.11 12.73 4.21
CA GLY A 39 17.61 12.80 2.82
C GLY A 39 17.40 11.45 2.13
N HIS A 40 16.18 10.98 2.08
CA HIS A 40 15.91 9.67 1.43
C HIS A 40 15.96 9.81 -0.10
N GLN A 41 15.73 8.74 -0.81
CA GLN A 41 15.77 8.81 -2.29
C GLN A 41 14.78 7.80 -2.89
N ASN A 42 14.92 6.55 -2.55
CA ASN A 42 13.99 5.53 -3.10
C ASN A 42 12.76 5.39 -2.20
N LEU A 43 12.16 6.49 -1.83
CA LEU A 43 10.95 6.43 -0.94
C LEU A 43 9.86 5.62 -1.62
N LEU A 44 9.30 6.12 -2.69
CA LEU A 44 8.21 5.37 -3.39
C LEU A 44 8.72 3.99 -3.84
N SER A 45 9.99 3.85 -4.07
CA SER A 45 10.53 2.54 -4.51
C SER A 45 10.55 1.54 -3.34
N GLU A 46 10.57 2.03 -2.13
CA GLU A 46 10.60 1.10 -0.97
C GLU A 46 9.23 0.44 -0.79
N ALA A 47 8.17 1.20 -0.77
CA ALA A 47 6.82 0.61 -0.61
C ALA A 47 6.29 0.09 -1.95
N GLN A 48 6.89 0.48 -3.04
CA GLN A 48 6.42 0.02 -4.37
C GLN A 48 6.31 -1.52 -4.41
N PRO A 49 7.40 -2.19 -4.12
CA PRO A 49 7.40 -3.67 -4.13
C PRO A 49 6.56 -4.22 -2.98
N GLU A 50 6.31 -3.43 -1.98
CA GLU A 50 5.49 -3.93 -0.83
C GLU A 50 4.05 -4.19 -1.29
N LEU A 51 3.46 -3.23 -1.94
CA LEU A 51 2.06 -3.41 -2.43
C LEU A 51 2.03 -4.42 -3.58
N GLU A 52 3.04 -4.42 -4.41
CA GLU A 52 3.07 -5.39 -5.54
C GLU A 52 3.33 -6.80 -5.01
N ARG A 53 3.97 -6.92 -3.88
CA ARG A 53 4.25 -8.27 -3.32
C ARG A 53 2.99 -8.89 -2.72
N THR A 54 2.36 -8.18 -1.81
CA THR A 54 1.13 -8.72 -1.17
C THR A 54 0.12 -9.17 -2.23
N LEU A 55 -0.21 -8.31 -3.16
CA LEU A 55 -1.19 -8.70 -4.22
C LEU A 55 -0.65 -9.89 -5.03
N LEU A 56 0.56 -9.78 -5.51
CA LEU A 56 1.14 -10.90 -6.31
C LEU A 56 1.03 -12.23 -5.54
N THR A 57 1.35 -12.22 -4.28
CA THR A 57 1.27 -13.48 -3.47
C THR A 57 -0.20 -13.84 -3.23
N THR A 58 -1.02 -12.87 -2.91
CA THR A 58 -2.45 -13.17 -2.66
C THR A 58 -3.08 -13.83 -3.89
N ALA A 59 -3.22 -13.09 -4.96
CA ALA A 59 -3.82 -13.68 -6.19
C ALA A 59 -3.10 -14.97 -6.56
N LEU A 60 -1.81 -15.02 -6.40
CA LEU A 60 -1.07 -16.27 -6.73
C LEU A 60 -1.58 -17.40 -5.86
N ARG A 61 -1.88 -17.14 -4.62
CA ARG A 61 -2.41 -18.21 -3.72
C ARG A 61 -3.57 -18.92 -4.41
N HIS A 62 -4.41 -18.17 -5.07
CA HIS A 62 -5.55 -18.80 -5.81
C HIS A 62 -4.98 -19.76 -6.85
N THR A 63 -3.82 -19.45 -7.36
CA THR A 63 -3.17 -20.34 -8.38
C THR A 63 -1.74 -20.65 -7.91
N GLN A 64 -1.60 -21.04 -6.67
CA GLN A 64 -0.25 -21.35 -6.10
C GLN A 64 0.63 -22.10 -7.11
N GLY A 65 1.82 -21.60 -7.34
CA GLY A 65 2.74 -22.26 -8.31
C GLY A 65 2.48 -21.71 -9.71
N HIS A 66 1.25 -21.68 -10.12
CA HIS A 66 0.93 -21.15 -11.48
C HIS A 66 1.04 -19.62 -11.50
N LYS A 67 2.22 -19.11 -11.28
CA LYS A 67 2.39 -17.62 -11.27
C LYS A 67 1.80 -17.03 -12.56
N GLN A 68 1.85 -17.76 -13.64
CA GLN A 68 1.29 -17.24 -14.92
C GLN A 68 -0.20 -16.95 -14.77
N GLU A 69 -0.93 -17.80 -14.10
CA GLU A 69 -2.38 -17.57 -13.92
C GLU A 69 -2.62 -16.18 -13.31
N ALA A 70 -1.78 -15.78 -12.39
CA ALA A 70 -1.95 -14.44 -11.76
C ALA A 70 -2.01 -13.35 -12.85
N ALA A 71 -1.48 -13.63 -14.00
CA ALA A 71 -1.51 -12.63 -15.10
C ALA A 71 -2.95 -12.19 -15.39
N ARG A 72 -3.76 -13.09 -15.88
CA ARG A 72 -5.17 -12.74 -16.18
C ARG A 72 -5.91 -12.36 -14.89
N LEU A 73 -5.59 -13.01 -13.81
CA LEU A 73 -6.28 -12.69 -12.52
C LEU A 73 -6.03 -11.23 -12.14
N LEU A 74 -4.90 -10.69 -12.51
CA LEU A 74 -4.61 -9.26 -12.17
C LEU A 74 -4.68 -8.39 -13.42
N GLY A 75 -5.26 -8.89 -14.49
CA GLY A 75 -5.35 -8.09 -15.74
C GLY A 75 -3.96 -7.58 -16.12
N TRP A 76 -2.97 -8.44 -16.09
CA TRP A 76 -1.60 -8.02 -16.44
C TRP A 76 -1.12 -8.72 -17.72
N GLY A 77 -0.79 -9.98 -17.61
CA GLY A 77 -0.32 -10.72 -18.81
C GLY A 77 0.97 -11.47 -18.45
N ALA A 78 1.65 -12.02 -19.41
CA ALA A 78 2.92 -12.74 -19.09
C ALA A 78 4.11 -11.79 -19.16
N ALA A 79 4.10 -10.89 -20.12
CA ALA A 79 5.23 -9.92 -20.23
C ALA A 79 5.25 -8.99 -19.03
N THR A 80 4.09 -8.59 -18.56
CA THR A 80 4.05 -7.68 -17.38
C THR A 80 4.43 -8.45 -16.12
N LEU A 81 3.81 -9.56 -15.87
CA LEU A 81 4.15 -10.36 -14.66
C LEU A 81 5.66 -10.62 -14.62
N THR A 82 6.29 -10.65 -15.75
CA THR A 82 7.76 -10.90 -15.79
C THR A 82 8.52 -9.57 -15.72
N ALA A 83 8.25 -8.66 -16.60
CA ALA A 83 8.96 -7.35 -16.58
C ALA A 83 8.69 -6.62 -15.26
N LYS A 84 7.51 -6.79 -14.71
CA LYS A 84 7.20 -6.12 -13.42
C LYS A 84 7.94 -6.79 -12.26
N LEU A 85 8.39 -8.00 -12.46
CA LEU A 85 9.12 -8.71 -11.37
C LEU A 85 10.52 -8.11 -11.18
N LYS A 86 11.18 -7.78 -12.25
CA LYS A 86 12.55 -7.19 -12.13
C LYS A 86 12.46 -5.67 -11.99
N GLU A 87 11.39 -5.08 -12.45
CA GLU A 87 11.25 -3.61 -12.34
C GLU A 87 11.45 -3.15 -10.89
N LEU A 88 10.65 -3.66 -10.00
CA LEU A 88 10.78 -3.25 -8.57
C LEU A 88 12.22 -3.49 -8.07
N GLY A 89 12.93 -4.38 -8.71
CA GLY A 89 14.33 -4.65 -8.28
C GLY A 89 15.29 -3.73 -9.02
N MET A 90 15.01 -3.45 -10.26
CA MET A 90 15.92 -2.55 -11.04
C MET A 90 15.86 -1.13 -10.50
N GLU A 91 14.76 -0.76 -9.88
CA GLU A 91 14.65 0.61 -9.33
C GLU A 91 13.93 0.58 -7.97
N MET B 1 -8.71 -15.33 51.42
CA MET B 1 -8.76 -14.65 50.10
C MET B 1 -8.68 -13.13 50.27
N ASP B 2 -7.50 -12.57 50.20
CA ASP B 2 -7.35 -11.10 50.37
C ASP B 2 -6.70 -10.49 49.12
N LEU B 3 -5.71 -11.13 48.59
CA LEU B 3 -5.04 -10.58 47.37
C LEU B 3 -4.11 -11.63 46.75
N PRO B 4 -4.67 -12.46 45.91
CA PRO B 4 -3.88 -13.53 45.25
C PRO B 4 -2.97 -12.91 44.18
N GLY B 5 -1.69 -13.16 44.26
CA GLY B 5 -0.75 -12.60 43.25
C GLY B 5 0.39 -11.87 43.95
N GLU B 6 1.61 -12.25 43.67
CA GLU B 6 2.77 -11.57 44.34
C GLU B 6 4.01 -11.63 43.43
N LEU B 7 4.52 -12.80 43.19
CA LEU B 7 5.73 -12.92 42.33
C LEU B 7 5.38 -12.58 40.88
N PHE B 8 6.36 -12.43 40.03
CA PHE B 8 6.08 -12.10 38.60
C PHE B 8 6.62 -13.21 37.70
N GLU B 9 6.17 -14.41 37.87
CA GLU B 9 6.66 -15.53 37.01
C GLU B 9 5.81 -16.79 37.22
N ALA B 10 6.01 -17.79 36.41
CA ALA B 10 5.21 -19.05 36.56
C ALA B 10 5.72 -20.11 35.59
N SER B 11 5.05 -21.23 35.51
CA SER B 11 5.50 -22.31 34.58
C SER B 11 5.07 -21.98 33.14
N THR B 12 6.01 -21.93 32.24
CA THR B 12 5.67 -21.63 30.82
C THR B 12 4.88 -20.31 30.73
N PRO B 13 5.59 -19.22 30.58
CA PRO B 13 4.94 -17.90 30.49
C PRO B 13 4.24 -17.73 29.14
N ASP B 14 3.23 -16.90 29.08
CA ASP B 14 2.52 -16.70 27.78
C ASP B 14 2.88 -15.33 27.18
N SER B 15 3.80 -15.32 26.26
CA SER B 15 4.20 -14.03 25.63
C SER B 15 4.63 -14.25 24.18
N PRO B 16 3.73 -14.82 23.41
CA PRO B 16 4.03 -15.09 21.97
C PRO B 16 4.00 -13.79 21.17
N SER B 17 5.08 -13.05 21.17
CA SER B 17 5.12 -11.78 20.40
C SER B 17 5.53 -12.05 18.95
N HIS B 18 4.89 -11.43 18.01
CA HIS B 18 5.26 -11.66 16.58
C HIS B 18 5.09 -10.37 15.77
N LEU B 19 5.21 -10.46 14.47
CA LEU B 19 5.06 -9.24 13.62
C LEU B 19 3.74 -8.54 13.92
N PRO B 20 3.69 -7.26 13.65
CA PRO B 20 2.46 -6.47 13.89
C PRO B 20 1.41 -6.79 12.83
N PRO B 21 0.16 -6.75 13.22
CA PRO B 21 -0.95 -7.03 12.28
C PRO B 21 -1.14 -5.86 11.31
N ASP B 22 -0.60 -5.96 10.14
CA ASP B 22 -0.76 -4.84 9.15
C ASP B 22 -2.22 -4.80 8.65
N SER B 23 -2.95 -3.79 9.06
CA SER B 23 -4.37 -3.69 8.61
C SER B 23 -4.46 -3.73 7.08
N TRP B 24 -3.79 -2.83 6.41
CA TRP B 24 -3.83 -2.79 4.92
C TRP B 24 -3.66 -4.20 4.33
N ALA B 25 -2.49 -4.78 4.48
CA ALA B 25 -2.26 -6.13 3.89
C ALA B 25 -3.42 -7.08 4.23
N THR B 26 -3.88 -7.06 5.45
CA THR B 26 -5.02 -7.95 5.81
C THR B 26 -6.23 -7.58 4.95
N LEU B 27 -6.43 -6.31 4.71
CA LEU B 27 -7.58 -5.86 3.88
C LEU B 27 -7.31 -6.19 2.41
N LEU B 28 -6.07 -6.28 2.04
CA LEU B 28 -5.72 -6.59 0.63
C LEU B 28 -5.78 -8.10 0.38
N ALA B 29 -5.42 -8.89 1.36
CA ALA B 29 -5.47 -10.37 1.18
C ALA B 29 -6.92 -10.83 1.08
N GLN B 30 -7.78 -10.32 1.92
CA GLN B 30 -9.21 -10.73 1.86
C GLN B 30 -9.90 -10.03 0.69
N TRP B 31 -9.56 -8.80 0.42
CA TRP B 31 -10.18 -8.07 -0.71
C TRP B 31 -9.83 -8.76 -2.03
N ALA B 32 -8.56 -8.87 -2.34
CA ALA B 32 -8.16 -9.53 -3.61
C ALA B 32 -8.79 -10.93 -3.69
N ASP B 33 -9.13 -11.50 -2.57
CA ASP B 33 -9.75 -12.86 -2.59
C ASP B 33 -11.24 -12.75 -2.94
N ARG B 34 -11.96 -11.89 -2.27
CA ARG B 34 -13.41 -11.74 -2.56
C ARG B 34 -13.61 -11.36 -4.03
N ALA B 35 -12.67 -10.67 -4.61
CA ALA B 35 -12.80 -10.27 -6.04
C ALA B 35 -12.40 -11.44 -6.95
N LEU B 36 -11.42 -12.20 -6.56
CA LEU B 36 -10.99 -13.35 -7.41
C LEU B 36 -12.12 -14.35 -7.56
N ARG B 37 -12.79 -14.70 -6.48
CA ARG B 37 -13.91 -15.67 -6.57
C ARG B 37 -14.96 -15.16 -7.54
N SER B 38 -15.00 -13.89 -7.79
CA SER B 38 -16.01 -13.33 -8.75
C SER B 38 -15.42 -13.25 -10.16
N GLY B 39 -14.60 -12.27 -10.42
CA GLY B 39 -14.00 -12.14 -11.77
C GLY B 39 -13.44 -10.73 -11.95
N HIS B 40 -12.55 -10.33 -11.08
CA HIS B 40 -11.97 -8.95 -11.20
C HIS B 40 -10.94 -8.90 -12.33
N GLN B 41 -10.34 -7.77 -12.55
CA GLN B 41 -9.33 -7.64 -13.64
C GLN B 41 -8.26 -6.63 -13.25
N ASN B 42 -8.65 -5.42 -12.95
CA ASN B 42 -7.66 -4.38 -12.56
C ASN B 42 -7.39 -4.43 -11.06
N LEU B 43 -7.18 -5.59 -10.51
CA LEU B 43 -6.92 -5.70 -9.06
C LEU B 43 -5.70 -4.86 -8.66
N LEU B 44 -4.53 -5.25 -9.12
CA LEU B 44 -3.31 -4.49 -8.77
C LEU B 44 -3.42 -3.03 -9.26
N SER B 45 -4.19 -2.80 -10.28
CA SER B 45 -4.35 -1.42 -10.81
C SER B 45 -5.21 -0.58 -9.86
N GLU B 46 -6.04 -1.20 -9.09
CA GLU B 46 -6.92 -0.44 -8.15
C GLU B 46 -6.09 0.13 -7.00
N ALA B 47 -5.29 -0.68 -6.36
CA ALA B 47 -4.47 -0.19 -5.22
C ALA B 47 -3.17 0.47 -5.74
N GLN B 48 -2.84 0.23 -6.99
CA GLN B 48 -1.60 0.85 -7.55
C GLN B 48 -1.58 2.37 -7.31
N PRO B 49 -2.59 3.05 -7.77
CA PRO B 49 -2.66 4.53 -7.60
C PRO B 49 -2.89 4.89 -6.13
N GLU B 50 -3.36 3.96 -5.34
CA GLU B 50 -3.58 4.27 -3.90
C GLU B 50 -2.24 4.50 -3.20
N LEU B 51 -1.31 3.61 -3.38
CA LEU B 51 0.03 3.78 -2.73
C LEU B 51 0.79 4.93 -3.40
N GLU B 52 0.63 5.08 -4.69
CA GLU B 52 1.35 6.18 -5.39
C GLU B 52 0.73 7.54 -5.03
N ARG B 53 -0.52 7.54 -4.65
CA ARG B 53 -1.18 8.82 -4.29
C ARG B 53 -0.72 9.29 -2.89
N THR B 54 -0.86 8.44 -1.90
CA THR B 54 -0.44 8.84 -0.53
C THR B 54 1.00 9.37 -0.54
N LEU B 55 1.92 8.61 -1.07
CA LEU B 55 3.34 9.09 -1.10
C LEU B 55 3.45 10.38 -1.90
N LEU B 56 2.92 10.41 -3.10
CA LEU B 56 3.00 11.65 -3.93
C LEU B 56 2.48 12.85 -3.14
N THR B 57 1.37 12.71 -2.46
CA THR B 57 0.82 13.84 -1.68
C THR B 57 1.69 14.11 -0.44
N THR B 58 2.10 13.06 0.24
CA THR B 58 2.96 13.26 1.45
C THR B 58 4.22 14.03 1.08
N ALA B 59 5.09 13.43 0.32
CA ALA B 59 6.35 14.14 -0.06
C ALA B 59 6.02 15.50 -0.66
N LEU B 60 4.97 15.59 -1.43
CA LEU B 60 4.61 16.90 -2.03
C LEU B 60 4.33 17.89 -0.90
N ARG B 61 3.69 17.46 0.15
CA ARG B 61 3.39 18.39 1.28
C ARG B 61 4.68 19.12 1.69
N HIS B 62 5.78 18.41 1.70
CA HIS B 62 7.08 19.07 2.05
C HIS B 62 7.34 20.18 1.03
N THR B 63 6.87 20.00 -0.17
CA THR B 63 7.06 21.03 -1.23
C THR B 63 5.69 21.35 -1.85
N GLN B 64 4.72 21.60 -1.01
CA GLN B 64 3.33 21.91 -1.50
C GLN B 64 3.35 22.81 -2.74
N GLY B 65 2.68 22.40 -3.79
CA GLY B 65 2.66 23.22 -5.03
C GLY B 65 3.84 22.84 -5.91
N HIS B 66 5.02 22.80 -5.36
CA HIS B 66 6.21 22.43 -6.17
C HIS B 66 6.22 20.93 -6.45
N LYS B 67 5.24 20.44 -7.17
CA LYS B 67 5.19 18.98 -7.49
C LYS B 67 6.53 18.53 -8.07
N GLN B 68 7.21 19.39 -8.77
CA GLN B 68 8.52 19.00 -9.36
C GLN B 68 9.51 18.61 -8.27
N GLU B 69 9.52 19.35 -7.18
CA GLU B 69 10.46 19.02 -6.07
C GLU B 69 10.28 17.56 -5.65
N ALA B 70 9.06 17.10 -5.62
CA ALA B 70 8.82 15.68 -5.22
C ALA B 70 9.66 14.73 -6.09
N ALA B 71 10.07 15.18 -7.25
CA ALA B 71 10.90 14.31 -8.13
C ALA B 71 12.15 13.85 -7.40
N ARG B 72 13.03 14.75 -7.07
CA ARG B 72 14.28 14.37 -6.36
C ARG B 72 13.94 13.80 -4.98
N LEU B 73 12.92 14.33 -4.34
CA LEU B 73 12.54 13.82 -3.00
C LEU B 73 12.18 12.34 -3.07
N LEU B 74 11.65 11.90 -4.18
CA LEU B 74 11.27 10.46 -4.32
C LEU B 74 12.23 9.75 -5.27
N GLY B 75 13.36 10.34 -5.57
CA GLY B 75 14.33 9.70 -6.50
C GLY B 75 13.61 9.32 -7.80
N TRP B 76 12.85 10.21 -8.34
CA TRP B 76 12.10 9.91 -9.60
C TRP B 76 12.62 10.79 -10.75
N GLY B 77 12.25 12.04 -10.75
CA GLY B 77 12.69 12.95 -11.83
C GLY B 77 11.48 13.71 -12.37
N ALA B 78 11.62 14.41 -13.46
CA ALA B 78 10.46 15.15 -14.02
C ALA B 78 9.69 14.27 -15.01
N ALA B 79 10.40 13.51 -15.81
CA ALA B 79 9.72 12.63 -16.78
C ALA B 79 8.92 11.54 -16.05
N THR B 80 9.45 11.03 -14.97
CA THR B 80 8.72 9.98 -14.21
C THR B 80 7.52 10.61 -13.49
N LEU B 81 7.74 11.65 -12.73
CA LEU B 81 6.62 12.30 -12.00
C LEU B 81 5.49 12.64 -12.99
N THR B 82 5.82 12.84 -14.24
CA THR B 82 4.77 13.16 -15.25
C THR B 82 4.24 11.87 -15.88
N ALA B 83 5.10 11.07 -16.44
CA ALA B 83 4.64 9.81 -17.08
C ALA B 83 3.95 8.91 -16.05
N LYS B 84 4.41 8.94 -14.82
CA LYS B 84 3.78 8.10 -13.77
C LYS B 84 2.40 8.66 -13.37
N LEU B 85 2.16 9.91 -13.67
CA LEU B 85 0.85 10.52 -13.31
C LEU B 85 -0.25 9.96 -14.22
N LYS B 86 0.02 9.81 -15.48
CA LYS B 86 -1.02 9.28 -16.41
C LYS B 86 -0.98 7.75 -16.44
N GLU B 87 0.14 7.17 -16.11
CA GLU B 87 0.24 5.68 -16.11
C GLU B 87 -0.88 5.06 -15.27
N LEU B 88 -0.95 5.41 -14.01
CA LEU B 88 -2.01 4.83 -13.14
C LEU B 88 -3.39 5.09 -13.75
N GLY B 89 -3.51 6.08 -14.59
CA GLY B 89 -4.84 6.37 -15.21
C GLY B 89 -4.97 5.60 -16.52
N MET B 90 -3.89 5.46 -17.25
CA MET B 90 -3.97 4.72 -18.54
C MET B 90 -4.23 3.23 -18.29
N GLU B 91 -3.85 2.74 -17.14
CA GLU B 91 -4.07 1.30 -16.84
C GLU B 91 -4.50 1.12 -15.38
N MET A 1 -5.95 38.75 20.16
CA MET A 1 -5.82 37.26 20.25
C MET A 1 -5.47 36.84 21.67
N ASP A 2 -6.32 36.09 22.31
CA ASP A 2 -6.04 35.65 23.71
C ASP A 2 -5.69 34.16 23.73
N LEU A 3 -4.45 33.83 23.41
CA LEU A 3 -4.06 32.39 23.42
C LEU A 3 -2.98 32.15 24.48
N PRO A 4 -3.40 31.66 25.62
CA PRO A 4 -2.44 31.38 26.73
C PRO A 4 -1.60 30.14 26.40
N GLY A 5 -0.33 30.32 26.21
CA GLY A 5 0.54 29.15 25.89
C GLY A 5 0.19 28.61 24.50
N GLU A 6 0.74 29.19 23.47
CA GLU A 6 0.44 28.70 22.09
C GLU A 6 1.74 28.44 21.32
N LEU A 7 2.80 28.15 22.01
CA LEU A 7 4.10 27.89 21.32
C LEU A 7 4.10 26.48 20.70
N PHE A 8 3.98 25.47 21.52
CA PHE A 8 3.99 24.08 20.97
C PHE A 8 2.59 23.74 20.44
N GLU A 9 1.58 23.79 21.26
CA GLU A 9 0.21 23.46 20.79
C GLU A 9 -0.37 24.63 19.99
N ALA A 10 -0.89 24.36 18.83
CA ALA A 10 -1.47 25.47 18.01
C ALA A 10 -2.44 24.88 16.97
N SER A 11 -3.50 24.27 17.42
CA SER A 11 -4.49 23.69 16.45
C SER A 11 -5.91 23.98 16.91
N THR A 12 -6.85 23.13 16.57
CA THR A 12 -8.26 23.36 17.00
C THR A 12 -9.11 22.13 16.65
N PRO A 13 -8.77 21.01 17.25
CA PRO A 13 -9.53 19.76 16.98
C PRO A 13 -10.89 19.81 17.69
N ASP A 14 -11.94 20.05 16.95
CA ASP A 14 -13.30 20.12 17.57
C ASP A 14 -13.85 18.70 17.79
N SER A 15 -13.78 17.86 16.80
CA SER A 15 -14.30 16.47 16.95
C SER A 15 -13.29 15.46 16.39
N PRO A 16 -12.41 15.00 17.24
CA PRO A 16 -11.38 14.02 16.80
C PRO A 16 -12.02 12.65 16.58
N SER A 17 -13.06 12.34 17.31
CA SER A 17 -13.72 11.02 17.15
C SER A 17 -12.69 9.89 17.31
N HIS A 18 -12.36 9.53 18.53
CA HIS A 18 -11.37 8.45 18.74
C HIS A 18 -10.08 8.75 17.97
N LEU A 19 -9.24 7.77 17.77
CA LEU A 19 -7.98 8.02 17.02
C LEU A 19 -8.17 7.66 15.54
N PRO A 20 -7.38 8.29 14.69
CA PRO A 20 -7.49 8.02 13.24
C PRO A 20 -6.91 6.65 12.90
N PRO A 21 -7.18 6.19 11.70
CA PRO A 21 -6.68 4.86 11.27
C PRO A 21 -5.17 4.92 11.02
N ASP A 22 -4.39 4.67 12.04
CA ASP A 22 -2.91 4.72 11.87
C ASP A 22 -2.40 3.41 11.27
N SER A 23 -2.94 2.99 10.16
CA SER A 23 -2.47 1.72 9.54
C SER A 23 -1.33 1.98 8.55
N TRP A 24 -1.57 1.82 7.26
CA TRP A 24 -0.49 2.02 6.26
C TRP A 24 -0.24 3.51 5.96
N ALA A 25 -1.14 4.14 5.27
CA ALA A 25 -0.95 5.58 4.89
C ALA A 25 -0.38 6.40 6.06
N THR A 26 -0.87 6.19 7.24
CA THR A 26 -0.33 6.94 8.40
C THR A 26 1.14 6.55 8.62
N LEU A 27 1.45 5.31 8.40
CA LEU A 27 2.86 4.84 8.57
C LEU A 27 3.70 5.34 7.38
N LEU A 28 3.06 5.58 6.27
CA LEU A 28 3.80 6.07 5.08
C LEU A 28 3.94 7.59 5.12
N ALA A 29 3.05 8.26 5.81
CA ALA A 29 3.15 9.74 5.90
C ALA A 29 4.24 10.11 6.90
N GLN A 30 4.30 9.42 8.00
CA GLN A 30 5.35 9.73 9.02
C GLN A 30 6.69 9.14 8.57
N TRP A 31 6.65 7.99 7.93
CA TRP A 31 7.91 7.36 7.47
C TRP A 31 8.51 8.20 6.33
N ALA A 32 7.74 8.45 5.30
CA ALA A 32 8.27 9.26 4.17
C ALA A 32 8.74 10.63 4.68
N ASP A 33 8.18 11.08 5.77
CA ASP A 33 8.59 12.40 6.33
C ASP A 33 9.92 12.26 7.08
N ARG A 34 10.00 11.32 7.98
CA ARG A 34 11.27 11.13 8.74
C ARG A 34 12.44 10.93 7.78
N ALA A 35 12.22 10.20 6.72
CA ALA A 35 13.31 9.97 5.74
C ALA A 35 13.59 11.26 4.95
N LEU A 36 12.57 12.02 4.66
CA LEU A 36 12.78 13.29 3.90
C LEU A 36 13.77 14.19 4.65
N ARG A 37 13.65 14.26 5.95
CA ARG A 37 14.58 15.10 6.74
C ARG A 37 15.80 14.29 7.19
N SER A 38 16.29 13.44 6.33
CA SER A 38 17.48 12.61 6.71
C SER A 38 18.11 12.01 5.46
N GLY A 39 17.97 12.65 4.34
CA GLY A 39 18.55 12.10 3.08
C GLY A 39 17.72 10.93 2.58
N HIS A 40 16.50 11.19 2.19
CA HIS A 40 15.63 10.08 1.69
C HIS A 40 16.16 9.55 0.35
N GLN A 41 15.55 8.53 -0.17
CA GLN A 41 16.00 7.97 -1.48
C GLN A 41 14.97 6.97 -2.01
N ASN A 42 14.90 5.81 -1.42
CA ASN A 42 13.92 4.79 -1.88
C ASN A 42 12.58 5.01 -1.18
N LEU A 43 11.95 6.14 -1.39
CA LEU A 43 10.65 6.41 -0.74
C LEU A 43 9.56 5.51 -1.33
N LEU A 44 9.36 5.58 -2.61
CA LEU A 44 8.31 4.74 -3.26
C LEU A 44 8.89 3.37 -3.65
N SER A 45 10.17 3.31 -3.88
CA SER A 45 10.79 2.00 -4.28
C SER A 45 10.67 0.99 -3.14
N GLU A 46 10.45 1.44 -1.93
CA GLU A 46 10.34 0.49 -0.79
C GLU A 46 8.91 -0.04 -0.67
N ALA A 47 7.94 0.84 -0.66
CA ALA A 47 6.52 0.39 -0.54
C ALA A 47 6.02 -0.18 -1.87
N GLN A 48 6.60 0.25 -2.96
CA GLN A 48 6.16 -0.26 -4.29
C GLN A 48 6.13 -1.79 -4.30
N PRO A 49 7.24 -2.40 -3.97
CA PRO A 49 7.29 -3.90 -3.96
C PRO A 49 6.43 -4.46 -2.84
N GLU A 50 6.08 -3.65 -1.87
CA GLU A 50 5.21 -4.15 -0.76
C GLU A 50 3.78 -4.34 -1.27
N LEU A 51 3.30 -3.41 -2.07
CA LEU A 51 1.93 -3.52 -2.62
C LEU A 51 1.89 -4.63 -3.68
N GLU A 52 2.89 -4.69 -4.50
CA GLU A 52 2.91 -5.75 -5.57
C GLU A 52 3.12 -7.12 -4.93
N ARG A 53 3.89 -7.20 -3.88
CA ARG A 53 4.12 -8.52 -3.23
C ARG A 53 2.81 -9.07 -2.65
N THR A 54 2.14 -8.31 -1.84
CA THR A 54 0.86 -8.79 -1.24
C THR A 54 -0.10 -9.24 -2.35
N LEU A 55 -0.43 -8.35 -3.25
CA LEU A 55 -1.38 -8.72 -4.34
C LEU A 55 -0.83 -9.91 -5.14
N LEU A 56 0.41 -9.85 -5.54
CA LEU A 56 1.00 -10.97 -6.34
C LEU A 56 0.73 -12.32 -5.65
N THR A 57 1.15 -12.46 -4.42
CA THR A 57 0.92 -13.74 -3.70
C THR A 57 -0.57 -14.04 -3.64
N THR A 58 -1.39 -13.04 -3.45
CA THR A 58 -2.86 -13.27 -3.37
C THR A 58 -3.36 -13.87 -4.70
N ALA A 59 -3.39 -13.09 -5.75
CA ALA A 59 -3.87 -13.62 -7.05
C ALA A 59 -3.11 -14.90 -7.40
N LEU A 60 -1.84 -14.96 -7.10
CA LEU A 60 -1.07 -16.19 -7.40
C LEU A 60 -1.68 -17.37 -6.63
N ARG A 61 -2.11 -17.13 -5.41
CA ARG A 61 -2.72 -18.24 -4.61
C ARG A 61 -3.80 -18.92 -5.45
N HIS A 62 -4.57 -18.15 -6.17
CA HIS A 62 -5.63 -18.74 -7.03
C HIS A 62 -4.96 -19.71 -8.01
N THR A 63 -3.75 -19.40 -8.38
CA THR A 63 -2.99 -20.27 -9.33
C THR A 63 -1.63 -20.61 -8.71
N GLN A 64 -1.63 -21.06 -7.48
CA GLN A 64 -0.36 -21.39 -6.77
C GLN A 64 0.64 -22.09 -7.70
N GLY A 65 1.80 -21.49 -7.88
CA GLY A 65 2.83 -22.11 -8.77
C GLY A 65 2.75 -21.47 -10.16
N HIS A 66 1.57 -21.39 -10.71
CA HIS A 66 1.43 -20.77 -12.07
C HIS A 66 1.58 -19.25 -11.97
N LYS A 67 2.77 -18.76 -11.79
CA LYS A 67 2.97 -17.29 -11.70
C LYS A 67 2.49 -16.61 -12.98
N GLN A 68 2.41 -17.35 -14.06
CA GLN A 68 1.96 -16.74 -15.34
C GLN A 68 0.46 -16.41 -15.27
N GLU A 69 -0.34 -17.33 -14.80
CA GLU A 69 -1.81 -17.06 -14.70
C GLU A 69 -2.05 -15.76 -13.94
N ALA A 70 -1.25 -15.47 -12.95
CA ALA A 70 -1.43 -14.21 -12.18
C ALA A 70 -1.38 -13.01 -13.13
N ALA A 71 -0.79 -13.18 -14.29
CA ALA A 71 -0.71 -12.05 -15.25
C ALA A 71 -2.12 -11.52 -15.58
N ARG A 72 -2.90 -12.30 -16.26
CA ARG A 72 -4.28 -11.84 -16.62
C ARG A 72 -5.07 -11.50 -15.35
N LEU A 73 -4.72 -12.10 -14.24
CA LEU A 73 -5.44 -11.82 -12.97
C LEU A 73 -5.23 -10.36 -12.54
N LEU A 74 -4.15 -9.76 -12.95
CA LEU A 74 -3.90 -8.34 -12.57
C LEU A 74 -3.78 -7.46 -13.82
N GLY A 75 -4.41 -7.85 -14.90
CA GLY A 75 -4.31 -7.04 -16.14
C GLY A 75 -2.86 -6.94 -16.59
N TRP A 76 -2.03 -7.85 -16.16
CA TRP A 76 -0.59 -7.82 -16.57
C TRP A 76 -0.33 -8.87 -17.65
N GLY A 77 0.91 -9.04 -18.02
CA GLY A 77 1.25 -10.06 -19.06
C GLY A 77 2.38 -10.94 -18.54
N ALA A 78 3.13 -11.54 -19.42
CA ALA A 78 4.25 -12.42 -18.95
C ALA A 78 5.52 -11.59 -18.80
N ALA A 79 5.65 -10.54 -19.58
CA ALA A 79 6.86 -9.68 -19.47
C ALA A 79 6.78 -8.82 -18.21
N THR A 80 5.66 -8.18 -17.99
CA THR A 80 5.51 -7.33 -16.78
C THR A 80 5.67 -8.18 -15.52
N LEU A 81 4.88 -9.21 -15.38
CA LEU A 81 5.00 -10.09 -14.19
C LEU A 81 6.46 -10.49 -13.96
N THR A 82 7.23 -10.57 -15.00
CA THR A 82 8.66 -10.93 -14.85
C THR A 82 9.51 -9.68 -14.65
N ALA A 83 9.32 -8.68 -15.47
CA ALA A 83 10.10 -7.42 -15.32
C ALA A 83 9.81 -6.79 -13.97
N LYS A 84 8.59 -6.83 -13.53
CA LYS A 84 8.25 -6.23 -12.20
C LYS A 84 9.03 -6.95 -11.09
N LEU A 85 9.33 -8.20 -11.28
CA LEU A 85 10.08 -8.95 -10.24
C LEU A 85 11.44 -8.29 -10.00
N LYS A 86 12.09 -7.85 -11.04
CA LYS A 86 13.42 -7.19 -10.87
C LYS A 86 13.25 -5.69 -10.67
N GLU A 87 12.42 -5.06 -11.47
CA GLU A 87 12.22 -3.59 -11.32
C GLU A 87 11.87 -3.23 -9.87
N LEU A 88 10.78 -3.73 -9.37
CA LEU A 88 10.40 -3.41 -7.96
C LEU A 88 11.56 -3.74 -7.02
N GLY A 89 12.38 -4.68 -7.38
CA GLY A 89 13.53 -5.05 -6.50
C GLY A 89 14.69 -4.08 -6.73
N MET A 90 14.87 -3.63 -7.95
CA MET A 90 15.97 -2.68 -8.24
C MET A 90 17.30 -3.26 -7.77
N GLU A 91 17.41 -4.57 -7.75
CA GLU A 91 18.68 -5.21 -7.31
C GLU A 91 19.76 -5.00 -8.37
N MET B 1 -7.69 -41.21 13.64
CA MET B 1 -7.92 -39.74 13.80
C MET B 1 -9.19 -39.49 14.62
N ASP B 2 -9.05 -38.85 15.76
CA ASP B 2 -10.24 -38.58 16.61
C ASP B 2 -10.58 -37.09 16.56
N LEU B 3 -11.27 -36.66 15.54
CA LEU B 3 -11.64 -35.21 15.45
C LEU B 3 -13.16 -35.05 15.49
N PRO B 4 -13.67 -34.74 16.65
CA PRO B 4 -15.13 -34.55 16.81
C PRO B 4 -15.58 -33.23 16.15
N GLY B 5 -16.35 -33.32 15.11
CA GLY B 5 -16.82 -32.07 14.43
C GLY B 5 -15.62 -31.39 13.74
N GLU B 6 -15.30 -31.80 12.56
CA GLU B 6 -14.14 -31.17 11.85
C GLU B 6 -14.56 -30.76 10.43
N LEU B 7 -15.82 -30.49 10.23
CA LEU B 7 -16.29 -30.08 8.87
C LEU B 7 -15.93 -28.62 8.61
N PHE B 8 -16.47 -27.72 9.39
CA PHE B 8 -16.15 -26.28 9.18
C PHE B 8 -14.79 -25.93 9.80
N GLU B 9 -14.65 -26.14 11.08
CA GLU B 9 -13.35 -25.82 11.74
C GLU B 9 -12.32 -26.92 11.42
N ALA B 10 -11.15 -26.53 10.99
CA ALA B 10 -10.10 -27.54 10.67
C ALA B 10 -8.71 -26.90 10.67
N SER B 11 -8.29 -26.39 11.80
CA SER B 11 -6.94 -25.75 11.87
C SER B 11 -6.21 -26.16 13.14
N THR B 12 -5.37 -25.32 13.66
CA THR B 12 -4.63 -25.67 14.90
C THR B 12 -3.83 -24.46 15.41
N PRO B 13 -4.54 -23.41 15.72
CA PRO B 13 -3.88 -22.17 16.22
C PRO B 13 -3.38 -22.37 17.66
N ASP B 14 -2.10 -22.57 17.83
CA ASP B 14 -1.55 -22.78 19.20
C ASP B 14 -1.38 -21.44 19.91
N SER B 15 -0.79 -20.48 19.26
CA SER B 15 -0.59 -19.15 19.90
C SER B 15 -0.97 -18.03 18.92
N PRO B 16 -2.22 -17.63 18.98
CA PRO B 16 -2.71 -16.55 18.09
C PRO B 16 -2.17 -15.19 18.54
N SER B 17 -1.94 -15.04 19.82
CA SER B 17 -1.42 -13.73 20.33
C SER B 17 -2.33 -12.59 19.86
N HIS B 18 -3.42 -12.37 20.54
CA HIS B 18 -4.35 -11.28 20.14
C HIS B 18 -4.72 -11.42 18.66
N LEU B 19 -5.24 -10.39 18.07
CA LEU B 19 -5.62 -10.46 16.63
C LEU B 19 -4.48 -9.94 15.76
N PRO B 20 -4.41 -10.41 14.54
CA PRO B 20 -3.36 -9.97 13.59
C PRO B 20 -3.61 -8.53 13.14
N PRO B 21 -2.60 -7.95 12.52
CA PRO B 21 -2.74 -6.55 12.03
C PRO B 21 -3.65 -6.50 10.81
N ASP B 22 -4.93 -6.36 11.02
CA ASP B 22 -5.87 -6.30 9.87
C ASP B 22 -5.90 -4.90 9.25
N SER B 23 -4.76 -4.38 8.89
CA SER B 23 -4.73 -3.02 8.29
C SER B 23 -4.86 -3.09 6.76
N TRP B 24 -3.80 -2.79 6.04
CA TRP B 24 -3.87 -2.81 4.54
C TRP B 24 -3.77 -4.23 3.97
N ALA B 25 -2.60 -4.82 4.02
CA ALA B 25 -2.41 -6.19 3.44
C ALA B 25 -3.60 -7.11 3.78
N THR B 26 -4.07 -7.07 4.99
CA THR B 26 -5.23 -7.94 5.35
C THR B 26 -6.45 -7.51 4.54
N LEU B 27 -6.59 -6.23 4.32
CA LEU B 27 -7.74 -5.73 3.51
C LEU B 27 -7.49 -6.03 2.04
N LEU B 28 -6.26 -6.17 1.65
CA LEU B 28 -5.94 -6.45 0.23
C LEU B 28 -6.00 -7.96 -0.03
N ALA B 29 -5.79 -8.75 0.99
CA ALA B 29 -5.85 -10.22 0.81
C ALA B 29 -7.32 -10.67 0.72
N GLN B 30 -8.16 -10.12 1.55
CA GLN B 30 -9.60 -10.50 1.51
C GLN B 30 -10.28 -9.78 0.34
N TRP B 31 -9.87 -8.58 0.06
CA TRP B 31 -10.50 -7.83 -1.07
C TRP B 31 -10.10 -8.49 -2.40
N ALA B 32 -8.82 -8.65 -2.63
CA ALA B 32 -8.38 -9.29 -3.90
C ALA B 32 -9.00 -10.68 -4.03
N ASP B 33 -9.32 -11.29 -2.93
CA ASP B 33 -9.94 -12.65 -2.98
C ASP B 33 -11.43 -12.53 -3.34
N ARG B 34 -12.15 -11.70 -2.65
CA ARG B 34 -13.61 -11.56 -2.95
C ARG B 34 -13.79 -11.18 -4.42
N ALA B 35 -12.93 -10.34 -4.94
CA ALA B 35 -13.05 -9.93 -6.37
C ALA B 35 -12.65 -11.10 -7.27
N LEU B 36 -11.68 -11.86 -6.87
CA LEU B 36 -11.24 -13.02 -7.71
C LEU B 36 -12.42 -13.94 -7.97
N ARG B 37 -13.23 -14.18 -6.97
CA ARG B 37 -14.40 -15.08 -7.16
C ARG B 37 -15.63 -14.28 -7.59
N SER B 38 -15.44 -13.29 -8.43
CA SER B 38 -16.60 -12.47 -8.89
C SER B 38 -16.22 -11.67 -10.14
N GLY B 39 -15.30 -12.18 -10.91
CA GLY B 39 -14.90 -11.45 -12.15
C GLY B 39 -14.00 -10.26 -11.78
N HIS B 40 -12.84 -10.53 -11.25
CA HIS B 40 -11.93 -9.42 -10.86
C HIS B 40 -11.41 -8.70 -12.11
N GLN B 41 -10.66 -7.65 -11.94
CA GLN B 41 -10.11 -6.91 -13.11
C GLN B 41 -9.05 -5.91 -12.64
N ASN B 42 -9.47 -4.83 -12.04
CA ASN B 42 -8.48 -3.81 -11.56
C ASN B 42 -7.99 -4.19 -10.16
N LEU B 43 -7.35 -5.31 -10.03
CA LEU B 43 -6.84 -5.72 -8.68
C LEU B 43 -5.69 -4.82 -8.24
N LEU B 44 -4.65 -4.74 -9.03
CA LEU B 44 -3.50 -3.88 -8.66
C LEU B 44 -3.71 -2.45 -9.16
N SER B 45 -4.48 -2.28 -10.20
CA SER B 45 -4.71 -0.91 -10.75
C SER B 45 -5.47 -0.05 -9.74
N GLU B 46 -6.12 -0.66 -8.78
CA GLU B 46 -6.88 0.14 -7.77
C GLU B 46 -5.96 0.57 -6.62
N ALA B 47 -5.22 -0.35 -6.06
CA ALA B 47 -4.31 0.01 -4.94
C ALA B 47 -3.05 0.71 -5.47
N GLN B 48 -2.70 0.45 -6.70
CA GLN B 48 -1.49 1.09 -7.29
C GLN B 48 -1.52 2.62 -7.07
N PRO B 49 -2.58 3.24 -7.52
CA PRO B 49 -2.71 4.72 -7.38
C PRO B 49 -2.89 5.09 -5.90
N GLU B 50 -3.26 4.16 -5.08
CA GLU B 50 -3.44 4.47 -3.63
C GLU B 50 -2.06 4.64 -2.98
N LEU B 51 -1.13 3.80 -3.33
CA LEU B 51 0.24 3.92 -2.75
C LEU B 51 0.95 5.14 -3.35
N GLU B 52 0.80 5.36 -4.62
CA GLU B 52 1.45 6.53 -5.26
C GLU B 52 0.80 7.83 -4.78
N ARG B 53 -0.49 7.82 -4.55
CA ARG B 53 -1.17 9.05 -4.07
C ARG B 53 -0.65 9.47 -2.70
N THR B 54 -0.69 8.57 -1.74
CA THR B 54 -0.20 8.92 -0.38
C THR B 54 1.23 9.44 -0.44
N LEU B 55 2.14 8.66 -0.97
CA LEU B 55 3.56 9.11 -1.05
C LEU B 55 3.66 10.42 -1.85
N LEU B 56 3.04 10.47 -3.00
CA LEU B 56 3.11 11.71 -3.83
C LEU B 56 2.75 12.94 -2.98
N THR B 57 1.60 12.95 -2.39
CA THR B 57 1.20 14.12 -1.56
C THR B 57 2.22 14.34 -0.43
N THR B 58 2.73 13.28 0.13
CA THR B 58 3.72 13.43 1.23
C THR B 58 4.97 14.16 0.71
N ALA B 59 5.75 13.52 -0.11
CA ALA B 59 6.98 14.19 -0.64
C ALA B 59 6.61 15.53 -1.26
N LEU B 60 5.48 15.62 -1.92
CA LEU B 60 5.07 16.92 -2.51
C LEU B 60 4.91 17.95 -1.40
N ARG B 61 4.39 17.55 -0.26
CA ARG B 61 4.22 18.51 0.86
C ARG B 61 5.55 19.24 1.10
N HIS B 62 6.63 18.52 1.04
CA HIS B 62 7.96 19.18 1.23
C HIS B 62 8.11 20.28 0.18
N THR B 63 7.51 20.08 -0.96
CA THR B 63 7.57 21.10 -2.05
C THR B 63 6.15 21.42 -2.50
N GLN B 64 5.28 21.71 -1.57
CA GLN B 64 3.86 22.03 -1.91
C GLN B 64 3.74 22.88 -3.18
N GLY B 65 3.06 22.37 -4.17
CA GLY B 65 2.91 23.14 -5.44
C GLY B 65 3.95 22.68 -6.46
N HIS B 66 5.19 22.61 -6.04
CA HIS B 66 6.26 22.16 -6.99
C HIS B 66 6.16 20.65 -7.21
N LYS B 67 5.20 20.21 -7.97
CA LYS B 67 5.07 18.75 -8.23
C LYS B 67 6.34 18.20 -8.89
N GLN B 68 7.11 19.06 -9.51
CA GLN B 68 8.36 18.60 -10.19
C GLN B 68 9.40 18.20 -9.14
N GLU B 69 9.59 19.00 -8.14
CA GLU B 69 10.59 18.66 -7.08
C GLU B 69 10.32 17.25 -6.54
N ALA B 70 9.07 16.89 -6.42
CA ALA B 70 8.74 15.53 -5.90
C ALA B 70 9.42 14.46 -6.77
N ALA B 71 9.79 14.81 -7.98
CA ALA B 71 10.45 13.81 -8.87
C ALA B 71 11.71 13.25 -8.20
N ARG B 72 12.73 14.07 -8.03
CA ARG B 72 13.98 13.59 -7.39
C ARG B 72 13.68 13.05 -5.98
N LEU B 73 12.64 13.53 -5.36
CA LEU B 73 12.29 13.05 -3.99
C LEU B 73 11.92 11.57 -4.02
N LEU B 74 11.46 11.08 -5.13
CA LEU B 74 11.08 9.64 -5.20
C LEU B 74 11.90 8.93 -6.29
N GLY B 75 13.07 9.42 -6.58
CA GLY B 75 13.92 8.77 -7.62
C GLY B 75 13.18 8.80 -8.96
N TRP B 76 12.25 9.69 -9.12
CA TRP B 76 11.49 9.78 -10.41
C TRP B 76 11.99 10.97 -11.23
N GLY B 77 11.35 11.25 -12.33
CA GLY B 77 11.77 12.40 -13.18
C GLY B 77 10.56 13.27 -13.47
N ALA B 78 10.58 14.02 -14.54
CA ALA B 78 9.42 14.88 -14.88
C ALA B 78 8.44 14.10 -15.76
N ALA B 79 8.93 13.17 -16.52
CA ALA B 79 8.03 12.37 -17.39
C ALA B 79 7.26 11.35 -16.55
N THR B 80 7.95 10.63 -15.70
CA THR B 80 7.26 9.63 -14.83
C THR B 80 6.23 10.33 -13.95
N LEU B 81 6.65 11.29 -13.18
CA LEU B 81 5.71 12.03 -12.29
C LEU B 81 4.47 12.46 -13.09
N THR B 82 4.63 12.70 -14.36
CA THR B 82 3.47 13.12 -15.20
C THR B 82 2.80 11.89 -15.80
N ALA B 83 3.55 10.99 -16.37
CA ALA B 83 2.94 9.77 -16.97
C ALA B 83 2.24 8.95 -15.88
N LYS B 84 2.82 8.88 -14.71
CA LYS B 84 2.18 8.12 -13.60
C LYS B 84 0.81 8.72 -13.27
N LEU B 85 0.67 10.00 -13.45
CA LEU B 85 -0.64 10.66 -13.15
C LEU B 85 -1.75 10.04 -13.99
N LYS B 86 -1.47 9.76 -15.24
CA LYS B 86 -2.51 9.15 -16.12
C LYS B 86 -2.45 7.63 -16.04
N GLU B 87 -1.27 7.06 -16.12
CA GLU B 87 -1.16 5.58 -16.06
C GLU B 87 -1.89 5.02 -14.84
N LEU B 88 -1.48 5.40 -13.65
CA LEU B 88 -2.16 4.90 -12.43
C LEU B 88 -3.66 5.16 -12.52
N GLY B 89 -4.06 6.19 -13.23
CA GLY B 89 -5.51 6.49 -13.36
C GLY B 89 -6.13 5.61 -14.43
N MET B 90 -5.40 5.33 -15.48
CA MET B 90 -5.95 4.48 -16.57
C MET B 90 -7.25 5.07 -17.09
N GLU B 91 -7.41 6.36 -16.98
CA GLU B 91 -8.67 7.01 -17.47
C GLU B 91 -8.71 6.99 -19.00
N MET A 1 7.07 -17.10 57.30
CA MET A 1 8.56 -17.08 57.13
C MET A 1 8.91 -16.72 55.68
N ASP A 2 10.14 -16.94 55.29
CA ASP A 2 10.55 -16.61 53.90
C ASP A 2 11.14 -17.86 53.22
N LEU A 3 10.59 -19.01 53.50
CA LEU A 3 11.11 -20.25 52.87
C LEU A 3 11.04 -20.15 51.34
N PRO A 4 9.85 -19.93 50.83
CA PRO A 4 9.67 -19.82 49.36
C PRO A 4 10.24 -18.49 48.86
N GLY A 5 9.99 -17.42 49.56
CA GLY A 5 10.53 -16.11 49.12
C GLY A 5 9.62 -15.52 48.04
N GLU A 6 8.65 -14.73 48.44
CA GLU A 6 7.72 -14.12 47.44
C GLU A 6 7.20 -12.78 47.95
N LEU A 7 8.06 -11.97 48.51
CA LEU A 7 7.61 -10.65 49.03
C LEU A 7 8.34 -9.52 48.30
N PHE A 8 7.62 -8.54 47.82
CA PHE A 8 8.27 -7.40 47.11
C PHE A 8 9.18 -7.94 45.99
N GLU A 9 8.60 -8.54 44.98
CA GLU A 9 9.42 -9.08 43.87
C GLU A 9 8.57 -9.22 42.60
N ALA A 10 8.00 -8.14 42.13
CA ALA A 10 7.17 -8.20 40.91
C ALA A 10 7.43 -6.99 40.01
N SER A 11 8.37 -7.10 39.11
CA SER A 11 8.68 -5.95 38.21
C SER A 11 9.53 -6.41 37.04
N THR A 12 8.96 -6.55 35.88
CA THR A 12 9.74 -7.01 34.70
C THR A 12 9.86 -5.87 33.68
N PRO A 13 10.81 -4.99 33.90
CA PRO A 13 11.01 -3.84 32.97
C PRO A 13 11.65 -4.33 31.67
N ASP A 14 10.95 -5.12 30.91
CA ASP A 14 11.51 -5.62 29.62
C ASP A 14 10.86 -4.90 28.43
N SER A 15 11.65 -4.47 27.48
CA SER A 15 11.07 -3.76 26.30
C SER A 15 10.40 -4.76 25.35
N PRO A 16 9.35 -4.32 24.71
CA PRO A 16 8.62 -5.20 23.77
C PRO A 16 9.44 -5.41 22.49
N SER A 17 8.99 -6.29 21.63
CA SER A 17 9.74 -6.54 20.36
C SER A 17 9.21 -5.65 19.24
N HIS A 18 8.86 -4.43 19.55
CA HIS A 18 8.33 -3.51 18.50
C HIS A 18 7.17 -4.19 17.76
N LEU A 19 5.98 -4.07 18.28
CA LEU A 19 4.81 -4.69 17.61
C LEU A 19 3.73 -3.65 17.33
N PRO A 20 3.98 -2.80 16.36
CA PRO A 20 3.00 -1.74 16.01
C PRO A 20 1.79 -2.36 15.27
N PRO A 21 0.69 -1.65 15.31
CA PRO A 21 -0.54 -2.14 14.65
C PRO A 21 -0.40 -2.04 13.12
N ASP A 22 -1.46 -2.30 12.40
CA ASP A 22 -1.38 -2.22 10.91
C ASP A 22 -1.68 -0.80 10.44
N SER A 23 -1.05 0.17 11.02
CA SER A 23 -1.29 1.59 10.60
C SER A 23 -0.45 1.91 9.36
N TRP A 24 -0.61 1.15 8.31
CA TRP A 24 0.19 1.41 7.07
C TRP A 24 0.17 2.89 6.70
N ALA A 25 -0.95 3.41 6.28
CA ALA A 25 -1.02 4.85 5.90
C ALA A 25 -0.36 5.72 6.96
N THR A 26 -0.63 5.47 8.22
CA THR A 26 0.02 6.29 9.28
C THR A 26 1.53 6.11 9.20
N LEU A 27 1.98 4.90 9.02
CA LEU A 27 3.45 4.64 8.89
C LEU A 27 3.95 5.21 7.56
N LEU A 28 3.07 5.40 6.63
CA LEU A 28 3.45 5.94 5.29
C LEU A 28 3.55 7.46 5.33
N ALA A 29 2.59 8.12 5.91
CA ALA A 29 2.64 9.61 5.97
C ALA A 29 3.70 10.05 6.99
N GLN A 30 4.00 9.20 7.94
CA GLN A 30 5.02 9.56 8.97
C GLN A 30 6.41 9.14 8.51
N TRP A 31 6.51 8.05 7.79
CA TRP A 31 7.85 7.59 7.32
C TRP A 31 8.41 8.57 6.28
N ALA A 32 7.60 8.99 5.34
CA ALA A 32 8.10 9.95 4.32
C ALA A 32 8.68 11.19 4.99
N ASP A 33 8.18 11.52 6.16
CA ASP A 33 8.70 12.72 6.88
C ASP A 33 10.04 12.40 7.55
N ARG A 34 10.08 11.37 8.34
CA ARG A 34 11.37 11.01 9.02
C ARG A 34 12.47 10.81 7.99
N ALA A 35 12.13 10.30 6.83
CA ALA A 35 13.16 10.09 5.77
C ALA A 35 13.50 11.42 5.09
N LEU A 36 12.53 12.29 4.95
CA LEU A 36 12.80 13.60 4.29
C LEU A 36 13.92 14.34 5.04
N ARG A 37 13.84 14.38 6.34
CA ARG A 37 14.90 15.09 7.12
C ARG A 37 16.13 14.19 7.26
N SER A 38 15.97 12.91 7.10
CA SER A 38 17.14 11.99 7.23
C SER A 38 17.65 11.58 5.85
N GLY A 39 17.87 12.53 4.98
CA GLY A 39 18.36 12.19 3.61
C GLY A 39 17.43 11.17 2.96
N HIS A 40 16.36 11.62 2.35
CA HIS A 40 15.41 10.67 1.70
C HIS A 40 15.99 10.16 0.38
N GLN A 41 15.56 9.00 -0.05
CA GLN A 41 16.08 8.44 -1.32
C GLN A 41 15.08 7.44 -1.91
N ASN A 42 15.03 6.26 -1.36
CA ASN A 42 14.07 5.25 -1.87
C ASN A 42 12.73 5.34 -1.13
N LEU A 43 11.96 6.35 -1.42
CA LEU A 43 10.65 6.51 -0.73
C LEU A 43 9.58 5.64 -1.41
N LEU A 44 9.25 5.96 -2.63
CA LEU A 44 8.20 5.15 -3.34
C LEU A 44 8.77 3.78 -3.75
N SER A 45 10.05 3.69 -3.93
CA SER A 45 10.65 2.39 -4.33
C SER A 45 10.64 1.40 -3.16
N GLU A 46 10.46 1.88 -1.96
CA GLU A 46 10.44 0.96 -0.79
C GLU A 46 9.05 0.32 -0.65
N ALA A 47 8.02 1.11 -0.60
CA ALA A 47 6.64 0.54 -0.45
C ALA A 47 6.13 0.04 -1.80
N GLN A 48 6.76 0.43 -2.88
CA GLN A 48 6.31 -0.03 -4.22
C GLN A 48 6.12 -1.55 -4.26
N PRO A 49 7.17 -2.27 -3.93
CA PRO A 49 7.09 -3.75 -3.94
C PRO A 49 6.19 -4.25 -2.81
N GLU A 50 6.00 -3.46 -1.79
CA GLU A 50 5.13 -3.91 -0.67
C GLU A 50 3.68 -4.07 -1.16
N LEU A 51 3.23 -3.15 -1.97
CA LEU A 51 1.84 -3.25 -2.50
C LEU A 51 1.77 -4.34 -3.59
N GLU A 52 2.76 -4.39 -4.44
CA GLU A 52 2.76 -5.42 -5.52
C GLU A 52 2.85 -6.83 -4.91
N ARG A 53 3.58 -6.97 -3.84
CA ARG A 53 3.72 -8.31 -3.21
C ARG A 53 2.38 -8.75 -2.59
N THR A 54 1.76 -7.89 -1.82
CA THR A 54 0.46 -8.25 -1.19
C THR A 54 -0.53 -8.73 -2.25
N LEU A 55 -0.44 -8.23 -3.44
CA LEU A 55 -1.38 -8.66 -4.52
C LEU A 55 -0.82 -9.87 -5.28
N LEU A 56 0.33 -9.71 -5.89
CA LEU A 56 0.91 -10.85 -6.65
C LEU A 56 0.99 -12.11 -5.77
N THR A 57 1.42 -11.97 -4.56
CA THR A 57 1.51 -13.16 -3.66
C THR A 57 0.12 -13.74 -3.40
N THR A 58 -0.81 -12.93 -3.00
CA THR A 58 -2.18 -13.43 -2.75
C THR A 58 -2.78 -14.04 -4.02
N ALA A 59 -2.88 -13.26 -5.07
CA ALA A 59 -3.46 -13.79 -6.33
C ALA A 59 -2.67 -15.04 -6.77
N LEU A 60 -1.39 -15.06 -6.55
CA LEU A 60 -0.59 -16.26 -6.96
C LEU A 60 -1.09 -17.48 -6.19
N ARG A 61 -1.43 -17.32 -4.94
CA ARG A 61 -1.93 -18.48 -4.15
C ARG A 61 -3.05 -19.17 -4.92
N HIS A 62 -3.87 -18.40 -5.60
CA HIS A 62 -4.96 -19.01 -6.40
C HIS A 62 -4.32 -19.88 -7.48
N THR A 63 -3.18 -19.49 -7.96
CA THR A 63 -2.45 -20.29 -8.99
C THR A 63 -1.03 -20.57 -8.49
N GLN A 64 -0.91 -21.02 -7.27
CA GLN A 64 0.43 -21.30 -6.67
C GLN A 64 1.36 -21.99 -7.66
N GLY A 65 2.52 -21.45 -7.88
CA GLY A 65 3.48 -22.07 -8.82
C GLY A 65 3.23 -21.55 -10.24
N HIS A 66 2.00 -21.51 -10.66
CA HIS A 66 1.70 -21.01 -12.03
C HIS A 66 2.34 -19.64 -12.25
N LYS A 67 2.06 -18.69 -11.40
CA LYS A 67 2.63 -17.32 -11.53
C LYS A 67 2.10 -16.63 -12.80
N GLN A 68 2.37 -17.19 -13.95
CA GLN A 68 1.88 -16.57 -15.21
C GLN A 68 0.36 -16.35 -15.12
N GLU A 69 -0.35 -17.28 -14.54
CA GLU A 69 -1.83 -17.11 -14.42
C GLU A 69 -2.15 -15.78 -13.76
N ALA A 70 -1.34 -15.36 -12.83
CA ALA A 70 -1.59 -14.05 -12.14
C ALA A 70 -1.65 -12.93 -13.18
N ALA A 71 -1.07 -13.13 -14.33
CA ALA A 71 -1.09 -12.07 -15.37
C ALA A 71 -2.54 -11.68 -15.68
N ARG A 72 -3.33 -12.60 -16.15
CA ARG A 72 -4.75 -12.28 -16.47
C ARG A 72 -5.54 -12.02 -15.18
N LEU A 73 -5.19 -12.70 -14.11
CA LEU A 73 -5.92 -12.48 -12.83
C LEU A 73 -5.71 -11.06 -12.32
N LEU A 74 -4.63 -10.42 -12.73
CA LEU A 74 -4.37 -9.03 -12.28
C LEU A 74 -4.51 -8.04 -13.43
N GLY A 75 -5.04 -8.48 -14.55
CA GLY A 75 -5.19 -7.55 -15.71
C GLY A 75 -3.82 -6.98 -16.08
N TRP A 76 -2.82 -7.80 -16.06
CA TRP A 76 -1.45 -7.32 -16.40
C TRP A 76 -0.96 -7.97 -17.70
N GLY A 77 -0.55 -9.19 -17.64
CA GLY A 77 -0.05 -9.88 -18.86
C GLY A 77 1.29 -10.56 -18.55
N ALA A 78 2.01 -10.98 -19.55
CA ALA A 78 3.32 -11.64 -19.30
C ALA A 78 4.44 -10.60 -19.29
N ALA A 79 4.25 -9.51 -19.98
CA ALA A 79 5.31 -8.45 -20.01
C ALA A 79 5.33 -7.71 -18.68
N THR A 80 4.19 -7.30 -18.19
CA THR A 80 4.15 -6.57 -16.89
C THR A 80 4.60 -7.48 -15.76
N LEU A 81 4.02 -8.65 -15.65
CA LEU A 81 4.42 -9.59 -14.57
C LEU A 81 5.94 -9.80 -14.60
N THR A 82 6.53 -9.73 -15.76
CA THR A 82 8.00 -9.93 -15.85
C THR A 82 8.73 -8.59 -15.68
N ALA A 83 8.32 -7.58 -16.42
CA ALA A 83 8.99 -6.25 -16.29
C ALA A 83 8.82 -5.70 -14.87
N LYS A 84 7.70 -5.97 -14.25
CA LYS A 84 7.48 -5.45 -12.86
C LYS A 84 8.34 -6.24 -11.87
N LEU A 85 8.76 -7.42 -12.24
CA LEU A 85 9.61 -8.23 -11.31
C LEU A 85 10.98 -7.58 -11.13
N LYS A 86 11.56 -7.10 -12.19
CA LYS A 86 12.90 -6.45 -12.08
C LYS A 86 12.74 -4.97 -11.75
N GLU A 87 11.62 -4.39 -12.09
CA GLU A 87 11.40 -2.95 -11.79
C GLU A 87 11.51 -2.69 -10.30
N LEU A 88 10.73 -3.36 -9.50
CA LEU A 88 10.80 -3.15 -8.03
C LEU A 88 12.23 -3.32 -7.54
N GLY A 89 12.96 -4.26 -8.09
CA GLY A 89 14.37 -4.46 -7.65
C GLY A 89 15.23 -3.28 -8.11
N MET A 90 14.85 -2.64 -9.18
CA MET A 90 15.64 -1.48 -9.68
C MET A 90 17.09 -1.89 -9.91
N GLU A 91 17.31 -3.13 -10.24
CA GLU A 91 18.70 -3.61 -10.49
C GLU A 91 18.99 -3.66 -11.98
N MET B 1 -45.58 10.14 38.02
CA MET B 1 -46.53 10.21 36.87
C MET B 1 -45.76 10.06 35.55
N ASP B 2 -46.39 10.39 34.44
CA ASP B 2 -45.71 10.25 33.13
C ASP B 2 -45.72 11.60 32.40
N LEU B 3 -45.58 12.68 33.12
CA LEU B 3 -45.59 14.02 32.46
C LEU B 3 -44.47 14.11 31.41
N PRO B 4 -43.25 13.90 31.85
CA PRO B 4 -42.10 13.96 30.92
C PRO B 4 -42.09 12.74 29.99
N GLY B 5 -42.34 11.58 30.53
CA GLY B 5 -42.36 10.36 29.68
C GLY B 5 -40.93 9.86 29.47
N GLU B 6 -40.46 8.98 30.32
CA GLU B 6 -39.08 8.46 30.18
C GLU B 6 -38.99 7.04 30.74
N LEU B 7 -39.95 6.20 30.44
CA LEU B 7 -39.92 4.81 30.96
C LEU B 7 -39.88 3.81 29.79
N PHE B 8 -38.98 2.87 29.83
CA PHE B 8 -38.89 1.87 28.72
C PHE B 8 -38.81 2.58 27.37
N GLU B 9 -37.73 3.27 27.13
CA GLU B 9 -37.58 3.99 25.83
C GLU B 9 -36.09 4.24 25.54
N ALA B 10 -35.31 3.21 25.46
CA ALA B 10 -33.86 3.39 25.18
C ALA B 10 -33.37 2.31 24.21
N SER B 11 -33.43 2.56 22.93
CA SER B 11 -32.97 1.55 21.94
C SER B 11 -32.81 2.21 20.57
N THR B 12 -31.59 2.45 20.16
CA THR B 12 -31.36 3.09 18.83
C THR B 12 -30.68 2.10 17.88
N PRO B 13 -31.47 1.25 17.27
CA PRO B 13 -30.92 0.24 16.33
C PRO B 13 -30.50 0.92 15.02
N ASP B 14 -29.51 1.76 15.06
CA ASP B 14 -29.06 2.45 13.82
C ASP B 14 -27.74 1.84 13.34
N SER B 15 -27.62 1.58 12.06
CA SER B 15 -26.35 1.00 11.53
C SER B 15 -25.27 2.07 11.44
N PRO B 16 -24.04 1.66 11.66
CA PRO B 16 -22.90 2.62 11.60
C PRO B 16 -22.63 3.03 10.15
N SER B 17 -21.75 3.98 9.96
CA SER B 17 -21.43 4.43 8.57
C SER B 17 -20.22 3.66 8.03
N HIS B 18 -20.13 2.40 8.34
CA HIS B 18 -18.97 1.59 7.84
C HIS B 18 -17.66 2.29 8.20
N LEU B 19 -17.16 2.05 9.38
CA LEU B 19 -15.87 2.70 9.79
C LEU B 19 -14.84 1.64 10.21
N PRO B 20 -14.32 0.94 9.24
CA PRO B 20 -13.31 -0.12 9.54
C PRO B 20 -11.97 0.52 9.92
N PRO B 21 -11.16 -0.24 10.63
CA PRO B 21 -9.84 0.27 11.06
C PRO B 21 -8.88 0.37 9.87
N ASP B 22 -7.63 0.66 10.12
CA ASP B 22 -6.65 0.78 9.00
C ASP B 22 -6.04 -0.59 8.69
N SER B 23 -6.85 -1.60 8.55
CA SER B 23 -6.31 -2.96 8.24
C SER B 23 -6.05 -3.08 6.74
N TRP B 24 -5.25 -2.21 6.20
CA TRP B 24 -4.96 -2.27 4.73
C TRP B 24 -4.61 -3.68 4.30
N ALA B 25 -3.48 -4.20 4.71
CA ALA B 25 -3.09 -5.59 4.30
C ALA B 25 -4.26 -6.55 4.49
N THR B 26 -4.95 -6.47 5.59
CA THR B 26 -6.10 -7.39 5.81
C THR B 26 -7.16 -7.13 4.72
N LEU B 27 -7.41 -5.88 4.44
CA LEU B 27 -8.40 -5.53 3.37
C LEU B 27 -7.81 -5.91 1.99
N LEU B 28 -6.51 -6.03 1.93
CA LEU B 28 -5.85 -6.37 0.63
C LEU B 28 -5.86 -7.88 0.40
N ALA B 29 -5.53 -8.65 1.41
CA ALA B 29 -5.54 -10.13 1.23
C ALA B 29 -6.98 -10.64 1.17
N GLN B 30 -7.90 -9.91 1.74
CA GLN B 30 -9.32 -10.34 1.73
C GLN B 30 -10.04 -9.79 0.48
N TRP B 31 -9.67 -8.62 0.04
CA TRP B 31 -10.32 -8.03 -1.16
C TRP B 31 -9.97 -8.85 -2.41
N ALA B 32 -8.72 -9.19 -2.57
CA ALA B 32 -8.32 -9.98 -3.78
C ALA B 32 -9.13 -11.28 -3.84
N ASP B 33 -9.57 -11.77 -2.71
CA ASP B 33 -10.38 -13.03 -2.71
C ASP B 33 -11.82 -12.73 -3.12
N ARG B 34 -12.46 -11.80 -2.45
CA ARG B 34 -13.87 -11.47 -2.81
C ARG B 34 -13.96 -11.09 -4.29
N ALA B 35 -12.93 -10.47 -4.81
CA ALA B 35 -12.96 -10.07 -6.25
C ALA B 35 -12.67 -11.28 -7.13
N LEU B 36 -11.83 -12.17 -6.68
CA LEU B 36 -11.50 -13.37 -7.50
C LEU B 36 -12.78 -14.15 -7.83
N ARG B 37 -13.63 -14.35 -6.85
CA ARG B 37 -14.89 -15.09 -7.12
C ARG B 37 -15.92 -14.17 -7.76
N SER B 38 -15.77 -12.88 -7.59
CA SER B 38 -16.75 -11.92 -8.20
C SER B 38 -16.17 -11.32 -9.48
N GLY B 39 -15.68 -12.14 -10.38
CA GLY B 39 -15.11 -11.61 -11.65
C GLY B 39 -14.04 -10.57 -11.33
N HIS B 40 -12.83 -10.99 -11.09
CA HIS B 40 -11.74 -10.03 -10.77
C HIS B 40 -11.28 -9.32 -12.05
N GLN B 41 -10.71 -8.14 -11.91
CA GLN B 41 -10.24 -7.40 -13.12
C GLN B 41 -9.16 -6.39 -12.71
N ASN B 42 -9.57 -5.28 -12.15
CA ASN B 42 -8.58 -4.25 -11.73
C ASN B 42 -8.12 -4.52 -10.29
N LEU B 43 -7.31 -5.52 -10.08
CA LEU B 43 -6.84 -5.82 -8.70
C LEU B 43 -5.64 -4.94 -8.34
N LEU B 44 -4.54 -5.11 -9.00
CA LEU B 44 -3.34 -4.28 -8.70
C LEU B 44 -3.53 -2.85 -9.20
N SER B 45 -4.33 -2.66 -10.21
CA SER B 45 -4.55 -1.30 -10.75
C SER B 45 -5.40 -0.46 -9.78
N GLU B 46 -6.09 -1.09 -8.86
CA GLU B 46 -6.92 -0.33 -7.90
C GLU B 46 -6.05 0.22 -6.76
N ALA B 47 -5.31 -0.63 -6.10
CA ALA B 47 -4.44 -0.14 -4.99
C ALA B 47 -3.16 0.50 -5.53
N GLN B 48 -2.86 0.27 -6.78
CA GLN B 48 -1.62 0.87 -7.36
C GLN B 48 -1.54 2.37 -7.07
N PRO B 49 -2.56 3.10 -7.46
CA PRO B 49 -2.57 4.57 -7.24
C PRO B 49 -2.73 4.88 -5.75
N GLU B 50 -3.26 3.96 -4.99
CA GLU B 50 -3.42 4.21 -3.54
C GLU B 50 -2.05 4.36 -2.88
N LEU B 51 -1.12 3.53 -3.25
CA LEU B 51 0.25 3.62 -2.66
C LEU B 51 0.99 4.83 -3.25
N GLU B 52 0.86 5.05 -4.52
CA GLU B 52 1.56 6.21 -5.16
C GLU B 52 1.00 7.52 -4.63
N ARG B 53 -0.28 7.56 -4.34
CA ARG B 53 -0.88 8.82 -3.81
C ARG B 53 -0.36 9.10 -2.40
N THR B 54 -0.41 8.13 -1.53
CA THR B 54 0.08 8.35 -0.14
C THR B 54 1.50 8.92 -0.15
N LEU B 55 2.29 8.57 -1.13
CA LEU B 55 3.69 9.08 -1.19
C LEU B 55 3.74 10.39 -1.96
N LEU B 56 3.35 10.38 -3.21
CA LEU B 56 3.39 11.63 -4.02
C LEU B 56 2.67 12.77 -3.29
N THR B 57 1.52 12.50 -2.74
CA THR B 57 0.78 13.58 -2.02
C THR B 57 1.58 14.05 -0.79
N THR B 58 2.01 13.14 0.03
CA THR B 58 2.80 13.54 1.23
C THR B 58 4.08 14.27 0.81
N ALA B 59 4.92 13.63 0.04
CA ALA B 59 6.17 14.29 -0.40
C ALA B 59 5.85 15.62 -1.10
N LEU B 60 4.77 15.67 -1.83
CA LEU B 60 4.42 16.94 -2.51
C LEU B 60 4.18 18.04 -1.48
N ARG B 61 3.57 17.70 -0.37
CA ARG B 61 3.33 18.73 0.69
C ARG B 61 4.64 19.46 0.99
N HIS B 62 5.72 18.73 0.99
CA HIS B 62 7.04 19.38 1.23
C HIS B 62 7.29 20.42 0.14
N THR B 63 6.80 20.15 -1.03
CA THR B 63 6.95 21.10 -2.17
C THR B 63 5.58 21.39 -2.76
N GLN B 64 4.61 21.69 -1.92
CA GLN B 64 3.22 21.96 -2.39
C GLN B 64 3.21 22.81 -3.66
N GLY B 65 2.54 22.35 -4.68
CA GLY B 65 2.47 23.13 -5.95
C GLY B 65 3.66 22.78 -6.85
N HIS B 66 4.84 22.75 -6.29
CA HIS B 66 6.03 22.40 -7.13
C HIS B 66 5.79 21.11 -7.90
N LYS B 67 5.45 20.05 -7.21
CA LYS B 67 5.19 18.73 -7.88
C LYS B 67 6.49 18.19 -8.49
N GLN B 68 7.06 18.89 -9.43
CA GLN B 68 8.33 18.41 -10.06
C GLN B 68 9.37 18.10 -8.98
N GLU B 69 9.44 18.92 -7.95
CA GLU B 69 10.43 18.67 -6.87
C GLU B 69 10.26 17.24 -6.34
N ALA B 70 9.06 16.76 -6.30
CA ALA B 70 8.83 15.37 -5.79
C ALA B 70 9.65 14.38 -6.62
N ALA B 71 10.01 14.75 -7.82
CA ALA B 71 10.81 13.83 -8.68
C ALA B 71 12.08 13.39 -7.96
N ARG B 72 12.92 14.33 -7.61
CA ARG B 72 14.18 13.98 -6.90
C ARG B 72 13.88 13.53 -5.47
N LEU B 73 12.86 14.07 -4.88
CA LEU B 73 12.51 13.67 -3.48
C LEU B 73 12.07 12.21 -3.46
N LEU B 74 11.62 11.69 -4.56
CA LEU B 74 11.18 10.27 -4.59
C LEU B 74 12.14 9.42 -5.44
N GLY B 75 13.26 9.97 -5.82
CA GLY B 75 14.22 9.19 -6.65
C GLY B 75 13.52 8.73 -7.93
N TRP B 76 12.73 9.59 -8.52
CA TRP B 76 12.01 9.23 -9.77
C TRP B 76 12.53 10.05 -10.94
N GLY B 77 12.11 11.29 -11.03
CA GLY B 77 12.57 12.15 -12.16
C GLY B 77 11.36 12.84 -12.77
N ALA B 78 11.52 13.42 -13.93
CA ALA B 78 10.36 14.11 -14.58
C ALA B 78 9.60 13.13 -15.47
N ALA B 79 10.27 12.12 -15.98
CA ALA B 79 9.59 11.14 -16.85
C ALA B 79 8.69 10.22 -16.02
N THR B 80 9.19 9.71 -14.94
CA THR B 80 8.36 8.82 -14.07
C THR B 80 7.20 9.62 -13.46
N LEU B 81 7.49 10.73 -12.84
CA LEU B 81 6.40 11.54 -12.24
C LEU B 81 5.31 11.84 -13.27
N THR B 82 5.69 11.93 -14.52
CA THR B 82 4.69 12.21 -15.58
C THR B 82 4.12 10.90 -16.13
N ALA B 83 4.97 9.98 -16.49
CA ALA B 83 4.48 8.67 -17.03
C ALA B 83 3.65 7.94 -15.97
N LYS B 84 4.00 8.08 -14.73
CA LYS B 84 3.23 7.39 -13.65
C LYS B 84 1.88 8.08 -13.44
N LEU B 85 1.77 9.32 -13.84
CA LEU B 85 0.48 10.05 -13.66
C LEU B 85 -0.60 9.45 -14.56
N LYS B 86 -0.26 9.14 -15.79
CA LYS B 86 -1.27 8.55 -16.72
C LYS B 86 -1.30 7.03 -16.55
N GLU B 87 -0.23 6.44 -16.09
CA GLU B 87 -0.20 4.96 -15.92
C GLU B 87 -1.31 4.52 -14.95
N LEU B 88 -1.33 5.06 -13.76
CA LEU B 88 -2.39 4.66 -12.79
C LEU B 88 -3.77 4.84 -13.41
N GLY B 89 -3.96 5.87 -14.19
CA GLY B 89 -5.29 6.09 -14.83
C GLY B 89 -5.54 5.02 -15.89
N MET B 90 -4.48 4.50 -16.47
CA MET B 90 -4.65 3.46 -17.52
C MET B 90 -5.56 3.97 -18.63
N GLU B 91 -5.55 5.25 -18.87
CA GLU B 91 -6.41 5.82 -19.95
C GLU B 91 -5.58 6.08 -21.20
N MET A 1 26.63 -16.19 5.99
CA MET A 1 25.80 -16.13 7.23
C MET A 1 25.30 -17.53 7.59
N ASP A 2 26.04 -18.24 8.40
CA ASP A 2 25.61 -19.61 8.80
C ASP A 2 24.43 -19.54 9.77
N LEU A 3 23.57 -20.50 9.74
CA LEU A 3 22.40 -20.49 10.67
C LEU A 3 22.21 -21.86 11.31
N PRO A 4 22.94 -22.09 12.39
CA PRO A 4 22.83 -23.39 13.10
C PRO A 4 21.51 -23.47 13.87
N GLY A 5 21.22 -24.61 14.44
CA GLY A 5 19.95 -24.75 15.21
C GLY A 5 20.20 -25.60 16.45
N GLU A 6 20.92 -25.07 17.40
CA GLU A 6 21.20 -25.85 18.64
C GLU A 6 20.18 -25.50 19.73
N LEU A 7 20.19 -24.27 20.18
CA LEU A 7 19.22 -23.85 21.23
C LEU A 7 17.78 -24.00 20.72
N PHE A 8 17.18 -25.13 20.94
CA PHE A 8 15.78 -25.33 20.46
C PHE A 8 14.88 -24.20 20.98
N GLU A 9 13.86 -23.86 20.24
CA GLU A 9 12.94 -22.77 20.69
C GLU A 9 11.76 -22.65 19.73
N ALA A 10 10.63 -23.23 20.08
CA ALA A 10 9.44 -23.15 19.19
C ALA A 10 9.80 -23.61 17.78
N SER A 11 10.23 -24.83 17.64
CA SER A 11 10.60 -25.34 16.28
C SER A 11 9.34 -25.51 15.43
N THR A 12 8.89 -24.46 14.80
CA THR A 12 7.67 -24.56 13.95
C THR A 12 7.52 -23.30 13.10
N PRO A 13 6.98 -23.47 11.91
CA PRO A 13 6.78 -22.33 10.99
C PRO A 13 5.64 -21.44 11.49
N ASP A 14 5.48 -20.28 10.92
CA ASP A 14 4.37 -19.37 11.37
C ASP A 14 4.42 -19.17 12.88
N SER A 15 5.30 -18.31 13.34
CA SER A 15 5.40 -18.07 14.81
C SER A 15 5.32 -16.57 15.11
N PRO A 16 4.20 -15.97 14.76
CA PRO A 16 4.02 -14.52 14.99
C PRO A 16 3.79 -14.25 16.49
N SER A 17 3.38 -13.06 16.82
CA SER A 17 3.14 -12.73 18.26
C SER A 17 1.66 -12.88 18.60
N HIS A 18 0.83 -11.98 18.11
CA HIS A 18 -0.63 -12.08 18.40
C HIS A 18 -1.43 -11.31 17.36
N LEU A 19 -1.30 -10.01 17.33
CA LEU A 19 -2.06 -9.21 16.33
C LEU A 19 -1.48 -7.79 16.24
N PRO A 20 -0.51 -7.62 15.37
CA PRO A 20 0.12 -6.29 15.20
C PRO A 20 -0.82 -5.33 14.45
N PRO A 21 -0.63 -4.05 14.69
CA PRO A 21 -1.47 -3.03 14.02
C PRO A 21 -1.08 -2.89 12.55
N ASP A 22 -1.95 -3.27 11.65
CA ASP A 22 -1.62 -3.15 10.20
C ASP A 22 -1.90 -1.72 9.70
N SER A 23 -1.27 -0.75 10.30
CA SER A 23 -1.51 0.66 9.86
C SER A 23 -0.55 1.02 8.72
N TRP A 24 -0.60 0.29 7.64
CA TRP A 24 0.31 0.58 6.49
C TRP A 24 0.36 2.07 6.17
N ALA A 25 -0.71 2.62 5.65
CA ALA A 25 -0.72 4.08 5.31
C ALA A 25 -0.13 4.91 6.46
N THR A 26 -0.56 4.67 7.66
CA THR A 26 0.00 5.46 8.80
C THR A 26 1.52 5.25 8.86
N LEU A 27 1.97 4.06 8.58
CA LEU A 27 3.43 3.80 8.58
C LEU A 27 4.09 4.46 7.37
N LEU A 28 3.37 4.55 6.29
CA LEU A 28 3.93 5.17 5.06
C LEU A 28 3.98 6.70 5.21
N ALA A 29 3.02 7.25 5.90
CA ALA A 29 3.00 8.74 6.09
C ALA A 29 4.16 9.15 6.99
N GLN A 30 4.37 8.45 8.07
CA GLN A 30 5.49 8.80 8.99
C GLN A 30 6.83 8.33 8.40
N TRP A 31 6.83 7.20 7.74
CA TRP A 31 8.09 6.69 7.14
C TRP A 31 8.55 7.63 6.03
N ALA A 32 7.69 7.92 5.09
CA ALA A 32 8.08 8.83 3.97
C ALA A 32 8.63 10.14 4.55
N ASP A 33 8.18 10.52 5.71
CA ASP A 33 8.68 11.78 6.32
C ASP A 33 10.04 11.54 6.98
N ARG A 34 10.12 10.54 7.82
CA ARG A 34 11.42 10.24 8.50
C ARG A 34 12.52 10.07 7.45
N ALA A 35 12.18 9.59 6.28
CA ALA A 35 13.20 9.39 5.22
C ALA A 35 13.48 10.72 4.52
N LEU A 36 12.47 11.54 4.34
CA LEU A 36 12.68 12.85 3.67
C LEU A 36 13.76 13.65 4.40
N ARG A 37 13.75 13.61 5.70
CA ARG A 37 14.78 14.37 6.47
C ARG A 37 16.19 13.95 6.03
N SER A 38 16.36 12.71 5.66
CA SER A 38 17.69 12.23 5.23
C SER A 38 17.87 12.47 3.72
N GLY A 39 16.87 12.18 2.95
CA GLY A 39 16.98 12.39 1.47
C GLY A 39 16.79 11.06 0.76
N HIS A 40 15.87 10.24 1.21
CA HIS A 40 15.64 8.93 0.56
C HIS A 40 15.27 9.13 -0.91
N GLN A 41 16.14 8.78 -1.82
CA GLN A 41 15.83 8.96 -3.27
C GLN A 41 14.84 7.89 -3.73
N ASN A 42 15.06 6.66 -3.35
CA ASN A 42 14.12 5.57 -3.76
C ASN A 42 12.94 5.49 -2.80
N LEU A 43 12.24 6.59 -2.60
CA LEU A 43 11.07 6.57 -1.68
C LEU A 43 10.01 5.58 -2.17
N LEU A 44 9.32 5.93 -3.22
CA LEU A 44 8.27 5.01 -3.76
C LEU A 44 8.91 3.71 -4.24
N SER A 45 10.14 3.75 -4.64
CA SER A 45 10.82 2.52 -5.12
C SER A 45 10.92 1.48 -4.00
N GLU A 46 10.76 1.90 -2.78
CA GLU A 46 10.84 0.93 -1.65
C GLU A 46 9.49 0.26 -1.42
N ALA A 47 8.43 1.03 -1.34
CA ALA A 47 7.09 0.44 -1.11
C ALA A 47 6.51 -0.11 -2.42
N GLN A 48 7.17 0.11 -3.53
CA GLN A 48 6.64 -0.40 -4.82
C GLN A 48 6.45 -1.92 -4.78
N PRO A 49 7.51 -2.63 -4.48
CA PRO A 49 7.41 -4.11 -4.41
C PRO A 49 6.61 -4.55 -3.18
N GLU A 50 6.46 -3.68 -2.22
CA GLU A 50 5.66 -4.06 -1.01
C GLU A 50 4.21 -4.31 -1.41
N LEU A 51 3.59 -3.35 -2.04
CA LEU A 51 2.17 -3.54 -2.47
C LEU A 51 2.09 -4.64 -3.53
N GLU A 52 2.99 -4.61 -4.49
CA GLU A 52 2.97 -5.65 -5.54
C GLU A 52 3.09 -7.05 -4.92
N ARG A 53 3.81 -7.16 -3.84
CA ARG A 53 3.98 -8.49 -3.18
C ARG A 53 2.65 -8.93 -2.55
N THR A 54 1.99 -8.05 -1.85
CA THR A 54 0.70 -8.42 -1.21
C THR A 54 -0.29 -8.93 -2.27
N LEU A 55 -0.48 -8.19 -3.32
CA LEU A 55 -1.43 -8.62 -4.38
C LEU A 55 -0.90 -9.88 -5.08
N LEU A 56 0.32 -9.83 -5.55
CA LEU A 56 0.89 -11.02 -6.24
C LEU A 56 0.74 -12.27 -5.37
N THR A 57 1.03 -12.16 -4.10
CA THR A 57 0.89 -13.35 -3.20
C THR A 57 -0.59 -13.70 -3.02
N THR A 58 -1.42 -12.71 -2.80
CA THR A 58 -2.88 -12.99 -2.63
C THR A 58 -3.44 -13.68 -3.87
N ALA A 59 -3.42 -13.00 -4.99
CA ALA A 59 -3.93 -13.62 -6.24
C ALA A 59 -3.28 -14.97 -6.47
N LEU A 60 -1.99 -15.07 -6.23
CA LEU A 60 -1.30 -16.37 -6.43
C LEU A 60 -1.97 -17.43 -5.56
N ARG A 61 -2.37 -17.07 -4.37
CA ARG A 61 -3.03 -18.07 -3.48
C ARG A 61 -4.16 -18.74 -4.24
N HIS A 62 -4.91 -17.99 -5.00
CA HIS A 62 -6.01 -18.59 -5.80
C HIS A 62 -5.42 -19.67 -6.71
N THR A 63 -4.19 -19.48 -7.10
CA THR A 63 -3.49 -20.48 -7.96
C THR A 63 -2.17 -20.87 -7.30
N GLN A 64 -2.21 -21.23 -6.04
CA GLN A 64 -0.97 -21.60 -5.28
C GLN A 64 0.00 -22.40 -6.16
N GLY A 65 1.22 -21.95 -6.25
CA GLY A 65 2.23 -22.68 -7.07
C GLY A 65 2.18 -22.20 -8.51
N HIS A 66 1.01 -22.13 -9.09
CA HIS A 66 0.90 -21.67 -10.50
C HIS A 66 1.17 -20.16 -10.58
N LYS A 67 2.41 -19.76 -10.48
CA LYS A 67 2.74 -18.31 -10.56
C LYS A 67 2.31 -17.74 -11.91
N GLN A 68 2.14 -18.59 -12.89
CA GLN A 68 1.72 -18.09 -14.24
C GLN A 68 0.26 -17.62 -14.20
N GLU A 69 -0.62 -18.43 -13.68
CA GLU A 69 -2.06 -18.03 -13.62
C GLU A 69 -2.19 -16.63 -13.03
N ALA A 70 -1.41 -16.31 -12.05
CA ALA A 70 -1.49 -14.95 -11.44
C ALA A 70 -1.33 -13.88 -12.53
N ALA A 71 -0.73 -14.24 -13.63
CA ALA A 71 -0.55 -13.25 -14.73
C ALA A 71 -1.90 -12.65 -15.13
N ARG A 72 -2.75 -13.42 -15.74
CA ARG A 72 -4.08 -12.91 -16.16
C ARG A 72 -4.86 -12.41 -14.95
N LEU A 73 -4.64 -13.02 -13.80
CA LEU A 73 -5.38 -12.58 -12.58
C LEU A 73 -5.12 -11.10 -12.30
N LEU A 74 -3.95 -10.62 -12.63
CA LEU A 74 -3.63 -9.19 -12.38
C LEU A 74 -3.48 -8.43 -13.71
N GLY A 75 -3.98 -8.99 -14.78
CA GLY A 75 -3.86 -8.31 -16.10
C GLY A 75 -2.39 -8.00 -16.37
N TRP A 76 -1.52 -8.90 -16.03
CA TRP A 76 -0.06 -8.67 -16.25
C TRP A 76 0.46 -9.55 -17.39
N GLY A 77 0.44 -10.84 -17.22
CA GLY A 77 0.94 -11.75 -18.28
C GLY A 77 2.15 -12.51 -17.73
N ALA A 78 2.89 -13.17 -18.58
CA ALA A 78 4.09 -13.91 -18.09
C ALA A 78 5.33 -13.01 -18.12
N ALA A 79 5.37 -12.11 -19.07
CA ALA A 79 6.55 -11.19 -19.16
C ALA A 79 6.48 -10.16 -18.03
N THR A 80 5.32 -9.65 -17.74
CA THR A 80 5.19 -8.65 -16.64
C THR A 80 5.46 -9.32 -15.30
N LEU A 81 4.79 -10.42 -15.04
CA LEU A 81 5.01 -11.14 -13.75
C LEU A 81 6.51 -11.41 -13.54
N THR A 82 7.22 -11.64 -14.61
CA THR A 82 8.68 -11.90 -14.49
C THR A 82 9.46 -10.58 -14.57
N ALA A 83 9.19 -9.77 -15.55
CA ALA A 83 9.91 -8.48 -15.68
C ALA A 83 9.63 -7.60 -14.46
N LYS A 84 8.43 -7.60 -13.99
CA LYS A 84 8.09 -6.77 -12.80
C LYS A 84 8.82 -7.29 -11.57
N LEU A 85 9.17 -8.55 -11.56
CA LEU A 85 9.88 -9.12 -10.38
C LEU A 85 11.24 -8.43 -10.21
N LYS A 86 11.95 -8.21 -11.28
CA LYS A 86 13.28 -7.53 -11.16
C LYS A 86 13.11 -6.01 -11.28
N GLU A 87 12.23 -5.57 -12.13
CA GLU A 87 12.01 -4.10 -12.29
C GLU A 87 11.63 -3.47 -10.95
N LEU A 88 10.94 -4.20 -10.12
CA LEU A 88 10.53 -3.63 -8.80
C LEU A 88 11.77 -3.27 -7.97
N GLY A 89 12.81 -4.06 -8.07
CA GLY A 89 14.04 -3.75 -7.30
C GLY A 89 15.21 -3.55 -8.26
N MET A 90 14.98 -2.91 -9.38
CA MET A 90 16.08 -2.69 -10.35
C MET A 90 16.78 -1.36 -10.06
N GLU A 91 16.03 -0.37 -9.67
CA GLU A 91 16.66 0.96 -9.37
C GLU A 91 16.81 1.13 -7.85
N MET B 1 -24.14 16.63 -12.15
CA MET B 1 -24.41 16.38 -10.69
C MET B 1 -24.37 17.69 -9.92
N ASP B 2 -25.50 18.33 -9.77
CA ASP B 2 -25.53 19.62 -9.02
C ASP B 2 -25.35 19.36 -7.52
N LEU B 3 -24.75 20.29 -6.81
CA LEU B 3 -24.55 20.09 -5.35
C LEU B 3 -24.93 21.36 -4.58
N PRO B 4 -26.20 21.50 -4.30
CA PRO B 4 -26.69 22.69 -3.56
C PRO B 4 -26.28 22.60 -2.09
N GLY B 5 -26.52 23.65 -1.34
CA GLY B 5 -26.14 23.63 0.11
C GLY B 5 -27.22 24.33 0.93
N GLU B 6 -28.38 23.73 1.03
CA GLU B 6 -29.48 24.36 1.82
C GLU B 6 -29.48 23.82 3.25
N LEU B 7 -29.73 22.55 3.42
CA LEU B 7 -29.75 21.96 4.78
C LEU B 7 -28.37 22.09 5.43
N PHE B 8 -28.13 23.16 6.14
CA PHE B 8 -26.80 23.34 6.79
C PHE B 8 -26.45 22.12 7.64
N GLU B 9 -25.19 21.82 7.78
CA GLU B 9 -24.79 20.64 8.60
C GLU B 9 -23.26 20.58 8.73
N ALA B 10 -22.73 21.05 9.82
CA ALA B 10 -21.24 21.02 10.01
C ALA B 10 -20.55 21.67 8.81
N SER B 11 -20.82 22.93 8.56
CA SER B 11 -20.18 23.61 7.41
C SER B 11 -18.69 23.83 7.69
N THR B 12 -17.88 22.84 7.43
CA THR B 12 -16.42 22.99 7.68
C THR B 12 -15.65 21.83 7.01
N PRO B 13 -14.45 22.12 6.57
CA PRO B 13 -13.62 21.09 5.90
C PRO B 13 -13.09 20.10 6.95
N ASP B 14 -12.53 19.01 6.51
CA ASP B 14 -11.99 18.00 7.47
C ASP B 14 -13.07 17.62 8.49
N SER B 15 -13.97 16.75 8.11
CA SER B 15 -15.05 16.33 9.05
C SER B 15 -15.13 14.81 9.13
N PRO B 16 -14.04 14.20 9.58
CA PRO B 16 -14.00 12.72 9.70
C PRO B 16 -14.85 12.25 10.88
N SER B 17 -14.74 11.01 11.26
CA SER B 17 -15.53 10.50 12.41
C SER B 17 -14.70 10.52 13.69
N HIS B 18 -13.73 9.66 13.80
CA HIS B 18 -12.89 9.65 15.03
C HIS B 18 -11.54 8.97 14.75
N LEU B 19 -11.56 7.70 14.47
CA LEU B 19 -10.27 6.99 14.18
C LEU B 19 -10.55 5.62 13.55
N PRO B 20 -10.65 5.61 12.24
CA PRO B 20 -10.92 4.34 11.51
C PRO B 20 -9.68 3.44 11.51
N PRO B 21 -9.91 2.16 11.39
CA PRO B 21 -8.79 1.19 11.37
C PRO B 21 -8.04 1.25 10.03
N ASP B 22 -6.81 1.69 10.05
CA ASP B 22 -6.04 1.77 8.77
C ASP B 22 -5.43 0.40 8.44
N SER B 23 -6.25 -0.60 8.31
CA SER B 23 -5.71 -1.96 7.97
C SER B 23 -5.60 -2.12 6.46
N TRP B 24 -4.85 -1.27 5.82
CA TRP B 24 -4.69 -1.36 4.33
C TRP B 24 -4.42 -2.80 3.88
N ALA B 25 -3.27 -3.33 4.19
CA ALA B 25 -2.95 -4.74 3.76
C ALA B 25 -4.12 -5.67 4.08
N THR B 26 -4.66 -5.61 5.26
CA THR B 26 -5.81 -6.50 5.59
C THR B 26 -6.95 -6.23 4.60
N LEU B 27 -7.14 -5.00 4.23
CA LEU B 27 -8.22 -4.66 3.27
C LEU B 27 -7.83 -5.13 1.86
N LEU B 28 -6.55 -5.12 1.58
CA LEU B 28 -6.08 -5.56 0.24
C LEU B 28 -6.13 -7.08 0.13
N ALA B 29 -5.89 -7.77 1.21
CA ALA B 29 -5.93 -9.26 1.16
C ALA B 29 -7.38 -9.74 0.95
N GLN B 30 -8.30 -9.16 1.67
CA GLN B 30 -9.73 -9.57 1.50
C GLN B 30 -10.31 -8.96 0.22
N TRP B 31 -9.91 -7.76 -0.11
CA TRP B 31 -10.43 -7.11 -1.34
C TRP B 31 -9.94 -7.88 -2.58
N ALA B 32 -8.66 -8.10 -2.68
CA ALA B 32 -8.12 -8.84 -3.86
C ALA B 32 -8.85 -10.18 -4.00
N ASP B 33 -9.30 -10.72 -2.91
CA ASP B 33 -10.04 -12.03 -2.98
C ASP B 33 -11.48 -11.80 -3.41
N ARG B 34 -12.18 -10.91 -2.75
CA ARG B 34 -13.59 -10.64 -3.13
C ARG B 34 -13.67 -10.27 -4.62
N ALA B 35 -12.63 -9.67 -5.14
CA ALA B 35 -12.65 -9.30 -6.58
C ALA B 35 -12.30 -10.51 -7.44
N LEU B 36 -11.41 -11.35 -6.97
CA LEU B 36 -11.02 -12.55 -7.76
C LEU B 36 -12.26 -13.38 -8.08
N ARG B 37 -13.17 -13.51 -7.15
CA ARG B 37 -14.40 -14.30 -7.40
C ARG B 37 -15.13 -13.76 -8.63
N SER B 38 -15.06 -12.48 -8.86
CA SER B 38 -15.75 -11.88 -10.04
C SER B 38 -14.83 -11.93 -11.27
N GLY B 39 -13.57 -11.59 -11.08
CA GLY B 39 -12.63 -11.61 -12.23
C GLY B 39 -12.06 -10.21 -12.44
N HIS B 40 -11.76 -9.51 -11.38
CA HIS B 40 -11.21 -8.13 -11.53
C HIS B 40 -9.91 -8.17 -12.35
N GLN B 41 -9.93 -7.67 -13.56
CA GLN B 41 -8.71 -7.68 -14.39
C GLN B 41 -7.72 -6.62 -13.90
N ASN B 42 -8.20 -5.43 -13.62
CA ASN B 42 -7.29 -4.35 -13.14
C ASN B 42 -7.11 -4.45 -11.62
N LEU B 43 -6.69 -5.59 -11.13
CA LEU B 43 -6.50 -5.75 -9.66
C LEU B 43 -5.43 -4.75 -9.16
N LEU B 44 -4.19 -5.00 -9.47
CA LEU B 44 -3.11 -4.08 -9.01
C LEU B 44 -3.29 -2.69 -9.64
N SER B 45 -3.91 -2.63 -10.78
CA SER B 45 -4.13 -1.31 -11.45
C SER B 45 -5.02 -0.41 -10.58
N GLU B 46 -5.74 -0.99 -9.66
CA GLU B 46 -6.63 -0.17 -8.79
C GLU B 46 -5.84 0.40 -7.59
N ALA B 47 -5.10 -0.44 -6.91
CA ALA B 47 -4.31 0.05 -5.74
C ALA B 47 -3.02 0.73 -6.21
N GLN B 48 -2.73 0.69 -7.48
CA GLN B 48 -1.47 1.33 -7.97
C GLN B 48 -1.45 2.81 -7.61
N PRO B 49 -2.45 3.54 -8.05
CA PRO B 49 -2.50 5.00 -7.75
C PRO B 49 -2.79 5.23 -6.26
N GLU B 50 -3.31 4.25 -5.58
CA GLU B 50 -3.59 4.43 -4.13
C GLU B 50 -2.28 4.66 -3.37
N LEU B 51 -1.34 3.75 -3.52
CA LEU B 51 -0.04 3.92 -2.81
C LEU B 51 0.70 5.13 -3.38
N GLU B 52 0.71 5.28 -4.67
CA GLU B 52 1.41 6.45 -5.30
C GLU B 52 0.82 7.75 -4.76
N ARG B 53 -0.45 7.76 -4.47
CA ARG B 53 -1.09 9.01 -3.96
C ARG B 53 -0.60 9.30 -2.54
N THR B 54 -0.56 8.31 -1.70
CA THR B 54 -0.10 8.53 -0.29
C THR B 54 1.33 9.12 -0.30
N LEU B 55 2.24 8.50 -1.00
CA LEU B 55 3.63 9.02 -1.05
C LEU B 55 3.66 10.38 -1.76
N LEU B 56 3.11 10.45 -2.95
CA LEU B 56 3.11 11.75 -3.69
C LEU B 56 2.56 12.87 -2.80
N THR B 57 1.48 12.61 -2.11
CA THR B 57 0.90 13.66 -1.23
C THR B 57 1.81 13.92 -0.03
N THR B 58 2.32 12.87 0.57
CA THR B 58 3.22 13.06 1.74
C THR B 58 4.46 13.87 1.32
N ALA B 59 5.25 13.34 0.43
CA ALA B 59 6.47 14.07 -0.02
C ALA B 59 6.07 15.48 -0.48
N LEU B 60 4.98 15.61 -1.19
CA LEU B 60 4.57 16.96 -1.64
C LEU B 60 4.38 17.87 -0.43
N ARG B 61 3.86 17.34 0.66
CA ARG B 61 3.68 18.18 1.87
C ARG B 61 4.98 18.90 2.20
N HIS B 62 6.09 18.20 2.08
CA HIS B 62 7.40 18.84 2.34
C HIS B 62 7.54 20.06 1.42
N THR B 63 6.94 19.98 0.27
CA THR B 63 6.99 21.12 -0.70
C THR B 63 5.56 21.48 -1.10
N GLN B 64 4.70 21.67 -0.13
CA GLN B 64 3.27 22.01 -0.40
C GLN B 64 3.12 22.97 -1.60
N GLY B 65 2.33 22.60 -2.56
CA GLY B 65 2.13 23.47 -3.75
C GLY B 65 3.19 23.16 -4.80
N HIS B 66 4.44 23.11 -4.41
CA HIS B 66 5.52 22.82 -5.39
C HIS B 66 5.46 21.35 -5.83
N LYS B 67 4.52 21.01 -6.66
CA LYS B 67 4.40 19.60 -7.13
C LYS B 67 5.67 19.19 -7.87
N GLN B 68 6.44 20.13 -8.34
CA GLN B 68 7.70 19.79 -9.07
C GLN B 68 8.75 19.25 -8.10
N GLU B 69 8.98 19.94 -7.00
CA GLU B 69 9.99 19.47 -6.02
C GLU B 69 9.75 17.99 -5.68
N ALA B 70 8.52 17.60 -5.57
CA ALA B 70 8.22 16.16 -5.24
C ALA B 70 8.92 15.25 -6.26
N ALA B 71 9.24 15.78 -7.42
CA ALA B 71 9.92 14.94 -8.46
C ALA B 71 11.19 14.32 -7.87
N ARG B 72 12.19 15.13 -7.63
CA ARG B 72 13.47 14.60 -7.06
C ARG B 72 13.21 13.91 -5.72
N LEU B 73 12.23 14.39 -4.99
CA LEU B 73 11.94 13.76 -3.67
C LEU B 73 11.64 12.27 -3.83
N LEU B 74 11.04 11.90 -4.94
CA LEU B 74 10.72 10.46 -5.16
C LEU B 74 11.57 9.89 -6.30
N GLY B 75 12.64 10.56 -6.65
CA GLY B 75 13.50 10.04 -7.76
C GLY B 75 12.64 9.85 -9.00
N TRP B 76 11.73 10.75 -9.25
CA TRP B 76 10.84 10.61 -10.43
C TRP B 76 11.22 11.65 -11.51
N GLY B 77 11.04 12.90 -11.20
CA GLY B 77 11.36 13.97 -12.19
C GLY B 77 10.07 14.71 -12.55
N ALA B 78 10.09 15.51 -13.58
CA ALA B 78 8.86 16.25 -13.96
C ALA B 78 8.04 15.42 -14.95
N ALA B 79 8.70 14.64 -15.77
CA ALA B 79 7.97 13.80 -16.77
C ALA B 79 7.28 12.64 -16.05
N THR B 80 7.95 12.04 -15.10
CA THR B 80 7.33 10.91 -14.35
C THR B 80 6.18 11.41 -13.49
N LEU B 81 6.41 12.44 -12.72
CA LEU B 81 5.34 13.00 -11.86
C LEU B 81 4.10 13.32 -12.71
N THR B 82 4.31 13.71 -13.95
CA THR B 82 3.16 14.04 -14.83
C THR B 82 2.72 12.79 -15.59
N ALA B 83 3.64 12.09 -16.20
CA ALA B 83 3.27 10.86 -16.95
C ALA B 83 2.67 9.83 -16.00
N LYS B 84 3.23 9.69 -14.83
CA LYS B 84 2.68 8.70 -13.85
C LYS B 84 1.27 9.11 -13.42
N LEU B 85 0.96 10.38 -13.50
CA LEU B 85 -0.40 10.84 -13.09
C LEU B 85 -1.47 10.19 -13.98
N LYS B 86 -1.23 10.14 -15.27
CA LYS B 86 -2.23 9.52 -16.19
C LYS B 86 -1.95 8.02 -16.34
N GLU B 87 -0.70 7.65 -16.40
CA GLU B 87 -0.36 6.19 -16.55
C GLU B 87 -0.98 5.39 -15.39
N LEU B 88 -1.09 5.97 -14.24
CA LEU B 88 -1.69 5.23 -13.09
C LEU B 88 -3.13 4.82 -13.40
N GLY B 89 -3.85 5.67 -14.10
CA GLY B 89 -5.26 5.33 -14.43
C GLY B 89 -5.44 5.31 -15.96
N MET B 90 -4.45 4.81 -16.66
CA MET B 90 -4.56 4.76 -18.15
C MET B 90 -5.21 3.44 -18.59
N GLU B 91 -4.89 2.37 -17.92
CA GLU B 91 -5.47 1.06 -18.30
C GLU B 91 -6.63 0.70 -17.35
N MET A 1 26.79 -17.66 -1.17
CA MET A 1 26.74 -18.40 0.12
C MET A 1 27.21 -17.50 1.26
N ASP A 2 27.61 -18.08 2.36
CA ASP A 2 28.09 -17.25 3.52
C ASP A 2 27.04 -16.21 3.88
N LEU A 3 25.79 -16.61 3.97
CA LEU A 3 24.72 -15.65 4.33
C LEU A 3 23.92 -16.16 5.53
N PRO A 4 24.58 -16.32 6.64
CA PRO A 4 23.90 -16.82 7.86
C PRO A 4 22.98 -15.73 8.45
N GLY A 5 21.71 -15.79 8.15
CA GLY A 5 20.77 -14.77 8.68
C GLY A 5 19.77 -15.45 9.61
N GLU A 6 19.48 -14.84 10.73
CA GLU A 6 18.50 -15.45 11.68
C GLU A 6 17.11 -14.87 11.44
N LEU A 7 16.08 -15.67 11.60
CA LEU A 7 14.70 -15.18 11.38
C LEU A 7 13.85 -15.36 12.64
N PHE A 8 14.11 -16.39 13.40
CA PHE A 8 13.31 -16.63 14.63
C PHE A 8 14.16 -16.37 15.87
N GLU A 9 15.40 -16.78 15.86
CA GLU A 9 16.28 -16.56 17.04
C GLU A 9 15.60 -17.10 18.30
N ALA A 10 15.60 -18.40 18.47
CA ALA A 10 14.96 -19.00 19.67
C ALA A 10 13.51 -18.51 19.79
N SER A 11 12.87 -18.77 20.90
CA SER A 11 11.46 -18.31 21.07
C SER A 11 10.61 -18.79 19.89
N THR A 12 10.11 -19.99 19.96
CA THR A 12 9.27 -20.51 18.83
C THR A 12 7.84 -19.96 18.91
N PRO A 13 7.24 -20.06 20.08
CA PRO A 13 5.86 -19.56 20.24
C PRO A 13 5.83 -18.03 20.37
N ASP A 14 6.81 -17.47 21.02
CA ASP A 14 6.84 -15.99 21.18
C ASP A 14 5.54 -15.49 21.79
N SER A 15 5.24 -14.23 21.66
CA SER A 15 3.98 -13.70 22.24
C SER A 15 3.59 -12.37 21.58
N PRO A 16 2.42 -11.89 21.89
CA PRO A 16 1.93 -10.61 21.32
C PRO A 16 2.67 -9.42 21.95
N SER A 17 3.96 -9.35 21.78
CA SER A 17 4.73 -8.22 22.37
C SER A 17 4.66 -7.00 21.45
N HIS A 18 4.87 -7.17 20.18
CA HIS A 18 4.80 -6.02 19.24
C HIS A 18 4.16 -6.44 17.92
N LEU A 19 2.86 -6.33 17.82
CA LEU A 19 2.17 -6.72 16.56
C LEU A 19 2.83 -6.03 15.35
N PRO A 20 2.55 -6.54 14.18
CA PRO A 20 3.12 -5.95 12.94
C PRO A 20 2.50 -4.58 12.66
N PRO A 21 3.09 -3.87 11.72
CA PRO A 21 2.58 -2.53 11.37
C PRO A 21 1.26 -2.63 10.59
N ASP A 22 0.15 -2.64 11.29
CA ASP A 22 -1.16 -2.74 10.60
C ASP A 22 -1.58 -1.37 10.04
N SER A 23 -1.11 -0.31 10.66
CA SER A 23 -1.48 1.04 10.17
C SER A 23 -0.58 1.44 8.99
N TRP A 24 -0.59 0.66 7.94
CA TRP A 24 0.26 0.97 6.76
C TRP A 24 0.15 2.44 6.37
N ALA A 25 -1.00 2.87 5.92
CA ALA A 25 -1.15 4.31 5.52
C ALA A 25 -0.60 5.22 6.61
N THR A 26 -0.90 4.94 7.86
CA THR A 26 -0.37 5.80 8.95
C THR A 26 1.16 5.74 8.95
N LEU A 27 1.69 4.56 8.81
CA LEU A 27 3.17 4.40 8.77
C LEU A 27 3.71 4.99 7.46
N LEU A 28 2.86 5.12 6.48
CA LEU A 28 3.28 5.67 5.16
C LEU A 28 3.28 7.20 5.19
N ALA A 29 2.25 7.79 5.74
CA ALA A 29 2.21 9.28 5.82
C ALA A 29 3.21 9.79 6.85
N GLN A 30 3.55 8.97 7.80
CA GLN A 30 4.53 9.40 8.84
C GLN A 30 5.95 9.04 8.40
N TRP A 31 6.13 7.93 7.74
CA TRP A 31 7.50 7.54 7.29
C TRP A 31 7.99 8.53 6.23
N ALA A 32 7.11 9.04 5.42
CA ALA A 32 7.53 10.00 4.37
C ALA A 32 8.20 11.23 5.01
N ASP A 33 7.67 11.67 6.11
CA ASP A 33 8.27 12.86 6.80
C ASP A 33 9.55 12.44 7.53
N ARG A 34 9.48 11.41 8.33
CA ARG A 34 10.69 10.96 9.06
C ARG A 34 11.82 10.64 8.08
N ALA A 35 11.47 10.28 6.87
CA ALA A 35 12.51 9.96 5.85
C ALA A 35 12.98 11.24 5.14
N LEU A 36 12.12 12.21 5.04
CA LEU A 36 12.51 13.48 4.36
C LEU A 36 13.56 14.22 5.18
N ARG A 37 13.48 14.14 6.48
CA ARG A 37 14.48 14.82 7.35
C ARG A 37 15.89 14.36 6.99
N SER A 38 16.02 13.21 6.39
CA SER A 38 17.36 12.69 6.02
C SER A 38 17.54 12.72 4.51
N GLY A 39 16.47 12.72 3.77
CA GLY A 39 16.57 12.74 2.28
C GLY A 39 16.57 11.32 1.74
N HIS A 40 15.47 10.63 1.82
CA HIS A 40 15.40 9.23 1.30
C HIS A 40 14.97 9.23 -0.16
N GLN A 41 15.89 9.24 -1.08
CA GLN A 41 15.51 9.22 -2.52
C GLN A 41 14.72 7.96 -2.85
N ASN A 42 14.95 6.90 -2.13
CA ASN A 42 14.22 5.62 -2.39
C ASN A 42 12.93 5.57 -1.58
N LEU A 43 12.25 6.68 -1.42
CA LEU A 43 10.99 6.68 -0.64
C LEU A 43 9.94 5.79 -1.29
N LEU A 44 9.39 6.21 -2.40
CA LEU A 44 8.35 5.37 -3.09
C LEU A 44 8.95 4.05 -3.57
N SER A 45 10.23 4.03 -3.84
CA SER A 45 10.87 2.77 -4.32
C SER A 45 10.84 1.70 -3.23
N GLU A 46 10.54 2.06 -2.01
CA GLU A 46 10.49 1.05 -0.91
C GLU A 46 9.10 0.45 -0.78
N ALA A 47 8.08 1.27 -0.72
CA ALA A 47 6.69 0.73 -0.59
C ALA A 47 6.15 0.27 -1.94
N GLN A 48 6.81 0.61 -3.01
CA GLN A 48 6.33 0.19 -4.36
C GLN A 48 6.16 -1.34 -4.43
N PRO A 49 7.23 -2.05 -4.19
CA PRO A 49 7.18 -3.53 -4.24
C PRO A 49 6.34 -4.09 -3.09
N GLU A 50 6.34 -3.44 -1.96
CA GLU A 50 5.52 -3.94 -0.81
C GLU A 50 4.06 -4.11 -1.25
N LEU A 51 3.54 -3.16 -1.99
CA LEU A 51 2.12 -3.27 -2.44
C LEU A 51 2.02 -4.32 -3.55
N GLU A 52 2.82 -4.23 -4.57
CA GLU A 52 2.77 -5.22 -5.68
C GLU A 52 2.86 -6.64 -5.12
N ARG A 53 3.56 -6.82 -4.04
CA ARG A 53 3.69 -8.18 -3.45
C ARG A 53 2.41 -8.57 -2.71
N THR A 54 1.82 -7.64 -2.01
CA THR A 54 0.57 -7.97 -1.25
C THR A 54 -0.49 -8.56 -2.20
N LEU A 55 -0.56 -8.07 -3.41
CA LEU A 55 -1.57 -8.61 -4.37
C LEU A 55 -0.97 -9.78 -5.17
N LEU A 56 0.15 -9.56 -5.80
CA LEU A 56 0.78 -10.65 -6.60
C LEU A 56 0.88 -11.93 -5.77
N THR A 57 1.21 -11.81 -4.51
CA THR A 57 1.33 -13.02 -3.66
C THR A 57 -0.06 -13.63 -3.39
N THR A 58 -0.98 -12.84 -2.91
CA THR A 58 -2.34 -13.38 -2.65
C THR A 58 -2.90 -14.05 -3.90
N ALA A 59 -3.03 -13.32 -4.96
CA ALA A 59 -3.56 -13.91 -6.22
C ALA A 59 -2.74 -15.14 -6.61
N LEU A 60 -1.44 -15.05 -6.51
CA LEU A 60 -0.60 -16.24 -6.87
C LEU A 60 -1.00 -17.42 -5.99
N ARG A 61 -1.29 -17.18 -4.74
CA ARG A 61 -1.70 -18.31 -3.84
C ARG A 61 -2.81 -19.10 -4.51
N HIS A 62 -3.73 -18.44 -5.17
CA HIS A 62 -4.82 -19.16 -5.88
C HIS A 62 -4.20 -20.08 -6.92
N THR A 63 -3.07 -19.69 -7.44
CA THR A 63 -2.37 -20.52 -8.47
C THR A 63 -0.90 -20.66 -8.07
N GLN A 64 -0.64 -21.03 -6.85
CA GLN A 64 0.77 -21.17 -6.35
C GLN A 64 1.68 -21.83 -7.39
N GLY A 65 2.83 -21.27 -7.62
CA GLY A 65 3.77 -21.85 -8.62
C GLY A 65 3.43 -21.34 -10.02
N HIS A 66 2.18 -21.43 -10.42
CA HIS A 66 1.79 -20.95 -11.76
C HIS A 66 1.78 -19.42 -11.81
N LYS A 67 2.93 -18.81 -11.64
CA LYS A 67 2.98 -17.31 -11.67
C LYS A 67 2.30 -16.78 -12.94
N GLN A 68 2.32 -17.53 -14.00
CA GLN A 68 1.66 -17.09 -15.25
C GLN A 68 0.17 -16.87 -15.02
N GLU A 69 -0.50 -17.83 -14.45
CA GLU A 69 -1.96 -17.68 -14.19
C GLU A 69 -2.25 -16.35 -13.49
N ALA A 70 -1.46 -16.00 -12.51
CA ALA A 70 -1.67 -14.71 -11.80
C ALA A 70 -1.81 -13.56 -12.80
N ALA A 71 -1.25 -13.72 -13.97
CA ALA A 71 -1.35 -12.64 -14.98
C ALA A 71 -2.82 -12.26 -15.22
N ARG A 72 -3.59 -13.15 -15.76
CA ARG A 72 -5.03 -12.86 -16.02
C ARG A 72 -5.72 -12.48 -14.71
N LEU A 73 -5.41 -13.16 -13.64
CA LEU A 73 -6.07 -12.83 -12.34
C LEU A 73 -5.88 -11.36 -12.00
N LEU A 74 -4.77 -10.78 -12.40
CA LEU A 74 -4.54 -9.33 -12.09
C LEU A 74 -4.67 -8.49 -13.37
N GLY A 75 -5.21 -9.04 -14.42
CA GLY A 75 -5.36 -8.27 -15.69
C GLY A 75 -4.00 -7.70 -16.10
N TRP A 76 -2.98 -8.52 -16.06
CA TRP A 76 -1.62 -8.03 -16.44
C TRP A 76 -1.13 -8.73 -17.70
N GLY A 77 -0.91 -10.02 -17.62
CA GLY A 77 -0.42 -10.77 -18.82
C GLY A 77 0.90 -11.46 -18.46
N ALA A 78 1.50 -12.13 -19.39
CA ALA A 78 2.80 -12.81 -19.09
C ALA A 78 3.97 -11.85 -19.31
N ALA A 79 3.76 -10.83 -20.10
CA ALA A 79 4.86 -9.85 -20.35
C ALA A 79 4.97 -8.88 -19.18
N THR A 80 3.86 -8.50 -18.60
CA THR A 80 3.89 -7.56 -17.45
C THR A 80 4.32 -8.30 -16.17
N LEU A 81 3.63 -9.34 -15.82
CA LEU A 81 3.99 -10.11 -14.59
C LEU A 81 5.48 -10.48 -14.63
N THR A 82 6.06 -10.55 -15.80
CA THR A 82 7.50 -10.90 -15.90
C THR A 82 8.36 -9.64 -15.85
N ALA A 83 8.09 -8.69 -16.71
CA ALA A 83 8.89 -7.44 -16.70
C ALA A 83 8.74 -6.73 -15.36
N LYS A 84 7.56 -6.76 -14.79
CA LYS A 84 7.35 -6.10 -13.47
C LYS A 84 8.16 -6.82 -12.39
N LEU A 85 8.43 -8.08 -12.56
CA LEU A 85 9.22 -8.83 -11.55
C LEU A 85 10.58 -8.17 -11.36
N LYS A 86 11.21 -7.76 -12.44
CA LYS A 86 12.55 -7.12 -12.32
C LYS A 86 12.40 -5.61 -12.17
N GLU A 87 11.28 -5.07 -12.56
CA GLU A 87 11.07 -3.60 -12.44
C GLU A 87 11.29 -3.15 -10.99
N LEU A 88 10.46 -3.59 -10.08
CA LEU A 88 10.62 -3.19 -8.66
C LEU A 88 12.05 -3.45 -8.19
N GLY A 89 12.71 -4.43 -8.75
CA GLY A 89 14.10 -4.73 -8.34
C GLY A 89 15.05 -3.69 -8.93
N MET A 90 14.90 -3.38 -10.19
CA MET A 90 15.79 -2.37 -10.83
C MET A 90 15.34 -0.96 -10.44
N GLU A 91 14.10 -0.79 -10.10
CA GLU A 91 13.62 0.58 -9.72
C GLU A 91 12.44 0.46 -8.74
N MET B 1 -19.38 19.05 -17.09
CA MET B 1 -20.27 19.62 -16.05
C MET B 1 -21.36 18.61 -15.68
N ASP B 2 -22.44 19.07 -15.10
CA ASP B 2 -23.53 18.13 -14.71
C ASP B 2 -22.98 16.99 -13.85
N LEU B 3 -22.16 17.31 -12.89
CA LEU B 3 -21.59 16.25 -12.01
C LEU B 3 -21.86 16.58 -10.54
N PRO B 4 -23.12 16.63 -10.18
CA PRO B 4 -23.49 16.94 -8.78
C PRO B 4 -23.18 15.75 -7.87
N GLY B 5 -22.06 15.77 -7.20
CA GLY B 5 -21.70 14.65 -6.29
C GLY B 5 -21.64 15.14 -4.85
N GLU B 6 -22.19 14.39 -3.93
CA GLU B 6 -22.17 14.82 -2.50
C GLU B 6 -20.96 14.20 -1.78
N LEU B 7 -20.38 14.92 -0.86
CA LEU B 7 -19.19 14.38 -0.13
C LEU B 7 -19.45 14.37 1.38
N PHE B 8 -20.22 15.30 1.87
CA PHE B 8 -20.51 15.34 3.33
C PHE B 8 -21.97 14.98 3.60
N GLU B 9 -22.87 15.45 2.77
CA GLU B 9 -24.32 15.13 2.99
C GLU B 9 -24.73 15.48 4.42
N ALA B 10 -24.90 16.74 4.70
CA ALA B 10 -25.30 17.15 6.09
C ALA B 10 -24.31 16.57 7.11
N SER B 11 -24.62 16.66 8.37
CA SER B 11 -23.70 16.11 9.41
C SER B 11 -22.29 16.69 9.21
N THR B 12 -22.03 17.84 9.75
CA THR B 12 -20.68 18.46 9.60
C THR B 12 -19.67 17.83 10.57
N PRO B 13 -20.05 17.75 11.83
CA PRO B 13 -19.15 17.16 12.84
C PRO B 13 -19.14 15.63 12.75
N ASP B 14 -20.28 15.04 12.47
CA ASP B 14 -20.33 13.56 12.37
C ASP B 14 -19.78 12.92 13.65
N SER B 15 -19.43 11.67 13.60
CA SER B 15 -18.89 11.01 14.83
C SER B 15 -18.09 9.74 14.44
N PRO B 16 -17.43 9.18 15.42
CA PRO B 16 -16.62 7.95 15.18
C PRO B 16 -17.54 6.73 14.98
N SER B 17 -18.35 6.75 13.95
CA SER B 17 -19.25 5.60 13.70
C SER B 17 -18.51 4.49 12.95
N HIS B 18 -17.79 4.84 11.91
CA HIS B 18 -17.05 3.81 11.14
C HIS B 18 -15.68 4.36 10.70
N LEU B 19 -14.68 4.19 11.51
CA LEU B 19 -13.32 4.70 11.14
C LEU B 19 -12.94 4.20 9.73
N PRO B 20 -11.94 4.83 9.16
CA PRO B 20 -11.47 4.44 7.81
C PRO B 20 -10.76 3.08 7.86
N PRO B 21 -10.51 2.53 6.70
CA PRO B 21 -9.82 1.21 6.63
C PRO B 21 -8.35 1.35 7.00
N ASP B 22 -8.02 1.20 8.26
CA ASP B 22 -6.60 1.33 8.69
C ASP B 22 -5.86 0.02 8.41
N SER B 23 -6.56 -1.08 8.39
CA SER B 23 -5.90 -2.39 8.12
C SER B 23 -5.72 -2.59 6.62
N TRP B 24 -5.03 -1.68 5.97
CA TRP B 24 -4.80 -1.79 4.50
C TRP B 24 -4.38 -3.21 4.12
N ALA B 25 -3.22 -3.64 4.54
CA ALA B 25 -2.77 -5.02 4.18
C ALA B 25 -3.88 -6.05 4.46
N THR B 26 -4.53 -5.93 5.58
CA THR B 26 -5.63 -6.90 5.89
C THR B 26 -6.73 -6.75 4.84
N LEU B 27 -7.09 -5.53 4.52
CA LEU B 27 -8.14 -5.30 3.49
C LEU B 27 -7.58 -5.69 2.11
N LEU B 28 -6.29 -5.74 1.99
CA LEU B 28 -5.66 -6.10 0.69
C LEU B 28 -5.59 -7.63 0.52
N ALA B 29 -5.22 -8.33 1.54
CA ALA B 29 -5.15 -9.82 1.44
C ALA B 29 -6.57 -10.39 1.42
N GLN B 30 -7.51 -9.68 1.97
CA GLN B 30 -8.92 -10.18 1.97
C GLN B 30 -9.65 -9.71 0.73
N TRP B 31 -9.37 -8.51 0.27
CA TRP B 31 -10.06 -8.01 -0.95
C TRP B 31 -9.64 -8.83 -2.17
N ALA B 32 -8.42 -9.27 -2.21
CA ALA B 32 -7.95 -10.08 -3.37
C ALA B 32 -8.82 -11.33 -3.51
N ASP B 33 -9.18 -11.93 -2.42
CA ASP B 33 -10.02 -13.16 -2.49
C ASP B 33 -11.47 -12.78 -2.81
N ARG B 34 -12.02 -11.85 -2.06
CA ARG B 34 -13.42 -11.44 -2.32
C ARG B 34 -13.56 -10.94 -3.76
N ALA B 35 -12.50 -10.45 -4.33
CA ALA B 35 -12.57 -9.95 -5.73
C ALA B 35 -12.35 -11.10 -6.72
N LEU B 36 -11.62 -12.10 -6.32
CA LEU B 36 -11.36 -13.25 -7.24
C LEU B 36 -12.68 -14.03 -7.47
N ARG B 37 -13.50 -14.11 -6.48
CA ARG B 37 -14.79 -14.85 -6.63
C ARG B 37 -15.59 -14.27 -7.80
N SER B 38 -15.31 -13.04 -8.17
CA SER B 38 -16.06 -12.42 -9.30
C SER B 38 -15.13 -12.24 -10.50
N GLY B 39 -13.85 -12.21 -10.28
CA GLY B 39 -12.90 -12.04 -11.42
C GLY B 39 -12.59 -10.56 -11.63
N HIS B 40 -11.89 -9.96 -10.72
CA HIS B 40 -11.56 -8.51 -10.88
C HIS B 40 -10.23 -8.34 -11.61
N GLN B 41 -10.27 -8.18 -12.91
CA GLN B 41 -9.00 -8.02 -13.67
C GLN B 41 -8.27 -6.76 -13.21
N ASN B 42 -8.98 -5.79 -12.71
CA ASN B 42 -8.33 -4.53 -12.24
C ASN B 42 -7.96 -4.64 -10.75
N LEU B 43 -7.53 -5.81 -10.32
CA LEU B 43 -7.16 -5.97 -8.89
C LEU B 43 -5.99 -5.06 -8.52
N LEU B 44 -4.81 -5.36 -8.99
CA LEU B 44 -3.63 -4.51 -8.66
C LEU B 44 -3.79 -3.10 -9.25
N SER B 45 -4.53 -2.98 -10.31
CA SER B 45 -4.72 -1.64 -10.93
C SER B 45 -5.51 -0.71 -10.00
N GLU B 46 -6.12 -1.25 -8.97
CA GLU B 46 -6.90 -0.38 -8.04
C GLU B 46 -6.00 0.13 -6.90
N ALA B 47 -5.27 -0.74 -6.26
CA ALA B 47 -4.38 -0.31 -5.14
C ALA B 47 -3.09 0.29 -5.68
N GLN B 48 -2.81 0.12 -6.94
CA GLN B 48 -1.54 0.68 -7.51
C GLN B 48 -1.45 2.20 -7.25
N PRO B 49 -2.44 2.92 -7.72
CA PRO B 49 -2.44 4.40 -7.54
C PRO B 49 -2.64 4.76 -6.07
N GLU B 50 -3.39 3.97 -5.34
CA GLU B 50 -3.62 4.28 -3.91
C GLU B 50 -2.28 4.43 -3.19
N LEU B 51 -1.35 3.56 -3.47
CA LEU B 51 0.00 3.65 -2.80
C LEU B 51 0.78 4.83 -3.39
N GLU B 52 0.91 4.88 -4.68
CA GLU B 52 1.67 6.00 -5.31
C GLU B 52 1.15 7.35 -4.80
N ARG B 53 -0.11 7.43 -4.48
CA ARG B 53 -0.68 8.72 -3.99
C ARG B 53 -0.29 8.95 -2.53
N THR B 54 -0.30 7.91 -1.73
CA THR B 54 0.07 8.07 -0.29
C THR B 54 1.45 8.73 -0.17
N LEU B 55 2.36 8.38 -1.03
CA LEU B 55 3.72 8.98 -0.96
C LEU B 55 3.79 10.26 -1.80
N LEU B 56 3.43 10.19 -3.04
CA LEU B 56 3.48 11.40 -3.91
C LEU B 56 2.76 12.58 -3.24
N THR B 57 1.67 12.33 -2.58
CA THR B 57 0.92 13.43 -1.90
C THR B 57 1.72 13.92 -0.68
N THR B 58 2.09 13.03 0.19
CA THR B 58 2.86 13.46 1.40
C THR B 58 4.10 14.25 0.98
N ALA B 59 4.97 13.64 0.22
CA ALA B 59 6.19 14.36 -0.23
C ALA B 59 5.81 15.67 -0.92
N LEU B 60 4.80 15.64 -1.77
CA LEU B 60 4.39 16.90 -2.44
C LEU B 60 4.02 17.95 -1.40
N ARG B 61 3.37 17.54 -0.33
CA ARG B 61 3.00 18.52 0.73
C ARG B 61 4.23 19.34 1.13
N HIS B 62 5.37 18.71 1.20
CA HIS B 62 6.61 19.45 1.55
C HIS B 62 6.84 20.53 0.49
N THR B 63 6.40 20.27 -0.71
CA THR B 63 6.56 21.26 -1.81
C THR B 63 5.22 21.42 -2.54
N GLN B 64 4.17 21.66 -1.79
CA GLN B 64 2.81 21.80 -2.40
C GLN B 64 2.84 22.64 -3.68
N GLY B 65 2.20 22.16 -4.71
CA GLY B 65 2.18 22.92 -6.00
C GLY B 65 3.42 22.56 -6.82
N HIS B 66 4.58 22.63 -6.23
CA HIS B 66 5.82 22.31 -6.99
C HIS B 66 5.93 20.79 -7.21
N LYS B 67 5.02 20.22 -7.95
CA LYS B 67 5.07 18.75 -8.20
C LYS B 67 6.46 18.35 -8.68
N GLN B 68 7.15 19.23 -9.36
CA GLN B 68 8.51 18.91 -9.87
C GLN B 68 9.44 18.58 -8.71
N GLU B 69 9.48 19.42 -7.71
CA GLU B 69 10.36 19.17 -6.53
C GLU B 69 10.15 17.75 -6.01
N ALA B 70 8.92 17.33 -5.90
CA ALA B 70 8.64 15.94 -5.40
C ALA B 70 9.49 14.93 -6.16
N ALA B 71 9.89 15.25 -7.36
CA ALA B 71 10.71 14.31 -8.17
C ALA B 71 11.96 13.88 -7.36
N ARG B 72 12.85 14.80 -7.11
CA ARG B 72 14.07 14.46 -6.33
C ARG B 72 13.69 13.89 -4.97
N LEU B 73 12.70 14.44 -4.34
CA LEU B 73 12.28 13.93 -3.00
C LEU B 73 11.99 12.42 -3.07
N LEU B 74 11.49 11.96 -4.19
CA LEU B 74 11.18 10.50 -4.32
C LEU B 74 12.20 9.82 -5.25
N GLY B 75 13.29 10.48 -5.55
CA GLY B 75 14.30 9.86 -6.45
C GLY B 75 13.63 9.42 -7.75
N TRP B 76 12.82 10.27 -8.32
CA TRP B 76 12.14 9.91 -9.59
C TRP B 76 12.63 10.80 -10.74
N GLY B 77 12.35 12.06 -10.68
CA GLY B 77 12.78 12.99 -11.76
C GLY B 77 11.55 13.69 -12.34
N ALA B 78 11.72 14.50 -13.34
CA ALA B 78 10.54 15.21 -13.92
C ALA B 78 9.90 14.34 -15.01
N ALA B 79 10.64 13.42 -15.57
CA ALA B 79 10.08 12.55 -16.63
C ALA B 79 9.23 11.43 -15.98
N THR B 80 9.65 10.94 -14.86
CA THR B 80 8.87 9.86 -14.17
C THR B 80 7.65 10.47 -13.48
N LEU B 81 7.85 11.41 -12.61
CA LEU B 81 6.71 12.04 -11.89
C LEU B 81 5.64 12.49 -12.89
N THR B 82 6.04 12.73 -14.12
CA THR B 82 5.04 13.18 -15.14
C THR B 82 4.46 11.96 -15.86
N ALA B 83 5.28 11.11 -16.41
CA ALA B 83 4.77 9.91 -17.11
C ALA B 83 3.98 9.03 -16.13
N LYS B 84 4.43 8.94 -14.92
CA LYS B 84 3.71 8.10 -13.92
C LYS B 84 2.34 8.71 -13.61
N LEU B 85 2.21 10.00 -13.76
CA LEU B 85 0.90 10.65 -13.49
C LEU B 85 -0.19 10.06 -14.38
N LYS B 86 0.12 9.82 -15.63
CA LYS B 86 -0.90 9.25 -16.55
C LYS B 86 -0.81 7.72 -16.53
N GLU B 87 0.28 7.17 -16.10
CA GLU B 87 0.43 5.69 -16.06
C GLU B 87 -0.71 5.07 -15.24
N LEU B 88 -0.76 5.37 -13.97
CA LEU B 88 -1.84 4.79 -13.10
C LEU B 88 -3.21 5.06 -13.73
N GLY B 89 -3.34 6.14 -14.45
CA GLY B 89 -4.65 6.46 -15.08
C GLY B 89 -4.87 5.54 -16.29
N MET B 90 -3.87 5.39 -17.12
CA MET B 90 -4.04 4.51 -18.32
C MET B 90 -3.90 3.04 -17.92
N GLU B 91 -3.23 2.76 -16.83
CA GLU B 91 -3.07 1.34 -16.40
C GLU B 91 -2.90 1.28 -14.87
N MET A 1 16.94 -24.77 16.81
CA MET A 1 16.60 -24.78 18.26
C MET A 1 17.02 -23.46 18.91
N ASP A 2 16.92 -23.37 20.20
CA ASP A 2 17.32 -22.11 20.90
C ASP A 2 17.50 -22.37 22.40
N LEU A 3 18.21 -23.40 22.75
CA LEU A 3 18.42 -23.71 24.19
C LEU A 3 19.29 -22.63 24.85
N PRO A 4 20.47 -22.42 24.30
CA PRO A 4 21.38 -21.39 24.86
C PRO A 4 20.87 -19.98 24.51
N GLY A 5 19.94 -19.47 25.27
CA GLY A 5 19.42 -18.12 24.99
C GLY A 5 18.34 -18.20 23.89
N GLU A 6 18.40 -17.32 22.93
CA GLU A 6 17.38 -17.36 21.84
C GLU A 6 17.97 -16.79 20.55
N LEU A 7 18.97 -17.44 20.02
CA LEU A 7 19.61 -16.94 18.75
C LEU A 7 19.16 -17.81 17.57
N PHE A 8 18.18 -17.38 16.83
CA PHE A 8 17.71 -18.17 15.67
C PHE A 8 18.30 -17.60 14.37
N GLU A 9 19.59 -17.53 14.28
CA GLU A 9 20.23 -16.99 13.06
C GLU A 9 19.73 -17.73 11.82
N ALA A 10 18.89 -17.10 11.04
CA ALA A 10 18.35 -17.76 9.82
C ALA A 10 18.36 -16.79 8.63
N SER A 11 18.01 -17.26 7.46
CA SER A 11 18.00 -16.35 6.28
C SER A 11 16.78 -15.43 6.32
N THR A 12 15.60 -15.99 6.30
CA THR A 12 14.37 -15.15 6.34
C THR A 12 13.45 -15.60 7.48
N PRO A 13 12.69 -14.67 8.01
CA PRO A 13 11.77 -14.98 9.12
C PRO A 13 10.57 -15.78 8.60
N ASP A 14 10.39 -16.98 9.08
CA ASP A 14 9.23 -17.79 8.60
C ASP A 14 8.34 -18.18 9.78
N SER A 15 8.18 -17.31 10.73
CA SER A 15 7.31 -17.62 11.91
C SER A 15 7.22 -16.40 12.84
N PRO A 16 8.36 -15.96 13.34
CA PRO A 16 8.38 -14.79 14.25
C PRO A 16 8.10 -13.51 13.46
N SER A 17 7.96 -12.40 14.15
CA SER A 17 7.69 -11.11 13.43
C SER A 17 8.44 -9.97 14.11
N HIS A 18 8.58 -8.86 13.45
CA HIS A 18 9.32 -7.71 14.07
C HIS A 18 8.47 -6.43 13.98
N LEU A 19 7.65 -6.18 14.97
CA LEU A 19 6.81 -4.95 14.95
C LEU A 19 6.01 -4.88 13.63
N PRO A 20 4.97 -5.65 13.55
CA PRO A 20 4.12 -5.67 12.32
C PRO A 20 3.25 -4.41 12.26
N PRO A 21 3.54 -3.56 11.30
CA PRO A 21 2.76 -2.30 11.14
C PRO A 21 1.39 -2.61 10.52
N ASP A 22 0.45 -3.05 11.32
CA ASP A 22 -0.90 -3.36 10.77
C ASP A 22 -1.49 -2.12 10.09
N SER A 23 -1.15 -0.96 10.57
CA SER A 23 -1.69 0.29 9.95
C SER A 23 -0.76 0.75 8.83
N TRP A 24 -0.61 -0.06 7.81
CA TRP A 24 0.30 0.29 6.67
C TRP A 24 0.18 1.77 6.29
N ALA A 25 -0.92 2.19 5.73
CA ALA A 25 -1.06 3.62 5.33
C ALA A 25 -0.62 4.55 6.47
N THR A 26 -1.12 4.34 7.65
CA THR A 26 -0.70 5.20 8.79
C THR A 26 0.81 5.13 8.95
N LEU A 27 1.38 3.97 8.72
CA LEU A 27 2.86 3.83 8.84
C LEU A 27 3.54 4.50 7.65
N LEU A 28 2.85 4.59 6.54
CA LEU A 28 3.44 5.22 5.33
C LEU A 28 3.34 6.74 5.45
N ALA A 29 2.33 7.23 6.10
CA ALA A 29 2.17 8.70 6.25
C ALA A 29 3.23 9.23 7.24
N GLN A 30 3.49 8.49 8.29
CA GLN A 30 4.51 8.93 9.27
C GLN A 30 5.91 8.56 8.80
N TRP A 31 6.05 7.42 8.18
CA TRP A 31 7.40 7.00 7.68
C TRP A 31 7.88 7.97 6.60
N ALA A 32 7.07 8.23 5.61
CA ALA A 32 7.49 9.16 4.53
C ALA A 32 7.93 10.50 5.12
N ASP A 33 7.28 10.93 6.18
CA ASP A 33 7.67 12.22 6.81
C ASP A 33 8.99 12.08 7.54
N ARG A 34 9.12 11.09 8.38
CA ARG A 34 10.40 10.90 9.12
C ARG A 34 11.55 10.70 8.13
N ALA A 35 11.37 9.82 7.18
CA ALA A 35 12.44 9.58 6.18
C ALA A 35 12.64 10.83 5.32
N LEU A 36 11.65 11.67 5.25
CA LEU A 36 11.77 12.91 4.44
C LEU A 36 12.54 13.98 5.24
N ARG A 37 12.27 14.09 6.51
CA ARG A 37 12.98 15.09 7.34
C ARG A 37 14.31 14.52 7.84
N SER A 38 15.11 13.98 6.96
CA SER A 38 16.41 13.40 7.39
C SER A 38 17.25 13.03 6.16
N GLY A 39 16.79 12.09 5.38
CA GLY A 39 17.56 11.69 4.17
C GLY A 39 16.75 10.67 3.36
N HIS A 40 15.61 11.07 2.87
CA HIS A 40 14.77 10.13 2.08
C HIS A 40 15.49 9.73 0.79
N GLN A 41 15.07 8.66 0.18
CA GLN A 41 15.72 8.21 -1.09
C GLN A 41 14.78 7.27 -1.85
N ASN A 42 14.67 6.05 -1.40
CA ASN A 42 13.77 5.08 -2.07
C ASN A 42 12.37 5.15 -1.45
N LEU A 43 11.85 6.34 -1.28
CA LEU A 43 10.49 6.49 -0.68
C LEU A 43 9.48 5.59 -1.41
N LEU A 44 9.26 5.85 -2.67
CA LEU A 44 8.29 5.02 -3.44
C LEU A 44 8.92 3.69 -3.84
N SER A 45 10.21 3.65 -4.00
CA SER A 45 10.88 2.38 -4.40
C SER A 45 10.87 1.37 -3.25
N GLU A 46 10.59 1.81 -2.05
CA GLU A 46 10.56 0.86 -0.90
C GLU A 46 9.18 0.22 -0.76
N ALA A 47 8.14 1.01 -0.76
CA ALA A 47 6.76 0.44 -0.64
C ALA A 47 6.26 -0.08 -1.99
N GLN A 48 6.88 0.33 -3.07
CA GLN A 48 6.44 -0.13 -4.41
C GLN A 48 6.35 -1.65 -4.47
N PRO A 49 7.45 -2.31 -4.18
CA PRO A 49 7.47 -3.79 -4.22
C PRO A 49 6.64 -4.38 -3.07
N GLU A 50 6.49 -3.66 -2.00
CA GLU A 50 5.70 -4.18 -0.86
C GLU A 50 4.25 -4.44 -1.31
N LEU A 51 3.66 -3.50 -2.01
CA LEU A 51 2.26 -3.68 -2.48
C LEU A 51 2.23 -4.73 -3.60
N GLU A 52 3.13 -4.62 -4.55
CA GLU A 52 3.14 -5.61 -5.67
C GLU A 52 3.32 -7.02 -5.12
N ARG A 53 4.09 -7.18 -4.08
CA ARG A 53 4.30 -8.54 -3.50
C ARG A 53 3.02 -9.05 -2.86
N THR A 54 2.51 -8.35 -1.88
CA THR A 54 1.26 -8.80 -1.20
C THR A 54 0.16 -9.06 -2.24
N LEU A 55 0.22 -8.40 -3.36
CA LEU A 55 -0.82 -8.61 -4.40
C LEU A 55 -0.47 -9.82 -5.27
N LEU A 56 0.65 -9.80 -5.93
CA LEU A 56 1.05 -10.95 -6.79
C LEU A 56 0.97 -12.26 -6.00
N THR A 57 1.41 -12.25 -4.77
CA THR A 57 1.36 -13.50 -3.95
C THR A 57 -0.10 -13.91 -3.71
N THR A 58 -0.93 -12.99 -3.31
CA THR A 58 -2.36 -13.34 -3.05
C THR A 58 -2.98 -13.95 -4.31
N ALA A 59 -3.12 -13.17 -5.36
CA ALA A 59 -3.72 -13.72 -6.61
C ALA A 59 -3.02 -15.02 -7.01
N LEU A 60 -1.73 -15.08 -6.86
CA LEU A 60 -1.01 -16.34 -7.22
C LEU A 60 -1.57 -17.50 -6.40
N ARG A 61 -1.89 -17.26 -5.15
CA ARG A 61 -2.44 -18.35 -4.30
C ARG A 61 -3.61 -19.01 -5.03
N HIS A 62 -4.47 -18.22 -5.62
CA HIS A 62 -5.62 -18.79 -6.38
C HIS A 62 -5.07 -19.76 -7.43
N THR A 63 -3.89 -19.49 -7.91
CA THR A 63 -3.26 -20.38 -8.93
C THR A 63 -1.85 -20.74 -8.44
N GLN A 64 -1.75 -21.21 -7.22
CA GLN A 64 -0.42 -21.57 -6.64
C GLN A 64 0.49 -22.27 -7.66
N GLY A 65 1.68 -21.75 -7.85
CA GLY A 65 2.62 -22.35 -8.83
C GLY A 65 2.41 -21.73 -10.21
N HIS A 66 1.19 -21.60 -10.63
CA HIS A 66 0.93 -21.00 -11.97
C HIS A 66 1.19 -19.50 -11.94
N LYS A 67 2.44 -19.10 -11.80
CA LYS A 67 2.76 -17.65 -11.77
C LYS A 67 2.21 -16.97 -13.03
N GLN A 68 1.97 -17.72 -14.07
CA GLN A 68 1.44 -17.11 -15.33
C GLN A 68 -0.03 -16.75 -15.16
N GLU A 69 -0.81 -17.65 -14.60
CA GLU A 69 -2.26 -17.36 -14.40
C GLU A 69 -2.45 -16.02 -13.69
N ALA A 70 -1.63 -15.74 -12.71
CA ALA A 70 -1.75 -14.44 -11.98
C ALA A 70 -1.74 -13.28 -12.98
N ALA A 71 -1.18 -13.49 -14.13
CA ALA A 71 -1.13 -12.40 -15.15
C ALA A 71 -2.54 -11.88 -15.43
N ARG A 72 -3.39 -12.70 -15.98
CA ARG A 72 -4.79 -12.25 -16.27
C ARG A 72 -5.51 -11.89 -14.98
N LEU A 73 -5.25 -12.61 -13.92
CA LEU A 73 -5.94 -12.31 -12.63
C LEU A 73 -5.66 -10.86 -12.21
N LEU A 74 -4.60 -10.28 -12.71
CA LEU A 74 -4.28 -8.87 -12.34
C LEU A 74 -4.30 -7.99 -13.59
N GLY A 75 -4.85 -8.45 -14.67
CA GLY A 75 -4.88 -7.64 -15.92
C GLY A 75 -3.47 -7.18 -16.26
N TRP A 76 -2.51 -8.07 -16.19
CA TRP A 76 -1.10 -7.69 -16.50
C TRP A 76 -0.62 -8.42 -17.75
N GLY A 77 -0.29 -9.67 -17.63
CA GLY A 77 0.20 -10.44 -18.80
C GLY A 77 1.45 -11.21 -18.39
N ALA A 78 2.14 -11.80 -19.34
CA ALA A 78 3.38 -12.55 -18.97
C ALA A 78 4.59 -11.62 -19.01
N ALA A 79 4.60 -10.69 -19.93
CA ALA A 79 5.75 -9.75 -20.02
C ALA A 79 5.72 -8.80 -18.82
N THR A 80 4.55 -8.47 -18.34
CA THR A 80 4.45 -7.56 -17.17
C THR A 80 4.79 -8.31 -15.88
N LEU A 81 4.14 -9.43 -15.66
CA LEU A 81 4.43 -10.22 -14.43
C LEU A 81 5.93 -10.49 -14.32
N THR A 82 6.59 -10.61 -15.43
CA THR A 82 8.06 -10.88 -15.41
C THR A 82 8.83 -9.55 -15.40
N ALA A 83 8.52 -8.67 -16.31
CA ALA A 83 9.23 -7.35 -16.35
C ALA A 83 9.04 -6.61 -15.04
N LYS A 84 7.89 -6.74 -14.44
CA LYS A 84 7.63 -6.03 -13.15
C LYS A 84 8.50 -6.62 -12.04
N LEU A 85 8.95 -7.83 -12.21
CA LEU A 85 9.81 -8.46 -11.16
C LEU A 85 11.15 -7.74 -11.07
N LYS A 86 11.78 -7.50 -12.20
CA LYS A 86 13.10 -6.81 -12.17
C LYS A 86 12.91 -5.29 -12.07
N GLU A 87 11.75 -4.82 -12.45
CA GLU A 87 11.49 -3.35 -12.37
C GLU A 87 11.59 -2.87 -10.92
N LEU A 88 10.84 -3.48 -10.04
CA LEU A 88 10.88 -3.05 -8.61
C LEU A 88 12.32 -3.09 -8.08
N GLY A 89 13.11 -4.01 -8.56
CA GLY A 89 14.52 -4.10 -8.09
C GLY A 89 15.28 -2.84 -8.50
N MET A 90 14.88 -2.22 -9.58
CA MET A 90 15.57 -0.98 -10.02
C MET A 90 14.74 0.25 -9.67
N GLU A 91 13.46 0.08 -9.49
CA GLU A 91 12.58 1.24 -9.13
C GLU A 91 11.21 0.75 -8.69
N MET B 1 -25.07 23.29 3.33
CA MET B 1 -25.83 23.11 4.60
C MET B 1 -26.54 21.75 4.60
N ASP B 2 -27.34 21.49 5.60
CA ASP B 2 -28.05 20.17 5.65
C ASP B 2 -29.22 20.25 6.63
N LEU B 3 -30.03 21.28 6.51
CA LEU B 3 -31.20 21.41 7.43
C LEU B 3 -32.22 20.29 7.16
N PRO B 4 -32.68 20.22 5.95
CA PRO B 4 -33.67 19.17 5.58
C PRO B 4 -33.00 17.79 5.50
N GLY B 5 -32.83 17.15 6.62
CA GLY B 5 -32.18 15.81 6.61
C GLY B 5 -30.67 15.97 6.60
N GLU B 6 -29.98 15.23 5.75
CA GLU B 6 -28.51 15.35 5.68
C GLU B 6 -28.01 14.98 4.28
N LEU B 7 -28.39 15.74 3.29
CA LEU B 7 -27.95 15.43 1.90
C LEU B 7 -26.86 16.42 1.47
N PHE B 8 -25.62 16.04 1.58
CA PHE B 8 -24.52 16.95 1.18
C PHE B 8 -24.01 16.58 -0.23
N GLU B 9 -24.89 16.58 -1.19
CA GLU B 9 -24.46 16.22 -2.58
C GLU B 9 -23.28 17.08 -3.01
N ALA B 10 -22.10 16.51 -3.08
CA ALA B 10 -20.92 17.30 -3.50
C ALA B 10 -20.05 16.48 -4.46
N SER B 11 -19.01 17.08 -4.99
CA SER B 11 -18.14 16.32 -5.94
C SER B 11 -17.24 15.35 -5.18
N THR B 12 -16.40 15.85 -4.31
CA THR B 12 -15.50 14.95 -3.54
C THR B 12 -15.65 15.20 -2.03
N PRO B 13 -15.43 14.17 -1.25
CA PRO B 13 -15.54 14.31 0.23
C PRO B 13 -14.35 15.09 0.79
N ASP B 14 -14.62 16.22 1.39
CA ASP B 14 -13.49 17.03 1.96
C ASP B 14 -13.69 17.23 3.46
N SER B 15 -14.19 16.23 4.14
CA SER B 15 -14.40 16.34 5.61
C SER B 15 -14.91 15.02 6.19
N PRO B 16 -16.05 14.57 5.70
CA PRO B 16 -16.63 13.30 6.19
C PRO B 16 -15.83 12.11 5.66
N SER B 17 -16.13 10.93 6.11
CA SER B 17 -15.39 9.72 5.63
C SER B 17 -16.35 8.55 5.46
N HIS B 18 -15.93 7.53 4.74
CA HIS B 18 -16.83 6.36 4.53
C HIS B 18 -16.09 5.06 4.89
N LEU B 19 -16.17 4.64 6.13
CA LEU B 19 -15.49 3.39 6.54
C LEU B 19 -14.01 3.43 6.14
N PRO B 20 -13.23 4.16 6.91
CA PRO B 20 -11.78 4.29 6.63
C PRO B 20 -11.04 3.00 7.01
N PRO B 21 -10.54 2.29 6.04
CA PRO B 21 -9.81 1.03 6.30
C PRO B 21 -8.41 1.35 6.85
N ASP B 22 -8.30 1.64 8.12
CA ASP B 22 -6.97 1.94 8.70
C ASP B 22 -6.00 0.77 8.47
N SER B 23 -6.52 -0.42 8.44
CA SER B 23 -5.64 -1.61 8.21
C SER B 23 -5.52 -1.88 6.72
N TRP B 24 -4.96 -0.95 5.99
CA TRP B 24 -4.81 -1.11 4.51
C TRP B 24 -4.39 -2.53 4.13
N ALA B 25 -3.18 -2.93 4.44
CA ALA B 25 -2.73 -4.31 4.08
C ALA B 25 -3.80 -5.34 4.47
N THR B 26 -4.26 -5.31 5.68
CA THR B 26 -5.30 -6.28 6.09
C THR B 26 -6.51 -6.15 5.16
N LEU B 27 -6.83 -4.95 4.76
CA LEU B 27 -7.98 -4.75 3.84
C LEU B 27 -7.61 -5.22 2.44
N LEU B 28 -6.34 -5.21 2.11
CA LEU B 28 -5.91 -5.66 0.76
C LEU B 28 -5.84 -7.19 0.72
N ALA B 29 -5.53 -7.81 1.83
CA ALA B 29 -5.45 -9.30 1.86
C ALA B 29 -6.86 -9.88 1.77
N GLN B 30 -7.81 -9.27 2.43
CA GLN B 30 -9.21 -9.78 2.37
C GLN B 30 -9.92 -9.29 1.11
N TRP B 31 -9.63 -8.07 0.70
CA TRP B 31 -10.29 -7.52 -0.52
C TRP B 31 -9.83 -8.33 -1.75
N ALA B 32 -8.56 -8.50 -1.93
CA ALA B 32 -8.07 -9.26 -3.11
C ALA B 32 -8.73 -10.65 -3.14
N ASP B 33 -8.97 -11.23 -2.01
CA ASP B 33 -9.61 -12.58 -1.98
C ASP B 33 -11.09 -12.46 -2.36
N ARG B 34 -11.81 -11.57 -1.73
CA ARG B 34 -13.25 -11.42 -2.07
C ARG B 34 -13.41 -11.04 -3.54
N ALA B 35 -12.67 -10.06 -3.97
CA ALA B 35 -12.74 -9.63 -5.41
C ALA B 35 -12.23 -10.75 -6.31
N LEU B 36 -11.43 -11.63 -5.78
CA LEU B 36 -10.90 -12.75 -6.59
C LEU B 36 -11.96 -13.87 -6.69
N ARG B 37 -12.63 -14.15 -5.61
CA ARG B 37 -13.67 -15.22 -5.63
C ARG B 37 -15.00 -14.64 -6.12
N SER B 38 -15.00 -13.97 -7.23
CA SER B 38 -16.26 -13.38 -7.77
C SER B 38 -16.03 -12.82 -9.17
N GLY B 39 -15.21 -11.81 -9.29
CA GLY B 39 -14.95 -11.21 -10.64
C GLY B 39 -13.85 -10.15 -10.52
N HIS B 40 -12.68 -10.54 -10.13
CA HIS B 40 -11.58 -9.55 -9.99
C HIS B 40 -11.21 -8.96 -11.36
N GLN B 41 -10.54 -7.85 -11.38
CA GLN B 41 -10.16 -7.22 -12.67
C GLN B 41 -9.01 -6.23 -12.44
N ASN B 42 -9.31 -5.09 -11.89
CA ASN B 42 -8.23 -4.09 -11.62
C ASN B 42 -7.66 -4.31 -10.23
N LEU B 43 -7.33 -5.53 -9.89
CA LEU B 43 -6.77 -5.81 -8.54
C LEU B 43 -5.58 -4.90 -8.26
N LEU B 44 -4.53 -5.00 -9.03
CA LEU B 44 -3.34 -4.14 -8.80
C LEU B 44 -3.59 -2.72 -9.36
N SER B 45 -4.41 -2.60 -10.36
CA SER B 45 -4.68 -1.26 -10.96
C SER B 45 -5.51 -0.41 -9.99
N GLU B 46 -6.12 -1.00 -9.00
CA GLU B 46 -6.95 -0.21 -8.05
C GLU B 46 -6.07 0.35 -6.91
N ALA B 47 -5.28 -0.49 -6.30
CA ALA B 47 -4.41 -0.01 -5.19
C ALA B 47 -3.14 0.64 -5.74
N GLN B 48 -2.83 0.40 -6.98
CA GLN B 48 -1.59 0.99 -7.58
C GLN B 48 -1.57 2.52 -7.37
N PRO B 49 -2.59 3.18 -7.84
CA PRO B 49 -2.66 4.67 -7.69
C PRO B 49 -2.87 5.06 -6.24
N GLU B 50 -3.48 4.20 -5.46
CA GLU B 50 -3.71 4.54 -4.03
C GLU B 50 -2.38 4.77 -3.32
N LEU B 51 -1.42 3.91 -3.53
CA LEU B 51 -0.10 4.08 -2.87
C LEU B 51 0.64 5.25 -3.51
N GLU B 52 0.67 5.31 -4.82
CA GLU B 52 1.38 6.42 -5.51
C GLU B 52 0.80 7.76 -5.06
N ARG B 53 -0.49 7.83 -4.83
CA ARG B 53 -1.11 9.10 -4.41
C ARG B 53 -0.65 9.47 -2.99
N THR B 54 -0.94 8.64 -2.03
CA THR B 54 -0.52 8.94 -0.63
C THR B 54 0.97 9.26 -0.58
N LEU B 55 1.74 8.76 -1.50
CA LEU B 55 3.20 9.04 -1.49
C LEU B 55 3.49 10.37 -2.21
N LEU B 56 3.14 10.48 -3.45
CA LEU B 56 3.39 11.75 -4.19
C LEU B 56 2.82 12.94 -3.42
N THR B 57 1.67 12.80 -2.84
CA THR B 57 1.07 13.93 -2.06
C THR B 57 1.93 14.24 -0.84
N THR B 58 2.30 13.23 -0.09
CA THR B 58 3.14 13.48 1.12
C THR B 58 4.43 14.21 0.73
N ALA B 59 5.28 13.57 -0.01
CA ALA B 59 6.56 14.23 -0.42
C ALA B 59 6.26 15.61 -1.02
N LEU B 60 5.22 15.71 -1.81
CA LEU B 60 4.90 17.04 -2.41
C LEU B 60 4.67 18.06 -1.29
N ARG B 61 4.05 17.65 -0.21
CA ARG B 61 3.81 18.59 0.92
C ARG B 61 5.13 19.28 1.29
N HIS B 62 6.19 18.53 1.36
CA HIS B 62 7.51 19.14 1.69
C HIS B 62 7.80 20.24 0.69
N THR B 63 7.30 20.10 -0.51
CA THR B 63 7.49 21.14 -1.56
C THR B 63 6.13 21.52 -2.15
N GLN B 64 5.18 21.84 -1.29
CA GLN B 64 3.81 22.19 -1.74
C GLN B 64 3.82 23.04 -3.02
N GLY B 65 3.13 22.61 -4.03
CA GLY B 65 3.09 23.38 -5.31
C GLY B 65 4.22 22.92 -6.22
N HIS B 66 5.40 22.78 -5.69
CA HIS B 66 6.55 22.35 -6.55
C HIS B 66 6.41 20.86 -6.90
N LYS B 67 5.45 20.53 -7.70
CA LYS B 67 5.26 19.10 -8.09
C LYS B 67 6.56 18.54 -8.69
N GLN B 68 7.41 19.41 -9.18
CA GLN B 68 8.70 18.94 -9.77
C GLN B 68 9.66 18.50 -8.67
N GLU B 69 9.79 19.26 -7.63
CA GLU B 69 10.72 18.89 -6.52
C GLU B 69 10.43 17.46 -6.05
N ALA B 70 9.18 17.10 -5.96
CA ALA B 70 8.83 15.72 -5.50
C ALA B 70 9.56 14.69 -6.37
N ALA B 71 9.94 15.07 -7.56
CA ALA B 71 10.67 14.12 -8.46
C ALA B 71 11.91 13.56 -7.75
N ARG B 72 12.85 14.41 -7.43
CA ARG B 72 14.08 13.93 -6.75
C ARG B 72 13.73 13.38 -5.36
N LEU B 73 12.78 13.97 -4.70
CA LEU B 73 12.39 13.47 -3.35
C LEU B 73 11.98 12.00 -3.42
N LEU B 74 11.58 11.54 -4.58
CA LEU B 74 11.17 10.11 -4.71
C LEU B 74 12.10 9.38 -5.70
N GLY B 75 13.21 9.97 -6.04
CA GLY B 75 14.14 9.30 -7.01
C GLY B 75 13.38 8.97 -8.29
N TRP B 76 12.60 9.88 -8.77
CA TRP B 76 11.82 9.62 -10.02
C TRP B 76 12.29 10.51 -11.16
N GLY B 77 11.92 11.76 -11.14
CA GLY B 77 12.33 12.70 -12.22
C GLY B 77 11.11 13.47 -12.70
N ALA B 78 11.23 14.21 -13.77
CA ALA B 78 10.04 14.97 -14.27
C ALA B 78 9.25 14.11 -15.26
N ALA B 79 9.93 13.32 -16.04
CA ALA B 79 9.21 12.45 -17.01
C ALA B 79 8.45 11.35 -16.26
N THR B 80 8.97 10.91 -15.14
CA THR B 80 8.29 9.86 -14.36
C THR B 80 7.12 10.46 -13.58
N LEU B 81 7.36 11.50 -12.83
CA LEU B 81 6.27 12.14 -12.06
C LEU B 81 5.10 12.48 -12.98
N THR B 82 5.39 12.77 -14.22
CA THR B 82 4.30 13.10 -15.19
C THR B 82 3.80 11.82 -15.88
N ALA B 83 4.69 11.05 -16.41
CA ALA B 83 4.28 9.79 -17.10
C ALA B 83 3.55 8.87 -16.13
N LYS B 84 3.97 8.87 -14.89
CA LYS B 84 3.30 8.00 -13.88
C LYS B 84 1.87 8.48 -13.62
N LEU B 85 1.60 9.74 -13.90
CA LEU B 85 0.22 10.27 -13.66
C LEU B 85 -0.77 9.61 -14.63
N LYS B 86 -0.44 9.55 -15.89
CA LYS B 86 -1.38 8.92 -16.87
C LYS B 86 -1.22 7.40 -16.85
N GLU B 87 -0.10 6.91 -16.38
CA GLU B 87 0.10 5.43 -16.33
C GLU B 87 -0.94 4.78 -15.42
N LEU B 88 -1.05 5.24 -14.20
CA LEU B 88 -2.05 4.64 -13.27
C LEU B 88 -3.45 4.69 -13.89
N GLY B 89 -3.73 5.70 -14.66
CA GLY B 89 -5.08 5.80 -15.29
C GLY B 89 -5.28 4.64 -16.26
N MET B 90 -4.22 4.14 -16.83
CA MET B 90 -4.34 3.01 -17.79
C MET B 90 -3.92 1.70 -17.11
N GLU B 91 -3.14 1.79 -16.06
CA GLU B 91 -2.69 0.55 -15.36
C GLU B 91 -2.04 0.91 -14.02
N MET A 1 5.64 18.64 14.01
CA MET A 1 6.61 19.56 14.68
C MET A 1 6.08 21.00 14.64
N ASP A 2 4.84 21.20 14.96
CA ASP A 2 4.27 22.58 14.93
C ASP A 2 3.07 22.67 15.87
N LEU A 3 2.09 21.85 15.67
CA LEU A 3 0.87 21.89 16.55
C LEU A 3 0.71 20.56 17.29
N PRO A 4 1.24 20.50 18.49
CA PRO A 4 1.15 19.27 19.31
C PRO A 4 -0.28 19.09 19.85
N GLY A 5 -0.86 20.15 20.35
CA GLY A 5 -2.25 20.04 20.88
C GLY A 5 -2.63 21.35 21.57
N GLU A 6 -3.83 21.44 22.08
CA GLU A 6 -4.26 22.69 22.76
C GLU A 6 -5.51 22.44 23.61
N LEU A 7 -5.58 21.30 24.24
CA LEU A 7 -6.77 20.99 25.08
C LEU A 7 -6.33 20.54 26.47
N PHE A 8 -7.03 20.95 27.50
CA PHE A 8 -6.65 20.54 28.88
C PHE A 8 -5.17 20.86 29.14
N GLU A 9 -4.64 20.41 30.24
CA GLU A 9 -3.21 20.69 30.55
C GLU A 9 -2.59 19.51 31.29
N ALA A 10 -2.68 18.33 30.72
CA ALA A 10 -2.10 17.14 31.40
C ALA A 10 -1.24 16.34 30.41
N SER A 11 -0.58 17.01 29.51
CA SER A 11 0.28 16.29 28.52
C SER A 11 -0.54 15.20 27.82
N THR A 12 -1.15 15.52 26.70
CA THR A 12 -1.96 14.50 25.98
C THR A 12 -1.77 14.66 24.46
N PRO A 13 -0.63 14.21 23.98
CA PRO A 13 -0.35 14.30 22.52
C PRO A 13 -1.19 13.30 21.75
N ASP A 14 -1.55 13.61 20.53
CA ASP A 14 -2.38 12.67 19.73
C ASP A 14 -3.65 12.30 20.51
N SER A 15 -4.30 11.24 20.13
CA SER A 15 -5.55 10.83 20.85
C SER A 15 -5.75 9.32 20.75
N PRO A 16 -6.40 8.76 21.75
CA PRO A 16 -6.65 7.29 21.75
C PRO A 16 -7.71 6.94 20.71
N SER A 17 -8.69 7.79 20.54
CA SER A 17 -9.75 7.49 19.52
C SER A 17 -9.22 7.74 18.11
N HIS A 18 -9.63 6.95 17.16
CA HIS A 18 -9.14 7.15 15.77
C HIS A 18 -10.21 6.73 14.76
N LEU A 19 -10.88 7.68 14.16
CA LEU A 19 -11.92 7.34 13.16
C LEU A 19 -11.35 6.42 12.08
N PRO A 20 -10.26 6.85 11.48
CA PRO A 20 -9.63 6.04 10.40
C PRO A 20 -8.83 4.88 11.01
N PRO A 21 -8.64 3.84 10.23
CA PRO A 21 -7.89 2.66 10.71
C PRO A 21 -6.39 2.96 10.78
N ASP A 22 -5.63 2.06 11.34
CA ASP A 22 -4.15 2.30 11.43
C ASP A 22 -3.43 1.74 10.20
N SER A 23 -4.05 1.81 9.05
CA SER A 23 -3.43 1.30 7.80
C SER A 23 -1.95 1.68 7.71
N TRP A 24 -1.10 0.70 7.50
CA TRP A 24 0.37 0.99 7.40
C TRP A 24 0.60 2.23 6.52
N ALA A 25 -0.27 2.49 5.59
CA ALA A 25 -0.12 3.70 4.73
C ALA A 25 0.01 4.93 5.64
N THR A 26 -0.72 4.92 6.73
CA THR A 26 -0.63 6.07 7.68
C THR A 26 0.81 6.16 8.20
N LEU A 27 1.40 5.03 8.47
CA LEU A 27 2.82 5.03 8.96
C LEU A 27 3.73 5.46 7.81
N LEU A 28 3.32 5.22 6.60
CA LEU A 28 4.15 5.61 5.43
C LEU A 28 4.15 7.14 5.30
N ALA A 29 3.03 7.76 5.52
CA ALA A 29 2.96 9.25 5.42
C ALA A 29 3.86 9.88 6.47
N GLN A 30 3.70 9.49 7.72
CA GLN A 30 4.56 10.07 8.79
C GLN A 30 6.01 9.60 8.59
N TRP A 31 6.19 8.40 8.11
CA TRP A 31 7.56 7.88 7.89
C TRP A 31 8.28 8.76 6.86
N ALA A 32 7.71 8.93 5.70
CA ALA A 32 8.36 9.78 4.66
C ALA A 32 8.71 11.15 5.25
N ASP A 33 7.97 11.59 6.24
CA ASP A 33 8.26 12.90 6.86
C ASP A 33 9.47 12.80 7.78
N ARG A 34 9.48 11.84 8.66
CA ARG A 34 10.65 11.69 9.57
C ARG A 34 11.94 11.58 8.76
N ALA A 35 11.86 10.98 7.61
CA ALA A 35 13.09 10.84 6.76
C ALA A 35 13.42 12.19 6.10
N LEU A 36 12.41 12.93 5.73
CA LEU A 36 12.66 14.25 5.09
C LEU A 36 13.47 15.16 6.03
N ARG A 37 13.18 15.10 7.31
CA ARG A 37 13.93 15.95 8.27
C ARG A 37 15.33 15.39 8.51
N SER A 38 15.65 14.25 7.96
CA SER A 38 17.00 13.67 8.16
C SER A 38 17.68 13.44 6.80
N GLY A 39 17.30 12.40 6.11
CA GLY A 39 17.92 12.12 4.78
C GLY A 39 17.00 11.22 3.96
N HIS A 40 16.06 11.80 3.27
CA HIS A 40 15.12 10.98 2.45
C HIS A 40 15.87 10.30 1.29
N GLN A 41 15.48 9.11 0.94
CA GLN A 41 16.17 8.40 -0.18
C GLN A 41 15.22 7.36 -0.79
N ASN A 42 15.08 6.23 -0.16
CA ASN A 42 14.17 5.18 -0.70
C ASN A 42 12.76 5.37 -0.13
N LEU A 43 12.10 6.42 -0.51
CA LEU A 43 10.72 6.67 0.02
C LEU A 43 9.71 5.76 -0.68
N LEU A 44 9.37 6.05 -1.91
CA LEU A 44 8.37 5.21 -2.63
C LEU A 44 9.00 3.86 -3.02
N SER A 45 10.28 3.83 -3.23
CA SER A 45 10.95 2.55 -3.63
C SER A 45 10.78 1.49 -2.54
N GLU A 46 10.38 1.89 -1.36
CA GLU A 46 10.21 0.88 -0.25
C GLU A 46 8.78 0.34 -0.24
N ALA A 47 7.80 1.21 -0.16
CA ALA A 47 6.38 0.73 -0.13
C ALA A 47 5.94 0.27 -1.53
N GLN A 48 6.60 0.72 -2.55
CA GLN A 48 6.21 0.31 -3.93
C GLN A 48 6.18 -1.22 -4.06
N PRO A 49 7.30 -1.85 -3.78
CA PRO A 49 7.38 -3.33 -3.88
C PRO A 49 6.51 -4.00 -2.81
N GLU A 50 6.24 -3.32 -1.73
CA GLU A 50 5.39 -3.94 -0.67
C GLU A 50 3.99 -4.20 -1.21
N LEU A 51 3.37 -3.21 -1.80
CA LEU A 51 2.00 -3.41 -2.36
C LEU A 51 2.05 -4.42 -3.51
N GLU A 52 2.97 -4.26 -4.41
CA GLU A 52 3.07 -5.21 -5.55
C GLU A 52 3.29 -6.64 -5.03
N ARG A 53 4.13 -6.79 -4.05
CA ARG A 53 4.39 -8.16 -3.49
C ARG A 53 3.14 -8.71 -2.83
N THR A 54 2.52 -7.95 -1.97
CA THR A 54 1.29 -8.44 -1.28
C THR A 54 0.28 -8.97 -2.29
N LEU A 55 -0.14 -8.15 -3.22
CA LEU A 55 -1.13 -8.62 -4.23
C LEU A 55 -0.54 -9.71 -5.13
N LEU A 56 0.64 -9.49 -5.64
CA LEU A 56 1.27 -10.53 -6.53
C LEU A 56 1.23 -11.90 -5.85
N THR A 57 1.56 -11.96 -4.59
CA THR A 57 1.53 -13.27 -3.88
C THR A 57 0.09 -13.72 -3.67
N THR A 58 -0.83 -12.81 -3.55
CA THR A 58 -2.25 -13.19 -3.35
C THR A 58 -2.80 -13.84 -4.63
N ALA A 59 -2.91 -13.09 -5.69
CA ALA A 59 -3.43 -13.67 -6.96
C ALA A 59 -2.60 -14.90 -7.33
N LEU A 60 -1.31 -14.85 -7.13
CA LEU A 60 -0.47 -16.04 -7.47
C LEU A 60 -0.97 -17.24 -6.65
N ARG A 61 -1.37 -17.01 -5.43
CA ARG A 61 -1.87 -18.14 -4.59
C ARG A 61 -2.93 -18.92 -5.38
N HIS A 62 -3.80 -18.21 -6.05
CA HIS A 62 -4.85 -18.89 -6.86
C HIS A 62 -4.16 -19.80 -7.89
N THR A 63 -2.96 -19.44 -8.28
CA THR A 63 -2.21 -20.27 -9.26
C THR A 63 -0.77 -20.45 -8.75
N GLN A 64 -0.62 -20.87 -7.52
CA GLN A 64 0.74 -21.07 -6.92
C GLN A 64 1.71 -21.70 -7.92
N GLY A 65 2.82 -21.05 -8.18
CA GLY A 65 3.81 -21.62 -9.13
C GLY A 65 3.53 -21.09 -10.54
N HIS A 66 2.29 -21.01 -10.92
CA HIS A 66 1.95 -20.51 -12.28
C HIS A 66 2.54 -19.11 -12.49
N LYS A 67 2.24 -18.19 -11.61
CA LYS A 67 2.77 -16.80 -11.74
C LYS A 67 2.19 -16.12 -12.98
N GLN A 68 2.55 -16.57 -14.15
CA GLN A 68 2.02 -15.96 -15.40
C GLN A 68 0.49 -15.88 -15.34
N GLU A 69 -0.15 -16.90 -14.82
CA GLU A 69 -1.64 -16.88 -14.72
C GLU A 69 -2.08 -15.63 -13.96
N ALA A 70 -1.37 -15.25 -12.94
CA ALA A 70 -1.75 -14.04 -12.16
C ALA A 70 -1.86 -12.84 -13.09
N ALA A 71 -1.22 -12.89 -14.23
CA ALA A 71 -1.30 -11.74 -15.18
C ALA A 71 -2.76 -11.37 -15.46
N ARG A 72 -3.50 -12.30 -15.99
CA ARG A 72 -4.94 -12.02 -16.29
C ARG A 72 -5.71 -11.75 -15.00
N LEU A 73 -5.44 -12.51 -13.97
CA LEU A 73 -6.15 -12.31 -12.68
C LEU A 73 -6.01 -10.85 -12.21
N LEU A 74 -4.92 -10.22 -12.54
CA LEU A 74 -4.73 -8.80 -12.11
C LEU A 74 -4.86 -7.86 -13.31
N GLY A 75 -5.37 -8.33 -14.42
CA GLY A 75 -5.51 -7.44 -15.60
C GLY A 75 -4.17 -6.80 -15.94
N TRP A 76 -3.12 -7.57 -15.88
CA TRP A 76 -1.77 -7.01 -16.19
C TRP A 76 -1.24 -7.56 -17.51
N GLY A 77 -0.90 -8.82 -17.56
CA GLY A 77 -0.38 -9.41 -18.82
C GLY A 77 1.01 -10.00 -18.56
N ALA A 78 1.74 -10.35 -19.58
CA ALA A 78 3.10 -10.92 -19.37
C ALA A 78 4.14 -9.80 -19.37
N ALA A 79 3.83 -8.68 -19.97
CA ALA A 79 4.80 -7.55 -20.01
C ALA A 79 4.82 -6.84 -18.65
N THR A 80 3.68 -6.64 -18.05
CA THR A 80 3.62 -5.95 -16.74
C THR A 80 4.13 -6.88 -15.63
N LEU A 81 3.52 -8.03 -15.49
CA LEU A 81 3.96 -8.99 -14.44
C LEU A 81 5.47 -9.22 -14.53
N THR A 82 6.02 -9.16 -15.71
CA THR A 82 7.48 -9.38 -15.87
C THR A 82 8.22 -8.06 -15.63
N ALA A 83 7.80 -7.00 -16.26
CA ALA A 83 8.48 -5.69 -16.07
C ALA A 83 8.34 -5.25 -14.60
N LYS A 84 7.19 -5.46 -14.02
CA LYS A 84 6.99 -5.06 -12.60
C LYS A 84 7.90 -5.90 -11.69
N LEU A 85 8.28 -7.06 -12.13
CA LEU A 85 9.17 -7.92 -11.29
C LEU A 85 10.58 -7.34 -11.25
N LYS A 86 11.06 -6.86 -12.36
CA LYS A 86 12.44 -6.26 -12.39
C LYS A 86 12.38 -4.77 -12.08
N GLU A 87 11.24 -4.15 -12.29
CA GLU A 87 11.13 -2.69 -12.02
C GLU A 87 11.45 -2.41 -10.55
N LEU A 88 10.69 -2.96 -9.65
CA LEU A 88 10.95 -2.72 -8.20
C LEU A 88 12.38 -3.15 -7.84
N GLY A 89 12.94 -4.05 -8.60
CA GLY A 89 14.33 -4.50 -8.31
C GLY A 89 15.34 -3.51 -8.88
N MET A 90 15.01 -2.90 -9.99
CA MET A 90 15.94 -1.91 -10.60
C MET A 90 15.55 -0.48 -10.20
N GLU A 91 14.79 -0.33 -9.14
CA GLU A 91 14.37 1.03 -8.71
C GLU A 91 14.27 1.08 -7.18
N MET B 1 -12.80 -19.94 3.75
CA MET B 1 -13.92 -20.88 3.44
C MET B 1 -13.44 -22.33 3.59
N ASP B 2 -12.74 -22.63 4.65
CA ASP B 2 -12.26 -24.03 4.85
C ASP B 2 -12.03 -24.29 6.35
N LEU B 3 -11.23 -23.49 7.00
CA LEU B 3 -10.96 -23.72 8.44
C LEU B 3 -11.43 -22.49 9.26
N PRO B 4 -12.64 -22.57 9.74
CA PRO B 4 -13.20 -21.45 10.54
C PRO B 4 -12.55 -21.41 11.94
N GLY B 5 -12.42 -22.55 12.57
CA GLY B 5 -11.80 -22.58 13.93
C GLY B 5 -11.93 -23.98 14.52
N GLU B 6 -11.42 -24.19 15.69
CA GLU B 6 -11.52 -25.54 16.32
C GLU B 6 -11.22 -25.46 17.82
N LEU B 7 -11.66 -24.41 18.46
CA LEU B 7 -11.40 -24.27 19.92
C LEU B 7 -12.69 -23.96 20.66
N PHE B 8 -12.88 -24.55 21.82
CA PHE B 8 -14.14 -24.29 22.59
C PHE B 8 -15.36 -24.56 21.71
N GLU B 9 -16.52 -24.23 22.19
CA GLU B 9 -17.76 -24.47 21.38
C GLU B 9 -18.78 -23.36 21.63
N ALA B 10 -18.38 -22.13 21.44
CA ALA B 10 -19.33 -21.00 21.67
C ALA B 10 -19.30 -20.04 20.46
N SER B 11 -19.12 -20.56 19.29
CA SER B 11 -19.09 -19.68 18.08
C SER B 11 -18.07 -18.56 18.28
N THR B 12 -16.85 -18.78 17.87
CA THR B 12 -15.82 -17.71 18.03
C THR B 12 -14.90 -17.67 16.80
N PRO B 13 -15.40 -17.10 15.73
CA PRO B 13 -14.60 -17.00 14.49
C PRO B 13 -13.51 -15.94 14.64
N ASP B 14 -12.39 -16.13 13.99
CA ASP B 14 -11.28 -15.13 14.11
C ASP B 14 -10.92 -14.93 15.59
N SER B 15 -10.25 -13.86 15.90
CA SER B 15 -9.87 -13.61 17.32
C SER B 15 -9.73 -12.11 17.58
N PRO B 16 -9.97 -11.71 18.80
CA PRO B 16 -9.88 -10.27 19.17
C PRO B 16 -8.41 -9.84 19.20
N SER B 17 -7.53 -10.71 19.65
CA SER B 17 -6.09 -10.35 19.71
C SER B 17 -5.49 -10.39 18.30
N HIS B 18 -4.58 -9.50 18.00
CA HIS B 18 -3.96 -9.51 16.64
C HIS B 18 -2.51 -9.02 16.72
N LEU B 19 -1.57 -9.91 16.64
CA LEU B 19 -0.14 -9.50 16.70
C LEU B 19 0.15 -8.43 15.64
N PRO B 20 -0.19 -8.73 14.40
CA PRO B 20 0.05 -7.77 13.31
C PRO B 20 -1.00 -6.65 13.34
N PRO B 21 -0.65 -5.52 12.78
CA PRO B 21 -1.59 -4.36 12.75
C PRO B 21 -2.70 -4.59 11.72
N ASP B 22 -3.68 -3.73 11.69
CA ASP B 22 -4.80 -3.91 10.72
C ASP B 22 -4.49 -3.17 9.41
N SER B 23 -3.24 -3.13 9.02
CA SER B 23 -2.86 -2.43 7.76
C SER B 23 -3.85 -2.72 6.62
N TRP B 24 -4.36 -1.68 6.01
CA TRP B 24 -5.33 -1.88 4.88
C TRP B 24 -4.83 -3.00 3.94
N ALA B 25 -3.54 -3.18 3.85
CA ALA B 25 -3.00 -4.26 2.98
C ALA B 25 -3.65 -5.58 3.39
N THR B 26 -3.89 -5.76 4.66
CA THR B 26 -4.54 -6.99 5.14
C THR B 26 -5.93 -7.08 4.51
N LEU B 27 -6.62 -5.96 4.43
CA LEU B 27 -7.97 -5.95 3.80
C LEU B 27 -7.81 -6.20 2.30
N LEU B 28 -6.69 -5.82 1.76
CA LEU B 28 -6.46 -6.04 0.30
C LEU B 28 -6.29 -7.53 0.01
N ALA B 29 -5.60 -8.23 0.88
CA ALA B 29 -5.40 -9.69 0.66
C ALA B 29 -6.76 -10.40 0.71
N GLN B 30 -7.52 -10.18 1.76
CA GLN B 30 -8.85 -10.84 1.85
C GLN B 30 -9.78 -10.28 0.77
N TRP B 31 -9.64 -9.03 0.45
CA TRP B 31 -10.50 -8.41 -0.59
C TRP B 31 -10.26 -9.12 -1.94
N ALA B 32 -9.05 -9.17 -2.39
CA ALA B 32 -8.75 -9.86 -3.69
C ALA B 32 -9.34 -11.27 -3.67
N ASP B 33 -9.47 -11.86 -2.52
CA ASP B 33 -10.04 -13.23 -2.44
C ASP B 33 -11.56 -13.19 -2.62
N ARG B 34 -12.22 -12.34 -1.87
CA ARG B 34 -13.71 -12.24 -2.01
C ARG B 34 -14.08 -11.97 -3.47
N ALA B 35 -13.26 -11.23 -4.16
CA ALA B 35 -13.56 -10.93 -5.59
C ALA B 35 -13.27 -12.17 -6.46
N LEU B 36 -12.25 -12.91 -6.12
CA LEU B 36 -11.92 -14.13 -6.91
C LEU B 36 -13.11 -15.10 -6.91
N ARG B 37 -13.78 -15.22 -5.80
CA ARG B 37 -14.95 -16.15 -5.73
C ARG B 37 -16.15 -15.55 -6.47
N SER B 38 -16.05 -14.32 -6.93
CA SER B 38 -17.19 -13.71 -7.64
C SER B 38 -16.77 -13.28 -9.06
N GLY B 39 -16.06 -12.19 -9.15
CA GLY B 39 -15.61 -11.71 -10.50
C GLY B 39 -14.42 -10.77 -10.33
N HIS B 40 -13.23 -11.29 -10.24
CA HIS B 40 -12.03 -10.43 -10.08
C HIS B 40 -11.81 -9.58 -11.34
N GLN B 41 -11.34 -8.37 -11.17
CA GLN B 41 -11.10 -7.49 -12.36
C GLN B 41 -10.05 -6.44 -12.01
N ASN B 42 -10.44 -5.40 -11.33
CA ASN B 42 -9.46 -4.34 -10.95
C ASN B 42 -8.84 -4.67 -9.59
N LEU B 43 -8.03 -5.70 -9.54
CA LEU B 43 -7.40 -6.07 -8.23
C LEU B 43 -6.23 -5.14 -7.91
N LEU B 44 -5.13 -5.29 -8.59
CA LEU B 44 -3.95 -4.42 -8.32
C LEU B 44 -4.20 -3.00 -8.85
N SER B 45 -4.97 -2.88 -9.89
CA SER B 45 -5.25 -1.53 -10.46
C SER B 45 -5.94 -0.63 -9.44
N GLU B 46 -6.45 -1.18 -8.38
CA GLU B 46 -7.14 -0.33 -7.36
C GLU B 46 -6.14 0.13 -6.29
N ALA B 47 -5.45 -0.78 -5.66
CA ALA B 47 -4.47 -0.39 -4.61
C ALA B 47 -3.22 0.22 -5.23
N GLN B 48 -2.96 -0.06 -6.47
CA GLN B 48 -1.74 0.49 -7.14
C GLN B 48 -1.71 2.02 -7.01
N PRO B 49 -2.74 2.67 -7.50
CA PRO B 49 -2.79 4.15 -7.46
C PRO B 49 -2.95 4.64 -6.01
N GLU B 50 -3.46 3.82 -5.14
CA GLU B 50 -3.61 4.25 -3.72
C GLU B 50 -2.24 4.52 -3.10
N LEU B 51 -1.34 3.58 -3.21
CA LEU B 51 0.02 3.78 -2.63
C LEU B 51 0.72 4.92 -3.36
N GLU B 52 0.69 4.92 -4.66
CA GLU B 52 1.37 6.02 -5.43
C GLU B 52 0.77 7.37 -5.03
N ARG B 53 -0.52 7.45 -4.89
CA ARG B 53 -1.16 8.73 -4.52
C ARG B 53 -0.74 9.15 -3.10
N THR B 54 -0.85 8.25 -2.16
CA THR B 54 -0.47 8.59 -0.75
C THR B 54 0.94 9.19 -0.70
N LEU B 55 1.92 8.48 -1.18
CA LEU B 55 3.31 9.01 -1.15
C LEU B 55 3.45 10.24 -2.07
N LEU B 56 2.96 10.15 -3.28
CA LEU B 56 3.07 11.31 -4.21
C LEU B 56 2.56 12.58 -3.53
N THR B 57 1.45 12.50 -2.85
CA THR B 57 0.90 13.70 -2.17
C THR B 57 1.78 14.06 -0.96
N THR B 58 2.40 13.09 -0.36
CA THR B 58 3.27 13.37 0.81
C THR B 58 4.52 14.15 0.36
N ALA B 59 5.38 13.54 -0.41
CA ALA B 59 6.59 14.24 -0.88
C ALA B 59 6.19 15.56 -1.55
N LEU B 60 5.13 15.54 -2.32
CA LEU B 60 4.68 16.80 -2.99
C LEU B 60 4.42 17.86 -1.92
N ARG B 61 3.87 17.46 -0.79
CA ARG B 61 3.61 18.46 0.28
C ARG B 61 4.88 19.26 0.56
N HIS B 62 6.00 18.61 0.58
CA HIS B 62 7.28 19.33 0.81
C HIS B 62 7.44 20.40 -0.27
N THR B 63 6.88 20.15 -1.42
CA THR B 63 6.96 21.13 -2.54
C THR B 63 5.56 21.32 -3.15
N GLN B 64 4.59 21.59 -2.32
CA GLN B 64 3.19 21.77 -2.81
C GLN B 64 3.14 22.58 -4.12
N GLY B 65 2.56 22.02 -5.15
CA GLY B 65 2.48 22.74 -6.44
C GLY B 65 3.68 22.39 -7.32
N HIS B 66 4.84 22.30 -6.73
CA HIS B 66 6.06 21.95 -7.54
C HIS B 66 5.84 20.63 -8.27
N LYS B 67 5.49 19.59 -7.55
CA LYS B 67 5.27 18.25 -8.18
C LYS B 67 6.58 17.71 -8.75
N GLN B 68 7.11 18.31 -9.77
CA GLN B 68 8.39 17.83 -10.37
C GLN B 68 9.44 17.67 -9.27
N GLU B 69 9.50 18.59 -8.35
CA GLU B 69 10.50 18.48 -7.25
C GLU B 69 10.37 17.12 -6.55
N ALA B 70 9.16 16.66 -6.37
CA ALA B 70 8.96 15.35 -5.69
C ALA B 70 9.75 14.27 -6.43
N ALA B 71 10.06 14.48 -7.68
CA ALA B 71 10.83 13.46 -8.45
C ALA B 71 12.10 13.07 -7.68
N ARG B 72 12.96 14.01 -7.43
CA ARG B 72 14.22 13.70 -6.69
C ARG B 72 13.89 13.24 -5.26
N LEU B 73 12.94 13.87 -4.63
CA LEU B 73 12.59 13.47 -3.24
C LEU B 73 12.23 11.99 -3.19
N LEU B 74 11.71 11.45 -4.25
CA LEU B 74 11.35 10.00 -4.26
C LEU B 74 12.31 9.20 -5.13
N GLY B 75 13.41 9.78 -5.51
CA GLY B 75 14.39 9.06 -6.37
C GLY B 75 13.68 8.53 -7.62
N TRP B 76 12.84 9.33 -8.21
CA TRP B 76 12.11 8.88 -9.42
C TRP B 76 12.63 9.62 -10.66
N GLY B 77 12.34 10.88 -10.77
CA GLY B 77 12.81 11.66 -11.96
C GLY B 77 11.59 12.26 -12.66
N ALA B 78 11.77 12.79 -13.84
CA ALA B 78 10.61 13.39 -14.57
C ALA B 78 9.92 12.34 -15.43
N ALA B 79 10.61 11.29 -15.78
CA ALA B 79 10.00 10.22 -16.61
C ALA B 79 9.08 9.34 -15.76
N THR B 80 9.50 9.02 -14.56
CA THR B 80 8.66 8.17 -13.68
C THR B 80 7.49 8.98 -13.12
N LEU B 81 7.77 10.07 -12.46
CA LEU B 81 6.67 10.91 -11.89
C LEU B 81 5.64 11.22 -12.97
N THR B 82 6.07 11.34 -14.21
CA THR B 82 5.11 11.64 -15.30
C THR B 82 4.47 10.35 -15.81
N ALA B 83 5.27 9.36 -16.10
CA ALA B 83 4.71 8.06 -16.59
C ALA B 83 3.82 7.44 -15.51
N LYS B 84 4.24 7.53 -14.26
CA LYS B 84 3.41 6.95 -13.17
C LYS B 84 2.09 7.70 -13.05
N LEU B 85 2.05 8.94 -13.48
CA LEU B 85 0.80 9.72 -13.39
C LEU B 85 -0.22 9.20 -14.41
N LYS B 86 0.22 8.89 -15.60
CA LYS B 86 -0.71 8.38 -16.64
C LYS B 86 -0.81 6.85 -16.56
N GLU B 87 0.19 6.21 -16.01
CA GLU B 87 0.16 4.72 -15.91
C GLU B 87 -1.08 4.27 -15.12
N LEU B 88 -1.19 4.68 -13.89
CA LEU B 88 -2.36 4.27 -13.07
C LEU B 88 -3.65 4.72 -13.75
N GLY B 89 -3.58 5.73 -14.58
CA GLY B 89 -4.81 6.22 -15.27
C GLY B 89 -5.09 5.35 -16.49
N MET B 90 -4.06 4.86 -17.12
CA MET B 90 -4.25 4.01 -18.33
C MET B 90 -4.18 2.52 -17.95
N GLU B 91 -4.35 2.21 -16.69
CA GLU B 91 -4.28 0.79 -16.26
C GLU B 91 -5.26 0.54 -15.11
#